data_9E4Y
#
_entry.id   9E4Y
#
_cell.length_a   1.00
_cell.length_b   1.00
_cell.length_c   1.00
_cell.angle_alpha   90.00
_cell.angle_beta   90.00
_cell.angle_gamma   90.00
#
_symmetry.space_group_name_H-M   'P 1'
#
loop_
_entity.id
_entity.type
_entity.pdbx_description
1 polymer 'Isoform Flip of Glutamate receptor 2'
2 polymer 'Voltage-dependent calcium channel gamma-2 subunit'
3 non-polymer Memantine
4 non-polymer 'GLUTAMIC ACID'
5 non-polymer CYCLOTHIAZIDE
#
loop_
_entity_poly.entity_id
_entity_poly.type
_entity_poly.pdbx_seq_one_letter_code
_entity_poly.pdbx_strand_id
1 'polypeptide(L)'
;NSIQIGGLFPRGADQEYSAFRVGMVQFSTSEFRLTPHIDNLEVANSFAVTNAFCSQFSRGVYAIFGFYDKKSVNTITSFC
GTLHVSFITPSFPTDGTHPFVIQMRPDLKGALLSLIEYYQWDKFAYLYDSDRGLSTLQAVLDSAAEKKWQVTAINVGNIN
NDKKDETYRSLFQDLELKKERRVILDCERDKVNDIVDQVITIGKHVKGYHYIIANLGFTDGDLLKIQFGGAEVSGFQIVD
YDDSLVSKFIERWSTLEEKEYPGAHTATIKYTSALTYDAVQVMTEAFRNLRKQRIEISRRGNAGDCLANPAVPWGQGVEI
ERALKQVQVEGLSGNIKFDQNGKRINYTINIMELKTNGPRKIGYWSEVDKMVLTEDDTSGLEQKTVVVTTILESPYVMMK
KNHEMLEGNERYEGYCVDLAAEIAKHCGFKYKLTIVGDGKYGARDADTKIWNGMVGELVYGKADIAIAPLTITLVREEVI
DFSKPFMSLGISIMIKKPQKSKPGVFSFLDPLAYEIWMCIVFAYIGVSVVLFLVSRFSPYEWHTEEFEDGRETQSSESTN
EFGIFNSLWFSLGAFMQQGCDISPRSLSGRIVGGVWWFFTLIIISSYTANLAAFLTVERMVSPIESAEDLSKQTEIAYGT
LDSGSTKEFFRRSKIAVFDKMWTYMRSAEPSVFVRTTAEGVARVRKSKGKYAYLLESTMNEYIEQRKPCDTMKVGGNLDS
KGYGIATPKGSSLGTPVNLAVLKLSEQGVLDKLKNKWWYDKGECGAKDSGSKEKTSALSLSNVAGVFYILVGGLGLAMLV
ALIEFCYKSRA
;
A,B,C,D
2 'polypeptide(L)'
;LFDRGVQMLLTTVGAFAAFSLMTIAVGTDYWLYSRGVCKTKSVSENETSKKNEEVMTHSGLWRTCCLEGNFKGLCKQIDH
FPEDADYEADTAEYFLRAVRASSIFPILSVILLFMGGLCIAASEFYKTRHNIILSAGIFFVSAGLSNIIGIIVYISANAG
DPSKSDSKKNSYSYGWSFYFGALSFIIAEMVGVLAVHMFIDRHKQLTG
;
E,F,G,H
#
# COMPACT_ATOMS: atom_id res chain seq x y z
N ASN A 1 -20.51 -96.17 -4.30
CA ASN A 1 -20.03 -95.61 -5.56
C ASN A 1 -18.57 -95.19 -5.45
N SER A 2 -17.80 -95.44 -6.51
CA SER A 2 -16.47 -94.88 -6.65
C SER A 2 -16.53 -93.71 -7.62
N ILE A 3 -16.09 -92.53 -7.17
CA ILE A 3 -16.24 -91.30 -7.93
C ILE A 3 -14.88 -90.62 -8.02
N GLN A 4 -14.11 -90.98 -9.05
CA GLN A 4 -12.75 -90.48 -9.15
C GLN A 4 -12.73 -88.97 -9.36
N ILE A 5 -11.80 -88.31 -8.67
CA ILE A 5 -11.53 -86.89 -8.88
C ILE A 5 -10.06 -86.74 -9.23
N GLY A 6 -9.77 -85.76 -10.10
CA GLY A 6 -8.41 -85.48 -10.49
C GLY A 6 -7.76 -84.47 -9.56
N GLY A 7 -6.54 -84.79 -9.11
CA GLY A 7 -5.76 -83.86 -8.33
C GLY A 7 -4.64 -83.27 -9.15
N LEU A 8 -4.63 -81.94 -9.24
CA LEU A 8 -3.57 -81.20 -9.94
C LEU A 8 -2.87 -80.32 -8.91
N PHE A 9 -1.95 -80.91 -8.15
CA PHE A 9 -1.43 -80.19 -6.99
C PHE A 9 -0.05 -79.63 -7.32
N PRO A 10 0.17 -78.32 -7.15
CA PRO A 10 1.51 -77.78 -7.37
C PRO A 10 2.53 -78.39 -6.41
N ARG A 11 3.72 -78.67 -6.92
CA ARG A 11 4.83 -79.07 -6.07
C ARG A 11 5.18 -77.95 -5.11
N GLY A 12 5.58 -78.33 -3.89
CA GLY A 12 5.77 -77.40 -2.80
C GLY A 12 4.55 -77.16 -1.94
N ALA A 13 3.40 -77.75 -2.30
CA ALA A 13 2.17 -77.64 -1.54
C ALA A 13 1.95 -78.81 -0.59
N ASP A 14 3.04 -79.35 -0.01
CA ASP A 14 2.95 -80.56 0.79
C ASP A 14 1.94 -80.42 1.92
N GLN A 15 1.84 -79.23 2.51
CA GLN A 15 0.83 -79.01 3.54
C GLN A 15 -0.58 -79.06 2.97
N GLU A 16 -0.80 -78.43 1.82
CA GLU A 16 -2.12 -78.50 1.19
C GLU A 16 -2.50 -79.93 0.81
N TYR A 17 -1.56 -80.71 0.28
CA TYR A 17 -1.85 -82.11 -0.01
C TYR A 17 -2.10 -82.93 1.26
N SER A 18 -1.38 -82.63 2.33
CA SER A 18 -1.69 -83.22 3.62
C SER A 18 -3.09 -82.86 4.11
N ALA A 19 -3.52 -81.62 3.87
CA ALA A 19 -4.90 -81.25 4.15
C ALA A 19 -5.89 -81.97 3.25
N PHE A 20 -5.48 -82.30 2.03
CA PHE A 20 -6.31 -83.11 1.15
C PHE A 20 -6.48 -84.53 1.68
N ARG A 21 -5.36 -85.14 2.10
CA ARG A 21 -5.40 -86.45 2.74
C ARG A 21 -6.28 -86.45 3.99
N VAL A 22 -6.12 -85.45 4.86
CA VAL A 22 -6.98 -85.31 6.04
C VAL A 22 -8.44 -85.10 5.65
N GLY A 23 -8.69 -84.36 4.58
CA GLY A 23 -10.04 -84.26 4.05
C GLY A 23 -10.63 -85.60 3.66
N MET A 24 -9.88 -86.40 2.90
CA MET A 24 -10.32 -87.74 2.55
C MET A 24 -10.59 -88.58 3.79
N VAL A 25 -9.66 -88.59 4.74
CA VAL A 25 -9.82 -89.37 5.97
C VAL A 25 -11.07 -88.96 6.75
N GLN A 26 -11.34 -87.65 6.83
CA GLN A 26 -12.54 -87.18 7.52
C GLN A 26 -13.81 -87.50 6.75
N PHE A 27 -13.87 -87.14 5.47
CA PHE A 27 -15.15 -87.09 4.75
C PHE A 27 -15.51 -88.37 4.01
N SER A 28 -14.58 -89.30 3.86
CA SER A 28 -14.91 -90.57 3.21
C SER A 28 -15.93 -91.34 4.04
N THR A 29 -16.78 -92.10 3.36
CA THR A 29 -17.85 -92.84 4.01
C THR A 29 -18.24 -94.01 3.12
N SER A 30 -19.01 -94.93 3.71
CA SER A 30 -19.42 -96.13 2.99
C SER A 30 -20.32 -95.83 1.81
N GLU A 31 -20.99 -94.67 1.81
CA GLU A 31 -21.86 -94.32 0.68
C GLU A 31 -21.07 -94.19 -0.61
N PHE A 32 -19.99 -93.41 -0.59
CA PHE A 32 -19.15 -93.25 -1.76
C PHE A 32 -17.75 -92.83 -1.32
N ARG A 33 -16.78 -93.10 -2.17
CA ARG A 33 -15.40 -92.66 -1.96
C ARG A 33 -14.93 -91.90 -3.18
N LEU A 34 -14.19 -90.82 -2.95
CA LEU A 34 -13.77 -89.94 -4.04
C LEU A 34 -12.62 -90.49 -4.86
N THR A 35 -12.02 -91.62 -4.45
CA THR A 35 -11.01 -92.39 -5.18
C THR A 35 -10.13 -91.50 -6.06
N PRO A 36 -9.36 -90.58 -5.47
CA PRO A 36 -8.72 -89.53 -6.27
C PRO A 36 -7.58 -90.08 -7.11
N HIS A 37 -7.15 -89.24 -8.06
CA HIS A 37 -5.86 -89.38 -8.70
C HIS A 37 -5.16 -88.03 -8.75
N ILE A 38 -3.84 -88.06 -8.55
CA ILE A 38 -3.07 -86.88 -8.14
C ILE A 38 -1.87 -86.75 -9.06
N ASP A 39 -1.56 -85.52 -9.47
CA ASP A 39 -0.41 -85.27 -10.32
C ASP A 39 0.25 -83.97 -9.88
N ASN A 40 1.54 -83.86 -10.19
CA ASN A 40 2.38 -82.78 -9.64
C ASN A 40 3.44 -82.41 -10.66
N LEU A 41 3.23 -81.29 -11.35
CA LEU A 41 4.23 -80.71 -12.23
C LEU A 41 4.17 -79.19 -12.08
N GLU A 42 5.18 -78.53 -12.64
CA GLU A 42 5.34 -77.08 -12.51
C GLU A 42 4.08 -76.33 -12.90
N VAL A 43 3.44 -75.68 -11.92
CA VAL A 43 2.18 -74.99 -12.15
C VAL A 43 2.34 -73.78 -13.07
N ALA A 44 3.55 -73.25 -13.21
CA ALA A 44 3.78 -72.17 -14.15
C ALA A 44 3.74 -72.64 -15.60
N ASN A 45 4.14 -73.88 -15.85
CA ASN A 45 4.33 -74.39 -17.21
C ASN A 45 2.97 -74.81 -17.74
N SER A 46 2.38 -73.97 -18.60
CA SER A 46 1.07 -74.25 -19.18
C SER A 46 1.07 -75.50 -20.05
N PHE A 47 2.20 -75.83 -20.68
CA PHE A 47 2.30 -77.09 -21.42
C PHE A 47 2.18 -78.29 -20.50
N ALA A 48 3.06 -78.39 -19.51
CA ALA A 48 3.03 -79.53 -18.59
C ALA A 48 1.68 -79.63 -17.87
N VAL A 49 1.13 -78.48 -17.47
CA VAL A 49 -0.21 -78.43 -16.89
C VAL A 49 -1.24 -79.02 -17.86
N THR A 50 -1.28 -78.53 -19.09
CA THR A 50 -2.27 -79.04 -20.05
C THR A 50 -2.08 -80.53 -20.28
N ASN A 51 -0.84 -81.00 -20.31
CA ASN A 51 -0.55 -82.40 -20.57
C ASN A 51 -1.10 -83.30 -19.46
N ALA A 52 -0.79 -82.95 -18.21
CA ALA A 52 -1.40 -83.64 -17.08
C ALA A 52 -2.92 -83.49 -17.07
N PHE A 53 -3.44 -82.33 -17.47
CA PHE A 53 -4.89 -82.14 -17.46
C PHE A 53 -5.59 -83.05 -18.48
N CYS A 54 -4.95 -83.26 -19.64
CA CYS A 54 -5.39 -84.30 -20.56
C CYS A 54 -5.29 -85.70 -19.95
N SER A 55 -4.16 -85.99 -19.28
CA SER A 55 -3.99 -87.29 -18.66
C SER A 55 -5.09 -87.60 -17.66
N GLN A 56 -5.35 -86.68 -16.73
CA GLN A 56 -6.40 -86.88 -15.74
C GLN A 56 -7.78 -86.93 -16.37
N PHE A 57 -8.03 -86.09 -17.38
CA PHE A 57 -9.29 -86.20 -18.13
C PHE A 57 -9.39 -87.51 -18.88
N SER A 58 -8.27 -88.11 -19.26
CA SER A 58 -8.31 -89.38 -19.97
C SER A 58 -8.73 -90.54 -19.08
N ARG A 59 -8.75 -90.36 -17.76
CA ARG A 59 -9.47 -91.29 -16.89
C ARG A 59 -10.96 -91.01 -16.82
N GLY A 60 -11.44 -89.91 -17.39
CA GLY A 60 -12.85 -89.60 -17.30
C GLY A 60 -13.30 -89.16 -15.92
N VAL A 61 -12.39 -88.60 -15.13
CA VAL A 61 -12.73 -88.22 -13.76
C VAL A 61 -13.86 -87.18 -13.78
N TYR A 62 -14.66 -87.20 -12.72
CA TYR A 62 -15.90 -86.42 -12.68
C TYR A 62 -15.66 -84.98 -12.23
N ALA A 63 -14.57 -84.72 -11.51
CA ALA A 63 -14.15 -83.37 -11.20
C ALA A 63 -12.64 -83.37 -10.98
N ILE A 64 -12.04 -82.19 -11.05
CA ILE A 64 -10.61 -82.03 -10.81
C ILE A 64 -10.41 -80.90 -9.80
N PHE A 65 -9.52 -81.12 -8.85
CA PHE A 65 -9.17 -80.12 -7.85
C PHE A 65 -7.67 -79.88 -7.87
N GLY A 66 -7.28 -78.64 -7.63
CA GLY A 66 -5.89 -78.26 -7.72
C GLY A 66 -5.75 -76.75 -7.78
N PHE A 67 -4.51 -76.29 -7.97
CA PHE A 67 -4.21 -74.88 -7.95
C PHE A 67 -3.63 -74.45 -9.30
N TYR A 68 -3.81 -73.18 -9.63
CA TYR A 68 -3.21 -72.60 -10.81
C TYR A 68 -2.56 -71.25 -10.49
N ASP A 69 -1.75 -70.79 -11.44
CA ASP A 69 -1.07 -69.50 -11.37
C ASP A 69 -1.46 -68.70 -12.60
N LYS A 70 -1.34 -67.38 -12.51
CA LYS A 70 -1.83 -66.48 -13.56
C LYS A 70 -1.11 -66.74 -14.88
N LYS A 71 0.02 -67.45 -14.82
CA LYS A 71 0.65 -67.95 -16.04
C LYS A 71 -0.19 -69.02 -16.73
N SER A 72 -1.27 -69.49 -16.11
CA SER A 72 -1.93 -70.69 -16.60
C SER A 72 -3.45 -70.65 -16.55
N VAL A 73 -4.03 -69.64 -15.89
CA VAL A 73 -5.46 -69.71 -15.60
C VAL A 73 -6.34 -69.55 -16.84
N ASN A 74 -5.89 -68.80 -17.83
CA ASN A 74 -6.58 -68.77 -19.12
C ASN A 74 -6.10 -69.86 -20.07
N THR A 75 -5.14 -70.67 -19.65
CA THR A 75 -5.00 -72.03 -20.19
C THR A 75 -6.06 -72.98 -19.63
N ILE A 76 -6.05 -73.18 -18.31
CA ILE A 76 -6.92 -74.19 -17.69
C ILE A 76 -8.40 -73.87 -17.94
N THR A 77 -8.84 -72.66 -17.58
CA THR A 77 -10.27 -72.39 -17.60
C THR A 77 -10.87 -72.50 -19.00
N SER A 78 -10.09 -72.22 -20.05
CA SER A 78 -10.61 -72.42 -21.40
C SER A 78 -10.90 -73.89 -21.69
N PHE A 79 -10.18 -74.80 -21.04
CA PHE A 79 -10.54 -76.21 -21.10
C PHE A 79 -11.82 -76.51 -20.33
N CYS A 80 -12.02 -75.89 -19.17
CA CYS A 80 -13.30 -76.04 -18.47
C CYS A 80 -14.46 -75.50 -19.29
N GLY A 81 -14.22 -74.48 -20.09
CA GLY A 81 -15.16 -73.98 -21.08
C GLY A 81 -15.48 -74.90 -22.23
N THR A 82 -14.82 -76.05 -22.35
CA THR A 82 -15.01 -76.89 -23.53
C THR A 82 -15.26 -78.36 -23.19
N LEU A 83 -14.41 -78.93 -22.34
CA LEU A 83 -14.57 -80.29 -21.85
C LEU A 83 -15.49 -80.39 -20.65
N HIS A 84 -15.91 -79.26 -20.10
CA HIS A 84 -16.89 -79.19 -19.02
C HIS A 84 -16.50 -80.02 -17.81
N VAL A 85 -15.21 -80.28 -17.63
CA VAL A 85 -14.73 -80.83 -16.36
C VAL A 85 -14.96 -79.79 -15.27
N SER A 86 -15.75 -80.15 -14.26
CA SER A 86 -16.00 -79.25 -13.14
C SER A 86 -14.74 -79.14 -12.29
N PHE A 87 -14.37 -77.91 -11.95
CA PHE A 87 -13.02 -77.62 -11.49
C PHE A 87 -13.11 -76.71 -10.26
N ILE A 88 -12.29 -77.03 -9.26
CA ILE A 88 -12.36 -76.41 -7.94
C ILE A 88 -10.95 -75.98 -7.55
N THR A 89 -10.82 -74.74 -7.10
CA THR A 89 -9.53 -74.25 -6.64
C THR A 89 -9.72 -73.23 -5.54
N PRO A 90 -8.84 -73.23 -4.53
CA PRO A 90 -8.78 -72.13 -3.55
C PRO A 90 -7.72 -71.08 -3.86
N SER A 91 -7.11 -71.10 -5.04
CA SER A 91 -6.10 -70.12 -5.41
C SER A 91 -6.78 -68.77 -5.68
N PHE A 92 -6.02 -67.83 -6.24
CA PHE A 92 -6.53 -66.48 -6.43
C PHE A 92 -7.72 -66.49 -7.41
N PRO A 93 -8.76 -65.72 -7.12
CA PRO A 93 -9.93 -65.68 -8.01
C PRO A 93 -9.59 -65.09 -9.38
N THR A 94 -10.33 -65.53 -10.39
CA THR A 94 -10.30 -64.87 -11.68
C THR A 94 -11.07 -63.56 -11.64
N ASP A 95 -10.70 -62.64 -12.52
CA ASP A 95 -11.49 -61.42 -12.68
C ASP A 95 -12.83 -61.73 -13.36
N GLY A 96 -12.79 -62.50 -14.44
CA GLY A 96 -14.01 -62.84 -15.16
C GLY A 96 -14.77 -63.99 -14.52
N THR A 97 -15.96 -64.24 -15.07
CA THR A 97 -16.88 -65.25 -14.57
C THR A 97 -16.95 -66.41 -15.56
N HIS A 98 -16.79 -67.63 -15.04
CA HIS A 98 -16.81 -68.83 -15.86
C HIS A 98 -17.51 -69.97 -15.12
N PRO A 99 -18.51 -70.59 -15.73
CA PRO A 99 -19.05 -71.84 -15.19
C PRO A 99 -17.99 -72.94 -15.15
N PHE A 100 -18.32 -74.02 -14.44
CA PHE A 100 -17.45 -75.17 -14.24
C PHE A 100 -16.20 -74.83 -13.43
N VAL A 101 -16.10 -73.58 -12.99
CA VAL A 101 -15.07 -73.16 -12.05
C VAL A 101 -15.73 -72.99 -10.68
N ILE A 102 -15.10 -73.57 -9.67
CA ILE A 102 -15.36 -73.23 -8.27
C ILE A 102 -14.10 -72.57 -7.73
N GLN A 103 -14.27 -71.47 -7.02
CA GLN A 103 -13.14 -70.79 -6.38
C GLN A 103 -13.45 -70.52 -4.92
N MET A 104 -12.47 -70.85 -4.06
CA MET A 104 -12.68 -70.92 -2.62
C MET A 104 -12.16 -69.69 -1.88
N ARG A 105 -11.11 -69.08 -2.37
CA ARG A 105 -10.52 -67.91 -1.71
C ARG A 105 -11.38 -66.68 -1.94
N PRO A 106 -11.86 -66.01 -0.90
CA PRO A 106 -12.72 -64.84 -1.09
C PRO A 106 -11.97 -63.67 -1.71
N ASP A 107 -12.76 -62.71 -2.21
CA ASP A 107 -12.19 -61.55 -2.88
C ASP A 107 -11.54 -60.61 -1.86
N LEU A 108 -10.22 -60.49 -1.95
CA LEU A 108 -9.46 -59.64 -1.03
C LEU A 108 -9.60 -58.16 -1.34
N LYS A 109 -10.03 -57.82 -2.56
CA LYS A 109 -10.03 -56.41 -2.96
C LYS A 109 -11.10 -55.61 -2.23
N GLY A 110 -12.31 -56.15 -2.11
CA GLY A 110 -13.38 -55.40 -1.46
C GLY A 110 -13.04 -55.01 -0.03
N ALA A 111 -12.52 -55.98 0.73
CA ALA A 111 -12.11 -55.73 2.10
C ALA A 111 -10.92 -54.78 2.17
N LEU A 112 -9.90 -55.01 1.33
CA LEU A 112 -8.73 -54.14 1.36
C LEU A 112 -9.08 -52.70 1.00
N LEU A 113 -10.02 -52.50 0.07
CA LEU A 113 -10.59 -51.18 -0.14
C LEU A 113 -11.24 -50.64 1.13
N SER A 114 -12.18 -51.40 1.70
CA SER A 114 -12.95 -50.90 2.83
C SER A 114 -12.05 -50.51 4.00
N LEU A 115 -10.95 -51.23 4.20
CA LEU A 115 -10.02 -50.92 5.28
C LEU A 115 -9.37 -49.55 5.13
N ILE A 116 -9.16 -49.10 3.89
CA ILE A 116 -8.43 -47.85 3.67
C ILE A 116 -9.22 -46.66 4.22
N GLU A 117 -10.55 -46.68 4.05
CA GLU A 117 -11.38 -45.64 4.66
C GLU A 117 -11.28 -45.67 6.18
N TYR A 118 -11.19 -46.87 6.76
CA TYR A 118 -11.20 -46.98 8.21
C TYR A 118 -9.88 -46.53 8.82
N TYR A 119 -8.76 -46.90 8.21
CA TYR A 119 -7.51 -46.24 8.56
C TYR A 119 -7.41 -44.83 7.99
N GLN A 120 -8.32 -44.44 7.11
CA GLN A 120 -8.52 -43.03 6.71
C GLN A 120 -7.25 -42.45 6.08
N TRP A 121 -6.86 -43.02 4.94
CA TRP A 121 -5.71 -42.51 4.18
C TRP A 121 -6.17 -41.77 2.93
N ASP A 122 -5.56 -40.63 2.68
CA ASP A 122 -5.58 -40.02 1.36
C ASP A 122 -4.36 -40.40 0.53
N LYS A 123 -3.38 -41.07 1.13
CA LYS A 123 -2.15 -41.43 0.47
C LYS A 123 -1.65 -42.76 1.03
N PHE A 124 -1.09 -43.60 0.15
CA PHE A 124 -0.42 -44.83 0.56
C PHE A 124 0.59 -45.20 -0.51
N ALA A 125 1.63 -45.92 -0.10
CA ALA A 125 2.47 -46.63 -1.06
C ALA A 125 1.88 -48.00 -1.36
N TYR A 126 2.25 -48.54 -2.53
CA TYR A 126 1.69 -49.80 -3.01
C TYR A 126 2.73 -50.62 -3.75
N LEU A 127 3.33 -51.61 -3.08
CA LEU A 127 4.05 -52.66 -3.78
C LEU A 127 3.09 -53.77 -4.20
N TYR A 128 3.48 -54.51 -5.24
CA TYR A 128 2.64 -55.59 -5.76
C TYR A 128 3.49 -56.58 -6.54
N ASP A 129 2.94 -57.78 -6.73
CA ASP A 129 3.60 -58.82 -7.51
C ASP A 129 2.60 -59.43 -8.51
N SER A 130 3.15 -59.98 -9.59
CA SER A 130 2.34 -60.40 -10.73
C SER A 130 1.54 -61.66 -10.44
N ASP A 131 1.99 -62.50 -9.50
CA ASP A 131 1.57 -63.89 -9.51
C ASP A 131 0.09 -64.09 -9.18
N ARG A 132 -0.48 -63.26 -8.31
CA ARG A 132 -1.94 -63.30 -8.14
C ARG A 132 -2.66 -62.37 -9.09
N GLY A 133 -1.96 -61.84 -10.09
CA GLY A 133 -2.53 -60.87 -10.99
C GLY A 133 -2.49 -59.45 -10.46
N LEU A 134 -2.42 -58.48 -11.37
CA LEU A 134 -2.47 -57.05 -11.06
C LEU A 134 -3.88 -56.57 -10.71
N SER A 135 -4.77 -57.55 -10.55
CA SER A 135 -6.17 -57.31 -10.26
C SER A 135 -6.36 -56.36 -9.08
N THR A 136 -5.55 -56.51 -8.04
CA THR A 136 -5.65 -55.59 -6.90
C THR A 136 -5.12 -54.21 -7.23
N LEU A 137 -3.95 -54.14 -7.88
CA LEU A 137 -3.43 -52.84 -8.32
C LEU A 137 -4.40 -52.10 -9.22
N GLN A 138 -5.05 -52.81 -10.14
CA GLN A 138 -6.11 -52.23 -10.96
C GLN A 138 -7.28 -51.77 -10.10
N ALA A 139 -7.79 -52.65 -9.23
CA ALA A 139 -9.00 -52.34 -8.48
C ALA A 139 -8.80 -51.13 -7.58
N VAL A 140 -7.65 -51.04 -6.91
CA VAL A 140 -7.40 -49.84 -6.12
C VAL A 140 -7.18 -48.62 -7.02
N LEU A 141 -6.56 -48.78 -8.19
CA LEU A 141 -6.32 -47.59 -9.00
C LEU A 141 -7.61 -47.11 -9.69
N ASP A 142 -8.45 -48.04 -10.13
CA ASP A 142 -9.82 -47.67 -10.45
C ASP A 142 -10.51 -46.96 -9.29
N SER A 143 -10.29 -47.44 -8.07
CA SER A 143 -10.87 -46.79 -6.90
C SER A 143 -10.13 -45.51 -6.50
N ALA A 144 -9.08 -45.12 -7.23
CA ALA A 144 -8.35 -43.90 -6.87
C ALA A 144 -9.26 -42.68 -6.93
N ALA A 145 -10.17 -42.64 -7.91
CA ALA A 145 -11.04 -41.48 -8.06
C ALA A 145 -11.93 -41.28 -6.85
N GLU A 146 -12.55 -42.36 -6.37
CA GLU A 146 -13.63 -42.23 -5.39
C GLU A 146 -13.18 -41.56 -4.10
N LYS A 147 -11.91 -41.75 -3.71
CA LYS A 147 -11.34 -41.06 -2.56
C LYS A 147 -10.18 -40.15 -2.92
N LYS A 148 -9.97 -39.88 -4.22
CA LYS A 148 -8.87 -39.06 -4.73
C LYS A 148 -7.55 -39.38 -4.03
N TRP A 149 -7.24 -40.67 -3.96
CA TRP A 149 -6.03 -41.15 -3.31
C TRP A 149 -4.79 -40.80 -4.13
N GLN A 150 -3.77 -40.29 -3.45
CA GLN A 150 -2.43 -40.36 -4.01
C GLN A 150 -1.91 -41.79 -3.84
N VAL A 151 -1.41 -42.38 -4.92
CA VAL A 151 -0.89 -43.75 -4.90
C VAL A 151 0.39 -43.81 -5.72
N THR A 152 1.37 -44.55 -5.19
CA THR A 152 2.56 -44.94 -5.94
C THR A 152 2.60 -46.45 -6.01
N ALA A 153 2.71 -47.00 -7.22
CA ALA A 153 2.92 -48.42 -7.41
C ALA A 153 4.35 -48.70 -7.86
N ILE A 154 5.03 -49.61 -7.17
CA ILE A 154 6.35 -50.08 -7.55
C ILE A 154 6.34 -51.60 -7.66
N ASN A 155 6.59 -52.11 -8.87
CA ASN A 155 6.57 -53.55 -9.13
C ASN A 155 7.78 -54.21 -8.46
N VAL A 156 7.52 -54.99 -7.40
CA VAL A 156 8.59 -55.71 -6.72
C VAL A 156 8.89 -57.05 -7.38
N GLY A 157 8.02 -57.53 -8.26
CA GLY A 157 8.08 -58.92 -8.67
C GLY A 157 9.37 -59.34 -9.34
N ASN A 158 9.88 -58.52 -10.26
CA ASN A 158 11.06 -58.96 -11.01
C ASN A 158 12.36 -58.94 -10.20
N ILE A 159 12.34 -58.61 -8.91
CA ILE A 159 13.52 -58.77 -8.06
C ILE A 159 13.87 -60.25 -7.94
N ASN A 160 15.16 -60.56 -8.04
CA ASN A 160 15.66 -61.92 -7.85
C ASN A 160 16.93 -61.88 -7.01
N ASN A 161 17.37 -63.08 -6.60
CA ASN A 161 18.45 -63.21 -5.62
C ASN A 161 19.76 -62.62 -6.10
N ASP A 162 19.92 -62.37 -7.40
CA ASP A 162 21.14 -61.73 -7.88
C ASP A 162 21.34 -60.35 -7.27
N LYS A 163 20.25 -59.62 -7.04
CA LYS A 163 20.35 -58.29 -6.44
C LYS A 163 19.20 -58.01 -5.47
N LYS A 164 18.59 -59.05 -4.91
CA LYS A 164 17.43 -58.90 -4.03
C LYS A 164 17.64 -57.83 -2.96
N ASP A 165 18.74 -57.92 -2.23
CA ASP A 165 18.94 -57.09 -1.05
C ASP A 165 19.15 -55.62 -1.45
N GLU A 166 20.07 -55.38 -2.38
CA GLU A 166 20.34 -54.01 -2.81
C GLU A 166 19.14 -53.39 -3.52
N THR A 167 18.38 -54.19 -4.29
CA THR A 167 17.17 -53.65 -4.89
C THR A 167 16.13 -53.27 -3.85
N TYR A 168 15.88 -54.13 -2.85
CA TYR A 168 15.01 -53.74 -1.75
C TYR A 168 15.48 -52.47 -1.05
N ARG A 169 16.79 -52.37 -0.78
CA ARG A 169 17.31 -51.18 -0.12
C ARG A 169 17.11 -49.92 -0.97
N SER A 170 17.44 -49.99 -2.25
CA SER A 170 17.19 -48.89 -3.18
C SER A 170 15.71 -48.51 -3.25
N LEU A 171 14.83 -49.50 -3.32
CA LEU A 171 13.39 -49.22 -3.37
C LEU A 171 12.90 -48.53 -2.10
N PHE A 172 13.26 -49.06 -0.93
CA PHE A 172 12.89 -48.36 0.30
C PHE A 172 13.53 -46.98 0.39
N GLN A 173 14.73 -46.79 -0.17
CA GLN A 173 15.29 -45.45 -0.24
C GLN A 173 14.49 -44.53 -1.16
N ASP A 174 13.93 -45.07 -2.24
CA ASP A 174 12.95 -44.34 -3.06
C ASP A 174 11.69 -43.99 -2.27
N LEU A 175 11.26 -44.87 -1.38
CA LEU A 175 10.16 -44.52 -0.47
C LEU A 175 10.55 -43.37 0.46
N GLU A 176 11.76 -43.43 1.02
CA GLU A 176 12.26 -42.34 1.84
C GLU A 176 12.40 -41.05 1.06
N LEU A 177 12.68 -41.13 -0.25
CA LEU A 177 12.69 -39.92 -1.06
C LEU A 177 11.30 -39.34 -1.25
N LYS A 178 10.26 -40.10 -0.96
CA LYS A 178 8.91 -39.56 -0.79
C LYS A 178 8.45 -39.57 0.66
N LYS A 179 9.26 -40.13 1.57
CA LYS A 179 8.91 -40.28 2.98
C LYS A 179 7.55 -40.98 3.12
N GLU A 180 7.45 -42.16 2.50
CA GLU A 180 6.21 -42.92 2.52
C GLU A 180 6.07 -43.65 3.84
N ARG A 181 4.86 -43.62 4.40
CA ARG A 181 4.65 -44.14 5.74
C ARG A 181 3.35 -44.91 5.89
N ARG A 182 2.59 -45.11 4.82
CA ARG A 182 1.39 -45.95 4.84
C ARG A 182 1.56 -46.97 3.71
N VAL A 183 2.12 -48.12 4.05
CA VAL A 183 2.67 -49.05 3.06
C VAL A 183 1.73 -50.24 2.95
N ILE A 184 1.27 -50.52 1.73
CA ILE A 184 0.51 -51.72 1.43
C ILE A 184 1.43 -52.69 0.71
N LEU A 185 1.47 -53.93 1.17
CA LEU A 185 2.15 -54.99 0.45
C LEU A 185 1.12 -55.98 -0.06
N ASP A 186 1.45 -56.61 -1.19
CA ASP A 186 0.52 -57.55 -1.83
C ASP A 186 1.31 -58.62 -2.54
N CYS A 187 1.58 -59.72 -1.84
CA CYS A 187 2.40 -60.80 -2.38
C CYS A 187 1.78 -62.15 -2.03
N GLU A 188 2.52 -63.22 -2.29
CA GLU A 188 2.26 -64.47 -1.60
C GLU A 188 2.97 -64.47 -0.26
N ARG A 189 2.34 -65.10 0.74
CA ARG A 189 2.88 -65.08 2.10
C ARG A 189 4.32 -65.53 2.12
N ASP A 190 4.66 -66.53 1.31
CA ASP A 190 6.03 -67.06 1.29
C ASP A 190 7.04 -66.08 0.69
N LYS A 191 6.58 -64.96 0.12
CA LYS A 191 7.44 -63.84 -0.21
C LYS A 191 7.60 -62.86 0.94
N VAL A 192 6.54 -62.66 1.72
CA VAL A 192 6.45 -61.51 2.63
C VAL A 192 7.56 -61.54 3.66
N ASN A 193 8.00 -62.73 4.05
CA ASN A 193 9.14 -62.86 4.95
C ASN A 193 10.40 -62.19 4.40
N ASP A 194 10.63 -62.27 3.09
CA ASP A 194 11.84 -61.67 2.54
C ASP A 194 11.81 -60.14 2.47
N ILE A 195 10.64 -59.53 2.35
CA ILE A 195 10.55 -58.07 2.53
C ILE A 195 10.66 -57.70 4.01
N VAL A 196 9.91 -58.39 4.87
CA VAL A 196 9.96 -58.15 6.31
C VAL A 196 11.39 -58.24 6.85
N ASP A 197 12.17 -59.20 6.35
CA ASP A 197 13.58 -59.28 6.73
C ASP A 197 14.33 -57.98 6.45
N GLN A 198 14.03 -57.32 5.33
CA GLN A 198 14.69 -56.05 5.05
C GLN A 198 14.13 -54.94 5.91
N VAL A 199 12.80 -54.89 6.06
CA VAL A 199 12.17 -53.86 6.88
C VAL A 199 12.80 -53.86 8.27
N ILE A 200 12.90 -55.04 8.87
CA ILE A 200 13.51 -55.16 10.19
C ILE A 200 14.99 -54.83 10.14
N THR A 201 15.71 -55.35 9.12
CA THR A 201 17.16 -55.14 9.04
C THR A 201 17.52 -53.67 8.88
N ILE A 202 16.68 -52.86 8.24
CA ILE A 202 17.02 -51.46 8.03
C ILE A 202 16.06 -50.55 8.79
N GLY A 203 15.40 -51.10 9.81
CA GLY A 203 14.79 -50.28 10.84
C GLY A 203 13.48 -49.63 10.50
N LYS A 204 12.89 -49.91 9.33
CA LYS A 204 11.71 -49.16 8.89
C LYS A 204 10.42 -49.68 9.49
N HIS A 205 10.38 -49.80 10.82
CA HIS A 205 9.24 -50.38 11.51
C HIS A 205 8.87 -49.65 12.80
N VAL A 206 9.61 -48.61 13.18
CA VAL A 206 9.27 -47.78 14.33
C VAL A 206 8.01 -46.98 14.06
N LYS A 207 7.46 -46.35 15.09
CA LYS A 207 6.21 -45.61 14.98
C LYS A 207 6.28 -44.56 13.87
N GLY A 208 5.25 -44.53 13.04
CA GLY A 208 5.19 -43.67 11.88
C GLY A 208 4.78 -44.46 10.66
N TYR A 209 5.33 -45.66 10.53
CA TYR A 209 4.86 -46.59 9.52
C TYR A 209 3.53 -47.20 9.94
N HIS A 210 2.80 -47.73 8.96
CA HIS A 210 1.58 -48.48 9.20
C HIS A 210 1.40 -49.42 8.02
N TYR A 211 1.34 -50.73 8.28
CA TYR A 211 1.39 -51.72 7.21
C TYR A 211 0.08 -52.49 7.10
N ILE A 212 -0.22 -52.89 5.86
CA ILE A 212 -1.16 -53.95 5.55
C ILE A 212 -0.42 -54.99 4.71
N ILE A 213 -0.71 -56.26 4.97
CA ILE A 213 -0.26 -57.36 4.11
C ILE A 213 -1.49 -57.90 3.40
N ALA A 214 -1.44 -57.91 2.06
CA ALA A 214 -2.62 -58.26 1.27
C ALA A 214 -2.60 -59.76 0.98
N ASN A 215 -2.91 -60.53 2.02
CA ASN A 215 -3.30 -61.92 1.85
C ASN A 215 -3.98 -62.39 3.13
N LEU A 216 -4.71 -63.49 3.02
CA LEU A 216 -5.52 -64.00 4.10
C LEU A 216 -4.72 -64.82 5.12
N GLY A 217 -3.41 -64.93 4.94
CA GLY A 217 -2.58 -65.68 5.86
C GLY A 217 -1.66 -64.79 6.66
N PHE A 218 -2.18 -63.65 7.10
CA PHE A 218 -1.38 -62.67 7.83
C PHE A 218 -0.82 -63.23 9.14
N THR A 219 -1.47 -64.25 9.70
CA THR A 219 -0.99 -64.89 10.92
C THR A 219 0.15 -65.87 10.71
N ASP A 220 0.52 -66.17 9.46
CA ASP A 220 1.32 -67.34 9.18
C ASP A 220 2.82 -67.09 9.25
N GLY A 221 3.27 -65.86 9.03
CA GLY A 221 4.69 -65.57 9.02
C GLY A 221 5.28 -65.42 10.41
N ASP A 222 6.60 -65.25 10.44
CA ASP A 222 7.33 -64.99 11.67
C ASP A 222 7.28 -63.49 12.00
N LEU A 223 6.06 -62.99 12.16
CA LEU A 223 5.85 -61.58 12.48
C LEU A 223 6.36 -61.21 13.86
N LEU A 224 6.56 -62.21 14.73
CA LEU A 224 6.96 -61.97 16.12
C LEU A 224 8.22 -61.13 16.25
N LYS A 225 9.05 -61.05 15.21
CA LYS A 225 10.22 -60.19 15.27
C LYS A 225 9.95 -58.74 14.89
N ILE A 226 9.07 -58.48 13.91
CA ILE A 226 8.65 -57.10 13.65
C ILE A 226 7.47 -56.69 14.51
N GLN A 227 6.86 -57.63 15.23
CA GLN A 227 5.80 -57.31 16.19
C GLN A 227 6.28 -56.33 17.25
N PHE A 228 7.58 -56.28 17.53
CA PHE A 228 8.15 -55.31 18.46
C PHE A 228 8.41 -53.95 17.82
N GLY A 229 8.30 -53.85 16.49
CA GLY A 229 8.72 -52.62 15.81
C GLY A 229 7.94 -51.40 16.25
N GLY A 230 6.64 -51.55 16.45
CA GLY A 230 5.78 -50.46 16.88
C GLY A 230 4.97 -49.82 15.77
N ALA A 231 5.34 -50.02 14.52
CA ALA A 231 4.42 -49.75 13.43
C ALA A 231 3.22 -50.68 13.55
N GLU A 232 2.03 -50.15 13.31
CA GLU A 232 0.80 -50.93 13.44
C GLU A 232 0.59 -51.77 12.19
N VAL A 233 1.35 -52.87 12.10
CA VAL A 233 1.19 -53.83 11.02
C VAL A 233 -0.16 -54.53 11.19
N SER A 234 -1.00 -54.49 10.15
CA SER A 234 -2.39 -54.87 10.31
C SER A 234 -2.96 -55.37 8.99
N GLY A 235 -3.41 -56.62 8.97
CA GLY A 235 -3.67 -57.31 7.72
C GLY A 235 -4.71 -58.39 7.92
N PHE A 236 -4.99 -59.12 6.83
CA PHE A 236 -6.22 -59.89 6.74
C PHE A 236 -6.03 -61.32 7.22
N GLN A 237 -7.03 -61.83 7.94
CA GLN A 237 -7.04 -63.17 8.53
C GLN A 237 -8.35 -63.87 8.24
N ILE A 238 -8.27 -65.17 7.92
CA ILE A 238 -9.46 -65.98 7.67
C ILE A 238 -9.43 -67.26 8.50
N VAL A 239 -8.24 -67.72 8.88
CA VAL A 239 -8.12 -68.96 9.64
C VAL A 239 -8.41 -68.68 11.12
N ASP A 240 -9.68 -68.76 11.50
CA ASP A 240 -10.14 -68.33 12.82
C ASP A 240 -9.87 -69.43 13.84
N TYR A 241 -8.63 -69.44 14.36
CA TYR A 241 -8.25 -70.42 15.37
C TYR A 241 -9.12 -70.34 16.62
N ASP A 242 -9.76 -69.18 16.86
CA ASP A 242 -10.57 -69.00 18.05
C ASP A 242 -11.92 -69.71 17.98
N ASP A 243 -12.37 -70.09 16.79
CA ASP A 243 -13.61 -70.84 16.67
C ASP A 243 -13.42 -72.25 17.20
N SER A 244 -14.31 -72.68 18.10
CA SER A 244 -14.21 -74.04 18.62
C SER A 244 -14.42 -75.06 17.50
N LEU A 245 -15.35 -74.78 16.59
CA LEU A 245 -15.52 -75.61 15.41
C LEU A 245 -14.20 -75.77 14.66
N VAL A 246 -13.48 -74.66 14.50
CA VAL A 246 -12.17 -74.69 13.87
C VAL A 246 -11.12 -75.30 14.79
N SER A 247 -11.11 -74.86 16.05
CA SER A 247 -10.08 -75.30 17.00
C SER A 247 -10.07 -76.82 17.17
N LYS A 248 -11.23 -77.47 17.12
CA LYS A 248 -11.28 -78.93 17.10
C LYS A 248 -10.52 -79.52 15.90
N PHE A 249 -10.65 -78.89 14.73
CA PHE A 249 -9.79 -79.25 13.61
C PHE A 249 -8.33 -78.98 13.92
N ILE A 250 -8.03 -77.79 14.44
CA ILE A 250 -6.64 -77.42 14.70
C ILE A 250 -5.97 -78.45 15.61
N GLU A 251 -6.68 -78.89 16.66
CA GLU A 251 -6.22 -79.99 17.50
C GLU A 251 -6.00 -81.26 16.69
N ARG A 252 -7.06 -81.75 16.03
CA ARG A 252 -6.98 -83.03 15.31
C ARG A 252 -5.92 -83.01 14.21
N TRP A 253 -5.62 -81.83 13.68
CA TRP A 253 -4.54 -81.63 12.71
C TRP A 253 -3.18 -81.68 13.38
N SER A 254 -2.91 -80.72 14.27
CA SER A 254 -1.58 -80.61 14.89
C SER A 254 -1.18 -81.86 15.65
N THR A 255 -2.16 -82.62 16.15
CA THR A 255 -1.85 -83.85 16.87
C THR A 255 -1.34 -84.97 15.96
N LEU A 256 -1.50 -84.83 14.64
CA LEU A 256 -0.99 -85.84 13.73
C LEU A 256 0.54 -85.88 13.76
N GLU A 257 1.09 -87.03 13.41
CA GLU A 257 2.54 -87.21 13.39
C GLU A 257 3.16 -86.35 12.30
N GLU A 258 4.21 -85.60 12.66
CA GLU A 258 4.78 -84.60 11.76
C GLU A 258 5.48 -85.23 10.56
N LYS A 259 6.12 -86.40 10.74
CA LYS A 259 6.89 -86.98 9.65
C LYS A 259 6.00 -87.52 8.54
N GLU A 260 4.87 -88.13 8.90
CA GLU A 260 4.00 -88.71 7.89
C GLU A 260 3.18 -87.66 7.17
N TYR A 261 2.81 -86.58 7.87
CA TYR A 261 2.09 -85.45 7.30
C TYR A 261 2.99 -84.23 7.42
N PRO A 262 3.88 -84.01 6.46
CA PRO A 262 4.92 -82.97 6.62
C PRO A 262 4.33 -81.59 6.80
N GLY A 263 4.72 -80.93 7.90
CA GLY A 263 4.24 -79.61 8.23
C GLY A 263 2.83 -79.54 8.75
N ALA A 264 2.22 -80.67 9.12
CA ALA A 264 0.88 -80.68 9.69
C ALA A 264 0.86 -80.55 11.20
N HIS A 265 2.02 -80.63 11.87
CA HIS A 265 2.03 -80.73 13.32
C HIS A 265 1.90 -79.38 14.01
N THR A 266 2.11 -78.28 13.29
CA THR A 266 2.07 -76.97 13.91
C THR A 266 0.65 -76.57 14.30
N ALA A 267 0.56 -75.69 15.30
CA ALA A 267 -0.72 -75.16 15.73
C ALA A 267 -1.35 -74.24 14.69
N THR A 268 -0.59 -73.81 13.68
CA THR A 268 -1.08 -72.89 12.66
C THR A 268 -0.96 -73.54 11.28
N ILE A 269 -1.90 -73.20 10.41
CA ILE A 269 -2.00 -73.81 9.09
C ILE A 269 -2.28 -72.74 8.07
N LYS A 270 -1.68 -72.88 6.89
CA LYS A 270 -1.90 -71.93 5.80
C LYS A 270 -3.36 -71.93 5.38
N TYR A 271 -3.86 -70.75 5.02
CA TYR A 271 -5.25 -70.59 4.62
C TYR A 271 -5.56 -71.30 3.30
N THR A 272 -4.55 -71.50 2.45
CA THR A 272 -4.72 -72.40 1.30
C THR A 272 -5.13 -73.80 1.74
N SER A 273 -4.39 -74.41 2.66
CA SER A 273 -4.76 -75.73 3.16
C SER A 273 -6.14 -75.72 3.83
N ALA A 274 -6.43 -74.68 4.59
CA ALA A 274 -7.74 -74.60 5.23
C ALA A 274 -8.85 -74.56 4.19
N LEU A 275 -8.72 -73.73 3.17
CA LEU A 275 -9.69 -73.77 2.07
C LEU A 275 -9.67 -75.09 1.32
N THR A 276 -8.54 -75.82 1.35
CA THR A 276 -8.50 -77.15 0.72
C THR A 276 -9.41 -78.11 1.46
N TYR A 277 -9.49 -77.95 2.78
CA TYR A 277 -10.46 -78.69 3.58
C TYR A 277 -11.88 -78.38 3.12
N ASP A 278 -12.21 -77.09 3.02
CA ASP A 278 -13.56 -76.70 2.62
C ASP A 278 -13.88 -77.21 1.22
N ALA A 279 -12.89 -77.17 0.33
CA ALA A 279 -13.07 -77.65 -1.03
C ALA A 279 -13.41 -79.15 -1.06
N VAL A 280 -12.61 -79.96 -0.37
CA VAL A 280 -12.89 -81.39 -0.32
C VAL A 280 -14.26 -81.64 0.30
N GLN A 281 -14.59 -80.87 1.33
CA GLN A 281 -15.91 -80.94 1.96
C GLN A 281 -17.03 -80.65 0.95
N VAL A 282 -16.87 -79.62 0.13
CA VAL A 282 -17.89 -79.28 -0.85
C VAL A 282 -17.98 -80.31 -1.97
N MET A 283 -16.85 -80.85 -2.41
CA MET A 283 -16.90 -81.94 -3.38
C MET A 283 -17.65 -83.16 -2.83
N THR A 284 -17.35 -83.54 -1.58
CA THR A 284 -18.09 -84.64 -0.94
C THR A 284 -19.58 -84.32 -0.82
N GLU A 285 -19.92 -83.14 -0.29
CA GLU A 285 -21.32 -82.76 -0.15
C GLU A 285 -22.03 -82.65 -1.49
N ALA A 286 -21.29 -82.33 -2.56
CA ALA A 286 -21.86 -82.34 -3.89
C ALA A 286 -22.18 -83.74 -4.39
N PHE A 287 -21.23 -84.68 -4.27
CA PHE A 287 -21.53 -86.06 -4.64
C PHE A 287 -22.67 -86.64 -3.80
N ARG A 288 -22.74 -86.25 -2.53
CA ARG A 288 -23.88 -86.61 -1.69
C ARG A 288 -25.19 -85.99 -2.18
N ASN A 289 -25.15 -84.74 -2.63
CA ASN A 289 -26.33 -84.15 -3.28
C ASN A 289 -26.75 -84.94 -4.53
N LEU A 290 -25.78 -85.29 -5.38
CA LEU A 290 -26.09 -86.09 -6.56
C LEU A 290 -26.79 -87.39 -6.18
N ARG A 291 -26.21 -88.12 -5.24
CA ARG A 291 -26.78 -89.42 -4.86
C ARG A 291 -28.12 -89.27 -4.16
N LYS A 292 -28.29 -88.22 -3.36
CA LYS A 292 -29.60 -87.91 -2.79
C LYS A 292 -30.60 -87.54 -3.88
N GLN A 293 -30.17 -86.81 -4.91
CA GLN A 293 -31.03 -86.54 -6.05
C GLN A 293 -31.10 -87.71 -7.01
N ARG A 294 -30.42 -88.82 -6.72
CA ARG A 294 -30.51 -90.06 -7.47
C ARG A 294 -30.06 -89.90 -8.92
N ILE A 295 -29.18 -88.94 -9.17
CA ILE A 295 -28.59 -88.77 -10.50
C ILE A 295 -27.35 -89.67 -10.59
N GLU A 296 -27.15 -90.26 -11.77
CA GLU A 296 -26.03 -91.17 -11.98
C GLU A 296 -25.01 -90.53 -12.92
N ILE A 297 -23.74 -90.64 -12.55
CA ILE A 297 -22.61 -90.14 -13.33
C ILE A 297 -22.07 -91.25 -14.24
N SER A 298 -22.83 -92.31 -14.43
CA SER A 298 -22.29 -93.52 -15.03
C SER A 298 -22.09 -93.36 -16.54
N ARG A 299 -21.40 -92.30 -16.94
CA ARG A 299 -20.89 -92.19 -18.30
C ARG A 299 -19.80 -93.24 -18.52
N ARG A 300 -19.63 -93.63 -19.77
CA ARG A 300 -18.61 -94.61 -20.12
C ARG A 300 -17.22 -94.12 -19.69
N GLY A 301 -16.33 -95.08 -19.44
CA GLY A 301 -14.96 -94.75 -19.05
C GLY A 301 -14.15 -94.12 -20.16
N ASN A 302 -14.54 -94.34 -21.42
CA ASN A 302 -13.88 -93.73 -22.56
C ASN A 302 -14.30 -92.27 -22.63
N ALA A 303 -13.51 -91.41 -21.97
CA ALA A 303 -13.89 -90.00 -21.81
C ALA A 303 -13.89 -89.24 -23.12
N GLY A 304 -13.18 -89.73 -24.14
CA GLY A 304 -13.00 -88.94 -25.34
C GLY A 304 -11.74 -88.09 -25.28
N ASP A 305 -11.23 -87.74 -26.45
CA ASP A 305 -9.99 -86.98 -26.54
C ASP A 305 -10.17 -85.61 -25.91
N CYS A 306 -9.22 -85.22 -25.06
CA CYS A 306 -9.23 -83.87 -24.50
C CYS A 306 -9.12 -82.80 -25.58
N LEU A 307 -8.57 -83.14 -26.74
CA LEU A 307 -8.49 -82.25 -27.88
C LEU A 307 -9.19 -82.86 -29.09
N ALA A 308 -10.30 -83.55 -28.85
CA ALA A 308 -11.19 -83.94 -29.93
C ALA A 308 -11.68 -82.70 -30.67
N ASN A 309 -12.02 -82.89 -31.95
CA ASN A 309 -12.50 -81.80 -32.78
C ASN A 309 -13.72 -82.31 -33.55
N PRO A 310 -14.86 -81.61 -33.45
CA PRO A 310 -15.16 -80.47 -32.57
C PRO A 310 -15.23 -80.84 -31.08
N ALA A 311 -15.76 -79.93 -30.26
CA ALA A 311 -15.87 -80.15 -28.83
C ALA A 311 -16.70 -81.40 -28.51
N VAL A 312 -16.54 -81.88 -27.28
CA VAL A 312 -17.25 -83.07 -26.82
C VAL A 312 -17.89 -82.82 -25.45
N PRO A 313 -18.83 -81.88 -25.34
CA PRO A 313 -19.53 -81.69 -24.06
C PRO A 313 -20.37 -82.91 -23.70
N TRP A 314 -20.57 -83.11 -22.40
CA TRP A 314 -21.43 -84.19 -21.91
C TRP A 314 -22.30 -83.67 -20.77
N GLY A 315 -23.58 -84.03 -20.82
CA GLY A 315 -24.59 -83.36 -20.00
C GLY A 315 -24.39 -83.53 -18.51
N GLN A 316 -23.91 -84.71 -18.09
CA GLN A 316 -23.64 -84.91 -16.67
C GLN A 316 -22.57 -83.96 -16.14
N GLY A 317 -21.68 -83.46 -16.99
CA GLY A 317 -20.78 -82.41 -16.56
C GLY A 317 -21.53 -81.14 -16.17
N VAL A 318 -22.55 -80.77 -16.95
CA VAL A 318 -23.44 -79.67 -16.60
C VAL A 318 -24.18 -79.97 -15.31
N GLU A 319 -24.61 -81.22 -15.11
CA GLU A 319 -25.30 -81.57 -13.87
C GLU A 319 -24.38 -81.44 -12.66
N ILE A 320 -23.12 -81.86 -12.80
CA ILE A 320 -22.14 -81.66 -11.73
C ILE A 320 -21.89 -80.18 -11.50
N GLU A 321 -21.85 -79.39 -12.57
CA GLU A 321 -21.65 -77.95 -12.44
C GLU A 321 -22.78 -77.28 -11.69
N ARG A 322 -24.02 -77.70 -11.94
CA ARG A 322 -25.12 -77.27 -11.09
C ARG A 322 -24.91 -77.71 -9.65
N ALA A 323 -24.63 -79.00 -9.45
CA ALA A 323 -24.66 -79.59 -8.11
C ALA A 323 -23.65 -78.93 -7.16
N LEU A 324 -22.41 -78.75 -7.63
CA LEU A 324 -21.40 -78.08 -6.81
C LEU A 324 -21.87 -76.70 -6.36
N LYS A 325 -22.41 -75.91 -7.30
CA LYS A 325 -22.91 -74.58 -6.97
C LYS A 325 -24.10 -74.60 -6.02
N GLN A 326 -24.71 -75.76 -5.77
CA GLN A 326 -25.75 -75.85 -4.75
C GLN A 326 -25.20 -75.79 -3.33
N VAL A 327 -23.93 -76.19 -3.14
CA VAL A 327 -23.45 -76.54 -1.81
C VAL A 327 -23.42 -75.33 -0.89
N GLN A 328 -23.84 -75.54 0.36
CA GLN A 328 -23.66 -74.60 1.45
C GLN A 328 -23.36 -75.40 2.71
N VAL A 329 -22.22 -75.13 3.35
CA VAL A 329 -21.75 -75.91 4.49
C VAL A 329 -20.89 -75.03 5.38
N GLU A 330 -20.72 -75.47 6.62
CA GLU A 330 -19.69 -74.93 7.50
C GLU A 330 -18.32 -75.49 7.13
N GLY A 331 -17.29 -74.71 7.39
CA GLY A 331 -15.95 -75.16 7.13
C GLY A 331 -14.93 -74.25 7.81
N LEU A 332 -13.66 -74.47 7.46
CA LEU A 332 -12.57 -73.67 8.01
C LEU A 332 -12.60 -72.22 7.55
N SER A 333 -13.52 -71.85 6.67
CA SER A 333 -13.70 -70.45 6.26
C SER A 333 -15.15 -70.01 6.44
N GLY A 334 -15.82 -70.55 7.45
CA GLY A 334 -17.15 -70.09 7.82
C GLY A 334 -18.26 -70.86 7.14
N ASN A 335 -19.44 -70.25 7.14
CA ASN A 335 -20.60 -70.76 6.40
C ASN A 335 -20.46 -70.38 4.92
N ILE A 336 -19.77 -71.22 4.18
CA ILE A 336 -19.37 -70.88 2.81
C ILE A 336 -20.57 -71.06 1.88
N LYS A 337 -20.63 -70.20 0.87
CA LYS A 337 -21.69 -70.22 -0.13
C LYS A 337 -21.12 -69.76 -1.45
N PHE A 338 -21.74 -70.18 -2.54
CA PHE A 338 -21.21 -69.91 -3.87
C PHE A 338 -22.30 -69.36 -4.77
N ASP A 339 -21.98 -68.32 -5.52
CA ASP A 339 -22.90 -67.75 -6.49
C ASP A 339 -22.96 -68.63 -7.74
N GLN A 340 -23.89 -68.29 -8.63
CA GLN A 340 -24.03 -69.00 -9.89
C GLN A 340 -22.82 -68.80 -10.81
N ASN A 341 -21.99 -67.80 -10.54
CA ASN A 341 -20.76 -67.60 -11.30
C ASN A 341 -19.60 -68.46 -10.80
N GLY A 342 -19.73 -69.02 -9.60
CA GLY A 342 -18.67 -69.81 -9.01
C GLY A 342 -17.79 -69.09 -8.02
N LYS A 343 -18.09 -67.84 -7.71
CA LYS A 343 -17.40 -67.12 -6.63
C LYS A 343 -18.27 -67.11 -5.38
N ARG A 344 -17.63 -66.84 -4.25
CA ARG A 344 -18.30 -66.99 -2.97
C ARG A 344 -19.17 -65.79 -2.62
N ILE A 345 -20.12 -66.02 -1.71
CA ILE A 345 -20.87 -64.99 -1.02
C ILE A 345 -20.91 -65.35 0.46
N ASN A 346 -21.40 -64.41 1.27
CA ASN A 346 -21.55 -64.57 2.72
C ASN A 346 -20.20 -64.75 3.41
N TYR A 347 -19.10 -64.59 2.67
CA TYR A 347 -17.77 -64.80 3.22
C TYR A 347 -17.41 -63.66 4.18
N THR A 348 -17.01 -64.02 5.39
CA THR A 348 -16.67 -63.06 6.43
C THR A 348 -15.16 -63.06 6.63
N ILE A 349 -14.57 -61.87 6.61
CA ILE A 349 -13.12 -61.70 6.69
C ILE A 349 -12.81 -60.86 7.92
N ASN A 350 -11.75 -61.23 8.65
CA ASN A 350 -11.40 -60.57 9.90
C ASN A 350 -10.26 -59.57 9.70
N ILE A 351 -10.39 -58.42 10.36
CA ILE A 351 -9.40 -57.36 10.35
C ILE A 351 -8.60 -57.45 11.65
N MET A 352 -7.27 -57.59 11.53
CA MET A 352 -6.41 -57.86 12.67
C MET A 352 -5.35 -56.77 12.79
N GLU A 353 -4.93 -56.50 14.03
CA GLU A 353 -3.94 -55.47 14.30
C GLU A 353 -2.84 -56.08 15.17
N LEU A 354 -1.59 -55.89 14.76
CA LEU A 354 -0.44 -56.50 15.43
C LEU A 354 -0.02 -55.66 16.65
N LYS A 355 -0.83 -55.74 17.69
CA LYS A 355 -0.36 -55.32 19.01
C LYS A 355 0.79 -56.22 19.45
N THR A 356 1.73 -55.64 20.20
CA THR A 356 2.97 -56.35 20.51
C THR A 356 2.72 -57.60 21.36
N ASN A 357 1.61 -57.67 22.08
CA ASN A 357 1.25 -58.91 22.75
C ASN A 357 0.85 -60.01 21.79
N GLY A 358 0.48 -59.66 20.56
CA GLY A 358 0.16 -60.63 19.54
C GLY A 358 -0.95 -60.15 18.62
N PRO A 359 -1.01 -60.71 17.42
CA PRO A 359 -2.08 -60.30 16.47
C PRO A 359 -3.46 -60.66 17.00
N ARG A 360 -4.36 -59.67 16.99
CA ARG A 360 -5.67 -59.83 17.60
C ARG A 360 -6.69 -59.03 16.81
N LYS A 361 -7.93 -59.52 16.83
CA LYS A 361 -8.99 -58.98 15.99
C LYS A 361 -9.39 -57.58 16.43
N ILE A 362 -9.76 -56.76 15.45
CA ILE A 362 -10.37 -55.47 15.72
C ILE A 362 -11.67 -55.30 14.91
N GLY A 363 -11.96 -56.27 14.05
CA GLY A 363 -13.22 -56.23 13.33
C GLY A 363 -13.34 -57.41 12.38
N TYR A 364 -14.50 -57.49 11.74
CA TYR A 364 -14.71 -58.42 10.63
C TYR A 364 -15.48 -57.73 9.52
N TRP A 365 -15.39 -58.29 8.32
CA TRP A 365 -15.92 -57.66 7.12
C TRP A 365 -16.55 -58.73 6.22
N SER A 366 -17.60 -58.32 5.51
CA SER A 366 -18.24 -59.13 4.50
C SER A 366 -18.87 -58.20 3.47
N GLU A 367 -19.55 -58.78 2.47
CA GLU A 367 -20.22 -57.96 1.48
C GLU A 367 -21.37 -57.16 2.07
N VAL A 368 -21.95 -57.62 3.18
CA VAL A 368 -22.98 -56.88 3.88
C VAL A 368 -22.52 -56.39 5.24
N ASP A 369 -21.62 -57.10 5.91
CA ASP A 369 -20.98 -56.62 7.13
C ASP A 369 -19.83 -55.71 6.70
N LYS A 370 -20.18 -54.48 6.35
CA LYS A 370 -19.20 -53.53 5.84
C LYS A 370 -18.29 -53.08 6.96
N MET A 371 -17.37 -53.95 7.37
CA MET A 371 -16.49 -53.76 8.50
C MET A 371 -17.28 -53.52 9.79
N VAL A 372 -17.96 -54.56 10.25
CA VAL A 372 -18.53 -54.56 11.61
C VAL A 372 -17.35 -54.70 12.56
N LEU A 373 -16.90 -53.57 13.11
CA LEU A 373 -15.75 -53.57 14.01
C LEU A 373 -16.07 -54.34 15.30
N THR A 374 -15.03 -54.99 15.84
CA THR A 374 -15.14 -55.83 17.02
C THR A 374 -14.05 -55.42 18.00
N GLU A 375 -13.98 -54.10 18.26
CA GLU A 375 -12.90 -53.50 19.03
C GLU A 375 -13.03 -53.74 20.53
N ASP A 376 -13.77 -54.76 20.95
CA ASP A 376 -14.04 -54.98 22.37
C ASP A 376 -12.77 -55.34 23.15
N ASP A 377 -11.70 -55.74 22.47
CA ASP A 377 -10.42 -55.92 23.14
C ASP A 377 -9.78 -54.56 23.42
N THR A 378 -10.45 -53.75 24.26
CA THR A 378 -10.03 -52.38 24.53
C THR A 378 -8.78 -52.29 25.41
N SER A 379 -8.27 -53.41 25.93
CA SER A 379 -7.15 -53.34 26.86
C SER A 379 -5.93 -52.72 26.19
N GLY A 380 -5.60 -51.51 26.62
CA GLY A 380 -4.49 -50.76 26.05
C GLY A 380 -3.78 -49.92 27.10
N LEU A 381 -3.81 -50.38 28.35
CA LEU A 381 -3.27 -49.63 29.50
C LEU A 381 -3.95 -48.28 29.65
N GLU A 382 -5.18 -48.18 29.15
CA GLU A 382 -6.09 -47.03 29.25
C GLU A 382 -5.48 -45.74 28.72
N GLN A 383 -4.30 -45.81 28.10
CA GLN A 383 -3.67 -44.63 27.53
C GLN A 383 -3.06 -44.88 26.17
N LYS A 384 -2.82 -46.15 25.82
CA LYS A 384 -1.93 -46.51 24.72
C LYS A 384 -0.58 -45.85 24.97
N THR A 385 -0.29 -44.76 24.26
CA THR A 385 0.78 -43.86 24.64
C THR A 385 0.59 -42.55 23.88
N VAL A 386 1.24 -41.50 24.39
CA VAL A 386 1.32 -40.21 23.72
C VAL A 386 2.76 -39.73 23.79
N VAL A 387 3.29 -39.28 22.67
CA VAL A 387 4.62 -38.68 22.61
C VAL A 387 4.46 -37.19 22.29
N VAL A 388 4.92 -36.35 23.21
CA VAL A 388 4.92 -34.90 23.03
C VAL A 388 6.19 -34.51 22.27
N THR A 389 6.04 -33.54 21.37
CA THR A 389 7.15 -33.07 20.55
C THR A 389 7.15 -31.55 20.52
N THR A 390 8.33 -30.96 20.67
CA THR A 390 8.51 -29.53 20.92
C THR A 390 9.99 -29.21 20.72
N ILE A 391 10.39 -27.98 21.06
CA ILE A 391 11.74 -27.51 20.81
C ILE A 391 12.12 -26.53 21.90
N LEU A 392 13.42 -26.40 22.17
CA LEU A 392 13.93 -25.65 23.30
C LEU A 392 14.21 -24.20 22.92
N GLU A 393 13.46 -23.28 23.52
CA GLU A 393 13.79 -21.86 23.48
C GLU A 393 13.34 -21.24 24.79
N SER A 394 14.14 -20.29 25.28
CA SER A 394 13.83 -19.68 26.57
C SER A 394 12.68 -18.69 26.43
N PRO A 395 11.82 -18.58 27.45
CA PRO A 395 11.71 -19.44 28.64
C PRO A 395 10.73 -20.58 28.41
N TYR A 396 10.31 -20.81 27.16
CA TYR A 396 9.21 -21.73 26.90
C TYR A 396 9.53 -23.14 27.38
N VAL A 397 10.58 -23.74 26.82
CA VAL A 397 11.16 -24.98 27.34
C VAL A 397 12.67 -24.89 27.21
N MET A 398 13.38 -25.26 28.27
CA MET A 398 14.80 -25.53 28.20
C MET A 398 15.12 -26.73 29.09
N MET A 399 16.34 -27.24 28.93
CA MET A 399 16.84 -28.25 29.85
C MET A 399 16.86 -27.69 31.27
N LYS A 400 16.47 -28.52 32.23
CA LYS A 400 16.53 -28.13 33.63
C LYS A 400 17.99 -28.06 34.09
N LYS A 401 18.21 -27.34 35.19
CA LYS A 401 19.54 -27.18 35.76
C LYS A 401 20.06 -28.47 36.37
N ASN A 402 19.38 -29.59 36.09
CA ASN A 402 19.81 -30.91 36.53
C ASN A 402 19.71 -31.95 35.43
N HIS A 403 19.47 -31.53 34.19
CA HIS A 403 19.21 -32.46 33.08
C HIS A 403 20.39 -33.38 32.80
N GLU A 404 21.60 -33.01 33.22
CA GLU A 404 22.76 -33.85 33.00
C GLU A 404 22.62 -35.21 33.69
N MET A 405 21.78 -35.32 34.71
CA MET A 405 21.70 -36.53 35.52
C MET A 405 20.25 -36.91 35.83
N LEU A 406 19.33 -36.53 34.94
CA LEU A 406 17.92 -36.85 35.09
C LEU A 406 17.36 -37.28 33.74
N GLU A 407 16.17 -37.87 33.76
CA GLU A 407 15.56 -38.43 32.56
C GLU A 407 14.06 -38.21 32.63
N GLY A 408 13.43 -38.22 31.45
CA GLY A 408 12.00 -37.97 31.36
C GLY A 408 11.68 -36.50 31.19
N ASN A 409 10.40 -36.19 31.36
CA ASN A 409 9.94 -34.81 31.25
C ASN A 409 10.55 -33.91 32.33
N GLU A 410 10.96 -34.50 33.45
CA GLU A 410 11.67 -33.78 34.50
C GLU A 410 13.01 -33.22 34.06
N ARG A 411 13.51 -33.60 32.88
CA ARG A 411 14.66 -32.93 32.30
C ARG A 411 14.39 -31.49 31.89
N TYR A 412 13.13 -31.06 31.85
CA TYR A 412 12.77 -29.82 31.17
C TYR A 412 12.17 -28.82 32.14
N GLU A 413 12.41 -27.55 31.87
CA GLU A 413 11.89 -26.43 32.66
C GLU A 413 11.34 -25.38 31.70
N GLY A 414 10.22 -24.79 32.06
CA GLY A 414 9.69 -23.71 31.27
C GLY A 414 8.17 -23.65 31.29
N TYR A 415 7.66 -22.63 30.62
CA TYR A 415 6.21 -22.42 30.51
C TYR A 415 5.51 -23.68 30.03
N CYS A 416 5.98 -24.24 28.91
CA CYS A 416 5.22 -25.30 28.26
C CYS A 416 5.39 -26.63 28.96
N VAL A 417 6.41 -26.81 29.81
CA VAL A 417 6.49 -28.02 30.61
C VAL A 417 5.35 -28.06 31.62
N ASP A 418 5.12 -26.95 32.32
CA ASP A 418 3.95 -26.81 33.16
C ASP A 418 2.65 -26.91 32.36
N LEU A 419 2.63 -26.31 31.16
CA LEU A 419 1.44 -26.39 30.33
C LEU A 419 1.08 -27.83 29.97
N ALA A 420 2.06 -28.62 29.57
CA ALA A 420 1.84 -30.04 29.34
C ALA A 420 1.43 -30.77 30.61
N ALA A 421 2.09 -30.47 31.73
CA ALA A 421 1.76 -31.09 33.01
C ALA A 421 0.32 -30.82 33.44
N GLU A 422 -0.24 -29.68 33.05
CA GLU A 422 -1.66 -29.45 33.27
C GLU A 422 -2.54 -30.11 32.21
N ILE A 423 -2.24 -29.88 30.92
CA ILE A 423 -3.13 -30.31 29.85
C ILE A 423 -3.21 -31.83 29.77
N ALA A 424 -2.06 -32.51 29.69
CA ALA A 424 -2.06 -33.96 29.58
C ALA A 424 -2.67 -34.62 30.81
N LYS A 425 -2.44 -34.04 31.98
CA LYS A 425 -3.12 -34.51 33.18
C LYS A 425 -4.63 -34.39 33.04
N HIS A 426 -5.11 -33.22 32.63
CA HIS A 426 -6.54 -33.05 32.40
C HIS A 426 -7.02 -33.89 31.23
N CYS A 427 -6.16 -34.14 30.23
CA CYS A 427 -6.51 -35.05 29.15
C CYS A 427 -6.36 -36.52 29.55
N GLY A 428 -5.82 -36.79 30.73
CA GLY A 428 -5.81 -38.14 31.28
C GLY A 428 -4.82 -39.11 30.69
N PHE A 429 -3.67 -38.64 30.21
CA PHE A 429 -2.61 -39.54 29.75
C PHE A 429 -1.26 -39.08 30.25
N LYS A 430 -0.39 -40.03 30.55
CA LYS A 430 1.02 -39.74 30.73
C LYS A 430 1.68 -39.55 29.37
N TYR A 431 2.78 -38.81 29.34
CA TYR A 431 3.37 -38.36 28.09
C TYR A 431 4.90 -38.37 28.19
N LYS A 432 5.54 -38.47 27.04
CA LYS A 432 7.00 -38.38 26.92
C LYS A 432 7.33 -37.17 26.07
N LEU A 433 8.10 -36.24 26.64
CA LEU A 433 8.59 -35.10 25.87
C LEU A 433 9.73 -35.51 24.95
N THR A 434 9.69 -35.02 23.72
CA THR A 434 10.76 -35.19 22.75
C THR A 434 11.11 -33.85 22.12
N ILE A 435 12.40 -33.65 21.86
CA ILE A 435 12.89 -32.47 21.16
C ILE A 435 13.39 -32.90 19.80
N VAL A 436 12.84 -32.28 18.75
CA VAL A 436 13.19 -32.67 17.38
C VAL A 436 14.67 -32.38 17.14
N GLY A 437 15.38 -33.38 16.60
CA GLY A 437 16.82 -33.33 16.55
C GLY A 437 17.39 -32.38 15.52
N ASP A 438 16.61 -32.05 14.49
CA ASP A 438 17.08 -31.13 13.46
C ASP A 438 17.19 -29.68 13.94
N GLY A 439 16.67 -29.37 15.13
CA GLY A 439 16.83 -28.05 15.69
C GLY A 439 16.08 -26.95 14.94
N LYS A 440 15.12 -27.31 14.10
CA LYS A 440 14.35 -26.33 13.33
C LYS A 440 12.88 -26.48 13.67
N TYR A 441 12.16 -25.36 13.61
CA TYR A 441 10.75 -25.35 13.98
C TYR A 441 9.93 -26.08 12.93
N GLY A 442 10.24 -25.84 11.66
CA GLY A 442 9.62 -26.55 10.54
C GLY A 442 9.34 -25.66 9.35
N ALA A 443 9.93 -26.03 8.21
CA ALA A 443 9.72 -25.31 6.95
C ALA A 443 10.17 -26.26 5.83
N ARG A 444 9.20 -26.87 5.15
CA ARG A 444 9.54 -27.81 4.08
C ARG A 444 10.44 -27.18 3.03
N ASP A 445 11.24 -28.02 2.36
CA ASP A 445 11.94 -27.59 1.16
C ASP A 445 10.93 -27.16 0.09
N ALA A 446 11.43 -26.53 -0.97
CA ALA A 446 10.57 -25.77 -1.88
C ALA A 446 9.63 -26.69 -2.65
N ASP A 447 8.55 -27.09 -1.98
CA ASP A 447 7.49 -27.95 -2.52
C ASP A 447 8.01 -29.32 -2.98
N THR A 448 9.21 -29.71 -2.56
CA THR A 448 9.55 -31.12 -2.57
C THR A 448 8.90 -31.88 -1.43
N LYS A 449 8.29 -31.15 -0.48
CA LYS A 449 7.61 -31.72 0.69
C LYS A 449 8.55 -32.51 1.58
N ILE A 450 9.85 -32.22 1.55
CA ILE A 450 10.78 -32.76 2.54
C ILE A 450 10.65 -31.89 3.79
N TRP A 451 9.71 -32.25 4.66
CA TRP A 451 9.44 -31.47 5.85
C TRP A 451 10.57 -31.62 6.87
N ASN A 452 10.49 -30.79 7.91
CA ASN A 452 11.41 -30.88 9.04
C ASN A 452 10.71 -30.34 10.27
N GLY A 453 11.31 -30.60 11.42
CA GLY A 453 10.84 -29.98 12.65
C GLY A 453 9.50 -30.51 13.11
N MET A 454 8.68 -29.60 13.64
CA MET A 454 7.37 -29.97 14.17
C MET A 454 6.44 -30.52 13.08
N VAL A 455 6.32 -29.80 11.96
CA VAL A 455 5.54 -30.30 10.84
C VAL A 455 6.22 -31.49 10.17
N GLY A 456 7.52 -31.65 10.39
CA GLY A 456 8.18 -32.93 10.29
C GLY A 456 7.46 -34.03 11.03
N GLU A 457 7.57 -33.99 12.37
CA GLU A 457 7.15 -35.10 13.21
C GLU A 457 5.65 -35.35 13.11
N LEU A 458 4.86 -34.29 12.94
CA LEU A 458 3.39 -34.43 12.97
C LEU A 458 2.86 -35.10 11.71
N VAL A 459 3.26 -34.62 10.54
CA VAL A 459 2.77 -35.20 9.29
C VAL A 459 3.35 -36.58 9.04
N TYR A 460 4.48 -36.91 9.68
CA TYR A 460 5.09 -38.22 9.52
C TYR A 460 4.72 -39.17 10.66
N GLY A 461 3.78 -38.77 11.51
CA GLY A 461 3.24 -39.67 12.53
C GLY A 461 4.23 -40.14 13.57
N LYS A 462 5.38 -39.49 13.69
CA LYS A 462 6.39 -39.97 14.63
C LYS A 462 6.08 -39.55 16.06
N ALA A 463 5.46 -38.38 16.24
CA ALA A 463 5.07 -37.90 17.55
C ALA A 463 3.69 -37.27 17.48
N ASP A 464 3.01 -37.23 18.63
CA ASP A 464 1.56 -37.15 18.66
C ASP A 464 1.00 -35.76 18.93
N ILE A 465 1.67 -34.90 19.68
CA ILE A 465 1.07 -33.61 20.03
C ILE A 465 2.16 -32.56 20.15
N ALA A 466 1.83 -31.34 19.73
CA ALA A 466 2.76 -30.22 19.73
C ALA A 466 2.31 -29.18 20.77
N ILE A 467 2.68 -29.42 22.03
CA ILE A 467 2.62 -28.38 23.05
C ILE A 467 3.98 -27.68 22.99
N ALA A 468 4.03 -26.53 22.35
CA ALA A 468 5.31 -26.00 21.87
C ALA A 468 5.14 -24.52 21.57
N PRO A 469 6.24 -23.77 21.47
CA PRO A 469 6.17 -22.37 21.01
C PRO A 469 5.98 -22.27 19.51
N LEU A 470 4.82 -22.71 19.03
CA LEU A 470 4.59 -23.08 17.64
C LEU A 470 3.55 -22.17 17.03
N THR A 471 3.90 -21.52 15.92
CA THR A 471 3.00 -20.59 15.25
C THR A 471 1.89 -21.30 14.49
N ILE A 472 0.67 -20.77 14.61
CA ILE A 472 -0.41 -21.17 13.72
C ILE A 472 -0.29 -20.38 12.41
N THR A 473 -0.23 -21.11 11.29
CA THR A 473 -0.18 -20.49 9.98
C THR A 473 -0.96 -21.34 8.99
N LEU A 474 -1.44 -20.69 7.93
CA LEU A 474 -2.11 -21.41 6.85
C LEU A 474 -1.19 -22.45 6.22
N VAL A 475 0.04 -22.03 5.90
CA VAL A 475 1.02 -22.91 5.27
C VAL A 475 1.43 -24.09 6.16
N ARG A 476 0.98 -24.12 7.40
CA ARG A 476 1.12 -25.30 8.25
C ARG A 476 -0.19 -26.05 8.47
N GLU A 477 -1.30 -25.35 8.74
CA GLU A 477 -2.56 -26.05 8.96
C GLU A 477 -3.04 -26.79 7.72
N GLU A 478 -2.43 -26.51 6.56
CA GLU A 478 -2.73 -27.27 5.35
C GLU A 478 -2.58 -28.77 5.56
N VAL A 479 -1.65 -29.19 6.42
CA VAL A 479 -1.33 -30.61 6.58
C VAL A 479 -1.52 -31.10 8.01
N ILE A 480 -1.71 -30.21 8.99
CA ILE A 480 -1.90 -30.56 10.39
C ILE A 480 -2.96 -29.65 10.99
N ASP A 481 -3.43 -30.03 12.17
CA ASP A 481 -4.38 -29.22 12.93
C ASP A 481 -3.68 -28.44 14.03
N PHE A 482 -4.16 -27.23 14.27
CA PHE A 482 -3.77 -26.43 15.43
C PHE A 482 -5.00 -26.08 16.26
N SER A 483 -4.81 -26.03 17.57
CA SER A 483 -5.88 -25.63 18.49
C SER A 483 -6.11 -24.12 18.41
N LYS A 484 -7.07 -23.65 19.19
CA LYS A 484 -7.15 -22.22 19.48
C LYS A 484 -5.85 -21.75 20.10
N PRO A 485 -5.32 -20.59 19.70
CA PRO A 485 -4.09 -20.10 20.32
C PRO A 485 -4.36 -19.51 21.70
N PHE A 486 -3.35 -19.59 22.56
CA PHE A 486 -3.50 -19.20 23.96
C PHE A 486 -3.21 -17.73 24.26
N MET A 487 -2.28 -17.08 23.54
CA MET A 487 -1.95 -15.67 23.77
C MET A 487 -1.50 -15.02 22.46
N SER A 488 -1.72 -13.71 22.35
CA SER A 488 -1.15 -12.93 21.25
C SER A 488 0.33 -12.64 21.48
N LEU A 489 1.14 -12.94 20.46
CA LEU A 489 2.59 -12.77 20.54
C LEU A 489 3.27 -12.36 19.24
N GLY A 490 2.69 -11.39 18.53
CA GLY A 490 3.13 -11.06 17.18
C GLY A 490 4.56 -10.58 16.99
N ILE A 491 4.93 -10.28 15.74
CA ILE A 491 6.28 -9.86 15.40
C ILE A 491 6.64 -8.53 16.05
N SER A 492 7.89 -8.42 16.49
CA SER A 492 8.51 -7.15 16.82
C SER A 492 9.95 -7.18 16.36
N ILE A 493 10.58 -6.01 16.34
CA ILE A 493 11.98 -5.86 15.92
C ILE A 493 12.84 -5.72 17.17
N MET A 494 13.81 -6.62 17.32
CA MET A 494 14.84 -6.49 18.34
C MET A 494 15.94 -5.53 17.91
N ILE A 495 16.18 -4.50 18.72
CA ILE A 495 17.33 -3.64 18.59
C ILE A 495 18.15 -3.78 19.87
N LYS A 496 19.46 -3.62 19.75
CA LYS A 496 20.27 -3.33 20.92
C LYS A 496 19.92 -1.95 21.49
N LYS A 497 19.95 -1.84 22.82
CA LYS A 497 19.76 -0.55 23.45
C LYS A 497 20.94 0.37 23.15
N PRO A 498 20.69 1.67 22.97
CA PRO A 498 21.77 2.63 22.68
C PRO A 498 22.56 3.02 23.92
N GLN A 499 23.31 2.06 24.46
CA GLN A 499 24.03 2.20 25.73
C GLN A 499 23.01 2.54 26.82
N LYS A 500 23.36 3.37 27.80
CA LYS A 500 22.44 3.76 28.86
C LYS A 500 22.66 5.23 29.21
N SER A 501 21.59 5.85 29.70
CA SER A 501 21.70 7.20 30.24
C SER A 501 22.49 7.19 31.55
N LYS A 502 23.13 8.32 31.84
CA LYS A 502 23.98 8.41 33.03
C LYS A 502 24.06 9.85 33.53
N PRO A 503 23.51 10.13 34.71
CA PRO A 503 23.74 11.44 35.33
C PRO A 503 25.23 11.70 35.53
N GLY A 504 25.57 12.98 35.68
CA GLY A 504 26.96 13.38 35.77
C GLY A 504 27.23 14.16 37.03
N VAL A 505 28.43 13.96 37.58
CA VAL A 505 28.83 14.63 38.82
C VAL A 505 28.85 16.14 38.63
N PHE A 506 29.22 16.61 37.44
CA PHE A 506 29.20 18.03 37.10
C PHE A 506 28.49 18.26 35.78
N SER A 507 27.40 17.52 35.54
CA SER A 507 26.66 17.64 34.28
C SER A 507 26.07 19.03 34.07
N PHE A 508 25.94 19.84 35.12
CA PHE A 508 25.59 21.24 34.93
C PHE A 508 26.57 21.97 34.03
N LEU A 509 27.82 21.49 33.92
CA LEU A 509 28.79 22.07 33.00
C LEU A 509 28.59 21.65 31.55
N ASP A 510 27.68 20.71 31.27
CA ASP A 510 27.47 20.15 29.94
C ASP A 510 27.34 21.18 28.81
N PRO A 511 26.62 22.29 28.98
CA PRO A 511 26.44 23.20 27.83
C PRO A 511 27.73 23.81 27.30
N LEU A 512 28.82 23.79 28.06
CA LEU A 512 30.09 24.33 27.60
C LEU A 512 31.19 23.29 27.73
N ALA A 513 32.16 23.38 26.81
CA ALA A 513 33.24 22.42 26.74
C ALA A 513 34.20 22.56 27.93
N TYR A 514 34.99 21.51 28.14
CA TYR A 514 36.01 21.52 29.18
C TYR A 514 36.99 22.68 29.00
N GLU A 515 37.51 22.85 27.78
CA GLU A 515 38.57 23.83 27.52
C GLU A 515 38.11 25.27 27.74
N ILE A 516 36.85 25.59 27.50
CA ILE A 516 36.38 26.95 27.76
C ILE A 516 36.22 27.22 29.26
N TRP A 517 35.66 26.27 30.00
CA TRP A 517 35.65 26.39 31.46
C TRP A 517 37.06 26.50 32.02
N MET A 518 38.01 25.77 31.44
CA MET A 518 39.40 25.87 31.86
C MET A 518 39.97 27.25 31.59
N CYS A 519 39.83 27.74 30.36
CA CYS A 519 40.53 28.95 29.94
C CYS A 519 39.90 30.23 30.48
N ILE A 520 38.57 30.27 30.66
CA ILE A 520 37.92 31.50 31.10
C ILE A 520 38.45 31.97 32.45
N VAL A 521 38.95 31.03 33.27
CA VAL A 521 39.66 31.37 34.49
C VAL A 521 40.80 32.34 34.21
N PHE A 522 41.53 32.12 33.11
CA PHE A 522 42.66 32.99 32.77
C PHE A 522 42.20 34.41 32.46
N ALA A 523 41.03 34.55 31.84
CA ALA A 523 40.44 35.86 31.59
C ALA A 523 40.03 36.53 32.89
N TYR A 524 39.42 35.77 33.80
CA TYR A 524 39.10 36.31 35.11
C TYR A 524 40.35 36.77 35.87
N ILE A 525 41.41 35.97 35.85
CA ILE A 525 42.71 36.37 36.40
C ILE A 525 43.20 37.69 35.78
N GLY A 526 43.10 37.78 34.45
CA GLY A 526 43.51 38.98 33.75
C GLY A 526 42.77 40.18 34.29
N VAL A 527 41.45 40.17 34.29
CA VAL A 527 40.72 41.33 34.79
C VAL A 527 40.96 41.53 36.28
N SER A 528 41.17 40.44 37.01
CA SER A 528 41.55 40.42 38.42
C SER A 528 42.87 41.12 38.70
N VAL A 529 43.62 41.51 37.67
CA VAL A 529 44.80 42.31 37.97
C VAL A 529 44.96 43.52 37.05
N VAL A 530 44.23 43.55 35.94
CA VAL A 530 44.25 44.74 35.07
C VAL A 530 43.66 45.95 35.77
N LEU A 531 42.55 45.77 36.50
CA LEU A 531 42.05 46.84 37.37
C LEU A 531 43.10 47.35 38.33
N PHE A 532 43.92 46.44 38.87
CA PHE A 532 44.97 46.83 39.81
C PHE A 532 46.04 47.68 39.14
N LEU A 533 46.53 47.22 37.98
CA LEU A 533 47.50 48.01 37.22
C LEU A 533 46.94 49.37 36.84
N VAL A 534 45.70 49.41 36.35
CA VAL A 534 45.04 50.67 36.02
C VAL A 534 45.01 51.61 37.21
N SER A 535 44.70 51.08 38.40
CA SER A 535 44.56 51.91 39.59
C SER A 535 45.90 52.36 40.15
N ARG A 536 46.96 51.59 40.01
CA ARG A 536 48.20 51.91 40.71
C ARG A 536 49.17 52.76 39.89
N PHE A 537 48.79 53.21 38.70
CA PHE A 537 49.56 54.25 38.03
C PHE A 537 49.38 55.57 38.76
N SER A 538 50.40 55.99 39.52
CA SER A 538 50.56 57.30 40.15
C SER A 538 49.25 57.89 40.66
N PRO A 539 48.68 57.34 41.73
CA PRO A 539 47.39 57.87 42.22
C PRO A 539 47.44 59.34 42.60
N TYR A 540 48.55 59.80 43.18
CA TYR A 540 48.68 61.16 43.66
C TYR A 540 48.49 62.20 42.56
N SER A 556 47.76 61.91 46.83
CA SER A 556 48.02 61.03 47.96
C SER A 556 48.07 59.57 47.52
N GLU A 557 48.78 58.75 48.30
CA GLU A 557 48.86 57.32 48.03
C GLU A 557 47.48 56.67 48.02
N SER A 558 46.60 57.12 48.91
CA SER A 558 45.25 56.59 49.04
C SER A 558 44.34 56.90 47.85
N THR A 559 44.81 57.71 46.89
CA THR A 559 43.88 58.34 45.95
C THR A 559 43.17 57.31 45.07
N ASN A 560 43.80 56.17 44.83
CA ASN A 560 43.20 55.09 44.06
C ASN A 560 42.92 53.90 44.97
N GLU A 561 41.68 53.41 44.94
CA GLU A 561 41.23 52.42 45.91
C GLU A 561 41.75 51.02 45.57
N PHE A 562 41.37 50.50 44.40
CA PHE A 562 41.43 49.08 44.11
C PHE A 562 42.81 48.46 44.25
N GLY A 563 42.97 47.61 45.27
CA GLY A 563 44.10 46.71 45.36
C GLY A 563 43.89 45.46 44.53
N ILE A 564 44.80 44.50 44.71
CA ILE A 564 44.66 43.22 44.00
C ILE A 564 43.38 42.52 44.46
N PHE A 565 43.19 42.45 45.78
CA PHE A 565 42.08 41.68 46.36
C PHE A 565 40.73 42.25 46.00
N ASN A 566 40.61 43.58 45.90
CA ASN A 566 39.36 44.18 45.44
C ASN A 566 39.19 44.13 43.93
N SER A 567 40.26 44.24 43.14
CA SER A 567 40.13 44.02 41.71
C SER A 567 39.63 42.60 41.43
N LEU A 568 40.24 41.61 42.09
CA LEU A 568 39.79 40.23 42.02
C LEU A 568 38.33 40.08 42.42
N TRP A 569 37.90 40.81 43.45
CA TRP A 569 36.52 40.67 43.92
C TRP A 569 35.54 41.31 42.94
N PHE A 570 35.81 42.55 42.52
CA PHE A 570 34.90 43.20 41.59
C PHE A 570 34.82 42.45 40.27
N SER A 571 35.95 41.93 39.77
CA SER A 571 35.93 41.08 38.59
C SER A 571 35.18 39.76 38.82
N LEU A 572 35.15 39.26 40.06
CA LEU A 572 34.31 38.09 40.33
C LEU A 572 32.83 38.44 40.39
N GLY A 573 32.49 39.52 41.07
CA GLY A 573 31.11 39.99 41.11
C GLY A 573 30.59 40.37 39.74
N ALA A 574 31.48 40.77 38.84
CA ALA A 574 31.18 40.78 37.42
C ALA A 574 30.95 39.39 36.85
N PHE A 575 31.88 38.46 37.09
CA PHE A 575 31.71 37.11 36.55
C PHE A 575 30.47 36.39 37.08
N MET A 576 30.49 36.00 38.36
CA MET A 576 29.37 35.21 38.94
C MET A 576 28.18 36.13 39.24
N GLN A 577 28.19 37.35 38.71
CA GLN A 577 27.09 38.33 38.95
C GLN A 577 27.00 38.69 40.45
N GLN A 578 25.98 39.45 40.84
CA GLN A 578 25.80 39.87 42.26
C GLN A 578 26.95 40.78 42.72
N GLY A 579 26.94 41.21 43.98
CA GLY A 579 27.98 42.14 44.47
C GLY A 579 27.54 43.58 44.32
N CYS A 580 27.04 44.18 45.40
CA CYS A 580 26.53 45.57 45.35
C CYS A 580 27.22 46.39 46.46
N ASP A 581 28.53 46.66 46.33
CA ASP A 581 29.25 47.35 47.44
C ASP A 581 30.49 48.13 46.99
N ILE A 582 31.20 47.70 45.94
CA ILE A 582 32.47 48.39 45.56
C ILE A 582 32.39 48.90 44.10
N SER A 583 33.35 49.73 43.68
CA SER A 583 33.38 50.27 42.28
C SER A 583 34.60 51.16 42.02
N PRO A 584 35.28 51.06 40.85
CA PRO A 584 36.38 51.95 40.48
C PRO A 584 35.88 53.26 39.84
N ARG A 585 36.52 54.36 40.23
CA ARG A 585 36.22 55.67 39.65
C ARG A 585 37.06 55.98 38.42
N SER A 586 38.13 55.21 38.16
CA SER A 586 39.01 55.49 37.04
C SER A 586 38.27 55.39 35.71
N LEU A 587 38.65 56.26 34.77
CA LEU A 587 38.13 56.15 33.41
C LEU A 587 38.50 54.81 32.77
N SER A 588 39.79 54.49 32.74
CA SER A 588 40.25 53.18 32.26
C SER A 588 39.63 52.05 33.08
N GLY A 589 39.48 52.26 34.39
CA GLY A 589 38.81 51.27 35.22
C GLY A 589 37.38 50.97 34.80
N ARG A 590 36.57 52.01 34.61
CA ARG A 590 35.19 51.79 34.17
C ARG A 590 35.12 51.28 32.73
N ILE A 591 36.09 51.65 31.88
CA ILE A 591 36.22 51.03 30.56
C ILE A 591 36.38 49.51 30.68
N VAL A 592 37.41 49.07 31.39
CA VAL A 592 37.65 47.62 31.50
C VAL A 592 36.54 46.93 32.27
N GLY A 593 35.90 47.61 33.23
CA GLY A 593 34.73 47.05 33.89
C GLY A 593 33.58 46.80 32.94
N GLY A 594 33.25 47.80 32.12
CA GLY A 594 32.19 47.63 31.16
C GLY A 594 32.47 46.55 30.13
N VAL A 595 33.71 46.51 29.62
CA VAL A 595 34.11 45.47 28.67
C VAL A 595 34.04 44.07 29.31
N TRP A 596 34.51 43.94 30.55
CA TRP A 596 34.43 42.64 31.24
C TRP A 596 32.99 42.24 31.56
N TRP A 597 32.13 43.21 31.88
CA TRP A 597 30.70 42.92 32.02
C TRP A 597 30.09 42.47 30.69
N PHE A 598 30.45 43.13 29.59
CA PHE A 598 29.98 42.70 28.28
C PHE A 598 30.41 41.27 27.97
N PHE A 599 31.68 40.95 28.19
CA PHE A 599 32.15 39.57 28.08
C PHE A 599 31.28 38.62 28.91
N THR A 600 31.12 38.92 30.20
CA THR A 600 30.42 38.00 31.09
C THR A 600 28.98 37.81 30.63
N LEU A 601 28.31 38.90 30.27
CA LEU A 601 26.92 38.80 29.81
C LEU A 601 26.80 37.74 28.72
N ILE A 602 27.72 37.78 27.75
CA ILE A 602 27.69 36.82 26.65
C ILE A 602 27.87 35.39 27.16
N ILE A 603 28.98 35.12 27.85
CA ILE A 603 29.28 33.73 28.21
C ILE A 603 28.22 33.17 29.16
N ILE A 604 27.82 33.93 30.17
CA ILE A 604 26.85 33.42 31.14
C ILE A 604 25.48 33.25 30.49
N SER A 605 25.03 34.23 29.68
CA SER A 605 23.76 34.03 29.01
C SER A 605 23.82 32.87 28.03
N SER A 606 24.99 32.62 27.43
CA SER A 606 25.15 31.43 26.60
C SER A 606 25.00 30.14 27.40
N TYR A 607 25.44 30.14 28.66
CA TYR A 607 25.10 29.04 29.56
C TYR A 607 23.59 28.94 29.74
N THR A 608 22.94 30.07 30.05
CA THR A 608 21.50 30.10 30.27
C THR A 608 20.71 29.65 29.04
N ALA A 609 21.28 29.81 27.85
CA ALA A 609 20.61 29.39 26.61
C ALA A 609 20.79 27.90 26.34
N ASN A 610 22.03 27.41 26.33
CA ASN A 610 22.31 26.11 25.72
C ASN A 610 21.68 24.95 26.47
N LEU A 611 21.34 25.11 27.75
CA LEU A 611 20.54 24.10 28.44
C LEU A 611 19.26 23.77 27.68
N ALA A 612 18.74 24.71 26.89
CA ALA A 612 17.59 24.42 26.02
C ALA A 612 17.88 23.26 25.08
N ALA A 613 19.14 23.09 24.68
CA ALA A 613 19.53 21.96 23.83
C ALA A 613 19.75 20.69 24.64
N PHE A 614 19.75 20.78 25.96
CA PHE A 614 19.89 19.63 26.84
C PHE A 614 18.60 19.27 27.56
N LEU A 615 17.86 20.25 28.07
CA LEU A 615 16.60 19.99 28.74
C LEU A 615 15.46 19.76 27.77
N THR A 616 15.70 19.90 26.47
CA THR A 616 14.77 19.46 25.44
C THR A 616 15.49 18.48 24.52
N VAL A 617 14.69 17.66 23.83
CA VAL A 617 15.14 16.64 22.87
C VAL A 617 16.31 15.84 23.43
N GLU A 618 16.21 15.41 24.69
CA GLU A 618 17.27 14.68 25.36
C GLU A 618 17.44 13.26 24.85
N ARG A 619 16.54 12.76 24.02
CA ARG A 619 16.60 11.36 23.60
C ARG A 619 17.89 11.07 22.84
N MET A 620 18.39 9.84 22.98
CA MET A 620 19.71 9.51 22.46
C MET A 620 19.70 9.19 20.98
N VAL A 621 19.11 8.04 20.62
CA VAL A 621 18.99 7.64 19.22
C VAL A 621 18.05 6.43 19.18
N SER A 622 17.24 6.35 18.12
CA SER A 622 16.29 5.24 18.06
C SER A 622 15.82 4.86 16.65
N PRO A 623 16.72 4.50 15.73
CA PRO A 623 16.26 3.90 14.47
C PRO A 623 15.94 2.42 14.65
N ILE A 624 14.78 1.99 14.17
CA ILE A 624 13.77 2.84 13.55
C ILE A 624 12.39 2.25 13.85
N GLU A 625 11.40 3.11 13.98
CA GLU A 625 10.02 2.66 14.16
C GLU A 625 9.48 2.04 12.87
N SER A 626 8.57 1.08 13.04
CA SER A 626 7.89 0.39 11.95
C SER A 626 8.84 -0.25 10.94
N ALA A 627 10.12 -0.38 11.30
CA ALA A 627 11.16 -0.83 10.38
C ALA A 627 11.23 0.03 9.12
N GLU A 628 10.75 1.28 9.22
CA GLU A 628 10.68 2.16 8.05
C GLU A 628 12.04 2.32 7.38
N ASP A 629 13.05 2.70 8.18
CA ASP A 629 14.39 2.88 7.62
C ASP A 629 15.01 1.56 7.19
N LEU A 630 14.70 0.47 7.89
CA LEU A 630 15.27 -0.83 7.53
C LEU A 630 14.87 -1.23 6.10
N SER A 631 13.60 -1.01 5.74
CA SER A 631 13.14 -1.31 4.39
C SER A 631 13.80 -0.44 3.33
N LYS A 632 14.62 0.55 3.72
CA LYS A 632 15.14 1.53 2.78
C LYS A 632 16.66 1.67 2.79
N GLN A 633 17.35 1.24 3.84
CA GLN A 633 18.80 1.43 3.95
C GLN A 633 19.48 0.13 4.37
N THR A 634 20.78 0.05 4.05
CA THR A 634 21.60 -1.11 4.35
C THR A 634 22.64 -0.87 5.44
N GLU A 635 22.69 0.33 6.03
CA GLU A 635 23.62 0.55 7.13
C GLU A 635 23.31 -0.35 8.32
N ILE A 636 22.02 -0.67 8.53
CA ILE A 636 21.61 -1.65 9.52
C ILE A 636 21.13 -2.88 8.78
N ALA A 637 21.84 -3.99 8.94
CA ALA A 637 21.36 -5.27 8.45
C ALA A 637 20.25 -5.80 9.34
N TYR A 638 19.40 -6.65 8.76
CA TYR A 638 18.37 -7.30 9.54
C TYR A 638 18.01 -8.63 8.91
N GLY A 639 17.50 -9.53 9.75
CA GLY A 639 17.08 -10.84 9.31
C GLY A 639 16.05 -11.41 10.25
N THR A 640 15.31 -12.40 9.76
CA THR A 640 14.36 -13.14 10.57
C THR A 640 15.02 -14.41 11.10
N LEU A 641 14.29 -15.15 11.93
CA LEU A 641 14.68 -16.51 12.26
C LEU A 641 14.60 -17.38 11.00
N ASP A 642 15.67 -18.14 10.74
CA ASP A 642 15.67 -19.03 9.60
C ASP A 642 14.75 -20.21 9.84
N SER A 643 14.21 -20.76 8.75
CA SER A 643 13.36 -21.95 8.79
C SER A 643 12.17 -21.77 9.71
N GLY A 644 11.60 -20.56 9.74
CA GLY A 644 10.60 -20.22 10.74
C GLY A 644 9.46 -19.42 10.15
N SER A 645 8.40 -19.31 10.96
CA SER A 645 7.16 -18.65 10.54
C SER A 645 7.39 -17.24 10.02
N THR A 646 8.29 -16.49 10.67
CA THR A 646 8.55 -15.12 10.25
C THR A 646 9.24 -15.05 8.88
N LYS A 647 10.23 -15.92 8.65
CA LYS A 647 10.83 -16.01 7.32
C LYS A 647 9.79 -16.30 6.26
N GLU A 648 8.94 -17.30 6.50
CA GLU A 648 7.90 -17.66 5.54
C GLU A 648 6.88 -16.54 5.35
N PHE A 649 6.58 -15.79 6.41
CA PHE A 649 5.71 -14.63 6.30
C PHE A 649 6.31 -13.57 5.41
N PHE A 650 7.58 -13.20 5.64
CA PHE A 650 8.23 -12.26 4.77
C PHE A 650 8.34 -12.81 3.35
N ARG A 651 8.54 -14.13 3.24
CA ARG A 651 8.58 -14.79 1.93
C ARG A 651 7.29 -14.60 1.15
N ARG A 652 6.19 -14.24 1.80
CA ARG A 652 4.90 -14.17 1.11
C ARG A 652 4.18 -12.84 1.30
N SER A 653 4.29 -12.23 2.48
CA SER A 653 3.43 -11.08 2.81
C SER A 653 3.62 -9.95 1.81
N LYS A 654 2.50 -9.43 1.31
CA LYS A 654 2.50 -8.48 0.20
C LYS A 654 2.46 -7.03 0.64
N ILE A 655 2.40 -6.76 1.95
CA ILE A 655 2.45 -5.38 2.43
C ILE A 655 3.79 -4.76 2.05
N ALA A 656 3.75 -3.53 1.54
CA ALA A 656 4.89 -2.97 0.83
C ALA A 656 6.14 -2.93 1.70
N VAL A 657 6.00 -2.53 2.97
CA VAL A 657 7.15 -2.52 3.87
C VAL A 657 7.70 -3.94 4.06
N PHE A 658 6.80 -4.90 4.30
CA PHE A 658 7.22 -6.30 4.45
C PHE A 658 7.77 -6.86 3.16
N ASP A 659 7.08 -6.63 2.04
CA ASP A 659 7.57 -7.10 0.74
C ASP A 659 8.94 -6.56 0.40
N LYS A 660 9.19 -5.28 0.69
CA LYS A 660 10.51 -4.70 0.40
C LYS A 660 11.59 -5.18 1.36
N MET A 661 11.25 -5.36 2.64
CA MET A 661 12.18 -5.99 3.57
C MET A 661 12.52 -7.42 3.15
N TRP A 662 11.55 -8.16 2.63
CA TRP A 662 11.83 -9.46 2.03
C TRP A 662 12.71 -9.35 0.79
N THR A 663 12.44 -8.37 -0.08
CA THR A 663 13.28 -8.16 -1.25
C THR A 663 14.73 -7.89 -0.87
N TYR A 664 14.95 -7.12 0.20
CA TYR A 664 16.27 -7.01 0.79
C TYR A 664 16.79 -8.38 1.22
N MET A 665 16.11 -9.04 2.15
CA MET A 665 16.66 -10.26 2.73
C MET A 665 16.96 -11.30 1.65
N ARG A 666 16.11 -11.38 0.63
CA ARG A 666 16.34 -12.28 -0.50
C ARG A 666 17.50 -11.80 -1.37
N SER A 667 17.79 -10.50 -1.35
CA SER A 667 18.95 -9.96 -2.04
C SER A 667 20.10 -9.64 -1.10
N ALA A 668 19.89 -9.72 0.22
CA ALA A 668 20.95 -9.45 1.17
C ALA A 668 21.94 -10.60 1.20
N GLU A 669 23.23 -10.27 1.11
CA GLU A 669 24.31 -11.25 1.17
C GLU A 669 25.44 -10.64 1.99
N PRO A 670 26.07 -11.40 2.89
CA PRO A 670 25.81 -12.81 3.25
C PRO A 670 24.50 -13.03 4.01
N SER A 671 24.22 -14.29 4.34
CA SER A 671 22.92 -14.66 4.91
C SER A 671 22.62 -13.88 6.18
N VAL A 672 21.38 -13.43 6.30
CA VAL A 672 20.93 -12.62 7.44
C VAL A 672 20.12 -13.47 8.40
N PHE A 673 19.56 -14.57 7.90
CA PHE A 673 18.65 -15.38 8.70
C PHE A 673 19.40 -16.22 9.72
N VAL A 674 18.86 -16.28 10.93
CA VAL A 674 19.49 -16.99 12.05
C VAL A 674 18.67 -18.24 12.33
N ARG A 675 19.35 -19.37 12.47
CA ARG A 675 18.69 -20.65 12.69
C ARG A 675 18.25 -20.84 14.14
N THR A 676 18.70 -19.97 15.06
CA THR A 676 18.25 -19.97 16.44
C THR A 676 18.11 -18.54 16.92
N THR A 677 17.25 -18.36 17.93
CA THR A 677 17.15 -17.06 18.58
C THR A 677 18.45 -16.70 19.30
N ALA A 678 19.17 -17.71 19.80
CA ALA A 678 20.48 -17.49 20.40
C ALA A 678 21.44 -16.82 19.41
N GLU A 679 21.52 -17.36 18.19
CA GLU A 679 22.34 -16.75 17.15
C GLU A 679 21.87 -15.34 16.81
N GLY A 680 20.56 -15.13 16.73
CA GLY A 680 20.03 -13.80 16.51
C GLY A 680 20.49 -12.78 17.53
N VAL A 681 20.24 -13.09 18.81
CA VAL A 681 20.66 -12.22 19.90
C VAL A 681 22.16 -11.99 19.88
N ALA A 682 22.94 -13.05 19.66
CA ALA A 682 24.40 -12.94 19.60
C ALA A 682 24.85 -11.99 18.50
N ARG A 683 24.28 -12.13 17.30
CA ARG A 683 24.69 -11.26 16.19
C ARG A 683 24.21 -9.83 16.38
N VAL A 684 23.03 -9.63 16.97
CA VAL A 684 22.59 -8.29 17.36
C VAL A 684 23.59 -7.64 18.30
N ARG A 685 23.96 -8.35 19.37
CA ARG A 685 24.89 -7.80 20.35
C ARG A 685 26.26 -7.53 19.75
N LYS A 686 26.85 -8.53 19.10
CA LYS A 686 28.18 -8.37 18.52
C LYS A 686 28.21 -7.30 17.43
N SER A 687 27.07 -7.01 16.80
CA SER A 687 27.00 -5.96 15.78
C SER A 687 26.62 -4.61 16.34
N LYS A 688 26.50 -4.48 17.66
CA LYS A 688 26.20 -3.21 18.33
C LYS A 688 24.89 -2.60 17.84
N GLY A 689 23.93 -3.44 17.47
CA GLY A 689 22.67 -2.98 16.93
C GLY A 689 22.67 -2.67 15.45
N LYS A 690 23.81 -2.78 14.76
CA LYS A 690 23.81 -2.70 13.31
C LYS A 690 23.25 -3.94 12.65
N TYR A 691 22.98 -4.99 13.41
CA TYR A 691 22.16 -6.12 12.98
C TYR A 691 20.92 -6.12 13.84
N ALA A 692 19.75 -6.10 13.20
CA ALA A 692 18.47 -6.14 13.89
C ALA A 692 17.81 -7.49 13.69
N TYR A 693 17.25 -8.04 14.76
CA TYR A 693 16.70 -9.39 14.77
C TYR A 693 15.19 -9.30 14.81
N LEU A 694 14.54 -9.97 13.87
CA LEU A 694 13.09 -9.97 13.72
C LEU A 694 12.56 -11.25 14.38
N LEU A 695 11.69 -11.09 15.36
CA LEU A 695 11.14 -12.27 16.02
C LEU A 695 9.85 -11.92 16.73
N GLU A 696 9.22 -12.95 17.28
CA GLU A 696 7.97 -12.85 18.01
C GLU A 696 8.15 -12.13 19.34
N SER A 697 7.21 -11.25 19.65
CA SER A 697 7.45 -10.19 20.63
C SER A 697 7.66 -10.74 22.05
N THR A 698 6.99 -11.84 22.39
CA THR A 698 7.22 -12.42 23.72
C THR A 698 8.58 -13.07 23.83
N MET A 699 9.08 -13.67 22.76
CA MET A 699 10.47 -14.13 22.77
C MET A 699 11.42 -12.94 22.75
N ASN A 700 11.04 -11.89 22.03
CA ASN A 700 11.77 -10.62 22.07
C ASN A 700 11.80 -10.05 23.48
N GLU A 701 10.65 -9.98 24.14
CA GLU A 701 10.59 -9.32 25.44
C GLU A 701 11.23 -10.14 26.57
N TYR A 702 11.40 -11.45 26.37
CA TYR A 702 12.26 -12.18 27.31
C TYR A 702 13.73 -11.79 27.20
N ILE A 703 14.12 -11.01 26.19
CA ILE A 703 15.45 -10.44 26.12
C ILE A 703 15.44 -8.97 26.58
N GLU A 704 14.37 -8.52 27.22
CA GLU A 704 14.28 -7.14 27.68
C GLU A 704 13.92 -7.11 29.16
N GLN A 705 13.05 -8.02 29.58
CA GLN A 705 12.74 -8.20 30.99
C GLN A 705 13.78 -9.00 31.73
N ARG A 706 14.94 -9.29 31.12
CA ARG A 706 15.94 -10.16 31.72
C ARG A 706 17.32 -9.56 31.51
N LYS A 707 18.14 -9.62 32.55
CA LYS A 707 19.52 -9.15 32.46
C LYS A 707 20.25 -9.92 31.37
N PRO A 708 21.14 -9.27 30.60
CA PRO A 708 21.63 -7.88 30.71
C PRO A 708 20.69 -6.84 30.11
N CYS A 709 19.57 -7.27 29.53
CA CYS A 709 18.50 -6.38 29.03
C CYS A 709 19.04 -5.26 28.14
N ASP A 710 20.17 -5.48 27.47
CA ASP A 710 20.74 -4.46 26.61
C ASP A 710 20.06 -4.40 25.24
N THR A 711 18.86 -4.96 25.13
CA THR A 711 18.06 -4.89 23.91
C THR A 711 16.63 -4.51 24.28
N MET A 712 15.98 -3.78 23.38
CA MET A 712 14.59 -3.38 23.58
C MET A 712 13.72 -3.81 22.42
N LYS A 713 12.49 -4.21 22.73
CA LYS A 713 11.41 -4.34 21.75
C LYS A 713 10.93 -2.96 21.31
N VAL A 714 11.10 -2.64 20.02
CA VAL A 714 10.54 -1.41 19.49
C VAL A 714 9.03 -1.56 19.29
N GLY A 715 8.29 -0.54 19.69
CA GLY A 715 6.86 -0.40 19.46
C GLY A 715 6.06 -1.59 19.96
N GLY A 716 4.99 -1.90 19.23
CA GLY A 716 4.11 -3.01 19.56
C GLY A 716 4.24 -4.17 18.59
N ASN A 717 3.23 -5.04 18.62
CA ASN A 717 3.19 -6.17 17.70
C ASN A 717 3.06 -5.69 16.26
N LEU A 718 3.87 -6.26 15.37
CA LEU A 718 3.71 -6.00 13.95
C LEU A 718 2.53 -6.76 13.35
N ASP A 719 2.17 -7.90 13.93
CA ASP A 719 1.18 -8.77 13.30
C ASP A 719 0.48 -9.59 14.37
N SER A 720 -0.51 -10.36 13.92
CA SER A 720 -1.35 -11.21 14.73
C SER A 720 -0.76 -12.61 15.01
N LYS A 721 0.55 -12.77 14.86
CA LYS A 721 1.17 -14.08 15.00
C LYS A 721 1.00 -14.67 16.41
N GLY A 722 0.61 -15.95 16.46
CA GLY A 722 0.22 -16.58 17.71
C GLY A 722 0.56 -18.06 17.77
N TYR A 723 0.61 -18.58 19.00
CA TYR A 723 0.92 -19.98 19.27
C TYR A 723 -0.31 -20.76 19.71
N GLY A 724 -0.53 -21.92 19.07
CA GLY A 724 -1.54 -22.86 19.53
C GLY A 724 -0.98 -24.27 19.59
N ILE A 725 -1.79 -25.16 20.15
CA ILE A 725 -1.41 -26.57 20.30
C ILE A 725 -1.75 -27.29 19.01
N ALA A 726 -0.84 -28.13 18.53
CA ALA A 726 -1.01 -28.77 17.25
C ALA A 726 -1.01 -30.29 17.38
N THR A 727 -1.75 -30.93 16.48
CA THR A 727 -2.02 -32.36 16.45
C THR A 727 -2.08 -32.81 15.00
N PRO A 728 -1.71 -34.06 14.71
CA PRO A 728 -1.91 -34.59 13.35
C PRO A 728 -3.38 -34.47 12.95
N LYS A 729 -3.59 -34.18 11.67
CA LYS A 729 -4.93 -33.84 11.20
C LYS A 729 -5.88 -35.03 11.38
N GLY A 730 -7.01 -34.78 12.01
CA GLY A 730 -7.99 -35.80 12.30
C GLY A 730 -7.76 -36.59 13.58
N SER A 731 -6.68 -36.32 14.30
CA SER A 731 -6.44 -37.01 15.57
C SER A 731 -7.48 -36.59 16.61
N SER A 732 -7.94 -37.57 17.39
CA SER A 732 -8.97 -37.32 18.41
C SER A 732 -8.48 -36.42 19.53
N LEU A 733 -7.17 -36.19 19.65
CA LEU A 733 -6.64 -35.30 20.67
C LEU A 733 -7.14 -33.87 20.53
N GLY A 734 -7.57 -33.47 19.34
CA GLY A 734 -7.91 -32.08 19.05
C GLY A 734 -8.90 -31.42 19.99
N THR A 735 -10.16 -31.90 19.99
CA THR A 735 -11.19 -31.25 20.79
C THR A 735 -10.94 -31.30 22.30
N PRO A 736 -10.50 -32.41 22.92
CA PRO A 736 -10.29 -32.35 24.38
C PRO A 736 -9.16 -31.42 24.77
N VAL A 737 -8.08 -31.39 23.98
CA VAL A 737 -7.00 -30.44 24.21
C VAL A 737 -7.51 -29.00 24.08
N ASN A 738 -8.30 -28.74 23.05
CA ASN A 738 -8.92 -27.42 22.89
C ASN A 738 -9.75 -27.05 24.12
N LEU A 739 -10.62 -27.96 24.57
CA LEU A 739 -11.46 -27.71 25.73
C LEU A 739 -10.62 -27.41 26.97
N ALA A 740 -9.54 -28.17 27.17
CA ALA A 740 -8.64 -27.93 28.29
C ALA A 740 -7.95 -26.57 28.21
N VAL A 741 -7.37 -26.26 27.05
CA VAL A 741 -6.65 -25.00 26.90
C VAL A 741 -7.60 -23.80 27.07
N LEU A 742 -8.82 -23.91 26.53
CA LEU A 742 -9.83 -22.89 26.81
C LEU A 742 -10.15 -22.79 28.30
N LYS A 743 -10.28 -23.93 28.99
CA LYS A 743 -10.55 -23.90 30.41
C LYS A 743 -9.45 -23.16 31.17
N LEU A 744 -8.20 -23.42 30.79
CA LEU A 744 -7.06 -22.75 31.43
C LEU A 744 -7.13 -21.23 31.29
N SER A 745 -7.67 -20.73 30.19
CA SER A 745 -7.76 -19.28 30.03
C SER A 745 -8.72 -18.68 31.05
N GLU A 746 -9.83 -19.35 31.33
CA GLU A 746 -10.78 -18.83 32.30
C GLU A 746 -10.33 -19.15 33.73
N GLN A 747 -9.56 -20.22 33.91
CA GLN A 747 -8.95 -20.54 35.21
C GLN A 747 -7.73 -19.68 35.51
N GLY A 748 -7.27 -18.84 34.58
CA GLY A 748 -6.13 -17.99 34.83
C GLY A 748 -4.78 -18.67 34.80
N VAL A 749 -4.72 -19.98 34.56
CA VAL A 749 -3.46 -20.71 34.64
C VAL A 749 -2.47 -20.19 33.61
N LEU A 750 -2.94 -19.88 32.40
CA LEU A 750 -2.05 -19.41 31.34
C LEU A 750 -1.38 -18.09 31.71
N ASP A 751 -2.16 -17.14 32.21
CA ASP A 751 -1.58 -15.87 32.64
C ASP A 751 -0.71 -16.02 33.88
N LYS A 752 -1.10 -16.88 34.82
CA LYS A 752 -0.25 -17.15 35.98
C LYS A 752 1.12 -17.69 35.55
N LEU A 753 1.13 -18.65 34.63
CA LEU A 753 2.38 -19.13 34.05
C LEU A 753 3.16 -18.01 33.38
N LYS A 754 2.49 -17.17 32.59
CA LYS A 754 3.20 -16.08 31.91
C LYS A 754 3.85 -15.14 32.92
N ASN A 755 3.13 -14.80 33.98
CA ASN A 755 3.69 -14.01 35.07
C ASN A 755 4.91 -14.69 35.68
N LYS A 756 4.79 -15.98 35.99
CA LYS A 756 5.92 -16.70 36.57
C LYS A 756 7.14 -16.63 35.67
N TRP A 757 6.95 -16.92 34.39
CA TRP A 757 8.05 -17.18 33.48
C TRP A 757 8.64 -15.93 32.84
N TRP A 758 7.93 -14.79 32.83
CA TRP A 758 8.56 -13.54 32.46
C TRP A 758 8.84 -12.56 33.60
N TYR A 759 7.97 -12.42 34.59
CA TYR A 759 8.08 -11.29 35.51
C TYR A 759 8.41 -11.69 36.94
N ASP A 760 7.87 -12.82 37.41
CA ASP A 760 8.34 -13.37 38.68
C ASP A 760 9.82 -13.75 38.58
N LYS A 761 10.20 -14.37 37.47
CA LYS A 761 11.62 -14.58 37.14
C LYS A 761 12.20 -13.46 36.28
N GLY A 762 11.69 -12.24 36.46
CA GLY A 762 12.15 -11.10 35.69
C GLY A 762 13.22 -10.29 36.39
N GLU A 763 14.40 -10.88 36.60
CA GLU A 763 15.50 -10.21 37.28
C GLU A 763 16.00 -9.07 36.40
N CYS A 764 15.27 -7.95 36.45
CA CYS A 764 15.66 -6.78 35.68
C CYS A 764 15.03 -5.53 36.29
N GLY A 765 15.61 -4.38 35.96
CA GLY A 765 15.11 -3.08 36.33
C GLY A 765 14.39 -2.33 35.23
N ALA A 766 13.95 -3.03 34.18
CA ALA A 766 13.34 -2.42 33.01
C ALA A 766 11.88 -2.06 33.25
N LYS A 767 11.13 -1.88 32.15
CA LYS A 767 9.70 -1.55 32.11
C LYS A 767 9.38 -0.23 32.83
N ASP A 768 10.35 0.68 32.90
CA ASP A 768 10.08 2.04 33.34
C ASP A 768 9.48 2.85 32.20
N SER A 769 8.89 3.99 32.54
CA SER A 769 8.33 4.88 31.53
C SER A 769 8.47 6.33 32.00
N GLY A 770 8.55 7.24 31.02
CA GLY A 770 8.75 8.63 31.30
C GLY A 770 7.45 9.43 31.31
N SER A 771 7.45 10.52 32.09
CA SER A 771 6.35 11.47 32.13
C SER A 771 6.48 12.46 30.98
N LYS A 772 5.36 13.11 30.66
CA LYS A 772 5.22 13.79 29.38
C LYS A 772 5.21 15.32 29.44
N GLU A 773 4.71 15.93 30.50
CA GLU A 773 4.50 17.37 30.53
C GLU A 773 5.75 18.13 30.96
N LYS A 774 6.91 17.83 30.40
CA LYS A 774 8.21 18.32 30.86
C LYS A 774 8.45 18.03 32.33
N THR A 775 7.68 17.10 32.90
CA THR A 775 7.70 16.82 34.33
C THR A 775 8.87 15.93 34.74
N SER A 776 9.90 15.81 33.89
CA SER A 776 11.17 15.21 34.28
C SER A 776 11.90 16.19 35.20
N ALA A 777 11.50 16.15 36.47
CA ALA A 777 12.05 17.07 37.47
C ALA A 777 13.57 16.92 37.57
N LEU A 778 14.21 18.02 37.97
CA LEU A 778 15.66 18.07 38.03
C LEU A 778 16.19 17.06 39.05
N SER A 779 17.27 16.36 38.69
CA SER A 779 17.72 15.17 39.39
C SER A 779 18.87 15.52 40.32
N LEU A 780 18.80 15.01 41.55
CA LEU A 780 19.76 15.38 42.59
C LEU A 780 21.17 14.98 42.21
N SER A 781 21.36 13.79 41.65
CA SER A 781 22.68 13.31 41.27
C SER A 781 23.34 14.18 40.22
N ASN A 782 22.56 15.01 39.52
CA ASN A 782 23.13 16.11 38.75
C ASN A 782 23.25 17.39 39.58
N VAL A 783 22.14 17.87 40.13
CA VAL A 783 22.10 19.20 40.72
C VAL A 783 22.86 19.29 42.04
N ALA A 784 23.16 18.16 42.67
CA ALA A 784 24.14 18.16 43.76
C ALA A 784 25.52 18.65 43.31
N GLY A 785 25.77 18.66 41.99
CA GLY A 785 27.12 18.91 41.49
C GLY A 785 27.79 20.12 42.10
N VAL A 786 27.01 21.18 42.35
CA VAL A 786 27.56 22.41 42.92
C VAL A 786 27.63 22.41 44.44
N PHE A 787 26.82 21.58 45.11
CA PHE A 787 27.01 21.38 46.55
C PHE A 787 28.41 20.87 46.85
N TYR A 788 28.96 20.02 45.98
CA TYR A 788 30.33 19.54 46.16
C TYR A 788 31.34 20.69 46.20
N ILE A 789 31.15 21.69 45.34
CA ILE A 789 31.98 22.88 45.34
C ILE A 789 31.74 23.70 46.60
N LEU A 790 30.47 23.90 46.96
CA LEU A 790 30.15 24.73 48.11
C LEU A 790 30.79 24.17 49.38
N VAL A 791 30.57 22.88 49.64
CA VAL A 791 31.15 22.23 50.82
C VAL A 791 32.67 22.12 50.72
N GLY A 792 33.23 22.08 49.51
CA GLY A 792 34.68 22.16 49.38
C GLY A 792 35.28 23.51 49.71
N GLY A 793 34.57 24.59 49.39
CA GLY A 793 35.15 25.92 49.49
C GLY A 793 35.18 26.55 50.86
N LEU A 794 34.22 26.23 51.72
CA LEU A 794 34.00 27.00 52.94
C LEU A 794 35.18 26.96 53.92
N GLY A 795 36.00 25.92 53.88
CA GLY A 795 37.10 25.80 54.83
C GLY A 795 38.22 26.81 54.65
N LEU A 796 38.35 27.40 53.45
CA LEU A 796 39.44 28.31 53.14
C LEU A 796 39.26 29.71 53.74
N ALA A 797 38.08 30.04 54.25
CA ALA A 797 37.73 31.43 54.49
C ALA A 797 38.61 32.10 55.54
N MET A 798 38.88 31.41 56.66
CA MET A 798 39.57 32.02 57.79
C MET A 798 41.09 32.04 57.65
N LEU A 799 41.64 31.54 56.54
CA LEU A 799 43.05 31.17 56.47
C LEU A 799 43.98 32.33 56.83
N VAL A 800 43.72 33.52 56.26
CA VAL A 800 44.64 34.64 56.44
C VAL A 800 44.76 35.07 57.91
N ALA A 801 43.66 35.02 58.65
CA ALA A 801 43.73 35.30 60.09
C ALA A 801 44.50 34.24 60.86
N LEU A 802 44.28 32.96 60.52
CA LEU A 802 45.02 31.90 61.20
C LEU A 802 46.52 31.97 60.91
N ILE A 803 46.91 32.19 59.66
CA ILE A 803 48.33 32.30 59.34
C ILE A 803 48.95 33.56 59.94
N GLU A 804 48.20 34.67 60.04
CA GLU A 804 48.70 35.83 60.78
C GLU A 804 48.93 35.51 62.26
N PHE A 805 47.96 34.88 62.91
CA PHE A 805 48.11 34.50 64.31
C PHE A 805 49.25 33.51 64.51
N CYS A 806 49.41 32.54 63.60
CA CYS A 806 50.54 31.62 63.66
C CYS A 806 51.87 32.32 63.40
N TYR A 807 51.92 33.20 62.40
CA TYR A 807 53.15 33.96 62.16
C TYR A 807 53.53 34.79 63.38
N LYS A 808 52.55 35.48 63.97
CA LYS A 808 52.79 36.18 65.23
C LYS A 808 53.20 35.24 66.36
N SER A 809 52.96 33.93 66.22
CA SER A 809 53.37 32.96 67.21
C SER A 809 54.60 32.16 66.80
N ARG A 810 55.20 32.49 65.66
CA ARG A 810 56.38 31.76 65.19
C ARG A 810 57.53 32.63 64.72
N ALA A 811 57.28 33.85 64.25
CA ALA A 811 58.35 34.71 63.74
C ALA A 811 59.22 35.21 64.89
N ASN B 1 12.86 -78.29 -53.25
CA ASN B 1 12.64 -78.37 -51.81
C ASN B 1 11.33 -77.69 -51.42
N SER B 2 10.71 -78.20 -50.35
CA SER B 2 9.47 -77.63 -49.85
C SER B 2 9.54 -77.56 -48.33
N ILE B 3 8.85 -76.56 -47.77
CA ILE B 3 8.93 -76.25 -46.35
C ILE B 3 7.53 -75.94 -45.83
N GLN B 4 6.94 -76.89 -45.10
CA GLN B 4 5.62 -76.65 -44.54
C GLN B 4 5.72 -75.71 -43.33
N ILE B 5 4.87 -74.67 -43.32
CA ILE B 5 4.87 -73.66 -42.28
C ILE B 5 3.43 -73.46 -41.80
N GLY B 6 3.31 -73.14 -40.51
CA GLY B 6 2.00 -72.95 -39.91
C GLY B 6 1.51 -71.52 -39.94
N GLY B 7 0.20 -71.36 -40.02
CA GLY B 7 -0.44 -70.07 -39.81
C GLY B 7 -1.65 -70.14 -38.90
N LEU B 8 -1.75 -69.17 -38.00
CA LEU B 8 -2.98 -68.86 -37.29
C LEU B 8 -3.35 -67.40 -37.53
N PHE B 9 -4.64 -67.14 -37.67
CA PHE B 9 -5.12 -65.77 -37.83
C PHE B 9 -6.37 -65.54 -37.00
N PRO B 10 -6.44 -64.41 -36.29
CA PRO B 10 -7.68 -64.07 -35.59
C PRO B 10 -8.85 -63.91 -36.54
N ARG B 11 -10.03 -64.31 -36.09
CA ARG B 11 -11.26 -64.09 -36.82
C ARG B 11 -11.58 -62.59 -36.80
N GLY B 12 -11.45 -61.94 -37.94
CA GLY B 12 -11.57 -60.49 -38.04
C GLY B 12 -10.28 -59.77 -38.36
N ALA B 13 -9.14 -60.45 -38.31
CA ALA B 13 -7.87 -59.89 -38.76
C ALA B 13 -7.68 -60.03 -40.28
N ASP B 14 -8.67 -59.60 -41.05
CA ASP B 14 -8.69 -59.91 -42.48
C ASP B 14 -7.62 -59.13 -43.25
N GLN B 15 -7.34 -57.90 -42.83
CA GLN B 15 -6.25 -57.14 -43.46
C GLN B 15 -4.90 -57.80 -43.21
N GLU B 16 -4.67 -58.31 -42.00
CA GLU B 16 -3.41 -59.01 -41.74
C GLU B 16 -3.30 -60.30 -42.56
N TYR B 17 -4.39 -61.06 -42.68
CA TYR B 17 -4.38 -62.26 -43.51
C TYR B 17 -4.10 -61.92 -44.98
N SER B 18 -4.70 -60.84 -45.48
CA SER B 18 -4.38 -60.35 -46.81
C SER B 18 -2.90 -59.98 -46.94
N ALA B 19 -2.39 -59.20 -46.00
CA ALA B 19 -0.99 -58.80 -46.05
C ALA B 19 -0.05 -60.00 -45.97
N PHE B 20 -0.44 -61.02 -45.20
CA PHE B 20 0.30 -62.28 -45.19
C PHE B 20 0.38 -62.91 -46.57
N ARG B 21 -0.76 -63.06 -47.24
CA ARG B 21 -0.75 -63.66 -48.57
C ARG B 21 0.06 -62.81 -49.56
N VAL B 22 -0.14 -61.49 -49.54
CA VAL B 22 0.64 -60.59 -50.38
C VAL B 22 2.14 -60.69 -50.10
N GLY B 23 2.52 -60.80 -48.83
CA GLY B 23 3.92 -61.03 -48.49
C GLY B 23 4.46 -62.34 -49.02
N MET B 24 3.67 -63.41 -48.91
CA MET B 24 4.09 -64.70 -49.46
C MET B 24 4.29 -64.62 -50.96
N VAL B 25 3.34 -64.00 -51.67
CA VAL B 25 3.46 -63.79 -53.12
C VAL B 25 4.69 -62.95 -53.45
N GLN B 26 5.00 -61.95 -52.63
CA GLN B 26 6.16 -61.10 -52.90
C GLN B 26 7.47 -61.82 -52.66
N PHE B 27 7.69 -62.35 -51.47
CA PHE B 27 9.04 -62.74 -51.06
C PHE B 27 9.36 -64.21 -51.29
N SER B 28 8.37 -65.08 -51.46
CA SER B 28 8.68 -66.46 -51.76
C SER B 28 9.31 -66.58 -53.15
N THR B 29 9.95 -67.71 -53.40
CA THR B 29 10.56 -68.00 -54.69
C THR B 29 10.45 -69.49 -54.96
N SER B 30 10.46 -69.84 -56.25
CA SER B 30 10.41 -71.24 -56.66
C SER B 30 11.65 -72.03 -56.25
N GLU B 31 12.71 -71.34 -55.82
CA GLU B 31 13.89 -72.06 -55.32
C GLU B 31 13.55 -72.91 -54.11
N PHE B 32 12.63 -72.44 -53.26
CA PHE B 32 12.22 -73.21 -52.08
C PHE B 32 10.79 -72.80 -51.73
N ARG B 33 9.87 -73.74 -51.87
CA ARG B 33 8.44 -73.47 -51.68
C ARG B 33 8.05 -73.71 -50.23
N LEU B 34 8.03 -72.63 -49.44
CA LEU B 34 7.26 -72.61 -48.21
C LEU B 34 5.80 -72.93 -48.49
N THR B 35 5.21 -73.77 -47.65
CA THR B 35 3.90 -74.37 -47.91
C THR B 35 3.02 -74.12 -46.70
N PRO B 36 2.34 -72.97 -46.66
CA PRO B 36 1.52 -72.60 -45.50
C PRO B 36 0.31 -73.51 -45.34
N HIS B 37 0.18 -74.11 -44.17
CA HIS B 37 -1.07 -74.70 -43.72
C HIS B 37 -1.68 -73.73 -42.71
N ILE B 38 -2.94 -73.36 -42.93
CA ILE B 38 -3.51 -72.16 -42.31
C ILE B 38 -4.78 -72.54 -41.56
N ASP B 39 -4.92 -72.00 -40.35
CA ASP B 39 -6.16 -72.01 -39.60
C ASP B 39 -6.62 -70.59 -39.32
N ASN B 40 -7.88 -70.30 -39.60
CA ASN B 40 -8.50 -69.00 -39.31
C ASN B 40 -9.48 -69.07 -38.15
N LEU B 41 -9.14 -69.82 -37.11
CA LEU B 41 -10.07 -70.14 -36.05
C LEU B 41 -10.00 -69.13 -34.89
N GLU B 42 -10.82 -69.40 -33.87
CA GLU B 42 -10.88 -68.57 -32.67
C GLU B 42 -9.49 -68.31 -32.10
N VAL B 43 -9.34 -67.14 -31.46
CA VAL B 43 -8.04 -66.73 -30.92
C VAL B 43 -8.20 -66.18 -29.51
N ALA B 44 -9.43 -65.85 -29.11
CA ALA B 44 -9.69 -65.25 -27.81
C ALA B 44 -9.76 -66.27 -26.67
N ASN B 45 -9.24 -67.48 -26.87
CA ASN B 45 -9.25 -68.51 -25.85
C ASN B 45 -8.09 -69.47 -26.12
N SER B 46 -7.69 -70.20 -25.08
CA SER B 46 -6.59 -71.14 -25.27
C SER B 46 -6.99 -72.29 -26.18
N PHE B 47 -8.26 -72.73 -26.12
CA PHE B 47 -8.64 -74.00 -26.71
C PHE B 47 -8.34 -74.05 -28.20
N ALA B 48 -8.84 -73.07 -28.95
CA ALA B 48 -8.67 -73.05 -30.40
C ALA B 48 -7.20 -72.97 -30.79
N VAL B 49 -6.43 -72.14 -30.07
CA VAL B 49 -5.01 -72.02 -30.34
C VAL B 49 -4.32 -73.37 -30.10
N THR B 50 -4.69 -74.05 -29.02
CA THR B 50 -4.06 -75.33 -28.70
C THR B 50 -4.41 -76.39 -29.74
N ASN B 51 -5.68 -76.44 -30.15
CA ASN B 51 -6.10 -77.40 -31.17
C ASN B 51 -5.40 -77.17 -32.51
N ALA B 52 -5.29 -75.90 -32.92
CA ALA B 52 -4.55 -75.58 -34.13
C ALA B 52 -3.08 -75.94 -33.99
N PHE B 53 -2.47 -75.59 -32.85
CA PHE B 53 -1.10 -75.95 -32.60
C PHE B 53 -0.89 -77.45 -32.73
N CYS B 54 -1.70 -78.24 -32.03
CA CYS B 54 -1.59 -79.70 -32.09
C CYS B 54 -1.76 -80.24 -33.51
N SER B 55 -2.76 -79.73 -34.23
CA SER B 55 -2.96 -80.14 -35.62
C SER B 55 -1.73 -79.88 -36.48
N GLN B 56 -1.27 -78.64 -36.48
CA GLN B 56 -0.16 -78.22 -37.33
C GLN B 56 1.18 -78.82 -36.87
N PHE B 57 1.33 -79.07 -35.57
CA PHE B 57 2.48 -79.80 -35.05
C PHE B 57 2.44 -81.25 -35.50
N SER B 58 1.25 -81.83 -35.59
CA SER B 58 1.13 -83.18 -36.13
C SER B 58 1.44 -83.18 -37.63
N ARG B 59 1.11 -82.09 -38.32
CA ARG B 59 1.58 -81.86 -39.67
C ARG B 59 3.08 -81.56 -39.73
N GLY B 60 3.70 -81.27 -38.58
CA GLY B 60 5.14 -81.08 -38.55
C GLY B 60 5.65 -79.78 -39.11
N VAL B 61 4.83 -78.72 -39.10
CA VAL B 61 5.26 -77.44 -39.63
C VAL B 61 6.47 -76.94 -38.86
N TYR B 62 7.51 -76.53 -39.60
CA TYR B 62 8.78 -76.20 -38.98
C TYR B 62 8.82 -74.77 -38.45
N ALA B 63 7.87 -73.93 -38.85
CA ALA B 63 7.71 -72.61 -38.27
C ALA B 63 6.24 -72.23 -38.36
N ILE B 64 5.80 -71.32 -37.49
CA ILE B 64 4.42 -70.88 -37.47
C ILE B 64 4.40 -69.36 -37.38
N PHE B 65 3.49 -68.75 -38.15
CA PHE B 65 3.05 -67.38 -37.93
C PHE B 65 1.67 -67.39 -37.27
N GLY B 66 1.48 -66.51 -36.29
CA GLY B 66 0.18 -66.42 -35.68
C GLY B 66 0.03 -65.22 -34.78
N PHE B 67 -1.00 -65.28 -33.94
CA PHE B 67 -1.40 -64.17 -33.07
C PHE B 67 -1.83 -64.73 -31.73
N TYR B 68 -1.85 -63.86 -30.72
CA TYR B 68 -2.28 -64.27 -29.40
C TYR B 68 -2.76 -63.06 -28.61
N ASP B 69 -3.26 -63.35 -27.40
CA ASP B 69 -3.84 -62.38 -26.49
C ASP B 69 -3.40 -62.78 -25.09
N LYS B 70 -3.46 -61.83 -24.14
CA LYS B 70 -2.90 -62.10 -22.82
C LYS B 70 -3.52 -63.34 -22.19
N LYS B 71 -4.76 -63.65 -22.55
CA LYS B 71 -5.36 -64.91 -22.13
C LYS B 71 -4.65 -66.08 -22.79
N SER B 72 -4.52 -66.03 -24.11
CA SER B 72 -3.94 -67.14 -24.87
C SER B 72 -2.42 -67.15 -24.85
N VAL B 73 -1.78 -66.00 -24.59
CA VAL B 73 -0.35 -65.87 -24.84
C VAL B 73 0.46 -66.91 -24.07
N ASN B 74 0.15 -67.12 -22.80
CA ASN B 74 0.92 -68.07 -22.00
C ASN B 74 0.85 -69.48 -22.56
N THR B 75 -0.28 -69.86 -23.18
CA THR B 75 -0.38 -71.18 -23.80
C THR B 75 0.65 -71.35 -24.90
N ILE B 76 0.78 -70.33 -25.77
CA ILE B 76 1.79 -70.35 -26.82
C ILE B 76 3.18 -70.37 -26.22
N THR B 77 3.47 -69.39 -25.36
CA THR B 77 4.85 -69.25 -24.89
C THR B 77 5.32 -70.49 -24.14
N SER B 78 4.44 -71.15 -23.39
CA SER B 78 4.81 -72.40 -22.73
C SER B 78 4.96 -73.54 -23.74
N PHE B 79 4.05 -73.63 -24.71
CA PHE B 79 4.15 -74.69 -25.69
C PHE B 79 5.45 -74.60 -26.45
N CYS B 80 5.71 -73.46 -27.07
CA CYS B 80 6.96 -73.30 -27.80
C CYS B 80 8.18 -73.35 -26.88
N GLY B 81 8.07 -72.84 -25.66
CA GLY B 81 9.11 -72.97 -24.65
C GLY B 81 9.49 -74.38 -24.29
N THR B 82 8.60 -75.34 -24.50
CA THR B 82 8.98 -76.74 -24.35
C THR B 82 9.32 -77.43 -25.67
N LEU B 83 8.47 -77.29 -26.68
CA LEU B 83 8.52 -78.18 -27.83
C LEU B 83 9.53 -77.75 -28.88
N HIS B 84 10.23 -76.63 -28.67
CA HIS B 84 11.30 -76.15 -29.54
C HIS B 84 10.80 -75.70 -30.90
N VAL B 85 9.50 -75.88 -31.17
CA VAL B 85 8.88 -75.19 -32.29
C VAL B 85 8.88 -73.70 -32.01
N SER B 86 9.12 -72.90 -33.05
CA SER B 86 9.17 -71.46 -32.90
C SER B 86 7.82 -70.82 -33.21
N PHE B 87 7.64 -69.60 -32.73
CA PHE B 87 6.44 -68.81 -32.97
C PHE B 87 6.84 -67.36 -33.23
N ILE B 88 6.24 -66.76 -34.24
CA ILE B 88 6.49 -65.36 -34.57
C ILE B 88 5.18 -64.59 -34.46
N THR B 89 5.27 -63.36 -33.96
CA THR B 89 4.07 -62.66 -33.51
C THR B 89 4.15 -61.16 -33.81
N PRO B 90 3.08 -60.58 -34.36
CA PRO B 90 2.97 -59.12 -34.40
C PRO B 90 2.34 -58.54 -33.14
N SER B 91 1.87 -59.37 -32.22
CA SER B 91 1.22 -58.90 -31.01
C SER B 91 2.17 -58.18 -30.07
N PHE B 92 1.66 -57.74 -28.92
CA PHE B 92 2.46 -57.01 -27.97
C PHE B 92 3.62 -57.86 -27.45
N PRO B 93 4.75 -57.24 -27.15
CA PRO B 93 5.82 -57.98 -26.46
C PRO B 93 5.50 -58.18 -24.99
N THR B 94 5.63 -59.42 -24.52
CA THR B 94 5.54 -59.69 -23.10
C THR B 94 6.89 -59.44 -22.43
N ASP B 95 6.96 -59.70 -21.13
CA ASP B 95 8.24 -59.82 -20.45
C ASP B 95 8.94 -61.12 -20.77
N GLY B 96 8.31 -62.00 -21.54
CA GLY B 96 8.82 -63.32 -21.79
C GLY B 96 10.10 -63.35 -22.60
N THR B 97 11.19 -63.72 -21.95
CA THR B 97 12.45 -64.01 -22.62
C THR B 97 12.56 -65.48 -23.02
N HIS B 98 11.42 -66.13 -23.28
CA HIS B 98 11.44 -67.51 -23.73
C HIS B 98 12.25 -67.63 -25.02
N PRO B 99 12.99 -68.73 -25.19
CA PRO B 99 13.46 -69.08 -26.52
C PRO B 99 12.30 -69.30 -27.48
N PHE B 100 12.63 -69.38 -28.76
CA PHE B 100 11.73 -69.80 -29.83
C PHE B 100 10.62 -68.81 -30.13
N VAL B 101 10.56 -67.65 -29.46
CA VAL B 101 9.52 -66.66 -29.76
C VAL B 101 10.19 -65.44 -30.39
N ILE B 102 9.69 -65.06 -31.56
CA ILE B 102 10.15 -63.89 -32.29
C ILE B 102 9.13 -62.76 -32.15
N GLN B 103 9.22 -61.97 -31.08
CA GLN B 103 8.21 -60.94 -30.84
C GLN B 103 8.56 -59.70 -31.66
N MET B 104 7.92 -59.61 -32.83
CA MET B 104 8.27 -58.59 -33.82
C MET B 104 8.03 -57.18 -33.29
N ARG B 105 6.82 -56.91 -32.79
CA ARG B 105 6.35 -55.55 -32.53
C ARG B 105 7.29 -54.82 -31.59
N PRO B 106 8.02 -53.82 -32.10
CA PRO B 106 9.15 -53.25 -31.34
C PRO B 106 8.71 -52.58 -30.05
N ASP B 107 9.63 -52.59 -29.07
CA ASP B 107 9.36 -52.09 -27.73
C ASP B 107 8.90 -50.63 -27.78
N LEU B 108 7.68 -50.38 -27.29
CA LEU B 108 7.08 -49.06 -27.31
C LEU B 108 7.34 -48.28 -26.02
N LYS B 109 7.75 -48.95 -24.94
CA LYS B 109 7.81 -48.33 -23.62
C LYS B 109 8.88 -47.24 -23.56
N GLY B 110 10.09 -47.53 -24.04
CA GLY B 110 11.16 -46.56 -23.97
C GLY B 110 10.88 -45.28 -24.73
N ALA B 111 10.34 -45.38 -25.93
CA ALA B 111 9.97 -44.18 -26.68
C ALA B 111 8.87 -43.42 -25.96
N LEU B 112 7.88 -44.13 -25.42
CA LEU B 112 6.80 -43.46 -24.70
C LEU B 112 7.37 -42.64 -23.55
N LEU B 113 8.17 -43.28 -22.70
CA LEU B 113 8.77 -42.57 -21.57
C LEU B 113 9.62 -41.39 -22.04
N SER B 114 10.40 -41.58 -23.11
CA SER B 114 11.26 -40.50 -23.58
C SER B 114 10.46 -39.32 -24.14
N LEU B 115 9.26 -39.58 -24.65
CA LEU B 115 8.38 -38.49 -25.05
C LEU B 115 7.77 -37.80 -23.83
N ILE B 116 7.40 -38.58 -22.82
CA ILE B 116 6.90 -37.98 -21.58
C ILE B 116 7.95 -37.07 -20.98
N GLU B 117 9.22 -37.51 -21.03
CA GLU B 117 10.34 -36.65 -20.69
C GLU B 117 10.39 -35.42 -21.59
N TYR B 118 10.19 -35.60 -22.89
CA TYR B 118 10.30 -34.47 -23.80
C TYR B 118 9.21 -33.44 -23.55
N TYR B 119 7.97 -33.88 -23.33
CA TYR B 119 6.95 -32.95 -22.86
C TYR B 119 7.14 -32.54 -21.40
N GLN B 120 8.07 -33.18 -20.68
CA GLN B 120 8.36 -32.83 -19.30
C GLN B 120 7.10 -32.88 -18.43
N TRP B 121 6.28 -33.90 -18.65
CA TRP B 121 5.00 -33.99 -17.96
C TRP B 121 5.20 -34.39 -16.50
N ASP B 122 4.23 -34.01 -15.67
CA ASP B 122 4.34 -34.21 -14.24
C ASP B 122 3.10 -34.90 -13.67
N LYS B 123 1.93 -34.57 -14.19
CA LYS B 123 0.68 -35.06 -13.62
C LYS B 123 -0.33 -35.23 -14.74
N PHE B 124 -0.72 -36.47 -15.01
CA PHE B 124 -1.67 -36.77 -16.07
C PHE B 124 -2.42 -38.05 -15.75
N ALA B 125 -3.63 -38.16 -16.29
CA ALA B 125 -4.36 -39.41 -16.30
C ALA B 125 -3.81 -40.33 -17.38
N TYR B 126 -3.90 -41.63 -17.14
CA TYR B 126 -3.48 -42.62 -18.11
C TYR B 126 -4.55 -43.69 -18.22
N LEU B 127 -4.93 -44.04 -19.45
CA LEU B 127 -5.93 -45.07 -19.68
C LEU B 127 -5.30 -46.26 -20.39
N TYR B 128 -5.74 -47.46 -20.02
CA TYR B 128 -5.14 -48.68 -20.56
C TYR B 128 -6.24 -49.69 -20.86
N ASP B 129 -6.06 -50.44 -21.93
CA ASP B 129 -6.77 -51.70 -22.12
C ASP B 129 -5.98 -52.79 -21.41
N SER B 130 -6.64 -53.52 -20.50
CA SER B 130 -5.95 -54.58 -19.78
C SER B 130 -5.40 -55.62 -20.75
N ASP B 131 -6.15 -55.92 -21.81
CA ASP B 131 -5.93 -57.17 -22.52
C ASP B 131 -4.80 -57.11 -23.53
N ARG B 132 -4.14 -55.96 -23.72
CA ARG B 132 -2.85 -55.95 -24.40
C ARG B 132 -1.70 -56.30 -23.46
N GLY B 133 -1.96 -56.58 -22.20
CA GLY B 133 -0.88 -56.82 -21.27
C GLY B 133 -0.34 -55.56 -20.61
N LEU B 134 -0.28 -55.58 -19.28
CA LEU B 134 0.03 -54.39 -18.48
C LEU B 134 1.53 -54.12 -18.42
N SER B 135 2.30 -54.77 -19.29
CA SER B 135 3.75 -54.61 -19.32
C SER B 135 4.18 -53.16 -19.50
N THR B 136 3.37 -52.35 -20.19
CA THR B 136 3.60 -50.92 -20.23
C THR B 136 3.26 -50.24 -18.90
N LEU B 137 2.16 -50.66 -18.28
CA LEU B 137 1.74 -50.11 -16.99
C LEU B 137 2.72 -50.43 -15.86
N GLN B 138 3.68 -51.33 -16.08
CA GLN B 138 4.87 -51.34 -15.25
C GLN B 138 5.58 -50.00 -15.40
N ALA B 139 6.22 -49.81 -16.57
CA ALA B 139 7.24 -48.79 -16.70
C ALA B 139 6.67 -47.39 -16.63
N VAL B 140 5.39 -47.21 -16.95
CA VAL B 140 4.79 -45.89 -16.73
C VAL B 140 4.41 -45.63 -15.27
N LEU B 141 4.22 -46.67 -14.46
CA LEU B 141 4.02 -46.46 -13.02
C LEU B 141 5.32 -46.46 -12.23
N ASP B 142 6.24 -47.38 -12.54
CA ASP B 142 7.55 -47.39 -11.89
C ASP B 142 8.22 -46.02 -11.95
N SER B 143 8.22 -45.39 -13.13
CA SER B 143 8.80 -44.06 -13.27
C SER B 143 8.09 -42.98 -12.47
N ALA B 144 6.88 -43.24 -11.95
CA ALA B 144 6.28 -42.30 -11.01
C ALA B 144 7.07 -42.19 -9.72
N ALA B 145 7.94 -43.16 -9.44
CA ALA B 145 9.05 -42.96 -8.52
C ALA B 145 10.14 -42.13 -9.17
N GLU B 146 10.99 -42.76 -9.97
CA GLU B 146 12.26 -42.17 -10.37
C GLU B 146 12.07 -40.87 -11.14
N LYS B 147 10.95 -40.73 -11.86
CA LYS B 147 10.62 -39.49 -12.54
C LYS B 147 9.55 -38.69 -11.83
N LYS B 148 9.14 -39.12 -10.64
CA LYS B 148 8.22 -38.39 -9.75
C LYS B 148 6.94 -37.92 -10.46
N TRP B 149 6.44 -38.73 -11.40
CA TRP B 149 5.18 -38.41 -12.05
C TRP B 149 4.01 -38.71 -11.11
N GLN B 150 2.82 -38.24 -11.49
CA GLN B 150 1.63 -38.22 -10.63
C GLN B 150 0.47 -38.93 -11.34
N VAL B 151 0.74 -40.14 -11.83
CA VAL B 151 -0.24 -40.89 -12.62
C VAL B 151 -1.55 -41.12 -11.86
N THR B 152 -2.64 -41.22 -12.61
CA THR B 152 -3.95 -41.57 -12.09
C THR B 152 -4.59 -42.59 -13.05
N ALA B 153 -3.96 -43.75 -13.18
CA ALA B 153 -4.33 -44.70 -14.23
C ALA B 153 -5.74 -45.24 -14.01
N ILE B 154 -6.49 -45.37 -15.11
CA ILE B 154 -7.83 -45.96 -15.10
C ILE B 154 -7.94 -46.96 -16.23
N ASN B 155 -8.47 -48.14 -15.94
CA ASN B 155 -8.76 -49.14 -16.96
C ASN B 155 -9.93 -48.70 -17.83
N VAL B 156 -9.82 -48.98 -19.14
CA VAL B 156 -10.89 -48.70 -20.08
C VAL B 156 -11.20 -49.88 -20.99
N GLY B 157 -10.42 -50.96 -20.92
CA GLY B 157 -10.65 -52.09 -21.81
C GLY B 157 -11.91 -52.87 -21.50
N ASN B 158 -12.23 -53.04 -20.23
CA ASN B 158 -13.24 -54.00 -19.79
C ASN B 158 -14.65 -53.41 -19.73
N ILE B 159 -14.82 -52.15 -20.06
CA ILE B 159 -16.15 -51.54 -20.05
C ILE B 159 -17.00 -52.18 -21.15
N ASN B 160 -18.17 -52.69 -20.77
CA ASN B 160 -19.03 -53.41 -21.69
C ASN B 160 -19.67 -52.48 -22.72
N ASN B 161 -19.96 -53.05 -23.89
CA ASN B 161 -20.49 -52.25 -25.01
C ASN B 161 -21.93 -51.81 -24.79
N ASP B 162 -22.68 -52.49 -23.91
CA ASP B 162 -24.11 -52.19 -23.76
C ASP B 162 -24.35 -50.77 -23.26
N LYS B 163 -23.40 -50.21 -22.53
CA LYS B 163 -23.55 -48.89 -21.91
C LYS B 163 -22.34 -48.01 -22.19
N LYS B 164 -21.74 -48.15 -23.37
CA LYS B 164 -20.49 -47.45 -23.64
C LYS B 164 -20.74 -46.00 -24.08
N ASP B 165 -21.64 -45.31 -23.38
CA ASP B 165 -21.78 -43.86 -23.49
C ASP B 165 -21.73 -43.22 -22.11
N GLU B 166 -22.58 -43.73 -21.21
CA GLU B 166 -22.66 -43.25 -19.85
C GLU B 166 -21.42 -43.58 -19.02
N THR B 167 -20.79 -44.72 -19.31
CA THR B 167 -19.53 -45.06 -18.68
C THR B 167 -18.43 -44.05 -19.00
N TYR B 168 -18.22 -43.75 -20.29
CA TYR B 168 -17.14 -42.83 -20.65
C TYR B 168 -17.44 -41.39 -20.21
N ARG B 169 -18.72 -41.00 -20.20
CA ARG B 169 -19.11 -39.75 -19.54
C ARG B 169 -18.71 -39.74 -18.07
N SER B 170 -19.16 -40.73 -17.30
CA SER B 170 -18.82 -40.78 -15.88
C SER B 170 -17.31 -40.77 -15.67
N LEU B 171 -16.59 -41.54 -16.49
CA LEU B 171 -15.13 -41.59 -16.45
C LEU B 171 -14.51 -40.21 -16.59
N PHE B 172 -14.78 -39.50 -17.69
CA PHE B 172 -14.15 -38.19 -17.83
C PHE B 172 -14.69 -37.17 -16.83
N GLN B 173 -15.96 -37.25 -16.45
CA GLN B 173 -16.51 -36.39 -15.41
C GLN B 173 -15.85 -36.61 -14.06
N ASP B 174 -15.26 -37.78 -13.84
CA ASP B 174 -14.37 -37.98 -12.70
C ASP B 174 -12.95 -37.55 -12.98
N LEU B 175 -12.53 -37.59 -14.24
CA LEU B 175 -11.26 -36.97 -14.61
C LEU B 175 -11.31 -35.46 -14.43
N GLU B 176 -12.50 -34.87 -14.37
CA GLU B 176 -12.66 -33.46 -14.04
C GLU B 176 -12.29 -33.13 -12.60
N LEU B 177 -12.11 -34.15 -11.74
CA LEU B 177 -11.69 -33.89 -10.37
C LEU B 177 -10.35 -33.17 -10.33
N LYS B 178 -9.37 -33.70 -11.04
CA LYS B 178 -8.09 -33.00 -11.22
C LYS B 178 -8.12 -31.99 -12.35
N LYS B 179 -9.29 -31.75 -12.96
CA LYS B 179 -9.41 -30.87 -14.11
C LYS B 179 -8.37 -31.21 -15.17
N GLU B 180 -8.22 -32.51 -15.44
CA GLU B 180 -7.07 -33.02 -16.17
C GLU B 180 -7.07 -32.54 -17.61
N ARG B 181 -5.88 -32.21 -18.11
CA ARG B 181 -5.71 -31.79 -19.50
C ARG B 181 -4.60 -32.52 -20.22
N ARG B 182 -3.74 -33.25 -19.52
CA ARG B 182 -2.76 -34.13 -20.14
C ARG B 182 -3.26 -35.56 -19.98
N VAL B 183 -3.24 -36.33 -21.08
CA VAL B 183 -3.84 -37.66 -21.09
C VAL B 183 -3.01 -38.53 -22.03
N ILE B 184 -3.01 -39.83 -21.74
CA ILE B 184 -2.50 -40.85 -22.66
C ILE B 184 -3.56 -41.93 -22.78
N LEU B 185 -3.79 -42.40 -24.00
CA LEU B 185 -4.61 -43.57 -24.25
C LEU B 185 -3.72 -44.72 -24.68
N ASP B 186 -3.87 -45.87 -24.04
CA ASP B 186 -2.98 -47.01 -24.25
C ASP B 186 -3.87 -48.20 -24.60
N CYS B 187 -4.25 -48.29 -25.87
CA CYS B 187 -5.21 -49.30 -26.31
C CYS B 187 -5.12 -49.41 -27.82
N GLU B 188 -5.58 -50.54 -28.34
CA GLU B 188 -5.56 -50.76 -29.78
C GLU B 188 -6.64 -49.92 -30.46
N ARG B 189 -6.42 -49.65 -31.74
CA ARG B 189 -7.18 -48.60 -32.44
C ARG B 189 -8.68 -48.87 -32.45
N ASP B 190 -9.11 -50.12 -32.30
CA ASP B 190 -10.54 -50.42 -32.25
C ASP B 190 -11.19 -49.90 -30.98
N LYS B 191 -10.42 -49.72 -29.91
CA LYS B 191 -10.85 -48.90 -28.78
C LYS B 191 -10.67 -47.41 -29.03
N VAL B 192 -9.54 -47.03 -29.63
CA VAL B 192 -9.23 -45.61 -29.84
C VAL B 192 -10.35 -44.90 -30.59
N ASN B 193 -10.81 -45.48 -31.70
CA ASN B 193 -11.86 -44.82 -32.49
C ASN B 193 -13.09 -44.51 -31.64
N ASP B 194 -13.52 -45.46 -30.83
CA ASP B 194 -14.68 -45.27 -29.96
C ASP B 194 -14.43 -44.20 -28.91
N ILE B 195 -13.33 -44.30 -28.18
CA ILE B 195 -13.13 -43.34 -27.09
C ILE B 195 -12.84 -41.94 -27.63
N VAL B 196 -12.21 -41.82 -28.79
CA VAL B 196 -12.00 -40.51 -29.41
C VAL B 196 -13.32 -39.90 -29.87
N ASP B 197 -14.17 -40.71 -30.51
CA ASP B 197 -15.51 -40.26 -30.85
C ASP B 197 -16.29 -39.80 -29.63
N GLN B 198 -16.18 -40.52 -28.51
CA GLN B 198 -16.87 -40.05 -27.31
C GLN B 198 -16.25 -38.76 -26.80
N VAL B 199 -14.93 -38.63 -26.85
CA VAL B 199 -14.27 -37.39 -26.45
C VAL B 199 -14.82 -36.21 -27.24
N ILE B 200 -14.88 -36.34 -28.56
CA ILE B 200 -15.36 -35.22 -29.37
C ILE B 200 -16.84 -34.99 -29.10
N THR B 201 -17.60 -36.05 -28.84
CA THR B 201 -19.02 -35.87 -28.57
C THR B 201 -19.24 -35.19 -27.22
N ILE B 202 -18.42 -35.51 -26.21
CA ILE B 202 -18.49 -34.81 -24.94
C ILE B 202 -17.74 -33.48 -24.95
N GLY B 203 -17.12 -33.13 -26.07
CA GLY B 203 -16.60 -31.79 -26.29
C GLY B 203 -15.28 -31.46 -25.66
N LYS B 204 -14.61 -32.41 -25.01
CA LYS B 204 -13.37 -32.12 -24.29
C LYS B 204 -12.16 -32.34 -25.19
N HIS B 205 -12.13 -31.59 -26.29
CA HIS B 205 -10.98 -31.60 -27.18
C HIS B 205 -10.63 -30.19 -27.67
N VAL B 206 -11.05 -29.15 -26.94
CA VAL B 206 -10.50 -27.82 -27.14
C VAL B 206 -9.01 -27.84 -26.83
N LYS B 207 -8.31 -26.81 -27.32
CA LYS B 207 -6.89 -26.67 -27.01
C LYS B 207 -6.68 -26.67 -25.51
N GLY B 208 -5.61 -27.34 -25.08
CA GLY B 208 -5.37 -27.61 -23.68
C GLY B 208 -5.34 -29.09 -23.36
N TYR B 209 -6.28 -29.86 -23.91
CA TYR B 209 -6.14 -31.31 -23.86
C TYR B 209 -5.03 -31.74 -24.81
N HIS B 210 -4.27 -32.75 -24.39
CA HIS B 210 -3.03 -33.08 -25.08
C HIS B 210 -2.90 -34.60 -25.24
N TYR B 211 -3.90 -35.22 -25.88
CA TYR B 211 -3.95 -36.68 -25.94
C TYR B 211 -2.72 -37.25 -26.66
N ILE B 212 -2.03 -38.17 -25.98
CA ILE B 212 -0.99 -38.98 -26.60
C ILE B 212 -1.56 -40.35 -26.91
N ILE B 213 -1.32 -40.84 -28.12
CA ILE B 213 -1.72 -42.18 -28.53
C ILE B 213 -0.48 -43.06 -28.49
N ALA B 214 -0.46 -44.02 -27.56
CA ALA B 214 0.70 -44.88 -27.37
C ALA B 214 0.49 -46.22 -28.08
N ASN B 215 0.41 -46.16 -29.40
CA ASN B 215 0.48 -47.36 -30.22
C ASN B 215 1.16 -47.02 -31.54
N LEU B 216 1.61 -48.06 -32.24
CA LEU B 216 2.32 -47.89 -33.50
C LEU B 216 1.38 -47.58 -34.66
N GLY B 217 0.10 -47.32 -34.39
CA GLY B 217 -0.88 -47.13 -35.42
C GLY B 217 -1.45 -45.73 -35.42
N PHE B 218 -0.56 -44.73 -35.25
CA PHE B 218 -0.99 -43.36 -34.97
C PHE B 218 -1.88 -42.82 -36.08
N THR B 219 -1.44 -42.91 -37.33
CA THR B 219 -2.25 -42.45 -38.45
C THR B 219 -3.35 -43.44 -38.81
N ASP B 220 -3.28 -44.68 -38.32
CA ASP B 220 -4.32 -45.65 -38.61
C ASP B 220 -5.63 -45.33 -37.93
N GLY B 221 -5.60 -44.59 -36.82
CA GLY B 221 -6.83 -44.15 -36.20
C GLY B 221 -7.58 -43.14 -37.04
N ASP B 222 -8.85 -42.96 -36.72
CA ASP B 222 -9.65 -41.94 -37.39
C ASP B 222 -9.24 -40.58 -36.83
N LEU B 223 -7.95 -40.25 -37.00
CA LEU B 223 -7.33 -39.16 -36.27
C LEU B 223 -7.81 -37.80 -36.75
N LEU B 224 -8.21 -37.69 -38.01
CA LEU B 224 -8.42 -36.37 -38.61
C LEU B 224 -9.76 -35.76 -38.24
N LYS B 225 -10.13 -35.81 -36.97
CA LYS B 225 -11.33 -35.10 -36.51
C LYS B 225 -11.01 -34.29 -35.25
N ILE B 226 -10.18 -34.84 -34.37
CA ILE B 226 -9.58 -34.05 -33.31
C ILE B 226 -8.52 -33.09 -33.85
N GLN B 227 -8.00 -33.38 -35.04
CA GLN B 227 -7.09 -32.51 -35.78
C GLN B 227 -7.42 -31.03 -35.69
N PHE B 228 -8.70 -30.68 -35.78
CA PHE B 228 -9.11 -29.29 -35.88
C PHE B 228 -9.53 -28.67 -34.56
N GLY B 229 -9.61 -29.46 -33.48
CA GLY B 229 -10.06 -28.94 -32.21
C GLY B 229 -9.04 -28.11 -31.47
N GLY B 230 -7.82 -28.02 -31.97
CA GLY B 230 -6.74 -27.34 -31.28
C GLY B 230 -6.13 -28.08 -30.12
N ALA B 231 -6.75 -29.17 -29.66
CA ALA B 231 -6.09 -30.06 -28.73
C ALA B 231 -4.89 -30.71 -29.41
N GLU B 232 -3.70 -30.45 -28.87
CA GLU B 232 -2.50 -31.07 -29.41
C GLU B 232 -2.60 -32.59 -29.30
N VAL B 233 -2.10 -33.28 -30.33
CA VAL B 233 -2.15 -34.73 -30.40
C VAL B 233 -0.79 -35.21 -30.91
N SER B 234 -0.34 -36.33 -30.36
CA SER B 234 0.95 -36.89 -30.76
C SER B 234 0.96 -38.37 -30.44
N GLY B 235 1.92 -39.07 -31.04
CA GLY B 235 2.02 -40.50 -30.90
C GLY B 235 3.28 -41.05 -31.51
N PHE B 236 3.23 -42.33 -31.90
CA PHE B 236 4.42 -43.07 -32.33
C PHE B 236 4.04 -43.90 -33.54
N GLN B 237 4.95 -43.97 -34.51
CA GLN B 237 4.67 -44.68 -35.74
C GLN B 237 5.92 -45.39 -36.23
N ILE B 238 5.77 -46.69 -36.51
CA ILE B 238 6.83 -47.47 -37.11
C ILE B 238 6.74 -47.48 -38.63
N VAL B 239 5.55 -47.25 -39.17
CA VAL B 239 5.37 -47.18 -40.62
C VAL B 239 5.88 -45.84 -41.13
N ASP B 240 6.55 -45.86 -42.29
CA ASP B 240 7.05 -44.64 -42.93
C ASP B 240 6.75 -44.75 -44.42
N TYR B 241 5.71 -44.03 -44.87
CA TYR B 241 5.33 -44.03 -46.27
C TYR B 241 6.35 -43.36 -47.17
N ASP B 242 7.33 -42.65 -46.61
CA ASP B 242 8.31 -41.93 -47.42
C ASP B 242 9.43 -42.82 -47.95
N ASP B 243 9.59 -44.02 -47.38
CA ASP B 243 10.76 -44.85 -47.64
C ASP B 243 10.53 -45.75 -48.84
N SER B 244 11.21 -45.44 -49.95
CA SER B 244 11.54 -46.38 -51.02
C SER B 244 10.51 -47.47 -51.31
N LEU B 245 10.93 -48.72 -51.08
CA LEU B 245 10.05 -49.86 -51.32
C LEU B 245 8.84 -49.89 -50.41
N VAL B 246 8.91 -49.29 -49.22
CA VAL B 246 7.71 -49.13 -48.41
C VAL B 246 6.69 -48.29 -49.16
N SER B 247 7.13 -47.15 -49.71
CA SER B 247 6.26 -46.28 -50.49
C SER B 247 5.70 -47.01 -51.71
N LYS B 248 6.56 -47.66 -52.49
CA LYS B 248 6.10 -48.36 -53.68
C LYS B 248 5.17 -49.52 -53.35
N PHE B 249 5.40 -50.21 -52.23
CA PHE B 249 4.46 -51.25 -51.78
C PHE B 249 3.11 -50.66 -51.41
N ILE B 250 3.11 -49.56 -50.63
CA ILE B 250 1.85 -48.97 -50.22
C ILE B 250 1.09 -48.43 -51.41
N GLU B 251 1.80 -47.93 -52.43
CA GLU B 251 1.16 -47.67 -53.71
C GLU B 251 0.56 -48.95 -54.27
N ARG B 252 1.40 -49.97 -54.45
CA ARG B 252 0.96 -51.27 -54.98
C ARG B 252 -0.20 -51.83 -54.16
N TRP B 253 0.00 -51.91 -52.83
CA TRP B 253 -1.05 -52.34 -51.91
C TRP B 253 -2.38 -51.68 -52.23
N SER B 254 -2.38 -50.36 -52.34
CA SER B 254 -3.61 -49.61 -52.63
C SER B 254 -4.25 -50.02 -53.94
N THR B 255 -3.50 -50.62 -54.86
CA THR B 255 -4.05 -51.09 -56.13
C THR B 255 -4.49 -52.54 -56.11
N LEU B 256 -4.12 -53.30 -55.08
CA LEU B 256 -4.44 -54.71 -55.05
C LEU B 256 -5.95 -54.93 -54.93
N GLU B 257 -6.40 -56.09 -55.38
CA GLU B 257 -7.81 -56.34 -55.62
C GLU B 257 -8.62 -56.25 -54.33
N GLU B 258 -9.69 -55.45 -54.39
CA GLU B 258 -10.46 -55.14 -53.18
C GLU B 258 -11.21 -56.34 -52.63
N LYS B 259 -11.77 -57.19 -53.51
CA LYS B 259 -12.53 -58.34 -53.05
C LYS B 259 -11.68 -59.59 -52.88
N GLU B 260 -10.50 -59.64 -53.49
CA GLU B 260 -9.54 -60.69 -53.15
C GLU B 260 -9.00 -60.47 -51.74
N TYR B 261 -8.80 -59.22 -51.37
CA TYR B 261 -8.19 -58.84 -50.09
C TYR B 261 -9.05 -57.73 -49.48
N PRO B 262 -10.14 -58.09 -48.79
CA PRO B 262 -11.07 -57.06 -48.29
C PRO B 262 -10.37 -56.07 -47.37
N GLY B 263 -10.64 -54.79 -47.59
CA GLY B 263 -10.01 -53.72 -46.82
C GLY B 263 -8.55 -53.45 -47.15
N ALA B 264 -8.01 -54.07 -48.19
CA ALA B 264 -6.63 -53.82 -48.59
C ALA B 264 -6.48 -52.70 -49.62
N HIS B 265 -7.55 -52.34 -50.31
CA HIS B 265 -7.46 -51.39 -51.42
C HIS B 265 -7.43 -49.95 -50.89
N THR B 266 -6.53 -49.67 -49.94
CA THR B 266 -6.50 -48.39 -49.25
C THR B 266 -5.06 -47.89 -49.18
N ALA B 267 -4.91 -46.57 -49.18
CA ALA B 267 -3.60 -45.93 -49.16
C ALA B 267 -2.97 -45.89 -47.77
N THR B 268 -3.70 -46.29 -46.74
CA THR B 268 -3.16 -46.38 -45.39
C THR B 268 -3.36 -47.79 -44.87
N ILE B 269 -2.41 -48.26 -44.06
CA ILE B 269 -2.33 -49.66 -43.68
C ILE B 269 -2.10 -49.76 -42.17
N LYS B 270 -2.67 -50.80 -41.57
CA LYS B 270 -2.46 -51.09 -40.16
C LYS B 270 -1.08 -51.71 -39.95
N TYR B 271 -0.33 -51.15 -39.00
CA TYR B 271 1.06 -51.57 -38.83
C TYR B 271 1.19 -53.06 -38.53
N THR B 272 0.17 -53.66 -37.91
CA THR B 272 0.17 -55.11 -37.75
C THR B 272 0.27 -55.82 -39.09
N SER B 273 -0.42 -55.32 -40.11
CA SER B 273 -0.29 -55.86 -41.47
C SER B 273 1.14 -55.72 -41.98
N ALA B 274 1.73 -54.53 -41.79
CA ALA B 274 3.09 -54.29 -42.27
C ALA B 274 4.08 -55.22 -41.59
N LEU B 275 3.94 -55.39 -40.27
CA LEU B 275 4.78 -56.34 -39.54
C LEU B 275 4.52 -57.77 -40.00
N THR B 276 3.29 -58.10 -40.39
CA THR B 276 3.02 -59.44 -40.91
C THR B 276 3.74 -59.68 -42.23
N TYR B 277 3.70 -58.69 -43.12
CA TYR B 277 4.44 -58.76 -44.37
C TYR B 277 5.94 -58.88 -44.12
N ASP B 278 6.47 -58.04 -43.24
CA ASP B 278 7.87 -58.15 -42.84
C ASP B 278 8.16 -59.52 -42.21
N ALA B 279 7.21 -60.08 -41.46
CA ALA B 279 7.40 -61.39 -40.85
C ALA B 279 7.53 -62.48 -41.91
N VAL B 280 6.74 -62.37 -42.98
CA VAL B 280 6.89 -63.29 -44.11
C VAL B 280 8.26 -63.10 -44.75
N GLN B 281 8.69 -61.85 -44.90
CA GLN B 281 10.04 -61.59 -45.39
C GLN B 281 11.09 -62.22 -44.48
N VAL B 282 10.91 -62.12 -43.17
CA VAL B 282 11.85 -62.68 -42.21
C VAL B 282 11.92 -64.20 -42.37
N MET B 283 10.77 -64.86 -42.37
CA MET B 283 10.75 -66.31 -42.43
C MET B 283 11.34 -66.84 -43.74
N THR B 284 10.92 -66.27 -44.87
CA THR B 284 11.53 -66.65 -46.14
C THR B 284 13.02 -66.34 -46.20
N GLU B 285 13.44 -65.19 -45.68
CA GLU B 285 14.87 -64.86 -45.67
C GLU B 285 15.67 -65.80 -44.77
N ALA B 286 15.10 -66.16 -43.63
CA ALA B 286 15.69 -67.18 -42.76
C ALA B 286 15.89 -68.51 -43.47
N PHE B 287 14.86 -68.99 -44.17
CA PHE B 287 15.05 -70.23 -44.94
C PHE B 287 16.03 -70.05 -46.10
N ARG B 288 16.06 -68.87 -46.70
CA ARG B 288 17.12 -68.51 -47.64
C ARG B 288 18.49 -68.67 -47.02
N ASN B 289 18.64 -68.24 -45.77
CA ASN B 289 19.91 -68.44 -45.06
C ASN B 289 20.18 -69.91 -44.75
N LEU B 290 19.15 -70.68 -44.37
CA LEU B 290 19.35 -72.13 -44.24
C LEU B 290 19.90 -72.73 -45.53
N ARG B 291 19.34 -72.33 -46.66
CA ARG B 291 19.81 -72.83 -47.95
C ARG B 291 21.25 -72.40 -48.21
N LYS B 292 21.56 -71.11 -48.01
CA LYS B 292 22.94 -70.68 -48.11
C LYS B 292 23.85 -71.51 -47.22
N GLN B 293 23.39 -71.84 -46.02
CA GLN B 293 24.15 -72.55 -45.01
C GLN B 293 23.96 -74.06 -45.08
N ARG B 294 23.10 -74.54 -45.99
CA ARG B 294 22.86 -75.97 -46.19
C ARG B 294 22.33 -76.64 -44.92
N ILE B 295 21.41 -75.96 -44.23
CA ILE B 295 20.83 -76.47 -42.98
C ILE B 295 19.61 -77.31 -43.32
N GLU B 296 19.40 -78.38 -42.54
CA GLU B 296 18.33 -79.33 -42.78
C GLU B 296 17.11 -79.04 -41.92
N ILE B 297 15.97 -79.54 -42.38
CA ILE B 297 14.70 -79.47 -41.66
C ILE B 297 14.10 -80.87 -41.57
N SER B 298 14.98 -81.88 -41.51
CA SER B 298 14.63 -83.24 -41.91
C SER B 298 13.75 -83.97 -40.90
N ARG B 299 13.12 -83.24 -39.98
CA ARG B 299 12.10 -83.85 -39.14
C ARG B 299 10.92 -84.32 -40.00
N ARG B 300 10.43 -85.52 -39.71
CA ARG B 300 9.37 -86.12 -40.51
C ARG B 300 8.09 -85.29 -40.45
N GLY B 301 7.30 -85.36 -41.53
CA GLY B 301 6.05 -84.64 -41.58
C GLY B 301 4.97 -85.25 -40.70
N ASN B 302 4.98 -86.58 -40.55
CA ASN B 302 4.10 -87.25 -39.59
C ASN B 302 4.75 -87.18 -38.21
N ALA B 303 4.71 -85.97 -37.65
CA ALA B 303 5.62 -85.58 -36.57
C ALA B 303 5.13 -85.98 -35.18
N GLY B 304 4.82 -87.26 -34.97
CA GLY B 304 4.49 -87.73 -33.62
C GLY B 304 3.17 -87.19 -33.10
N ASP B 305 3.18 -86.81 -31.81
CA ASP B 305 1.99 -86.34 -31.12
C ASP B 305 2.36 -85.11 -30.30
N CYS B 306 1.46 -84.13 -30.26
CA CYS B 306 1.70 -82.93 -29.49
C CYS B 306 1.56 -83.18 -27.99
N LEU B 307 0.74 -84.17 -27.60
CA LEU B 307 0.47 -84.46 -26.20
C LEU B 307 1.32 -85.61 -25.66
N ALA B 308 2.50 -85.82 -26.24
CA ALA B 308 3.38 -86.89 -25.79
C ALA B 308 3.73 -86.73 -24.31
N ASN B 309 3.91 -87.85 -23.63
CA ASN B 309 4.19 -87.88 -22.20
C ASN B 309 5.46 -88.69 -21.96
N PRO B 310 6.57 -88.06 -21.57
CA PRO B 310 6.83 -86.61 -21.49
C PRO B 310 6.94 -85.96 -22.87
N ALA B 311 7.29 -84.68 -22.91
CA ALA B 311 7.45 -83.93 -24.15
C ALA B 311 8.46 -84.58 -25.10
N VAL B 312 8.32 -84.32 -26.39
CA VAL B 312 9.23 -84.88 -27.40
C VAL B 312 9.64 -83.77 -28.38
N PRO B 313 10.51 -82.84 -27.96
CA PRO B 313 11.02 -81.82 -28.90
C PRO B 313 11.96 -82.40 -29.95
N TRP B 314 12.49 -81.53 -30.81
CA TRP B 314 13.46 -81.94 -31.81
C TRP B 314 14.57 -80.90 -31.90
N GLY B 315 15.73 -81.34 -32.39
CA GLY B 315 16.95 -80.57 -32.29
C GLY B 315 17.14 -79.43 -33.27
N GLN B 316 16.96 -79.70 -34.56
CA GLN B 316 17.28 -78.71 -35.58
C GLN B 316 16.37 -77.48 -35.55
N GLY B 317 15.24 -77.56 -34.85
CA GLY B 317 14.46 -76.38 -34.54
C GLY B 317 15.24 -75.29 -33.82
N VAL B 318 16.32 -75.65 -33.13
CA VAL B 318 17.21 -74.65 -32.54
C VAL B 318 17.94 -73.87 -33.64
N GLU B 319 18.36 -74.56 -34.71
CA GLU B 319 18.96 -73.85 -35.84
C GLU B 319 17.92 -73.02 -36.60
N ILE B 320 16.66 -73.46 -36.63
CA ILE B 320 15.58 -72.59 -37.09
C ILE B 320 15.49 -71.36 -36.21
N GLU B 321 15.49 -71.57 -34.89
CA GLU B 321 15.42 -70.46 -33.94
C GLU B 321 16.58 -69.48 -34.14
N ARG B 322 17.80 -70.02 -34.28
CA ARG B 322 18.96 -69.20 -34.64
C ARG B 322 18.69 -68.39 -35.91
N ALA B 323 18.28 -69.05 -36.98
CA ALA B 323 18.10 -68.35 -38.26
C ALA B 323 17.06 -67.25 -38.14
N LEU B 324 15.97 -67.51 -37.41
CA LEU B 324 14.97 -66.48 -37.14
C LEU B 324 15.59 -65.30 -36.39
N LYS B 325 16.37 -65.59 -35.34
CA LYS B 325 16.94 -64.50 -34.55
C LYS B 325 18.10 -63.81 -35.25
N GLN B 326 18.71 -64.44 -36.26
CA GLN B 326 19.86 -63.88 -36.96
C GLN B 326 19.48 -63.06 -38.18
N VAL B 327 18.19 -62.88 -38.48
CA VAL B 327 17.79 -62.12 -39.65
C VAL B 327 18.23 -60.67 -39.53
N GLN B 328 18.81 -60.14 -40.62
CA GLN B 328 19.16 -58.72 -40.72
C GLN B 328 18.88 -58.27 -42.15
N VAL B 329 17.71 -57.66 -42.34
CA VAL B 329 17.24 -57.17 -43.64
C VAL B 329 16.44 -55.90 -43.41
N GLU B 330 16.09 -55.22 -44.50
CA GLU B 330 15.16 -54.10 -44.42
C GLU B 330 13.72 -54.59 -44.49
N GLY B 331 12.83 -53.78 -43.94
CA GLY B 331 11.40 -54.02 -44.05
C GLY B 331 10.55 -52.76 -43.99
N LEU B 332 9.23 -52.94 -43.95
CA LEU B 332 8.33 -51.81 -43.79
C LEU B 332 8.53 -51.13 -42.44
N SER B 333 9.07 -51.85 -41.47
CA SER B 333 9.33 -51.32 -40.13
C SER B 333 10.79 -50.90 -39.95
N GLY B 334 11.39 -50.33 -40.99
CA GLY B 334 12.80 -49.96 -40.95
C GLY B 334 13.69 -51.19 -41.02
N ASN B 335 14.90 -51.05 -40.50
CA ASN B 335 15.76 -52.20 -40.34
C ASN B 335 15.18 -53.13 -39.30
N ILE B 336 15.19 -54.42 -39.60
CA ILE B 336 14.58 -55.44 -38.74
C ILE B 336 15.67 -56.42 -38.31
N LYS B 337 15.82 -56.58 -37.00
CA LYS B 337 16.79 -57.48 -36.39
C LYS B 337 16.23 -57.95 -35.06
N PHE B 338 16.76 -59.06 -34.56
CA PHE B 338 16.34 -59.59 -33.28
C PHE B 338 17.55 -59.93 -32.42
N ASP B 339 17.35 -59.89 -31.11
CA ASP B 339 18.32 -60.37 -30.15
C ASP B 339 18.10 -61.86 -29.87
N GLN B 340 18.95 -62.44 -29.02
CA GLN B 340 18.80 -63.84 -28.64
C GLN B 340 17.55 -64.10 -27.82
N ASN B 341 16.95 -63.07 -27.23
CA ASN B 341 15.64 -63.21 -26.60
C ASN B 341 14.50 -63.14 -27.61
N GLY B 342 14.76 -62.60 -28.80
CA GLY B 342 13.72 -62.42 -29.79
C GLY B 342 13.02 -61.08 -29.76
N LYS B 343 13.55 -60.11 -29.02
CA LYS B 343 13.11 -58.74 -29.14
C LYS B 343 13.91 -58.04 -30.24
N ARG B 344 13.31 -57.03 -30.84
CA ARG B 344 13.97 -56.35 -31.95
C ARG B 344 15.00 -55.34 -31.46
N ILE B 345 16.04 -55.16 -32.27
CA ILE B 345 17.14 -54.26 -31.97
C ILE B 345 17.54 -53.54 -33.25
N ASN B 346 18.32 -52.48 -33.11
CA ASN B 346 18.81 -51.63 -34.19
C ASN B 346 17.69 -50.95 -34.97
N TYR B 347 16.46 -51.01 -34.47
CA TYR B 347 15.31 -50.44 -35.15
C TYR B 347 15.18 -48.95 -34.81
N THR B 348 14.08 -48.34 -35.26
CA THR B 348 13.83 -46.93 -35.04
C THR B 348 12.33 -46.71 -34.90
N ILE B 349 11.94 -45.77 -34.04
CA ILE B 349 10.56 -45.34 -33.90
C ILE B 349 10.49 -43.88 -34.29
N ASN B 350 9.55 -43.53 -35.17
CA ASN B 350 9.27 -42.15 -35.49
C ASN B 350 8.32 -41.54 -34.46
N ILE B 351 8.59 -40.30 -34.07
CA ILE B 351 7.71 -39.54 -33.20
C ILE B 351 6.85 -38.63 -34.06
N MET B 352 5.55 -38.62 -33.80
CA MET B 352 4.55 -38.04 -34.67
C MET B 352 3.77 -36.97 -33.92
N GLU B 353 3.34 -35.96 -34.65
CA GLU B 353 2.53 -34.88 -34.09
C GLU B 353 1.45 -34.55 -35.10
N LEU B 354 0.39 -33.90 -34.62
CA LEU B 354 -0.75 -33.56 -35.45
C LEU B 354 -0.95 -32.05 -35.49
N LYS B 355 -0.73 -31.46 -36.67
CA LYS B 355 -1.04 -30.07 -36.92
C LYS B 355 -2.43 -29.96 -37.54
N THR B 356 -2.96 -28.73 -37.54
CA THR B 356 -4.32 -28.52 -38.06
C THR B 356 -4.46 -29.02 -39.49
N ASN B 357 -3.38 -29.02 -40.26
CA ASN B 357 -3.44 -29.48 -41.64
C ASN B 357 -3.25 -30.98 -41.80
N GLY B 358 -2.73 -31.68 -40.79
CA GLY B 358 -2.56 -33.11 -40.89
C GLY B 358 -1.34 -33.63 -40.14
N PRO B 359 -1.17 -34.96 -40.15
CA PRO B 359 -0.10 -35.58 -39.38
C PRO B 359 1.26 -35.40 -40.03
N ARG B 360 2.28 -35.32 -39.19
CA ARG B 360 3.65 -35.14 -39.65
C ARG B 360 4.61 -35.82 -38.70
N LYS B 361 5.79 -36.15 -39.22
CA LYS B 361 6.93 -36.51 -38.38
C LYS B 361 7.48 -35.28 -37.67
N ILE B 362 8.04 -35.49 -36.48
CA ILE B 362 8.84 -34.48 -35.80
C ILE B 362 10.17 -35.02 -35.31
N GLY B 363 10.44 -36.30 -35.46
CA GLY B 363 11.71 -36.84 -35.00
C GLY B 363 11.74 -38.35 -35.13
N TYR B 364 12.82 -38.93 -34.62
CA TYR B 364 12.97 -40.38 -34.54
C TYR B 364 13.63 -40.76 -33.23
N TRP B 365 13.38 -42.01 -32.82
CA TRP B 365 13.88 -42.54 -31.55
C TRP B 365 14.46 -43.93 -31.78
N SER B 366 15.41 -44.29 -30.93
CA SER B 366 16.05 -45.60 -30.98
C SER B 366 16.39 -46.05 -29.56
N GLU B 367 16.82 -47.30 -29.44
CA GLU B 367 17.25 -47.79 -28.14
C GLU B 367 18.63 -47.27 -27.76
N VAL B 368 19.51 -47.09 -28.76
CA VAL B 368 20.84 -46.58 -28.48
C VAL B 368 20.80 -45.08 -28.18
N ASP B 369 20.05 -44.32 -28.97
CA ASP B 369 19.91 -42.88 -28.77
C ASP B 369 18.44 -42.54 -28.51
N LYS B 370 18.19 -41.82 -27.42
CA LYS B 370 16.85 -41.32 -27.15
C LYS B 370 16.41 -40.30 -28.20
N MET B 371 15.18 -39.83 -28.05
CA MET B 371 14.50 -38.99 -29.04
C MET B 371 15.40 -37.91 -29.60
N VAL B 372 15.47 -37.84 -30.93
CA VAL B 372 16.10 -36.75 -31.65
C VAL B 372 15.03 -36.05 -32.48
N LEU B 373 14.84 -34.76 -32.23
CA LEU B 373 13.88 -33.98 -33.00
C LEU B 373 14.52 -33.46 -34.29
N THR B 374 13.67 -33.21 -35.28
CA THR B 374 14.12 -32.79 -36.60
C THR B 374 14.48 -31.31 -36.67
N GLU B 375 14.26 -30.56 -35.60
CA GLU B 375 14.56 -29.12 -35.54
C GLU B 375 13.77 -28.32 -36.59
N ASP B 376 12.62 -28.83 -37.00
CA ASP B 376 11.71 -28.09 -37.87
C ASP B 376 11.00 -27.02 -37.04
N ASP B 377 9.99 -26.38 -37.66
CA ASP B 377 9.18 -25.38 -36.97
C ASP B 377 8.70 -25.86 -35.60
N THR B 378 8.43 -27.16 -35.45
CA THR B 378 8.02 -27.74 -34.19
C THR B 378 9.10 -27.70 -33.12
N SER B 379 10.30 -27.22 -33.42
CA SER B 379 11.29 -26.90 -32.41
C SER B 379 11.13 -25.50 -31.82
N GLY B 380 10.19 -24.69 -32.32
CA GLY B 380 9.92 -23.41 -31.70
C GLY B 380 10.75 -22.23 -32.18
N LEU B 381 10.83 -22.03 -33.49
CA LEU B 381 11.65 -20.96 -34.06
C LEU B 381 10.96 -19.60 -34.03
N GLU B 382 9.69 -19.54 -33.64
CA GLU B 382 8.88 -18.33 -33.81
C GLU B 382 9.32 -17.18 -32.89
N GLN B 383 9.24 -15.96 -33.45
CA GLN B 383 9.37 -14.69 -32.72
C GLN B 383 10.56 -14.56 -31.79
N LYS B 384 11.77 -14.45 -32.36
CA LYS B 384 12.93 -14.08 -31.56
C LYS B 384 12.71 -12.73 -30.87
N THR B 385 13.49 -12.50 -29.81
CA THR B 385 13.37 -11.30 -29.00
C THR B 385 13.65 -10.03 -29.82
N VAL B 386 12.90 -8.97 -29.50
CA VAL B 386 13.24 -7.64 -29.98
C VAL B 386 14.52 -7.15 -29.29
N VAL B 387 15.44 -6.62 -30.09
CA VAL B 387 16.71 -6.13 -29.57
C VAL B 387 16.51 -4.73 -28.96
N VAL B 388 16.76 -4.62 -27.65
CA VAL B 388 16.66 -3.37 -26.92
C VAL B 388 18.07 -2.81 -26.74
N THR B 389 18.29 -1.58 -27.21
CA THR B 389 19.55 -0.88 -26.98
C THR B 389 19.45 0.02 -25.75
N THR B 390 20.53 0.01 -24.95
CA THR B 390 20.59 0.83 -23.75
C THR B 390 22.05 1.13 -23.45
N ILE B 391 22.26 1.99 -22.44
CA ILE B 391 23.59 2.50 -22.10
C ILE B 391 23.81 2.35 -20.60
N LEU B 392 25.00 1.91 -20.23
CA LEU B 392 25.34 1.66 -18.83
C LEU B 392 25.56 2.98 -18.09
N GLU B 393 24.57 3.40 -17.30
CA GLU B 393 24.68 4.60 -16.48
C GLU B 393 23.76 4.45 -15.28
N SER B 394 24.30 4.70 -14.09
CA SER B 394 23.51 4.63 -12.88
C SER B 394 22.56 5.82 -12.80
N PRO B 395 21.39 5.64 -12.16
CA PRO B 395 20.80 4.40 -11.67
C PRO B 395 19.90 3.74 -12.70
N TYR B 396 20.01 4.11 -13.97
CA TYR B 396 19.11 3.56 -14.98
C TYR B 396 19.53 2.18 -15.44
N VAL B 397 20.82 2.00 -15.73
CA VAL B 397 21.34 0.70 -16.14
C VAL B 397 22.70 0.48 -15.48
N MET B 398 22.82 -0.60 -14.70
CA MET B 398 24.04 -0.92 -14.00
C MET B 398 24.32 -2.42 -14.10
N MET B 399 25.60 -2.77 -14.06
CA MET B 399 26.04 -4.15 -14.14
C MET B 399 26.16 -4.71 -12.73
N LYS B 400 25.36 -5.73 -12.44
CA LYS B 400 25.39 -6.38 -11.13
C LYS B 400 26.67 -7.21 -10.99
N LYS B 401 27.05 -7.46 -9.74
CA LYS B 401 28.19 -8.32 -9.45
C LYS B 401 28.03 -9.74 -10.01
N ASN B 402 26.84 -10.09 -10.49
CA ASN B 402 26.58 -11.40 -11.07
C ASN B 402 26.67 -11.41 -12.60
N HIS B 403 27.09 -10.30 -13.20
CA HIS B 403 26.98 -10.16 -14.65
C HIS B 403 27.83 -11.18 -15.41
N GLU B 404 28.82 -11.77 -14.77
CA GLU B 404 29.60 -12.82 -15.43
C GLU B 404 28.80 -14.10 -15.60
N MET B 405 27.74 -14.29 -14.82
CA MET B 405 26.97 -15.54 -14.82
C MET B 405 25.72 -15.46 -15.67
N LEU B 406 25.44 -14.33 -16.33
CA LEU B 406 24.16 -14.07 -16.94
C LEU B 406 24.37 -13.41 -18.30
N GLU B 407 23.38 -13.54 -19.17
CA GLU B 407 23.47 -12.88 -20.48
C GLU B 407 22.22 -12.12 -20.88
N GLY B 408 21.04 -12.70 -20.67
CA GLY B 408 19.83 -12.17 -21.27
C GLY B 408 19.37 -10.81 -20.80
N ASN B 409 18.80 -10.75 -19.60
CA ASN B 409 18.35 -9.48 -19.03
C ASN B 409 18.63 -9.37 -17.54
N GLU B 410 19.25 -10.37 -16.92
CA GLU B 410 19.43 -10.39 -15.47
C GLU B 410 20.77 -9.81 -15.05
N ARG B 411 21.70 -9.65 -15.99
CA ARG B 411 22.92 -8.88 -15.71
C ARG B 411 22.57 -7.48 -15.26
N TYR B 412 21.61 -6.86 -15.94
CA TYR B 412 21.37 -5.44 -15.82
C TYR B 412 20.44 -5.15 -14.64
N GLU B 413 20.68 -4.02 -13.98
CA GLU B 413 19.78 -3.52 -12.96
C GLU B 413 19.64 -2.01 -13.15
N GLY B 414 18.52 -1.48 -12.70
CA GLY B 414 18.31 -0.04 -12.79
C GLY B 414 16.92 0.40 -13.18
N TYR B 415 16.72 1.72 -13.22
CA TYR B 415 15.41 2.28 -13.52
C TYR B 415 14.95 1.91 -14.92
N CYS B 416 15.81 2.10 -15.92
CA CYS B 416 15.44 1.74 -17.28
C CYS B 416 15.32 0.23 -17.45
N VAL B 417 16.17 -0.56 -16.79
CA VAL B 417 16.06 -2.01 -16.84
C VAL B 417 14.70 -2.47 -16.30
N ASP B 418 14.29 -1.91 -15.16
CA ASP B 418 13.00 -2.27 -14.59
C ASP B 418 11.84 -1.79 -15.45
N LEU B 419 11.83 -0.52 -15.83
CA LEU B 419 10.74 -0.02 -16.67
C LEU B 419 10.65 -0.76 -18.00
N ALA B 420 11.79 -1.15 -18.57
CA ALA B 420 11.82 -2.03 -19.73
C ALA B 420 11.13 -3.36 -19.47
N ALA B 421 11.45 -4.00 -18.34
CA ALA B 421 10.75 -5.22 -17.96
C ALA B 421 9.25 -5.00 -17.79
N GLU B 422 8.87 -3.91 -17.13
CA GLU B 422 7.46 -3.61 -16.90
C GLU B 422 6.70 -3.39 -18.20
N ILE B 423 7.30 -2.65 -19.13
CA ILE B 423 6.67 -2.41 -20.43
C ILE B 423 6.56 -3.71 -21.22
N ALA B 424 7.66 -4.46 -21.33
CA ALA B 424 7.65 -5.70 -22.10
C ALA B 424 6.71 -6.75 -21.53
N LYS B 425 6.58 -6.80 -20.20
CA LYS B 425 5.56 -7.65 -19.57
C LYS B 425 4.15 -7.14 -19.86
N HIS B 426 3.92 -5.84 -19.68
CA HIS B 426 2.59 -5.29 -19.88
C HIS B 426 2.08 -5.54 -21.31
N CYS B 427 2.94 -5.31 -22.30
CA CYS B 427 2.58 -5.51 -23.69
C CYS B 427 2.96 -6.89 -24.22
N GLY B 428 3.52 -7.75 -23.37
CA GLY B 428 3.73 -9.14 -23.70
C GLY B 428 4.56 -9.42 -24.94
N PHE B 429 5.74 -8.82 -25.03
CA PHE B 429 6.64 -9.07 -26.15
C PHE B 429 8.02 -9.44 -25.64
N LYS B 430 8.66 -10.39 -26.34
CA LYS B 430 10.00 -10.82 -25.99
C LYS B 430 11.00 -9.72 -26.29
N TYR B 431 11.95 -9.50 -25.37
CA TYR B 431 12.90 -8.40 -25.50
C TYR B 431 14.28 -8.83 -25.03
N LYS B 432 15.30 -8.15 -25.56
CA LYS B 432 16.70 -8.45 -25.25
C LYS B 432 17.42 -7.12 -25.04
N LEU B 433 17.87 -6.88 -23.80
CA LEU B 433 18.69 -5.71 -23.52
C LEU B 433 20.09 -5.87 -24.12
N THR B 434 20.57 -4.80 -24.78
CA THR B 434 21.87 -4.78 -25.43
C THR B 434 22.49 -3.40 -25.27
N ILE B 435 23.82 -3.35 -25.27
CA ILE B 435 24.57 -2.13 -25.01
C ILE B 435 25.05 -1.54 -26.33
N VAL B 436 24.88 -0.22 -26.46
CA VAL B 436 25.37 0.49 -27.64
C VAL B 436 26.87 0.28 -27.78
N GLY B 437 27.30 0.01 -29.02
CA GLY B 437 28.68 -0.37 -29.24
C GLY B 437 29.67 0.77 -28.99
N ASP B 438 29.29 2.00 -29.35
CA ASP B 438 30.20 3.13 -29.22
C ASP B 438 30.07 3.87 -27.89
N GLY B 439 29.14 3.45 -27.03
CA GLY B 439 28.99 4.09 -25.73
C GLY B 439 28.42 5.48 -25.75
N LYS B 440 27.95 5.97 -26.89
CA LYS B 440 27.35 7.29 -26.99
C LYS B 440 25.84 7.20 -26.88
N TYR B 441 25.23 8.28 -26.38
CA TYR B 441 23.77 8.39 -26.42
C TYR B 441 23.28 8.50 -27.85
N GLY B 442 23.85 9.43 -28.63
CA GLY B 442 23.63 9.45 -30.05
C GLY B 442 23.31 10.81 -30.64
N ALA B 443 23.94 11.14 -31.77
CA ALA B 443 23.67 12.36 -32.51
C ALA B 443 24.14 12.17 -33.94
N ARG B 444 23.62 13.01 -34.83
CA ARG B 444 24.10 13.01 -36.21
C ARG B 444 25.48 13.65 -36.29
N ASP B 445 26.40 12.97 -36.96
CA ASP B 445 27.70 13.56 -37.26
C ASP B 445 27.51 14.80 -38.11
N ALA B 446 28.14 15.90 -37.71
CA ALA B 446 28.04 17.12 -38.49
C ALA B 446 28.64 16.97 -39.88
N ASP B 447 29.59 16.05 -40.04
CA ASP B 447 30.21 15.84 -41.35
C ASP B 447 29.39 14.90 -42.23
N THR B 448 29.24 13.65 -41.79
CA THR B 448 28.61 12.61 -42.60
C THR B 448 27.10 12.50 -42.42
N LYS B 449 26.52 13.23 -41.47
CA LYS B 449 25.11 13.11 -41.10
C LYS B 449 24.78 11.73 -40.54
N ILE B 450 25.80 10.89 -40.35
CA ILE B 450 25.56 9.57 -39.77
C ILE B 450 25.26 9.72 -38.28
N TRP B 451 24.16 9.13 -37.84
CA TRP B 451 23.82 9.13 -36.42
C TRP B 451 24.66 8.09 -35.69
N ASN B 452 25.36 8.51 -34.65
CA ASN B 452 26.08 7.60 -33.77
C ASN B 452 25.20 7.23 -32.58
N GLY B 453 25.78 6.46 -31.66
CA GLY B 453 25.11 6.10 -30.42
C GLY B 453 23.88 5.21 -30.61
N MET B 454 23.12 5.12 -29.53
CA MET B 454 21.85 4.40 -29.55
C MET B 454 20.91 4.89 -30.65
N VAL B 455 20.93 6.19 -30.94
CA VAL B 455 20.16 6.71 -32.06
C VAL B 455 20.61 6.08 -33.37
N GLY B 456 21.92 6.01 -33.59
CA GLY B 456 22.43 5.24 -34.72
C GLY B 456 22.00 3.78 -34.70
N GLU B 457 22.02 3.16 -33.52
CA GLU B 457 21.60 1.76 -33.39
C GLU B 457 20.16 1.55 -33.85
N LEU B 458 19.28 2.51 -33.56
CA LEU B 458 17.92 2.44 -34.08
C LEU B 458 17.87 2.78 -35.58
N VAL B 459 18.51 3.88 -35.98
CA VAL B 459 18.37 4.36 -37.35
C VAL B 459 18.92 3.36 -38.36
N TYR B 460 20.00 2.67 -38.02
CA TYR B 460 20.62 1.70 -38.92
C TYR B 460 20.28 0.26 -38.55
N GLY B 461 19.17 0.04 -37.84
CA GLY B 461 18.66 -1.30 -37.63
C GLY B 461 19.48 -2.18 -36.72
N LYS B 462 20.40 -1.59 -35.95
CA LYS B 462 21.17 -2.38 -34.99
C LYS B 462 20.33 -2.78 -33.78
N ALA B 463 19.22 -2.09 -33.53
CA ALA B 463 18.35 -2.42 -32.41
C ALA B 463 16.90 -2.14 -32.79
N ASP B 464 15.99 -2.76 -32.04
CA ASP B 464 14.57 -2.67 -32.32
C ASP B 464 13.83 -1.65 -31.46
N ILE B 465 14.37 -1.29 -30.29
CA ILE B 465 13.74 -0.28 -29.43
C ILE B 465 14.81 0.27 -28.51
N ALA B 466 14.68 1.54 -28.15
CA ALA B 466 15.60 2.19 -27.23
C ALA B 466 14.89 2.47 -25.91
N ILE B 467 15.50 2.01 -24.81
CA ILE B 467 14.98 2.25 -23.47
C ILE B 467 16.15 2.67 -22.59
N ALA B 468 16.31 3.98 -22.39
CA ALA B 468 17.50 4.52 -21.76
C ALA B 468 17.19 5.95 -21.34
N PRO B 469 18.09 6.60 -20.57
CA PRO B 469 17.94 8.04 -20.33
C PRO B 469 18.26 8.90 -21.54
N LEU B 470 18.34 8.28 -22.72
CA LEU B 470 18.44 9.02 -23.96
C LEU B 470 17.30 10.03 -24.05
N THR B 471 17.63 11.31 -23.96
CA THR B 471 16.63 12.34 -23.73
C THR B 471 15.87 12.69 -25.01
N ILE B 472 14.60 13.08 -24.84
CA ILE B 472 13.83 13.62 -25.96
C ILE B 472 14.50 14.88 -26.50
N THR B 473 14.73 14.91 -27.82
CA THR B 473 15.13 16.12 -28.52
C THR B 473 14.40 16.17 -29.85
N LEU B 474 14.19 17.40 -30.34
CA LEU B 474 13.46 17.59 -31.59
C LEU B 474 14.23 17.05 -32.79
N VAL B 475 15.56 17.20 -32.78
CA VAL B 475 16.40 16.62 -33.84
C VAL B 475 16.34 15.11 -33.84
N ARG B 476 16.23 14.48 -32.68
CA ARG B 476 16.06 13.02 -32.64
C ARG B 476 14.69 12.61 -33.17
N GLU B 477 13.65 13.38 -32.86
CA GLU B 477 12.33 13.14 -33.43
C GLU B 477 12.31 13.23 -34.95
N GLU B 478 13.35 13.80 -35.56
CA GLU B 478 13.48 13.73 -37.02
C GLU B 478 13.78 12.32 -37.51
N VAL B 479 14.40 11.48 -36.67
CA VAL B 479 14.83 10.16 -37.11
C VAL B 479 14.29 9.03 -36.25
N ILE B 480 13.76 9.30 -35.05
CA ILE B 480 13.12 8.29 -34.23
C ILE B 480 11.83 8.90 -33.69
N ASP B 481 11.00 8.04 -33.09
CA ASP B 481 9.77 8.46 -32.45
C ASP B 481 9.97 8.31 -30.94
N PHE B 482 9.75 9.39 -30.20
CA PHE B 482 9.70 9.33 -28.75
C PHE B 482 8.27 9.22 -28.28
N SER B 483 8.04 8.30 -27.34
CA SER B 483 6.72 8.09 -26.77
C SER B 483 6.33 9.27 -25.89
N LYS B 484 5.13 9.18 -25.31
CA LYS B 484 4.77 10.05 -24.20
C LYS B 484 5.83 9.89 -23.11
N PRO B 485 6.16 10.96 -22.38
CA PRO B 485 7.17 10.87 -21.34
C PRO B 485 6.61 10.35 -20.03
N PHE B 486 7.50 9.73 -19.23
CA PHE B 486 7.04 9.29 -17.92
C PHE B 486 7.12 10.42 -16.89
N MET B 487 8.23 11.16 -16.83
CA MET B 487 8.18 12.46 -16.16
C MET B 487 9.32 13.34 -16.63
N SER B 488 9.21 14.63 -16.29
CA SER B 488 10.12 15.67 -16.73
C SER B 488 11.36 15.74 -15.86
N LEU B 489 12.39 16.38 -16.41
CA LEU B 489 13.62 16.74 -15.71
C LEU B 489 14.30 17.84 -16.51
N GLY B 490 15.30 18.46 -15.91
CA GLY B 490 15.92 19.61 -16.55
C GLY B 490 17.42 19.69 -16.30
N ILE B 491 18.00 20.75 -16.86
CA ILE B 491 19.43 20.98 -16.78
C ILE B 491 19.81 21.39 -15.36
N SER B 492 21.01 21.01 -14.93
CA SER B 492 21.48 21.31 -13.58
C SER B 492 23.00 21.34 -13.59
N ILE B 493 23.57 21.94 -12.55
CA ILE B 493 25.01 22.03 -12.37
C ILE B 493 25.43 21.16 -11.19
N MET B 494 26.50 20.41 -11.37
CA MET B 494 27.15 19.67 -10.29
C MET B 494 28.45 20.37 -9.91
N ILE B 495 28.62 20.62 -8.61
CA ILE B 495 29.88 21.11 -8.05
C ILE B 495 30.15 20.36 -6.75
N LYS B 496 31.41 20.36 -6.34
CA LYS B 496 31.75 19.92 -5.00
C LYS B 496 31.33 20.99 -3.99
N LYS B 497 30.52 20.58 -3.01
CA LYS B 497 29.94 21.54 -2.08
C LYS B 497 30.98 22.03 -1.08
N PRO B 498 30.89 23.29 -0.66
CA PRO B 498 31.65 23.75 0.50
C PRO B 498 31.09 23.18 1.78
N GLN B 499 31.95 23.11 2.80
CA GLN B 499 31.53 22.59 4.09
C GLN B 499 30.56 23.55 4.75
N LYS B 500 29.74 23.01 5.66
CA LYS B 500 28.84 23.84 6.45
C LYS B 500 29.63 24.86 7.27
N SER B 501 29.22 26.12 7.18
CA SER B 501 30.04 27.24 7.62
C SER B 501 29.99 27.39 9.13
N LYS B 502 31.15 27.33 9.77
CA LYS B 502 31.26 27.69 11.18
C LYS B 502 30.91 29.17 11.33
N PRO B 503 30.01 29.52 12.25
CA PRO B 503 29.51 30.90 12.31
C PRO B 503 30.63 31.93 12.48
N GLY B 504 30.31 33.17 12.10
CA GLY B 504 31.33 34.20 12.08
C GLY B 504 31.93 34.46 13.45
N VAL B 505 33.17 34.96 13.43
CA VAL B 505 33.93 35.15 14.66
C VAL B 505 33.22 36.09 15.61
N PHE B 506 32.42 37.02 15.08
CA PHE B 506 31.72 38.01 15.89
C PHE B 506 30.21 37.90 15.75
N SER B 507 29.72 36.73 15.35
CA SER B 507 28.30 36.46 15.12
C SER B 507 27.48 36.38 16.41
N PHE B 508 28.11 36.46 17.59
CA PHE B 508 27.32 36.43 18.82
C PHE B 508 26.36 37.61 18.95
N LEU B 509 26.61 38.71 18.23
CA LEU B 509 25.64 39.81 18.17
C LEU B 509 24.43 39.47 17.31
N ASP B 510 24.52 38.46 16.46
CA ASP B 510 23.49 38.23 15.46
C ASP B 510 22.08 37.98 16.00
N PRO B 511 21.86 37.34 17.16
CA PRO B 511 20.48 37.15 17.61
C PRO B 511 19.69 38.44 17.77
N LEU B 512 20.34 39.58 17.87
CA LEU B 512 19.71 40.88 17.73
C LEU B 512 20.13 41.49 16.40
N ALA B 513 19.16 42.02 15.66
CA ALA B 513 19.44 42.57 14.35
C ALA B 513 20.44 43.70 14.43
N TYR B 514 21.37 43.72 13.47
CA TYR B 514 22.43 44.72 13.45
C TYR B 514 21.87 46.13 13.31
N GLU B 515 20.76 46.27 12.59
CA GLU B 515 20.08 47.56 12.47
C GLU B 515 19.44 48.00 13.77
N ILE B 516 19.22 47.09 14.71
CA ILE B 516 18.70 47.44 16.03
C ILE B 516 19.80 47.63 17.08
N TRP B 517 20.90 46.88 17.00
CA TRP B 517 22.03 47.07 17.91
C TRP B 517 22.49 48.52 17.96
N MET B 518 22.69 49.13 16.79
CA MET B 518 23.10 50.55 16.75
C MET B 518 22.07 51.47 17.39
N CYS B 519 20.78 51.22 17.14
CA CYS B 519 19.73 52.01 17.77
C CYS B 519 19.74 51.88 19.28
N ILE B 520 19.97 50.67 19.81
CA ILE B 520 20.14 50.49 21.25
C ILE B 520 21.37 51.23 21.77
N VAL B 521 22.48 51.14 21.05
CA VAL B 521 23.70 51.85 21.45
C VAL B 521 23.46 53.36 21.54
N PHE B 522 22.62 53.89 20.64
CA PHE B 522 22.22 55.29 20.78
C PHE B 522 21.22 55.50 21.91
N ALA B 523 20.31 54.55 22.13
CA ALA B 523 19.35 54.66 23.23
C ALA B 523 20.06 54.79 24.56
N TYR B 524 21.18 54.10 24.70
CA TYR B 524 22.06 54.26 25.85
C TYR B 524 22.50 55.70 26.09
N ILE B 525 22.84 56.42 25.03
CA ILE B 525 23.15 57.84 25.16
C ILE B 525 21.90 58.63 25.49
N GLY B 526 20.81 58.36 24.78
CA GLY B 526 19.61 59.15 24.93
C GLY B 526 19.01 59.07 26.32
N VAL B 527 19.15 57.93 26.98
CA VAL B 527 18.78 57.82 28.39
C VAL B 527 19.86 58.40 29.31
N SER B 528 21.14 58.12 29.04
CA SER B 528 22.21 58.61 29.90
C SER B 528 22.18 60.12 30.04
N VAL B 529 21.98 60.83 28.93
CA VAL B 529 21.94 62.30 28.97
C VAL B 529 20.75 62.82 29.75
N VAL B 530 19.59 62.14 29.69
CA VAL B 530 18.46 62.57 30.49
C VAL B 530 18.73 62.33 31.97
N LEU B 531 19.35 61.19 32.31
CA LEU B 531 19.74 60.95 33.70
C LEU B 531 20.70 62.03 34.21
N PHE B 532 21.63 62.44 33.34
CA PHE B 532 22.56 63.53 33.68
C PHE B 532 21.84 64.87 33.86
N LEU B 533 20.81 65.12 33.06
CA LEU B 533 20.15 66.42 33.02
C LEU B 533 19.03 66.55 34.06
N VAL B 534 18.46 65.43 34.50
CA VAL B 534 17.56 65.50 35.65
C VAL B 534 18.36 65.68 36.93
N SER B 535 19.48 65.00 37.06
CA SER B 535 20.49 65.41 38.01
C SER B 535 21.08 66.76 37.59
N ARG B 536 21.84 67.37 38.49
CA ARG B 536 22.55 68.62 38.25
C ARG B 536 21.59 69.76 37.89
N PHE B 537 20.29 69.59 38.12
CA PHE B 537 19.30 70.60 37.76
C PHE B 537 19.27 71.71 38.81
N SER B 538 20.43 72.27 39.11
CA SER B 538 20.60 73.21 40.22
C SER B 538 19.97 72.69 41.51
N PRO B 539 20.47 71.57 42.05
CA PRO B 539 19.87 71.00 43.27
C PRO B 539 20.21 71.84 44.49
N TYR B 540 19.18 72.27 45.21
CA TYR B 540 19.36 73.15 46.37
C TYR B 540 18.34 72.81 47.46
N SER B 556 28.72 74.74 47.80
CA SER B 556 28.44 74.37 46.41
C SER B 556 27.56 73.13 46.35
N GLU B 557 26.85 72.98 45.23
CA GLU B 557 25.90 71.89 45.07
C GLU B 557 26.64 70.56 44.96
N SER B 558 26.23 69.59 45.77
CA SER B 558 26.84 68.26 45.77
C SER B 558 25.80 67.18 45.96
N THR B 559 24.58 67.41 45.46
CA THR B 559 23.50 66.44 45.64
C THR B 559 23.73 65.16 44.87
N ASN B 560 24.35 65.25 43.68
CA ASN B 560 24.61 64.08 42.85
C ASN B 560 26.09 63.73 42.90
N GLU B 561 26.37 62.47 43.24
CA GLU B 561 27.72 61.94 43.14
C GLU B 561 28.00 61.58 41.68
N PHE B 562 27.82 62.54 40.78
CA PHE B 562 27.82 62.28 39.35
C PHE B 562 28.70 63.28 38.61
N GLY B 563 29.63 62.75 37.82
CA GLY B 563 30.10 63.47 36.65
C GLY B 563 29.30 63.06 35.42
N ILE B 564 29.58 63.71 34.30
CA ILE B 564 28.95 63.28 33.05
C ILE B 564 29.41 61.87 32.70
N PHE B 565 30.69 61.58 32.89
CA PHE B 565 31.21 60.22 32.78
C PHE B 565 30.53 59.23 33.73
N ASN B 566 30.09 59.71 34.89
CA ASN B 566 29.27 58.85 35.75
C ASN B 566 27.90 58.59 35.15
N SER B 567 27.25 59.61 34.59
CA SER B 567 25.95 59.35 33.99
C SER B 567 26.09 58.46 32.76
N LEU B 568 27.19 58.60 32.04
CA LEU B 568 27.56 57.73 30.92
C LEU B 568 27.94 56.32 31.36
N TRP B 569 28.15 56.08 32.66
CA TRP B 569 28.62 54.79 33.13
C TRP B 569 27.57 54.00 33.91
N PHE B 570 26.83 54.68 34.79
CA PHE B 570 25.93 53.99 35.71
C PHE B 570 24.87 53.19 34.96
N SER B 571 24.28 53.78 33.92
CA SER B 571 23.27 53.02 33.17
C SER B 571 23.87 51.99 32.24
N LEU B 572 25.17 52.09 31.93
CA LEU B 572 25.82 50.99 31.23
C LEU B 572 25.87 49.79 32.15
N GLY B 573 26.41 50.00 33.35
CA GLY B 573 26.48 48.92 34.33
C GLY B 573 25.13 48.35 34.67
N ALA B 574 24.12 49.22 34.80
CA ALA B 574 22.75 48.76 34.99
C ALA B 574 22.24 47.93 33.82
N PHE B 575 22.57 48.32 32.58
CA PHE B 575 22.19 47.50 31.44
C PHE B 575 22.94 46.17 31.44
N MET B 576 24.21 46.18 31.85
CA MET B 576 24.94 44.94 32.10
C MET B 576 24.39 44.15 33.29
N GLN B 577 23.38 44.69 33.98
CA GLN B 577 22.78 44.03 35.15
C GLN B 577 23.79 43.77 36.25
N GLN B 578 24.60 44.78 36.57
CA GLN B 578 25.37 44.76 37.80
C GLN B 578 25.48 46.18 38.34
N GLY B 579 25.69 46.27 39.66
CA GLY B 579 25.58 47.54 40.34
C GLY B 579 26.86 48.34 40.40
N CYS B 580 26.68 49.63 40.67
CA CYS B 580 27.78 50.56 40.94
C CYS B 580 27.36 51.43 42.12
N ASP B 581 28.36 51.92 42.86
CA ASP B 581 28.09 52.48 44.18
C ASP B 581 27.11 53.65 44.13
N ILE B 582 27.01 54.35 43.00
CA ILE B 582 26.15 55.52 42.91
C ILE B 582 24.70 55.08 42.65
N SER B 583 23.77 55.98 42.98
CA SER B 583 22.34 55.74 42.78
C SER B 583 21.67 57.08 42.54
N PRO B 584 20.51 57.09 41.87
CA PRO B 584 19.89 58.38 41.50
C PRO B 584 19.49 59.24 42.69
N ARG B 585 18.97 58.65 43.76
CA ARG B 585 18.72 59.33 45.04
C ARG B 585 17.93 60.64 44.86
N SER B 586 16.99 60.69 43.92
CA SER B 586 16.34 61.97 43.63
C SER B 586 15.00 61.72 42.95
N LEU B 587 14.10 62.70 43.13
CA LEU B 587 12.90 62.78 42.30
C LEU B 587 13.27 62.92 40.82
N SER B 588 12.49 62.25 39.97
CA SER B 588 12.70 62.21 38.52
C SER B 588 14.00 61.53 38.15
N GLY B 589 14.79 61.13 39.15
CA GLY B 589 15.94 60.27 38.90
C GLY B 589 15.57 58.82 39.09
N ARG B 590 14.68 58.56 40.05
CA ARG B 590 14.02 57.27 40.19
C ARG B 590 13.44 56.82 38.86
N ILE B 591 12.71 57.69 38.18
CA ILE B 591 12.06 57.33 36.92
C ILE B 591 13.10 56.97 35.85
N VAL B 592 14.15 57.78 35.70
CA VAL B 592 15.12 57.54 34.65
C VAL B 592 15.94 56.28 34.92
N GLY B 593 16.47 56.13 36.13
CA GLY B 593 17.20 54.92 36.47
C GLY B 593 16.34 53.66 36.45
N GLY B 594 15.16 53.72 37.07
CA GLY B 594 14.33 52.54 37.21
C GLY B 594 13.76 52.02 35.91
N VAL B 595 13.23 52.91 35.07
CA VAL B 595 12.65 52.43 33.81
C VAL B 595 13.72 51.84 32.91
N TRP B 596 14.95 52.34 33.00
CA TRP B 596 16.02 51.82 32.16
C TRP B 596 16.26 50.34 32.44
N TRP B 597 15.95 49.88 33.66
CA TRP B 597 16.01 48.45 33.93
C TRP B 597 15.04 47.69 33.03
N PHE B 598 13.85 48.24 32.79
CA PHE B 598 12.87 47.55 31.96
C PHE B 598 13.43 47.26 30.58
N PHE B 599 14.23 48.19 30.04
CA PHE B 599 14.83 48.00 28.72
C PHE B 599 15.70 46.74 28.69
N THR B 600 16.67 46.62 29.59
CA THR B 600 17.49 45.42 29.60
C THR B 600 16.69 44.20 30.00
N LEU B 601 15.77 44.38 30.95
CA LEU B 601 14.90 43.28 31.42
C LEU B 601 14.10 42.64 30.29
N ILE B 602 13.77 43.42 29.27
CA ILE B 602 13.10 42.80 28.08
C ILE B 602 14.15 42.52 26.99
N ILE B 603 14.92 43.53 26.58
CA ILE B 603 15.88 43.36 25.45
C ILE B 603 16.85 42.20 25.76
N ILE B 604 17.69 42.35 26.78
CA ILE B 604 18.72 41.29 27.07
C ILE B 604 18.00 39.93 27.17
N SER B 605 17.02 39.81 28.08
CA SER B 605 16.33 38.51 28.27
C SER B 605 16.00 37.88 26.92
N SER B 606 15.29 38.62 26.06
CA SER B 606 14.87 38.07 24.74
C SER B 606 16.11 37.81 23.85
N TYR B 607 16.96 38.82 23.68
CA TYR B 607 18.16 38.69 22.80
C TYR B 607 18.98 37.49 23.29
N THR B 608 19.33 37.47 24.57
CA THR B 608 20.16 36.38 25.12
C THR B 608 19.29 35.19 25.45
N ALA B 609 18.78 34.51 24.41
CA ALA B 609 17.95 33.29 24.61
C ALA B 609 18.27 32.29 23.51
N ASN B 610 18.40 32.78 22.28
CA ASN B 610 18.76 31.89 21.13
C ASN B 610 20.26 32.00 20.89
N LEU B 611 20.98 32.69 21.78
CA LEU B 611 22.44 32.90 21.63
C LEU B 611 23.09 31.58 21.19
N ALA B 612 22.96 30.52 21.98
CA ALA B 612 23.62 29.23 21.66
C ALA B 612 23.31 28.80 20.22
N ALA B 613 22.03 28.60 19.90
CA ALA B 613 21.65 28.12 18.55
C ALA B 613 22.39 28.93 17.48
N PHE B 614 22.19 30.25 17.49
CA PHE B 614 22.85 31.14 16.54
C PHE B 614 24.35 30.81 16.40
N LEU B 615 25.03 30.52 17.51
CA LEU B 615 26.44 30.17 17.46
C LEU B 615 26.74 28.85 16.76
N THR B 616 25.74 28.12 16.26
CA THR B 616 25.98 26.86 15.56
C THR B 616 25.07 26.68 14.35
N VAL B 617 24.70 27.77 13.68
CA VAL B 617 23.71 27.67 12.59
C VAL B 617 24.23 26.82 11.44
N GLU B 618 25.54 26.83 11.21
CA GLU B 618 26.19 25.99 10.19
C GLU B 618 25.49 26.10 8.83
N ARG B 619 25.43 27.32 8.32
CA ARG B 619 24.87 27.57 7.00
C ARG B 619 25.84 27.06 5.92
N MET B 620 25.51 27.32 4.67
CA MET B 620 26.40 27.09 3.55
C MET B 620 26.53 28.37 2.73
N VAL B 621 27.72 28.62 2.21
CA VAL B 621 28.01 29.93 1.59
C VAL B 621 27.42 30.07 0.19
N SER B 622 27.06 28.98 -0.47
CA SER B 622 26.45 28.99 -1.80
C SER B 622 27.18 29.94 -2.75
N PRO B 623 28.38 29.57 -3.22
CA PRO B 623 29.13 30.49 -4.09
C PRO B 623 28.39 30.90 -5.35
N ILE B 624 27.58 30.02 -5.92
CA ILE B 624 26.74 30.35 -7.07
C ILE B 624 25.36 29.74 -6.85
N GLU B 625 24.33 30.44 -7.33
CA GLU B 625 22.97 29.93 -7.19
C GLU B 625 22.14 30.12 -8.46
N SER B 626 22.51 31.07 -9.31
CA SER B 626 21.68 31.46 -10.44
C SER B 626 21.97 30.68 -11.71
N ALA B 627 23.01 29.84 -11.72
CA ALA B 627 23.47 29.13 -12.92
C ALA B 627 23.97 30.09 -13.99
N GLU B 628 23.91 31.39 -13.70
CA GLU B 628 24.44 32.41 -14.61
C GLU B 628 25.67 33.07 -14.03
N ASP B 629 25.87 32.95 -12.72
CA ASP B 629 27.14 33.33 -12.10
C ASP B 629 28.34 32.70 -12.80
N LEU B 630 28.18 31.47 -13.32
CA LEU B 630 29.27 30.86 -14.07
C LEU B 630 29.60 31.67 -15.32
N SER B 631 28.62 32.38 -15.88
CA SER B 631 28.92 33.26 -17.01
C SER B 631 29.79 34.43 -16.61
N LYS B 632 29.85 34.75 -15.31
CA LYS B 632 30.54 35.93 -14.82
C LYS B 632 32.02 35.67 -14.55
N GLN B 633 32.47 34.42 -14.66
CA GLN B 633 33.75 34.03 -14.13
C GLN B 633 34.39 32.97 -15.02
N THR B 634 35.70 32.83 -14.87
CA THR B 634 36.46 31.76 -15.51
C THR B 634 37.38 31.01 -14.57
N GLU B 635 37.60 31.51 -13.35
CA GLU B 635 38.34 30.74 -12.36
C GLU B 635 37.64 29.43 -12.00
N ILE B 636 36.34 29.34 -12.22
CA ILE B 636 35.62 28.07 -12.20
C ILE B 636 35.26 27.73 -13.64
N ALA B 637 35.83 26.63 -14.14
CA ALA B 637 35.46 26.14 -15.46
C ALA B 637 34.16 25.34 -15.40
N TYR B 638 33.53 25.19 -16.55
CA TYR B 638 32.32 24.39 -16.64
C TYR B 638 32.22 23.79 -18.04
N GLY B 639 31.44 22.72 -18.14
CA GLY B 639 31.32 22.00 -19.40
C GLY B 639 30.16 21.04 -19.34
N THR B 640 29.95 20.35 -20.47
CA THR B 640 28.81 19.47 -20.66
C THR B 640 29.31 18.18 -21.30
N LEU B 641 28.42 17.18 -21.34
CA LEU B 641 28.78 15.90 -21.93
C LEU B 641 29.00 16.06 -23.43
N ASP B 642 30.14 15.56 -23.91
CA ASP B 642 30.49 15.71 -25.32
C ASP B 642 29.50 14.95 -26.20
N SER B 643 29.09 15.59 -27.30
CA SER B 643 28.01 15.14 -28.17
C SER B 643 26.69 14.97 -27.41
N GLY B 644 26.57 15.56 -26.23
CA GLY B 644 25.44 15.33 -25.36
C GLY B 644 24.26 16.24 -25.65
N SER B 645 23.08 15.80 -25.20
CA SER B 645 21.86 16.59 -25.38
C SER B 645 22.02 18.00 -24.84
N THR B 646 22.58 18.14 -23.63
CA THR B 646 22.76 19.47 -23.05
C THR B 646 23.77 20.31 -23.84
N LYS B 647 24.87 19.70 -24.26
CA LYS B 647 25.85 20.39 -25.11
C LYS B 647 25.22 20.92 -26.39
N GLU B 648 24.57 20.04 -27.15
CA GLU B 648 23.97 20.46 -28.40
C GLU B 648 22.81 21.41 -28.19
N PHE B 649 22.07 21.27 -27.09
CA PHE B 649 21.02 22.26 -26.76
C PHE B 649 21.62 23.65 -26.52
N PHE B 650 22.71 23.73 -25.75
CA PHE B 650 23.39 25.01 -25.54
C PHE B 650 23.95 25.57 -26.84
N ARG B 651 24.34 24.69 -27.76
CA ARG B 651 24.72 25.15 -29.09
C ARG B 651 23.51 25.68 -29.85
N ARG B 652 22.38 24.97 -29.76
CA ARG B 652 21.18 25.20 -30.55
C ARG B 652 20.25 26.24 -29.92
N SER B 653 20.10 26.24 -28.60
CA SER B 653 19.17 27.15 -27.94
C SER B 653 19.79 28.54 -27.89
N LYS B 654 19.37 29.40 -28.82
CA LYS B 654 19.99 30.71 -29.01
C LYS B 654 19.41 31.75 -28.05
N ILE B 655 19.60 31.51 -26.76
CA ILE B 655 19.23 32.43 -25.70
C ILE B 655 20.51 33.04 -25.14
N ALA B 656 20.52 34.37 -25.00
CA ALA B 656 21.75 35.09 -24.68
C ALA B 656 22.40 34.59 -23.39
N VAL B 657 21.60 34.38 -22.34
CA VAL B 657 22.13 33.86 -21.08
C VAL B 657 22.76 32.49 -21.30
N PHE B 658 22.18 31.69 -22.19
CA PHE B 658 22.77 30.40 -22.55
C PHE B 658 23.88 30.58 -23.58
N ASP B 659 23.67 31.45 -24.57
CA ASP B 659 24.64 31.63 -25.65
C ASP B 659 26.00 32.08 -25.14
N LYS B 660 26.03 32.97 -24.16
CA LYS B 660 27.31 33.41 -23.60
C LYS B 660 28.05 32.31 -22.83
N MET B 661 27.32 31.42 -22.14
CA MET B 661 27.99 30.29 -21.52
C MET B 661 28.43 29.23 -22.53
N TRP B 662 27.66 29.04 -23.61
CA TRP B 662 28.17 28.23 -24.72
C TRP B 662 29.38 28.88 -25.37
N THR B 663 29.39 30.20 -25.49
CA THR B 663 30.54 30.93 -26.02
C THR B 663 31.79 30.72 -25.18
N TYR B 664 31.62 30.61 -23.86
CA TYR B 664 32.70 30.08 -23.04
C TYR B 664 33.03 28.65 -23.44
N MET B 665 32.05 27.74 -23.27
CA MET B 665 32.32 26.31 -23.44
C MET B 665 32.87 25.99 -24.82
N ARG B 666 32.34 26.65 -25.86
CA ARG B 666 32.83 26.41 -27.22
C ARG B 666 34.26 26.93 -27.41
N SER B 667 34.72 27.80 -26.52
CA SER B 667 36.07 28.36 -26.60
C SER B 667 36.97 27.94 -25.46
N ALA B 668 36.43 27.41 -24.37
CA ALA B 668 37.25 26.98 -23.25
C ALA B 668 38.08 25.76 -23.62
N GLU B 669 39.25 25.66 -23.00
CA GLU B 669 40.22 24.61 -23.30
C GLU B 669 40.89 24.19 -22.01
N PRO B 670 41.46 22.98 -21.96
CA PRO B 670 41.44 21.91 -22.98
C PRO B 670 40.24 20.99 -22.88
N SER B 671 39.43 20.91 -23.94
CA SER B 671 38.34 19.94 -24.07
C SER B 671 37.50 19.83 -22.80
N VAL B 672 36.78 20.90 -22.45
CA VAL B 672 36.02 20.91 -21.21
C VAL B 672 34.90 19.88 -21.21
N PHE B 673 34.54 19.35 -22.37
CA PHE B 673 33.48 18.36 -22.47
C PHE B 673 33.97 17.00 -22.00
N VAL B 674 33.02 16.20 -21.51
CA VAL B 674 33.33 14.89 -20.93
C VAL B 674 32.47 13.84 -21.62
N ARG B 675 33.02 12.63 -21.75
CA ARG B 675 32.35 11.59 -22.52
C ARG B 675 31.29 10.85 -21.73
N THR B 676 31.36 10.87 -20.40
CA THR B 676 30.42 10.15 -19.55
C THR B 676 30.10 10.98 -18.33
N THR B 677 29.00 10.62 -17.67
CA THR B 677 28.64 11.26 -16.40
C THR B 677 29.71 10.98 -15.33
N ALA B 678 30.29 9.78 -15.36
CA ALA B 678 31.37 9.45 -14.42
C ALA B 678 32.61 10.30 -14.68
N GLU B 679 32.91 10.58 -15.95
CA GLU B 679 34.00 11.49 -16.28
C GLU B 679 33.70 12.92 -15.81
N GLY B 680 32.45 13.36 -15.94
CA GLY B 680 32.08 14.65 -15.36
C GLY B 680 32.25 14.70 -13.85
N VAL B 681 31.74 13.70 -13.15
CA VAL B 681 31.92 13.58 -11.70
C VAL B 681 33.40 13.62 -11.33
N ALA B 682 34.23 12.87 -12.06
CA ALA B 682 35.67 12.89 -11.83
C ALA B 682 36.26 14.27 -12.03
N ARG B 683 35.94 14.92 -13.16
CA ARG B 683 36.50 16.24 -13.43
C ARG B 683 36.07 17.28 -12.41
N VAL B 684 34.83 17.18 -11.93
CA VAL B 684 34.38 18.01 -10.81
C VAL B 684 35.21 17.77 -9.55
N ARG B 685 35.25 16.52 -9.08
CA ARG B 685 35.91 16.22 -7.81
C ARG B 685 37.42 16.51 -7.86
N LYS B 686 38.08 16.09 -8.95
CA LYS B 686 39.49 16.41 -9.12
C LYS B 686 39.75 17.91 -9.04
N SER B 687 38.86 18.71 -9.61
CA SER B 687 39.03 20.17 -9.63
C SER B 687 38.55 20.85 -8.37
N LYS B 688 38.31 20.10 -7.29
CA LYS B 688 37.81 20.65 -6.02
C LYS B 688 36.49 21.38 -6.21
N GLY B 689 35.71 20.99 -7.21
CA GLY B 689 34.50 21.71 -7.57
C GLY B 689 34.72 22.96 -8.38
N LYS B 690 35.96 23.30 -8.72
CA LYS B 690 36.22 24.42 -9.61
C LYS B 690 36.01 24.07 -11.07
N TYR B 691 35.60 22.84 -11.36
CA TYR B 691 34.96 22.49 -12.62
C TYR B 691 33.51 22.14 -12.30
N ALA B 692 32.58 22.82 -12.97
CA ALA B 692 31.16 22.57 -12.78
C ALA B 692 30.61 21.78 -13.97
N TYR B 693 29.93 20.68 -13.67
CA TYR B 693 29.43 19.78 -14.71
C TYR B 693 27.94 20.01 -14.87
N LEU B 694 27.51 20.23 -16.11
CA LEU B 694 26.12 20.48 -16.44
C LEU B 694 25.51 19.18 -16.95
N LEU B 695 24.45 18.73 -16.29
CA LEU B 695 23.91 17.41 -16.56
C LEU B 695 22.45 17.35 -16.14
N GLU B 696 21.82 16.21 -16.46
CA GLU B 696 20.44 15.96 -16.07
C GLU B 696 20.25 15.97 -14.56
N SER B 697 19.18 16.64 -14.13
CA SER B 697 18.85 16.75 -12.70
C SER B 697 18.69 15.39 -12.01
N THR B 698 18.16 14.39 -12.71
CA THR B 698 18.09 13.04 -12.17
C THR B 698 19.49 12.52 -11.80
N MET B 699 20.43 12.63 -12.72
CA MET B 699 21.80 12.24 -12.44
C MET B 699 22.40 13.09 -11.33
N ASN B 700 22.22 14.40 -11.39
CA ASN B 700 22.84 15.28 -10.41
C ASN B 700 22.35 14.97 -9.00
N GLU B 701 21.03 14.85 -8.82
CA GLU B 701 20.50 14.54 -7.49
C GLU B 701 20.79 13.11 -7.07
N TYR B 702 20.95 12.17 -8.01
CA TYR B 702 21.46 10.85 -7.65
C TYR B 702 22.88 10.92 -7.09
N ILE B 703 23.74 11.67 -7.78
CA ILE B 703 25.13 11.86 -7.36
C ILE B 703 25.21 12.57 -6.00
N GLU B 704 24.28 13.49 -5.74
CA GLU B 704 24.24 14.09 -4.41
C GLU B 704 23.68 13.13 -3.37
N GLN B 705 22.68 12.32 -3.73
CA GLN B 705 22.08 11.41 -2.77
C GLN B 705 23.06 10.31 -2.36
N ARG B 706 23.81 9.76 -3.32
CA ARG B 706 24.71 8.65 -3.04
C ARG B 706 26.02 9.14 -2.43
N LYS B 707 26.54 8.35 -1.50
CA LYS B 707 27.78 8.69 -0.81
C LYS B 707 28.93 8.83 -1.81
N PRO B 708 29.92 9.70 -1.51
CA PRO B 708 30.11 10.46 -0.26
C PRO B 708 29.34 11.78 -0.20
N CYS B 709 28.55 12.09 -1.24
CA CYS B 709 27.68 13.27 -1.26
C CYS B 709 28.45 14.58 -1.16
N ASP B 710 29.76 14.58 -1.46
CA ASP B 710 30.53 15.81 -1.47
C ASP B 710 30.25 16.68 -2.68
N THR B 711 29.50 16.18 -3.66
CA THR B 711 29.10 16.92 -4.84
C THR B 711 27.59 17.11 -4.84
N MET B 712 27.15 18.24 -5.40
CA MET B 712 25.91 18.86 -4.98
C MET B 712 25.23 19.51 -6.19
N LYS B 713 23.90 19.44 -6.21
CA LYS B 713 23.10 20.24 -7.13
C LYS B 713 23.12 21.70 -6.72
N VAL B 714 23.44 22.58 -7.68
CA VAL B 714 23.18 24.00 -7.56
C VAL B 714 22.39 24.46 -8.78
N GLY B 715 21.64 25.55 -8.60
CA GLY B 715 20.74 26.02 -9.63
C GLY B 715 19.51 25.12 -9.76
N GLY B 716 18.93 25.12 -10.95
CA GLY B 716 17.74 24.34 -11.19
C GLY B 716 17.50 24.15 -12.67
N ASN B 717 16.38 23.50 -12.99
CA ASN B 717 16.05 23.18 -14.37
C ASN B 717 16.01 24.41 -15.24
N LEU B 718 16.62 24.31 -16.42
CA LEU B 718 16.53 25.34 -17.45
C LEU B 718 15.40 25.06 -18.45
N ASP B 719 14.69 23.95 -18.30
CA ASP B 719 13.85 23.43 -19.37
C ASP B 719 12.78 22.53 -18.77
N SER B 720 11.60 22.53 -19.37
CA SER B 720 10.52 21.61 -19.02
C SER B 720 10.62 20.28 -19.77
N LYS B 721 11.84 19.88 -20.13
CA LYS B 721 12.13 18.73 -20.97
C LYS B 721 11.91 17.43 -20.20
N GLY B 722 12.15 16.30 -20.86
CA GLY B 722 12.02 15.02 -20.19
C GLY B 722 12.51 13.88 -21.08
N TYR B 723 12.42 12.67 -20.55
CA TYR B 723 12.75 11.46 -21.28
C TYR B 723 11.53 10.92 -22.01
N GLY B 724 11.79 10.02 -22.95
CA GLY B 724 10.74 9.19 -23.51
C GLY B 724 11.31 7.87 -24.01
N ILE B 725 10.42 6.87 -24.11
CA ILE B 725 10.78 5.65 -24.81
C ILE B 725 10.84 5.94 -26.30
N ALA B 726 11.76 5.28 -27.00
CA ALA B 726 11.94 5.56 -28.42
C ALA B 726 12.13 4.28 -29.21
N THR B 727 11.66 4.33 -30.45
CA THR B 727 11.63 3.23 -31.40
C THR B 727 12.12 3.75 -32.74
N PRO B 728 12.55 2.86 -33.64
CA PRO B 728 12.68 3.26 -35.04
C PRO B 728 11.41 3.94 -35.53
N LYS B 729 11.57 4.91 -36.43
CA LYS B 729 10.44 5.71 -36.87
C LYS B 729 9.44 4.84 -37.61
N GLY B 730 8.20 4.80 -37.13
CA GLY B 730 7.19 3.92 -37.68
C GLY B 730 7.21 2.50 -37.16
N SER B 731 8.03 2.19 -36.16
CA SER B 731 8.03 0.87 -35.56
C SER B 731 6.70 0.60 -34.86
N SER B 732 6.22 -0.65 -34.96
CA SER B 732 4.93 -1.02 -34.39
C SER B 732 4.89 -0.90 -32.87
N LEU B 733 6.05 -0.84 -32.21
CA LEU B 733 6.10 -0.76 -30.75
C LEU B 733 5.57 0.57 -30.21
N GLY B 734 5.58 1.63 -31.01
CA GLY B 734 5.32 2.96 -30.47
C GLY B 734 3.95 3.11 -29.82
N THR B 735 2.90 2.60 -30.48
CA THR B 735 1.56 2.73 -29.90
C THR B 735 1.35 1.88 -28.64
N PRO B 736 1.73 0.59 -28.59
CA PRO B 736 1.59 -0.12 -27.32
C PRO B 736 2.47 0.46 -26.22
N VAL B 737 3.68 0.90 -26.58
CA VAL B 737 4.53 1.61 -25.62
C VAL B 737 3.80 2.81 -25.03
N ASN B 738 3.26 3.68 -25.89
CA ASN B 738 2.59 4.89 -25.41
C ASN B 738 1.36 4.57 -24.56
N LEU B 739 0.56 3.59 -24.98
CA LEU B 739 -0.58 3.18 -24.16
C LEU B 739 -0.15 2.62 -22.81
N ALA B 740 0.90 1.79 -22.79
CA ALA B 740 1.41 1.30 -21.52
C ALA B 740 1.93 2.42 -20.63
N VAL B 741 2.63 3.37 -21.23
CA VAL B 741 3.13 4.54 -20.49
C VAL B 741 1.98 5.28 -19.83
N LEU B 742 0.88 5.48 -20.57
CA LEU B 742 -0.29 6.10 -19.98
C LEU B 742 -0.88 5.26 -18.85
N LYS B 743 -1.03 3.95 -19.07
CA LYS B 743 -1.65 3.09 -18.06
C LYS B 743 -0.83 3.01 -16.79
N LEU B 744 0.51 2.98 -16.92
CA LEU B 744 1.41 3.03 -15.79
C LEU B 744 1.25 4.27 -14.93
N SER B 745 0.86 5.40 -15.52
CA SER B 745 0.84 6.64 -14.77
C SER B 745 -0.23 6.62 -13.69
N GLU B 746 -1.44 6.18 -14.03
CA GLU B 746 -2.48 6.11 -13.01
C GLU B 746 -2.23 4.95 -12.05
N GLN B 747 -1.52 3.91 -12.50
CA GLN B 747 -1.09 2.84 -11.61
C GLN B 747 -0.01 3.30 -10.62
N GLY B 748 0.64 4.43 -10.88
CA GLY B 748 1.64 4.94 -9.96
C GLY B 748 2.94 4.15 -9.92
N VAL B 749 3.28 3.45 -11.01
CA VAL B 749 4.53 2.68 -11.01
C VAL B 749 5.73 3.62 -11.09
N LEU B 750 5.62 4.68 -11.88
CA LEU B 750 6.77 5.49 -12.26
C LEU B 750 7.44 6.13 -11.04
N ASP B 751 6.62 6.68 -10.13
CA ASP B 751 7.17 7.23 -8.90
C ASP B 751 7.71 6.15 -7.97
N LYS B 752 7.15 4.94 -8.00
CA LYS B 752 7.66 3.93 -7.08
C LYS B 752 8.98 3.35 -7.57
N LEU B 753 9.16 3.24 -8.90
CA LEU B 753 10.48 3.04 -9.47
C LEU B 753 11.44 4.16 -9.09
N LYS B 754 10.95 5.41 -9.08
CA LYS B 754 11.86 6.50 -8.75
C LYS B 754 12.26 6.48 -7.29
N ASN B 755 11.33 6.15 -6.39
CA ASN B 755 11.69 5.90 -5.00
C ASN B 755 12.74 4.79 -4.89
N LYS B 756 12.52 3.69 -5.60
CA LYS B 756 13.43 2.55 -5.55
C LYS B 756 14.81 2.85 -6.13
N TRP B 757 14.92 3.81 -7.04
CA TRP B 757 16.22 4.05 -7.67
C TRP B 757 16.88 5.36 -7.30
N TRP B 758 16.18 6.29 -6.64
CA TRP B 758 16.83 7.44 -6.04
C TRP B 758 16.58 7.52 -4.55
N TYR B 759 15.29 7.54 -4.17
CA TYR B 759 14.92 8.11 -2.88
C TYR B 759 15.10 7.12 -1.73
N ASP B 760 14.83 5.85 -1.97
CA ASP B 760 15.17 4.84 -0.96
C ASP B 760 16.68 4.72 -0.81
N LYS B 761 17.42 4.83 -1.91
CA LYS B 761 18.87 4.77 -1.92
C LYS B 761 19.53 6.03 -1.34
N GLY B 762 18.79 6.98 -0.76
CA GLY B 762 19.38 8.07 -0.03
C GLY B 762 19.89 7.64 1.33
N GLU B 763 20.82 6.69 1.34
CA GLU B 763 21.27 6.04 2.55
C GLU B 763 22.29 6.86 3.34
N CYS B 764 22.80 7.95 2.78
CA CYS B 764 23.81 8.75 3.49
C CYS B 764 23.18 9.53 4.64
N GLY B 765 24.01 9.86 5.63
CA GLY B 765 23.58 10.67 6.74
C GLY B 765 23.11 12.06 6.36
N ALA B 766 23.51 12.56 5.18
CA ALA B 766 22.95 13.79 4.64
C ALA B 766 21.42 13.74 4.53
N LYS B 767 20.84 12.54 4.53
CA LYS B 767 19.39 12.42 4.67
C LYS B 767 18.87 13.07 5.95
N ASP B 768 19.68 13.10 7.00
CA ASP B 768 19.21 13.52 8.31
C ASP B 768 20.14 14.52 8.99
N SER B 769 21.43 14.50 8.67
CA SER B 769 22.43 15.20 9.49
C SER B 769 22.20 16.71 9.55
N GLY B 770 21.47 17.29 8.60
CA GLY B 770 21.23 18.72 8.61
C GLY B 770 20.16 19.21 9.55
N SER B 771 19.51 18.32 10.31
CA SER B 771 18.37 18.72 11.13
C SER B 771 18.32 18.05 12.50
N LYS B 772 19.37 17.34 12.90
CA LYS B 772 19.29 16.51 14.10
C LYS B 772 19.27 17.34 15.38
N GLU B 773 18.82 16.70 16.45
CA GLU B 773 18.56 17.34 17.73
C GLU B 773 19.85 17.54 18.52
N LYS B 774 19.73 18.31 19.60
CA LYS B 774 20.73 18.56 20.64
C LYS B 774 22.07 19.04 20.06
N THR B 775 23.09 19.09 20.91
CA THR B 775 24.40 19.60 20.54
C THR B 775 25.49 18.74 21.18
N SER B 776 26.69 18.86 20.63
CA SER B 776 27.90 18.30 21.22
C SER B 776 28.59 19.28 22.16
N ALA B 777 27.81 20.18 22.79
CA ALA B 777 28.27 21.28 23.63
C ALA B 777 28.95 22.37 22.80
N LEU B 778 28.97 23.58 23.35
CA LEU B 778 29.54 24.73 22.66
C LEU B 778 31.05 24.80 22.88
N SER B 779 31.74 25.47 21.96
CA SER B 779 33.19 25.48 21.96
C SER B 779 33.71 26.90 21.80
N LEU B 780 34.99 27.07 22.16
CA LEU B 780 35.65 28.38 22.11
C LEU B 780 35.55 29.03 20.74
N SER B 781 35.84 28.27 19.68
CA SER B 781 35.90 28.83 18.33
C SER B 781 34.58 29.47 17.88
N ASN B 782 33.46 29.07 18.47
CA ASN B 782 32.19 29.73 18.14
C ASN B 782 32.02 31.10 18.77
N VAL B 783 32.78 31.41 19.83
CA VAL B 783 32.54 32.64 20.58
C VAL B 783 33.87 33.34 20.85
N ALA B 784 34.93 32.89 20.16
CA ALA B 784 36.28 33.32 20.48
C ALA B 784 36.48 34.83 20.31
N GLY B 785 35.76 35.45 19.38
CA GLY B 785 35.86 36.89 19.20
C GLY B 785 35.56 37.73 20.43
N VAL B 786 34.76 37.19 21.36
CA VAL B 786 34.53 37.85 22.63
C VAL B 786 35.83 38.04 23.41
N PHE B 787 36.74 37.07 23.33
CA PHE B 787 38.06 37.25 23.93
C PHE B 787 38.91 38.32 23.24
N TYR B 788 38.73 38.53 21.94
CA TYR B 788 39.50 39.56 21.25
C TYR B 788 39.21 40.96 21.78
N ILE B 789 37.92 41.29 21.94
CA ILE B 789 37.54 42.62 22.41
C ILE B 789 37.96 42.84 23.87
N LEU B 790 38.00 41.77 24.66
CA LEU B 790 38.58 41.85 26.00
C LEU B 790 40.07 42.16 25.93
N VAL B 791 40.84 41.33 25.20
CA VAL B 791 42.29 41.53 25.21
C VAL B 791 42.65 42.91 24.65
N GLY B 792 41.90 43.37 23.64
CA GLY B 792 42.03 44.75 23.18
C GLY B 792 41.69 45.80 24.22
N GLY B 793 40.67 45.54 25.04
CA GLY B 793 40.41 46.41 26.18
C GLY B 793 41.53 46.45 27.19
N LEU B 794 42.16 45.31 27.46
CA LEU B 794 43.32 45.28 28.36
C LEU B 794 44.53 46.00 27.74
N GLY B 795 44.70 45.89 26.43
CA GLY B 795 45.70 46.70 25.76
C GLY B 795 45.43 48.20 25.89
N LEU B 796 44.17 48.61 25.71
CA LEU B 796 43.80 49.99 25.94
C LEU B 796 44.04 50.40 27.39
N ALA B 797 43.71 49.53 28.35
CA ALA B 797 43.96 49.78 29.76
C ALA B 797 45.43 49.98 30.08
N MET B 798 46.33 49.34 29.31
CA MET B 798 47.75 49.72 29.39
C MET B 798 48.04 51.06 28.69
N LEU B 799 47.57 51.21 27.45
CA LEU B 799 47.89 52.39 26.65
C LEU B 799 47.46 53.68 27.34
N VAL B 800 46.29 53.67 27.99
CA VAL B 800 45.83 54.84 28.72
C VAL B 800 46.85 55.28 29.76
N ALA B 801 47.39 54.35 30.53
CA ALA B 801 48.42 54.73 31.51
C ALA B 801 49.69 55.19 30.82
N LEU B 802 50.05 54.52 29.72
CA LEU B 802 51.23 54.89 28.93
C LEU B 802 51.16 56.32 28.41
N ILE B 803 49.96 56.81 28.09
CA ILE B 803 49.85 58.19 27.63
C ILE B 803 49.60 59.15 28.78
N GLU B 804 48.82 58.75 29.79
CA GLU B 804 48.56 59.64 30.92
C GLU B 804 49.82 59.94 31.72
N PHE B 805 50.86 59.11 31.58
CA PHE B 805 52.16 59.50 32.09
C PHE B 805 52.56 60.90 31.64
N CYS B 806 52.36 61.22 30.35
CA CYS B 806 52.76 62.53 29.86
C CYS B 806 51.85 63.64 30.36
N TYR B 807 50.59 63.30 30.68
CA TYR B 807 49.70 64.28 31.31
C TYR B 807 50.14 64.58 32.73
N LYS B 808 50.49 63.55 33.51
CA LYS B 808 51.03 63.77 34.84
C LYS B 808 52.43 64.37 34.78
N SER B 809 53.15 64.16 33.68
CA SER B 809 54.47 64.78 33.51
C SER B 809 54.38 66.26 33.17
N ARG B 810 53.19 66.79 32.90
CA ARG B 810 53.03 68.20 32.58
C ARG B 810 53.18 69.06 33.83
N ASN C 1 -32.56 -5.40 -92.98
CA ASN C 1 -33.27 -6.18 -91.98
C ASN C 1 -34.12 -5.29 -91.08
N SER C 2 -35.13 -5.89 -90.44
CA SER C 2 -35.91 -5.24 -89.41
C SER C 2 -35.99 -6.16 -88.20
N ILE C 3 -35.85 -5.58 -87.02
CA ILE C 3 -35.63 -6.33 -85.78
C ILE C 3 -36.59 -5.76 -84.73
N GLN C 4 -37.69 -6.46 -84.49
CA GLN C 4 -38.56 -6.10 -83.38
C GLN C 4 -37.85 -6.36 -82.06
N ILE C 5 -37.93 -5.40 -81.14
CA ILE C 5 -37.37 -5.55 -79.80
C ILE C 5 -38.41 -5.16 -78.77
N GLY C 6 -38.51 -5.95 -77.71
CA GLY C 6 -39.54 -5.74 -76.71
C GLY C 6 -39.14 -4.69 -75.69
N GLY C 7 -40.03 -3.72 -75.48
CA GLY C 7 -39.87 -2.80 -74.37
C GLY C 7 -40.75 -3.14 -73.20
N LEU C 8 -40.18 -3.75 -72.15
CA LEU C 8 -40.88 -3.91 -70.88
C LEU C 8 -40.52 -2.73 -69.99
N PHE C 9 -41.07 -1.56 -70.35
CA PHE C 9 -40.58 -0.34 -69.72
C PHE C 9 -41.33 -0.06 -68.42
N PRO C 10 -40.67 0.60 -67.46
CA PRO C 10 -41.38 1.07 -66.26
C PRO C 10 -42.11 2.37 -66.53
N ARG C 11 -43.35 2.44 -66.05
CA ARG C 11 -44.02 3.72 -66.01
C ARG C 11 -43.32 4.65 -65.01
N GLY C 12 -43.55 5.95 -65.19
CA GLY C 12 -42.84 6.94 -64.38
C GLY C 12 -41.42 7.18 -64.81
N ALA C 13 -41.08 6.86 -66.05
CA ALA C 13 -39.70 6.86 -66.54
C ALA C 13 -39.61 7.54 -67.89
N ASP C 14 -40.36 8.63 -68.05
CA ASP C 14 -40.40 9.34 -69.33
C ASP C 14 -39.02 9.77 -69.78
N GLN C 15 -38.12 10.06 -68.85
CA GLN C 15 -36.74 10.41 -69.21
C GLN C 15 -36.01 9.21 -69.79
N GLU C 16 -36.11 8.05 -69.15
CA GLU C 16 -35.58 6.82 -69.73
C GLU C 16 -36.13 6.55 -71.13
N TYR C 17 -37.44 6.70 -71.32
CA TYR C 17 -38.03 6.44 -72.63
C TYR C 17 -37.58 7.46 -73.68
N SER C 18 -37.44 8.73 -73.27
CA SER C 18 -36.82 9.73 -74.14
C SER C 18 -35.40 9.37 -74.51
N ALA C 19 -34.62 8.85 -73.56
CA ALA C 19 -33.28 8.36 -73.89
C ALA C 19 -33.34 7.16 -74.82
N PHE C 20 -34.37 6.33 -74.69
CA PHE C 20 -34.58 5.23 -75.62
C PHE C 20 -34.82 5.73 -77.04
N ARG C 21 -35.72 6.69 -77.19
CA ARG C 21 -36.01 7.26 -78.50
C ARG C 21 -34.80 7.98 -79.10
N VAL C 22 -34.06 8.76 -78.28
CA VAL C 22 -32.86 9.43 -78.77
C VAL C 22 -31.79 8.42 -79.17
N GLY C 23 -31.63 7.34 -78.41
CA GLY C 23 -30.75 6.27 -78.84
C GLY C 23 -31.17 5.63 -80.15
N MET C 24 -32.46 5.36 -80.30
CA MET C 24 -32.97 4.81 -81.55
C MET C 24 -32.68 5.73 -82.73
N VAL C 25 -32.97 7.02 -82.58
CA VAL C 25 -32.65 8.03 -83.60
C VAL C 25 -31.17 8.02 -83.94
N GLN C 26 -30.30 7.98 -82.92
CA GLN C 26 -28.87 7.98 -83.17
C GLN C 26 -28.41 6.72 -83.91
N PHE C 27 -28.84 5.55 -83.43
CA PHE C 27 -28.22 4.30 -83.84
C PHE C 27 -28.95 3.56 -84.96
N SER C 28 -30.20 3.92 -85.26
CA SER C 28 -30.94 3.18 -86.27
C SER C 28 -30.29 3.28 -87.65
N THR C 29 -30.41 2.21 -88.42
CA THR C 29 -29.92 2.15 -89.79
C THR C 29 -30.77 1.17 -90.57
N SER C 30 -30.86 1.40 -91.88
CA SER C 30 -31.65 0.52 -92.75
C SER C 30 -31.03 -0.86 -92.89
N GLU C 31 -29.78 -1.06 -92.48
CA GLU C 31 -29.19 -2.40 -92.47
C GLU C 31 -29.98 -3.33 -91.55
N PHE C 32 -30.32 -2.85 -90.35
CA PHE C 32 -31.08 -3.65 -89.39
C PHE C 32 -31.79 -2.68 -88.45
N ARG C 33 -33.11 -2.55 -88.65
CA ARG C 33 -33.89 -1.60 -87.86
C ARG C 33 -34.36 -2.25 -86.57
N LEU C 34 -33.75 -1.86 -85.46
CA LEU C 34 -34.29 -2.16 -84.14
C LEU C 34 -35.66 -1.51 -84.01
N THR C 35 -36.69 -2.32 -83.81
CA THR C 35 -38.06 -1.86 -83.97
C THR C 35 -38.81 -1.98 -82.65
N PRO C 36 -39.37 -0.89 -82.14
CA PRO C 36 -40.10 -0.95 -80.86
C PRO C 36 -41.24 -1.95 -80.90
N HIS C 37 -41.37 -2.70 -79.81
CA HIS C 37 -42.64 -3.32 -79.40
C HIS C 37 -42.71 -3.17 -77.87
N ILE C 38 -43.33 -2.09 -77.42
CA ILE C 38 -43.08 -1.52 -76.11
C ILE C 38 -44.36 -1.60 -75.29
N ASP C 39 -44.22 -1.96 -74.00
CA ASP C 39 -45.36 -1.95 -73.10
C ASP C 39 -44.92 -1.44 -71.74
N ASN C 40 -45.89 -0.93 -70.97
CA ASN C 40 -45.62 -0.18 -69.75
C ASN C 40 -46.71 -0.53 -68.74
N LEU C 41 -46.38 -1.38 -67.78
CA LEU C 41 -47.26 -1.69 -66.67
C LEU C 41 -46.45 -1.78 -65.39
N GLU C 42 -47.16 -1.85 -64.25
CA GLU C 42 -46.56 -1.81 -62.93
C GLU C 42 -45.43 -2.83 -62.77
N VAL C 43 -44.20 -2.34 -62.61
CA VAL C 43 -43.05 -3.22 -62.48
C VAL C 43 -43.09 -4.01 -61.18
N ALA C 44 -43.71 -3.47 -60.14
CA ALA C 44 -43.87 -4.22 -58.89
C ALA C 44 -44.78 -5.42 -59.07
N ASN C 45 -45.71 -5.36 -60.04
CA ASN C 45 -46.72 -6.40 -60.23
C ASN C 45 -46.11 -7.49 -61.11
N SER C 46 -45.69 -8.59 -60.47
CA SER C 46 -45.08 -9.70 -61.19
C SER C 46 -46.03 -10.34 -62.19
N PHE C 47 -47.33 -10.39 -61.88
CA PHE C 47 -48.31 -10.93 -62.82
C PHE C 47 -48.39 -10.09 -64.09
N ALA C 48 -48.69 -8.81 -63.96
CA ALA C 48 -48.83 -7.95 -65.14
C ALA C 48 -47.54 -7.91 -65.96
N VAL C 49 -46.40 -7.85 -65.27
CA VAL C 49 -45.09 -7.99 -65.91
C VAL C 49 -45.02 -9.27 -66.74
N THR C 50 -45.28 -10.42 -66.10
CA THR C 50 -45.22 -11.69 -66.84
C THR C 50 -46.16 -11.69 -68.03
N ASN C 51 -47.35 -11.10 -67.87
CA ASN C 51 -48.36 -11.12 -68.92
C ASN C 51 -47.92 -10.33 -70.14
N ALA C 52 -47.48 -9.09 -69.92
CA ALA C 52 -46.91 -8.31 -71.01
C ALA C 52 -45.66 -8.96 -71.60
N PHE C 53 -44.80 -9.54 -70.77
CA PHE C 53 -43.62 -10.22 -71.31
C PHE C 53 -43.98 -11.40 -72.19
N CYS C 54 -45.04 -12.13 -71.84
CA CYS C 54 -45.62 -13.12 -72.76
C CYS C 54 -46.13 -12.50 -74.05
N SER C 55 -46.88 -11.39 -73.93
CA SER C 55 -47.40 -10.71 -75.12
C SER C 55 -46.28 -10.30 -76.07
N GLN C 56 -45.21 -9.72 -75.54
CA GLN C 56 -44.08 -9.32 -76.37
C GLN C 56 -43.37 -10.54 -76.96
N PHE C 57 -43.12 -11.56 -76.15
CA PHE C 57 -42.57 -12.80 -76.67
C PHE C 57 -43.54 -13.50 -77.62
N SER C 58 -44.84 -13.25 -77.48
CA SER C 58 -45.80 -13.78 -78.44
C SER C 58 -45.73 -13.11 -79.80
N ARG C 59 -44.83 -12.15 -79.99
CA ARG C 59 -44.42 -11.72 -81.33
C ARG C 59 -43.08 -12.33 -81.75
N GLY C 60 -42.47 -13.16 -80.91
CA GLY C 60 -41.20 -13.76 -81.27
C GLY C 60 -40.06 -12.78 -81.43
N VAL C 61 -40.09 -11.67 -80.67
CA VAL C 61 -39.07 -10.64 -80.81
C VAL C 61 -37.71 -11.21 -80.45
N TYR C 62 -36.65 -10.58 -80.99
CA TYR C 62 -35.32 -11.15 -80.90
C TYR C 62 -34.65 -10.82 -79.57
N ALA C 63 -34.96 -9.65 -78.99
CA ALA C 63 -34.49 -9.30 -77.66
C ALA C 63 -35.50 -8.37 -77.03
N ILE C 64 -35.47 -8.31 -75.69
CA ILE C 64 -36.37 -7.43 -74.94
C ILE C 64 -35.52 -6.59 -74.00
N PHE C 65 -35.81 -5.29 -73.96
CA PHE C 65 -35.13 -4.37 -73.06
C PHE C 65 -36.15 -3.67 -72.18
N GLY C 66 -35.77 -3.40 -70.94
CA GLY C 66 -36.75 -2.95 -69.97
C GLY C 66 -36.12 -2.83 -68.59
N PHE C 67 -36.99 -2.85 -67.58
CA PHE C 67 -36.57 -2.67 -66.19
C PHE C 67 -37.38 -3.57 -65.28
N TYR C 68 -36.76 -3.98 -64.18
CA TYR C 68 -37.41 -4.79 -63.16
C TYR C 68 -37.06 -4.28 -61.77
N ASP C 69 -37.77 -4.84 -60.80
CA ASP C 69 -37.59 -4.54 -59.39
C ASP C 69 -37.51 -5.86 -58.64
N LYS C 70 -36.94 -5.84 -57.43
CA LYS C 70 -36.68 -7.06 -56.67
C LYS C 70 -37.96 -7.80 -56.33
N LYS C 71 -39.11 -7.20 -56.62
CA LYS C 71 -40.37 -7.95 -56.57
C LYS C 71 -40.59 -8.80 -57.81
N SER C 72 -39.66 -8.80 -58.75
CA SER C 72 -39.91 -9.42 -60.05
C SER C 72 -38.71 -10.17 -60.63
N VAL C 73 -37.51 -9.96 -60.11
CA VAL C 73 -36.32 -10.37 -60.86
C VAL C 73 -36.13 -11.88 -60.98
N ASN C 74 -36.53 -12.65 -59.98
CA ASN C 74 -36.53 -14.10 -60.16
C ASN C 74 -37.86 -14.63 -60.69
N THR C 75 -38.80 -13.76 -61.01
CA THR C 75 -39.82 -14.05 -62.01
C THR C 75 -39.25 -13.91 -63.43
N ILE C 76 -38.78 -12.71 -63.78
CA ILE C 76 -38.35 -12.45 -65.15
C ILE C 76 -37.17 -13.35 -65.53
N THR C 77 -36.08 -13.31 -64.76
CA THR C 77 -34.88 -14.03 -65.17
C THR C 77 -35.12 -15.53 -65.25
N SER C 78 -36.07 -16.06 -64.48
CA SER C 78 -36.44 -17.46 -64.64
C SER C 78 -36.97 -17.76 -66.04
N PHE C 79 -37.69 -16.79 -66.63
CA PHE C 79 -38.09 -16.89 -68.03
C PHE C 79 -36.90 -16.85 -68.98
N CYS C 80 -35.93 -15.99 -68.73
CA CYS C 80 -34.73 -15.98 -69.56
C CYS C 80 -33.96 -17.30 -69.45
N GLY C 81 -34.00 -17.93 -68.28
CA GLY C 81 -33.50 -19.28 -68.07
C GLY C 81 -34.22 -20.40 -68.80
N THR C 82 -35.32 -20.11 -69.49
CA THR C 82 -36.08 -21.16 -70.18
C THR C 82 -36.35 -20.84 -71.64
N LEU C 83 -36.95 -19.68 -71.89
CA LEU C 83 -37.26 -19.23 -73.24
C LEU C 83 -36.05 -18.67 -73.97
N HIS C 84 -34.94 -18.44 -73.26
CA HIS C 84 -33.68 -17.96 -73.83
C HIS C 84 -33.87 -16.66 -74.60
N VAL C 85 -34.91 -15.89 -74.28
CA VAL C 85 -35.00 -14.52 -74.79
C VAL C 85 -33.86 -13.70 -74.19
N SER C 86 -33.04 -13.11 -75.06
CA SER C 86 -31.93 -12.29 -74.62
C SER C 86 -32.44 -10.97 -74.05
N PHE C 87 -31.92 -10.59 -72.88
CA PHE C 87 -32.54 -9.57 -72.06
C PHE C 87 -31.47 -8.62 -71.57
N ILE C 88 -31.79 -7.32 -71.61
CA ILE C 88 -30.84 -6.25 -71.27
C ILE C 88 -31.56 -5.28 -70.35
N THR C 89 -30.91 -4.91 -69.24
CA THR C 89 -31.44 -3.86 -68.40
C THR C 89 -30.31 -3.13 -67.68
N PRO C 90 -30.45 -1.82 -67.48
CA PRO C 90 -29.53 -1.10 -66.60
C PRO C 90 -30.06 -0.92 -65.19
N SER C 91 -31.06 -1.73 -64.79
CA SER C 91 -31.55 -1.67 -63.42
C SER C 91 -30.52 -2.29 -62.46
N PHE C 92 -30.92 -2.47 -61.21
CA PHE C 92 -29.96 -2.96 -60.21
C PHE C 92 -29.49 -4.37 -60.56
N PRO C 93 -28.19 -4.64 -60.52
CA PRO C 93 -27.69 -5.95 -60.89
C PRO C 93 -27.95 -7.01 -59.82
N THR C 94 -28.20 -8.24 -60.27
CA THR C 94 -28.49 -9.35 -59.39
C THR C 94 -27.22 -9.87 -58.73
N ASP C 95 -27.41 -10.58 -57.61
CA ASP C 95 -26.27 -11.15 -56.91
C ASP C 95 -25.73 -12.40 -57.61
N GLY C 96 -26.60 -13.17 -58.26
CA GLY C 96 -26.22 -14.41 -58.89
C GLY C 96 -25.68 -14.22 -60.30
N THR C 97 -25.66 -15.31 -61.05
CA THR C 97 -25.15 -15.32 -62.42
C THR C 97 -26.16 -16.02 -63.32
N HIS C 98 -26.51 -15.38 -64.43
CA HIS C 98 -27.54 -15.86 -65.34
C HIS C 98 -27.24 -15.44 -66.77
N PRO C 99 -27.03 -16.38 -67.69
CA PRO C 99 -26.97 -16.04 -69.11
C PRO C 99 -28.25 -15.38 -69.62
N PHE C 100 -28.16 -14.75 -70.79
CA PHE C 100 -29.27 -14.05 -71.44
C PHE C 100 -29.70 -12.79 -70.69
N VAL C 101 -29.04 -12.48 -69.58
CA VAL C 101 -29.27 -11.24 -68.85
C VAL C 101 -28.04 -10.36 -69.00
N ILE C 102 -28.26 -9.11 -69.39
CA ILE C 102 -27.23 -8.09 -69.42
C ILE C 102 -27.52 -7.10 -68.30
N GLN C 103 -26.60 -7.00 -67.35
CA GLN C 103 -26.79 -6.19 -66.15
C GLN C 103 -25.99 -4.90 -66.36
N MET C 104 -26.65 -3.91 -66.97
CA MET C 104 -25.93 -2.77 -67.52
C MET C 104 -25.48 -1.79 -66.44
N ARG C 105 -26.19 -1.73 -65.32
CA ARG C 105 -25.71 -0.93 -64.19
C ARG C 105 -24.55 -1.63 -63.50
N PRO C 106 -23.45 -0.93 -63.25
CA PRO C 106 -22.29 -1.56 -62.59
C PRO C 106 -22.56 -1.80 -61.10
N ASP C 107 -21.67 -2.60 -60.51
CA ASP C 107 -21.80 -2.98 -59.10
C ASP C 107 -21.27 -1.86 -58.21
N LEU C 108 -22.16 -1.31 -57.38
CA LEU C 108 -21.81 -0.23 -56.48
C LEU C 108 -21.05 -0.70 -55.24
N LYS C 109 -21.16 -1.98 -54.88
CA LYS C 109 -20.68 -2.44 -53.58
C LYS C 109 -19.16 -2.33 -53.45
N GLY C 110 -18.42 -2.70 -54.50
CA GLY C 110 -16.97 -2.60 -54.43
C GLY C 110 -16.45 -1.19 -54.16
N ALA C 111 -16.96 -0.22 -54.91
CA ALA C 111 -16.55 1.17 -54.71
C ALA C 111 -16.96 1.68 -53.34
N LEU C 112 -18.20 1.41 -52.93
CA LEU C 112 -18.68 1.91 -51.65
C LEU C 112 -17.92 1.29 -50.48
N LEU C 113 -17.53 0.01 -50.60
CA LEU C 113 -16.58 -0.56 -49.64
C LEU C 113 -15.28 0.21 -49.63
N SER C 114 -14.64 0.37 -50.80
CA SER C 114 -13.31 0.98 -50.85
C SER C 114 -13.34 2.39 -50.27
N LEU C 115 -14.45 3.10 -50.48
CA LEU C 115 -14.59 4.44 -49.93
C LEU C 115 -14.57 4.43 -48.41
N ILE C 116 -15.04 3.36 -47.78
CA ILE C 116 -15.07 3.33 -46.31
C ILE C 116 -13.65 3.25 -45.77
N GLU C 117 -12.78 2.49 -46.43
CA GLU C 117 -11.35 2.53 -46.09
C GLU C 117 -10.78 3.91 -46.35
N TYR C 118 -11.17 4.54 -47.47
CA TYR C 118 -10.56 5.82 -47.84
C TYR C 118 -10.91 6.91 -46.84
N TYR C 119 -12.16 6.95 -46.38
CA TYR C 119 -12.52 7.83 -45.27
C TYR C 119 -12.15 7.24 -43.92
N GLN C 120 -11.81 5.95 -43.84
CA GLN C 120 -11.22 5.33 -42.65
C GLN C 120 -12.15 5.46 -41.43
N TRP C 121 -13.28 4.78 -41.53
CA TRP C 121 -14.22 4.70 -40.41
C TRP C 121 -14.23 3.29 -39.84
N ASP C 122 -14.22 3.19 -38.51
CA ASP C 122 -14.55 1.96 -37.82
C ASP C 122 -16.00 1.90 -37.37
N LYS C 123 -16.77 2.95 -37.64
CA LYS C 123 -18.13 3.09 -37.11
C LYS C 123 -18.91 3.96 -38.08
N PHE C 124 -20.09 3.48 -38.49
CA PHE C 124 -21.01 4.28 -39.29
C PHE C 124 -22.43 3.80 -39.04
N ALA C 125 -23.38 4.72 -39.23
CA ALA C 125 -24.77 4.33 -39.37
C ALA C 125 -25.08 4.00 -40.83
N TYR C 126 -26.12 3.18 -41.02
CA TYR C 126 -26.42 2.66 -42.36
C TYR C 126 -27.93 2.47 -42.52
N LEU C 127 -28.58 3.41 -43.21
CA LEU C 127 -29.95 3.22 -43.65
C LEU C 127 -29.96 2.54 -45.02
N TYR C 128 -31.06 1.85 -45.32
CA TYR C 128 -31.23 1.24 -46.63
C TYR C 128 -32.71 1.07 -46.94
N ASP C 129 -33.01 0.83 -48.22
CA ASP C 129 -34.34 0.48 -48.68
C ASP C 129 -34.29 -0.81 -49.48
N SER C 130 -35.42 -1.54 -49.46
CA SER C 130 -35.44 -2.91 -49.95
C SER C 130 -35.33 -3.01 -51.46
N ASP C 131 -35.66 -1.93 -52.18
CA ASP C 131 -36.05 -2.10 -53.58
C ASP C 131 -34.89 -2.50 -54.48
N ARG C 132 -33.67 -2.04 -54.22
CA ARG C 132 -32.53 -2.57 -54.96
C ARG C 132 -31.97 -3.85 -54.35
N GLY C 133 -32.70 -4.47 -53.43
CA GLY C 133 -32.19 -5.60 -52.70
C GLY C 133 -31.35 -5.22 -51.49
N LEU C 134 -31.31 -6.09 -50.49
CA LEU C 134 -30.48 -5.88 -49.31
C LEU C 134 -29.04 -6.30 -49.60
N SER C 135 -28.71 -6.40 -50.89
CA SER C 135 -27.39 -6.88 -51.32
C SER C 135 -26.27 -6.04 -50.74
N THR C 136 -26.44 -4.71 -50.70
CA THR C 136 -25.44 -3.86 -50.08
C THR C 136 -25.38 -4.07 -48.57
N LEU C 137 -26.55 -4.19 -47.93
CA LEU C 137 -26.57 -4.46 -46.48
C LEU C 137 -25.82 -5.74 -46.14
N GLN C 138 -26.06 -6.81 -46.89
CA GLN C 138 -25.31 -8.04 -46.73
C GLN C 138 -23.82 -7.84 -47.00
N ALA C 139 -23.49 -7.22 -48.13
CA ALA C 139 -22.10 -7.12 -48.54
C ALA C 139 -21.27 -6.32 -47.54
N VAL C 140 -21.82 -5.22 -47.03
CA VAL C 140 -21.09 -4.50 -45.99
C VAL C 140 -21.08 -5.28 -44.68
N LEU C 141 -22.16 -5.99 -44.36
CA LEU C 141 -22.16 -6.69 -43.07
C LEU C 141 -21.30 -7.94 -43.11
N ASP C 142 -21.29 -8.66 -44.24
CA ASP C 142 -20.24 -9.64 -44.48
C ASP C 142 -18.85 -9.01 -44.33
N SER C 143 -18.67 -7.80 -44.87
CA SER C 143 -17.39 -7.13 -44.74
C SER C 143 -17.16 -6.53 -43.36
N ALA C 144 -18.10 -6.69 -42.43
CA ALA C 144 -17.90 -6.17 -41.08
C ALA C 144 -16.66 -6.76 -40.41
N ALA C 145 -16.38 -8.04 -40.67
CA ALA C 145 -15.24 -8.69 -40.03
C ALA C 145 -13.92 -8.05 -40.45
N GLU C 146 -13.76 -7.81 -41.75
CA GLU C 146 -12.44 -7.49 -42.30
C GLU C 146 -11.86 -6.20 -41.70
N LYS C 147 -12.71 -5.24 -41.35
CA LYS C 147 -12.29 -4.03 -40.66
C LYS C 147 -12.89 -3.89 -39.28
N LYS C 148 -13.51 -4.96 -38.76
CA LYS C 148 -14.20 -4.96 -37.45
C LYS C 148 -15.02 -3.69 -37.24
N TRP C 149 -15.85 -3.39 -38.23
CA TRP C 149 -16.70 -2.20 -38.19
C TRP C 149 -17.82 -2.37 -37.18
N GLN C 150 -18.06 -1.33 -36.39
CA GLN C 150 -19.38 -1.15 -35.79
C GLN C 150 -20.34 -0.65 -36.86
N VAL C 151 -21.50 -1.29 -36.99
CA VAL C 151 -22.53 -0.87 -37.92
C VAL C 151 -23.89 -0.97 -37.27
N THR C 152 -24.70 0.06 -37.42
CA THR C 152 -26.12 0.03 -37.09
C THR C 152 -26.91 0.13 -38.40
N ALA C 153 -27.87 -0.77 -38.60
CA ALA C 153 -28.71 -0.74 -39.79
C ALA C 153 -30.19 -0.59 -39.42
N ILE C 154 -30.82 0.45 -39.94
CA ILE C 154 -32.21 0.78 -39.63
C ILE C 154 -32.96 0.87 -40.94
N ASN C 155 -33.96 0.02 -41.12
CA ASN C 155 -34.73 -0.04 -42.36
C ASN C 155 -35.59 1.22 -42.49
N VAL C 156 -35.17 2.16 -43.34
CA VAL C 156 -35.93 3.36 -43.60
C VAL C 156 -37.06 3.12 -44.61
N GLY C 157 -37.05 1.96 -45.29
CA GLY C 157 -37.93 1.77 -46.44
C GLY C 157 -39.40 1.90 -46.12
N ASN C 158 -39.83 1.36 -44.97
CA ASN C 158 -41.25 1.37 -44.65
C ASN C 158 -41.78 2.77 -44.29
N ILE C 159 -40.95 3.81 -44.36
CA ILE C 159 -41.47 5.17 -44.26
C ILE C 159 -42.45 5.41 -45.40
N ASN C 160 -43.66 5.87 -45.07
CA ASN C 160 -44.71 6.13 -46.04
C ASN C 160 -45.44 7.41 -45.66
N ASN C 161 -46.26 7.90 -46.59
CA ASN C 161 -46.90 9.20 -46.46
C ASN C 161 -47.87 9.29 -45.28
N ASP C 162 -48.25 8.16 -44.68
CA ASP C 162 -49.11 8.21 -43.50
C ASP C 162 -48.45 8.95 -42.34
N LYS C 163 -47.14 8.78 -42.17
CA LYS C 163 -46.45 9.40 -41.04
C LYS C 163 -45.06 9.86 -41.45
N LYS C 164 -44.91 10.42 -42.65
CA LYS C 164 -43.59 10.78 -43.13
C LYS C 164 -43.15 12.12 -42.57
N ASP C 165 -43.34 12.35 -41.27
CA ASP C 165 -42.70 13.49 -40.61
C ASP C 165 -42.19 13.10 -39.23
N GLU C 166 -42.98 12.29 -38.52
CA GLU C 166 -42.62 11.83 -37.18
C GLU C 166 -41.74 10.58 -37.21
N THR C 167 -41.86 9.78 -38.27
CA THR C 167 -40.88 8.72 -38.54
C THR C 167 -39.47 9.28 -38.57
N TYR C 168 -39.23 10.30 -39.40
CA TYR C 168 -37.88 10.85 -39.50
C TYR C 168 -37.42 11.46 -38.19
N ARG C 169 -38.33 12.06 -37.41
CA ARG C 169 -37.98 12.47 -36.06
C ARG C 169 -37.45 11.30 -35.24
N SER C 170 -38.27 10.26 -35.05
CA SER C 170 -37.86 9.13 -34.22
C SER C 170 -36.57 8.50 -34.74
N LEU C 171 -36.47 8.35 -36.06
CA LEU C 171 -35.30 7.77 -36.71
C LEU C 171 -34.03 8.54 -36.40
N PHE C 172 -33.97 9.82 -36.77
CA PHE C 172 -32.77 10.59 -36.49
C PHE C 172 -32.54 10.79 -35.00
N GLN C 173 -33.60 10.81 -34.18
CA GLN C 173 -33.40 10.88 -32.74
C GLN C 173 -32.66 9.64 -32.23
N ASP C 174 -32.95 8.47 -32.82
CA ASP C 174 -32.16 7.28 -32.54
C ASP C 174 -30.69 7.44 -32.91
N LEU C 175 -30.40 8.15 -34.01
CA LEU C 175 -29.01 8.43 -34.39
C LEU C 175 -28.35 9.48 -33.50
N GLU C 176 -29.14 10.34 -32.87
CA GLU C 176 -28.64 11.20 -31.80
C GLU C 176 -28.39 10.43 -30.52
N LEU C 177 -29.22 9.44 -30.20
CA LEU C 177 -29.02 8.68 -28.98
C LEU C 177 -27.77 7.81 -29.07
N LYS C 178 -27.53 7.18 -30.21
CA LYS C 178 -26.23 6.58 -30.47
C LYS C 178 -25.18 7.59 -30.88
N LYS C 179 -25.61 8.83 -31.18
CA LYS C 179 -24.72 9.93 -31.56
C LYS C 179 -23.90 9.53 -32.80
N GLU C 180 -24.60 8.99 -33.80
CA GLU C 180 -23.97 8.58 -35.04
C GLU C 180 -23.63 9.80 -35.89
N ARG C 181 -22.43 9.80 -36.48
CA ARG C 181 -21.97 10.96 -37.23
C ARG C 181 -21.27 10.62 -38.54
N ARG C 182 -21.20 9.36 -38.94
CA ARG C 182 -20.91 8.97 -40.31
C ARG C 182 -22.09 8.16 -40.81
N VAL C 183 -22.82 8.72 -41.78
CA VAL C 183 -24.13 8.20 -42.17
C VAL C 183 -24.06 7.78 -43.64
N ILE C 184 -24.34 6.50 -43.89
CA ILE C 184 -24.44 5.98 -45.24
C ILE C 184 -25.93 5.84 -45.56
N LEU C 185 -26.33 6.32 -46.73
CA LEU C 185 -27.68 6.10 -47.21
C LEU C 185 -27.64 5.26 -48.48
N ASP C 186 -28.56 4.32 -48.58
CA ASP C 186 -28.70 3.52 -49.78
C ASP C 186 -30.15 3.53 -50.23
N CYS C 187 -30.55 4.61 -50.89
CA CYS C 187 -31.92 4.80 -51.36
C CYS C 187 -31.90 4.80 -52.89
N GLU C 188 -33.03 5.02 -53.57
CA GLU C 188 -33.03 5.43 -54.96
C GLU C 188 -33.06 6.95 -54.99
N ARG C 189 -32.56 7.51 -56.09
CA ARG C 189 -32.38 8.96 -56.17
C ARG C 189 -33.68 9.69 -55.84
N ASP C 190 -34.81 9.22 -56.39
CA ASP C 190 -36.09 9.87 -56.18
C ASP C 190 -36.62 9.70 -54.76
N LYS C 191 -35.94 8.94 -53.91
CA LYS C 191 -36.21 8.94 -52.47
C LYS C 191 -35.31 9.92 -51.70
N VAL C 192 -34.06 10.07 -52.11
CA VAL C 192 -33.05 10.76 -51.32
C VAL C 192 -33.46 12.19 -50.99
N ASN C 193 -34.18 12.84 -51.91
CA ASN C 193 -34.66 14.19 -51.62
C ASN C 193 -35.56 14.24 -50.40
N ASP C 194 -36.37 13.20 -50.18
CA ASP C 194 -37.26 13.21 -49.02
C ASP C 194 -36.56 12.98 -47.69
N ILE C 195 -35.44 12.27 -47.67
CA ILE C 195 -34.62 12.22 -46.46
C ILE C 195 -33.88 13.53 -46.26
N VAL C 196 -33.24 14.05 -47.32
CA VAL C 196 -32.49 15.31 -47.23
C VAL C 196 -33.38 16.45 -46.75
N ASP C 197 -34.65 16.47 -47.17
CA ASP C 197 -35.60 17.47 -46.66
C ASP C 197 -35.67 17.45 -45.14
N GLN C 198 -35.85 16.26 -44.56
CA GLN C 198 -35.93 16.16 -43.10
C GLN C 198 -34.58 16.44 -42.45
N VAL C 199 -33.49 16.02 -43.09
CA VAL C 199 -32.16 16.34 -42.59
C VAL C 199 -32.00 17.85 -42.39
N ILE C 200 -32.38 18.63 -43.41
CA ILE C 200 -32.27 20.08 -43.25
C ILE C 200 -33.27 20.59 -42.23
N THR C 201 -34.50 20.06 -42.24
CA THR C 201 -35.54 20.55 -41.35
C THR C 201 -35.17 20.36 -39.87
N ILE C 202 -34.32 19.39 -39.56
CA ILE C 202 -33.91 19.22 -38.16
C ILE C 202 -32.41 19.36 -38.02
N GLY C 203 -31.77 20.08 -38.94
CA GLY C 203 -30.47 20.66 -38.71
C GLY C 203 -29.29 19.74 -38.82
N LYS C 204 -29.49 18.47 -39.18
CA LYS C 204 -28.42 17.48 -39.08
C LYS C 204 -27.49 17.47 -40.28
N HIS C 205 -26.91 18.63 -40.61
CA HIS C 205 -26.05 18.76 -41.77
C HIS C 205 -24.83 19.64 -41.53
N VAL C 206 -24.62 20.14 -40.31
CA VAL C 206 -23.46 20.95 -39.97
C VAL C 206 -22.21 20.08 -39.87
N LYS C 207 -21.06 20.71 -39.71
CA LYS C 207 -19.78 20.00 -39.61
C LYS C 207 -19.83 18.97 -38.49
N GLY C 208 -19.23 17.82 -38.75
CA GLY C 208 -19.27 16.69 -37.83
C GLY C 208 -19.94 15.51 -38.49
N TYR C 209 -21.01 15.76 -39.23
CA TYR C 209 -21.61 14.74 -40.06
C TYR C 209 -20.72 14.46 -41.27
N HIS C 210 -20.82 13.23 -41.78
CA HIS C 210 -20.26 12.85 -43.07
C HIS C 210 -21.30 12.00 -43.78
N TYR C 211 -21.58 12.31 -45.04
CA TYR C 211 -22.64 11.65 -45.78
C TYR C 211 -22.10 10.93 -47.01
N ILE C 212 -22.73 9.81 -47.34
CA ILE C 212 -22.63 9.18 -48.65
C ILE C 212 -24.03 8.89 -49.14
N ILE C 213 -24.23 9.04 -50.45
CA ILE C 213 -25.45 8.60 -51.12
C ILE C 213 -25.08 7.44 -52.02
N ALA C 214 -25.70 6.28 -51.80
CA ALA C 214 -25.36 5.08 -52.55
C ALA C 214 -26.10 5.05 -53.89
N ASN C 215 -25.86 6.08 -54.69
CA ASN C 215 -26.30 6.12 -56.06
C ASN C 215 -25.15 6.49 -56.98
N LEU C 216 -25.19 5.95 -58.19
CA LEU C 216 -24.17 6.22 -59.20
C LEU C 216 -24.36 7.57 -59.86
N GLY C 217 -25.45 8.27 -59.55
CA GLY C 217 -25.77 9.57 -60.09
C GLY C 217 -25.97 10.60 -58.99
N PHE C 218 -25.08 10.58 -58.00
CA PHE C 218 -25.21 11.41 -56.80
C PHE C 218 -25.63 12.84 -57.12
N THR C 219 -25.13 13.40 -58.22
CA THR C 219 -25.43 14.79 -58.56
C THR C 219 -26.71 14.94 -59.39
N ASP C 220 -27.83 14.46 -58.86
CA ASP C 220 -29.13 14.63 -59.53
C ASP C 220 -30.13 15.45 -58.72
N GLY C 221 -30.04 15.43 -57.39
CA GLY C 221 -30.99 16.14 -56.57
C GLY C 221 -30.62 17.59 -56.35
N ASP C 222 -31.38 18.24 -55.47
CA ASP C 222 -31.06 19.59 -55.04
C ASP C 222 -29.94 19.58 -53.99
N LEU C 223 -28.81 18.98 -54.36
CA LEU C 223 -27.65 18.95 -53.46
C LEU C 223 -27.19 20.34 -53.05
N LEU C 224 -27.37 21.33 -53.93
CA LEU C 224 -27.07 22.73 -53.63
C LEU C 224 -27.70 23.24 -52.34
N LYS C 225 -28.86 22.69 -51.94
CA LYS C 225 -29.49 23.14 -50.70
C LYS C 225 -28.72 22.67 -49.46
N ILE C 226 -28.15 21.46 -49.48
CA ILE C 226 -27.28 21.04 -48.37
C ILE C 226 -25.81 21.31 -48.63
N GLN C 227 -25.46 21.78 -49.83
CA GLN C 227 -24.10 22.15 -50.15
C GLN C 227 -23.53 23.21 -49.22
N PHE C 228 -24.40 24.00 -48.58
CA PHE C 228 -23.96 24.99 -47.61
C PHE C 228 -23.89 24.45 -46.18
N GLY C 229 -24.37 23.24 -45.94
CA GLY C 229 -24.50 22.75 -44.58
C GLY C 229 -23.17 22.57 -43.87
N GLY C 230 -22.18 22.06 -44.58
CA GLY C 230 -20.85 21.82 -44.04
C GLY C 230 -20.52 20.37 -43.77
N ALA C 231 -21.52 19.49 -43.73
CA ALA C 231 -21.24 18.07 -43.82
C ALA C 231 -20.62 17.73 -45.16
N GLU C 232 -19.69 16.77 -45.15
CA GLU C 232 -19.03 16.31 -46.38
C GLU C 232 -19.89 15.22 -47.04
N VAL C 233 -20.89 15.66 -47.79
CA VAL C 233 -21.77 14.76 -48.53
C VAL C 233 -21.05 14.33 -49.81
N SER C 234 -20.66 13.06 -49.89
CA SER C 234 -19.73 12.59 -50.90
C SER C 234 -20.25 11.31 -51.55
N GLY C 235 -20.37 11.31 -52.88
CA GLY C 235 -21.08 10.25 -53.57
C GLY C 235 -20.65 10.14 -55.01
N PHE C 236 -21.17 9.09 -55.66
CA PHE C 236 -20.57 8.53 -56.86
C PHE C 236 -21.10 9.18 -58.13
N GLN C 237 -20.32 9.03 -59.22
CA GLN C 237 -20.70 9.49 -60.56
C GLN C 237 -20.18 8.49 -61.58
N ILE C 238 -21.08 7.67 -62.12
CA ILE C 238 -20.75 6.96 -63.35
C ILE C 238 -20.89 7.89 -64.55
N VAL C 239 -21.94 8.72 -64.56
CA VAL C 239 -22.03 9.81 -65.52
C VAL C 239 -21.01 10.88 -65.18
N ASP C 240 -20.32 11.38 -66.20
CA ASP C 240 -19.40 12.51 -66.03
C ASP C 240 -19.59 13.43 -67.23
N TYR C 241 -20.15 14.61 -66.98
CA TYR C 241 -20.45 15.56 -68.05
C TYR C 241 -19.21 16.16 -68.68
N ASP C 242 -18.04 15.97 -68.07
CA ASP C 242 -16.80 16.58 -68.55
C ASP C 242 -16.15 15.81 -69.70
N ASP C 243 -16.51 14.54 -69.89
CA ASP C 243 -15.98 13.75 -70.99
C ASP C 243 -16.54 14.29 -72.31
N SER C 244 -15.67 14.79 -73.17
CA SER C 244 -16.14 15.44 -74.39
C SER C 244 -16.92 14.47 -75.26
N LEU C 245 -16.46 13.22 -75.34
CA LEU C 245 -17.23 12.19 -76.04
C LEU C 245 -18.65 12.12 -75.50
N VAL C 246 -18.79 12.19 -74.17
CA VAL C 246 -20.09 12.22 -73.52
C VAL C 246 -20.71 13.60 -73.63
N SER C 247 -19.90 14.64 -73.40
CA SER C 247 -20.43 16.00 -73.36
C SER C 247 -21.09 16.42 -74.67
N LYS C 248 -20.62 15.92 -75.81
CA LYS C 248 -21.35 16.13 -77.07
C LYS C 248 -22.77 15.57 -77.01
N PHE C 249 -22.94 14.38 -76.43
CA PHE C 249 -24.29 13.89 -76.16
C PHE C 249 -25.03 14.79 -75.20
N ILE C 250 -24.36 15.22 -74.12
CA ILE C 250 -25.03 16.06 -73.13
C ILE C 250 -25.55 17.34 -73.77
N GLU C 251 -24.75 17.96 -74.65
CA GLU C 251 -25.19 19.09 -75.44
C GLU C 251 -26.43 18.75 -76.25
N ARG C 252 -26.33 17.69 -77.07
CA ARG C 252 -27.43 17.33 -77.95
C ARG C 252 -28.71 17.05 -77.17
N TRP C 253 -28.60 16.27 -76.09
CA TRP C 253 -29.71 15.95 -75.20
C TRP C 253 -30.35 17.22 -74.63
N SER C 254 -29.54 18.06 -73.96
CA SER C 254 -30.06 19.27 -73.34
C SER C 254 -30.60 20.29 -74.34
N THR C 255 -30.22 20.17 -75.61
CA THR C 255 -30.75 21.07 -76.63
C THR C 255 -31.95 20.50 -77.37
N LEU C 256 -32.16 19.19 -77.32
CA LEU C 256 -33.34 18.59 -77.92
C LEU C 256 -34.60 19.13 -77.24
N GLU C 257 -35.68 19.23 -78.02
CA GLU C 257 -36.88 19.94 -77.58
C GLU C 257 -37.47 19.29 -76.33
N GLU C 258 -37.87 20.14 -75.37
CA GLU C 258 -38.15 19.68 -74.02
C GLU C 258 -39.44 18.87 -73.91
N LYS C 259 -40.44 19.16 -74.75
CA LYS C 259 -41.75 18.54 -74.57
C LYS C 259 -41.99 17.33 -75.48
N GLU C 260 -41.44 17.33 -76.69
CA GLU C 260 -41.54 16.12 -77.51
C GLU C 260 -40.72 14.98 -76.91
N TYR C 261 -39.61 15.32 -76.27
CA TYR C 261 -38.83 14.39 -75.45
C TYR C 261 -38.97 14.81 -74.00
N PRO C 262 -40.06 14.41 -73.32
CA PRO C 262 -40.42 15.03 -72.03
C PRO C 262 -39.31 14.98 -70.98
N GLY C 263 -38.82 16.14 -70.59
CA GLY C 263 -37.77 16.24 -69.60
C GLY C 263 -36.37 15.97 -70.08
N ALA C 264 -36.13 16.06 -71.39
CA ALA C 264 -34.79 15.83 -71.94
C ALA C 264 -33.92 17.07 -71.94
N HIS C 265 -34.50 18.26 -71.74
CA HIS C 265 -33.77 19.50 -72.02
C HIS C 265 -32.81 19.90 -70.91
N THR C 266 -32.84 19.24 -69.75
CA THR C 266 -31.97 19.61 -68.65
C THR C 266 -30.51 19.34 -68.99
N ALA C 267 -29.63 20.12 -68.36
CA ALA C 267 -28.19 19.95 -68.53
C ALA C 267 -27.67 18.67 -67.88
N THR C 268 -28.49 17.98 -67.10
CA THR C 268 -28.08 16.77 -66.41
C THR C 268 -29.14 15.70 -66.62
N ILE C 269 -28.73 14.44 -66.48
CA ILE C 269 -29.58 13.30 -66.81
C ILE C 269 -29.37 12.20 -65.78
N LYS C 270 -30.45 11.51 -65.44
CA LYS C 270 -30.35 10.35 -64.56
C LYS C 270 -29.51 9.26 -65.21
N TYR C 271 -28.64 8.62 -64.42
CA TYR C 271 -27.74 7.61 -64.95
C TYR C 271 -28.47 6.36 -65.41
N THR C 272 -29.66 6.09 -64.88
CA THR C 272 -30.54 5.10 -65.49
C THR C 272 -30.83 5.45 -66.94
N SER C 273 -31.36 6.65 -67.17
CA SER C 273 -31.63 7.10 -68.54
C SER C 273 -30.37 7.14 -69.39
N ALA C 274 -29.25 7.58 -68.80
CA ALA C 274 -27.99 7.59 -69.55
C ALA C 274 -27.60 6.19 -70.02
N LEU C 275 -27.66 5.20 -69.12
CA LEU C 275 -27.39 3.82 -69.51
C LEU C 275 -28.37 3.28 -70.54
N THR C 276 -29.53 3.91 -70.73
CA THR C 276 -30.41 3.51 -71.84
C THR C 276 -29.73 3.71 -73.18
N TYR C 277 -28.93 4.77 -73.31
CA TYR C 277 -28.16 4.99 -74.53
C TYR C 277 -27.17 3.85 -74.74
N ASP C 278 -26.39 3.52 -73.71
CA ASP C 278 -25.41 2.45 -73.82
C ASP C 278 -26.08 1.11 -74.11
N ALA C 279 -27.24 0.85 -73.51
CA ALA C 279 -27.97 -0.39 -73.77
C ALA C 279 -28.42 -0.51 -75.22
N VAL C 280 -29.09 0.52 -75.74
CA VAL C 280 -29.51 0.51 -77.14
C VAL C 280 -28.31 0.40 -78.06
N GLN C 281 -27.21 1.06 -77.69
CA GLN C 281 -25.96 0.95 -78.43
C GLN C 281 -25.46 -0.49 -78.48
N VAL C 282 -25.49 -1.19 -77.34
CA VAL C 282 -25.01 -2.56 -77.32
C VAL C 282 -25.94 -3.49 -78.08
N MET C 283 -27.26 -3.29 -77.98
CA MET C 283 -28.17 -4.06 -78.82
C MET C 283 -27.91 -3.84 -80.31
N THR C 284 -27.69 -2.59 -80.72
CA THR C 284 -27.36 -2.30 -82.12
C THR C 284 -26.05 -2.96 -82.52
N GLU C 285 -25.00 -2.77 -81.73
CA GLU C 285 -23.70 -3.36 -82.05
C GLU C 285 -23.75 -4.89 -82.04
N ALA C 286 -24.66 -5.48 -81.25
CA ALA C 286 -24.81 -6.94 -81.25
C ALA C 286 -25.50 -7.45 -82.51
N PHE C 287 -26.57 -6.79 -82.95
CA PHE C 287 -27.17 -7.16 -84.23
C PHE C 287 -26.22 -6.91 -85.40
N ARG C 288 -25.43 -5.83 -85.32
CA ARG C 288 -24.36 -5.62 -86.29
C ARG C 288 -23.31 -6.72 -86.26
N ASN C 289 -22.89 -7.16 -85.07
CA ASN C 289 -21.99 -8.31 -84.99
C ASN C 289 -22.61 -9.55 -85.62
N LEU C 290 -23.87 -9.83 -85.29
CA LEU C 290 -24.57 -10.99 -85.84
C LEU C 290 -24.55 -10.96 -87.37
N ARG C 291 -24.89 -9.82 -87.96
CA ARG C 291 -24.86 -9.71 -89.43
C ARG C 291 -23.45 -9.80 -89.98
N LYS C 292 -22.48 -9.13 -89.34
CA LYS C 292 -21.10 -9.17 -89.80
C LYS C 292 -20.50 -10.56 -89.64
N GLN C 293 -20.81 -11.26 -88.55
CA GLN C 293 -20.32 -12.63 -88.39
C GLN C 293 -21.11 -13.63 -89.21
N ARG C 294 -22.15 -13.18 -89.92
CA ARG C 294 -22.86 -13.97 -90.92
C ARG C 294 -23.55 -15.18 -90.32
N ILE C 295 -24.12 -15.01 -89.12
CA ILE C 295 -25.12 -15.92 -88.58
C ILE C 295 -26.43 -15.14 -88.53
N GLU C 296 -27.45 -15.65 -89.20
CA GLU C 296 -28.67 -14.90 -89.41
C GLU C 296 -29.66 -15.16 -88.28
N ILE C 297 -30.36 -14.10 -87.89
CA ILE C 297 -31.48 -14.21 -86.95
C ILE C 297 -32.74 -14.58 -87.73
N SER C 298 -32.56 -14.97 -89.00
CA SER C 298 -33.68 -15.51 -89.78
C SER C 298 -34.34 -16.64 -89.01
N ARG C 299 -35.63 -16.50 -88.75
CA ARG C 299 -36.32 -17.29 -87.74
C ARG C 299 -37.69 -17.70 -88.26
N ARG C 300 -38.18 -18.82 -87.74
CA ARG C 300 -39.53 -19.27 -88.06
C ARG C 300 -40.56 -18.21 -87.73
N GLY C 301 -41.64 -18.20 -88.52
CA GLY C 301 -42.70 -17.24 -88.30
C GLY C 301 -43.48 -17.47 -87.03
N ASN C 302 -43.44 -18.68 -86.49
CA ASN C 302 -44.10 -18.96 -85.22
C ASN C 302 -43.39 -18.21 -84.09
N ALA C 303 -44.18 -17.51 -83.27
CA ALA C 303 -43.60 -16.80 -82.13
C ALA C 303 -43.09 -17.75 -81.06
N GLY C 304 -43.69 -18.93 -80.94
CA GLY C 304 -43.50 -19.75 -79.77
C GLY C 304 -44.55 -19.49 -78.71
N ASP C 305 -44.21 -19.90 -77.49
CA ASP C 305 -45.14 -19.74 -76.36
C ASP C 305 -44.29 -19.59 -75.10
N CYS C 306 -44.55 -18.52 -74.33
CA CYS C 306 -43.84 -18.33 -73.08
C CYS C 306 -44.12 -19.45 -72.09
N LEU C 307 -45.24 -20.15 -72.25
CA LEU C 307 -45.62 -21.24 -71.37
C LEU C 307 -46.05 -22.46 -72.17
N ALA C 308 -45.24 -22.82 -73.16
CA ALA C 308 -45.34 -24.16 -73.73
C ALA C 308 -45.06 -25.19 -72.65
N ASN C 309 -45.54 -26.40 -72.88
CA ASN C 309 -45.41 -27.40 -71.81
C ASN C 309 -45.14 -28.77 -72.39
N PRO C 310 -43.94 -29.32 -72.20
CA PRO C 310 -42.73 -28.67 -71.65
C PRO C 310 -42.21 -27.58 -72.59
N ALA C 311 -41.76 -26.45 -72.06
CA ALA C 311 -41.22 -25.39 -72.89
C ALA C 311 -39.90 -25.82 -73.51
N VAL C 312 -39.59 -25.24 -74.67
CA VAL C 312 -38.40 -25.61 -75.42
C VAL C 312 -37.71 -24.36 -75.95
N PRO C 313 -36.39 -24.26 -75.83
CA PRO C 313 -35.68 -23.11 -76.40
C PRO C 313 -35.72 -23.13 -77.92
N TRP C 314 -35.35 -21.99 -78.51
CA TRP C 314 -35.04 -21.89 -79.93
C TRP C 314 -33.59 -21.49 -80.07
N GLY C 315 -32.83 -22.28 -80.86
CA GLY C 315 -31.39 -22.28 -80.75
C GLY C 315 -30.71 -20.96 -81.08
N GLN C 316 -31.29 -20.19 -82.00
CA GLN C 316 -30.71 -18.90 -82.36
C GLN C 316 -30.63 -17.94 -81.18
N GLY C 317 -31.46 -18.12 -80.15
CA GLY C 317 -31.32 -17.30 -78.95
C GLY C 317 -29.95 -17.41 -78.30
N VAL C 318 -29.35 -18.59 -78.35
CA VAL C 318 -27.98 -18.75 -77.88
C VAL C 318 -27.01 -17.86 -78.66
N GLU C 319 -27.25 -17.70 -79.97
CA GLU C 319 -26.41 -16.84 -80.79
C GLU C 319 -26.56 -15.37 -80.41
N ILE C 320 -27.78 -14.94 -80.06
CA ILE C 320 -27.98 -13.56 -79.60
C ILE C 320 -27.27 -13.34 -78.27
N GLU C 321 -27.30 -14.33 -77.39
CA GLU C 321 -26.63 -14.22 -76.10
C GLU C 321 -25.12 -14.09 -76.25
N ARG C 322 -24.53 -14.88 -77.15
CA ARG C 322 -23.13 -14.66 -77.53
C ARG C 322 -22.93 -13.25 -78.06
N ALA C 323 -23.73 -12.84 -79.05
CA ALA C 323 -23.49 -11.59 -79.74
C ALA C 323 -23.50 -10.43 -78.75
N LEU C 324 -24.50 -10.40 -77.87
CA LEU C 324 -24.57 -9.37 -76.83
C LEU C 324 -23.35 -9.42 -75.93
N LYS C 325 -22.99 -10.63 -75.45
CA LYS C 325 -21.81 -10.69 -74.59
C LYS C 325 -20.52 -10.33 -75.30
N GLN C 326 -20.50 -10.37 -76.64
CA GLN C 326 -19.30 -10.00 -77.39
C GLN C 326 -19.08 -8.50 -77.48
N VAL C 327 -20.07 -7.68 -77.12
CA VAL C 327 -20.00 -6.25 -77.38
C VAL C 327 -18.99 -5.57 -76.47
N GLN C 328 -18.24 -4.63 -77.03
CA GLN C 328 -17.45 -3.67 -76.27
C GLN C 328 -17.44 -2.36 -77.05
N VAL C 329 -17.87 -1.27 -76.40
CA VAL C 329 -18.06 0.02 -77.08
C VAL C 329 -17.88 1.14 -76.08
N GLU C 330 -17.64 2.35 -76.60
CA GLU C 330 -17.71 3.56 -75.82
C GLU C 330 -19.15 4.02 -75.65
N GLY C 331 -19.42 4.65 -74.52
CA GLY C 331 -20.75 5.16 -74.26
C GLY C 331 -20.75 6.14 -73.11
N LEU C 332 -21.97 6.43 -72.62
CA LEU C 332 -22.14 7.39 -71.53
C LEU C 332 -21.58 6.91 -70.21
N SER C 333 -21.19 5.64 -70.11
CA SER C 333 -20.53 5.10 -68.92
C SER C 333 -19.14 4.55 -69.27
N GLY C 334 -18.48 5.17 -70.23
CA GLY C 334 -17.12 4.83 -70.58
C GLY C 334 -17.03 3.71 -71.60
N ASN C 335 -15.87 3.04 -71.59
CA ASN C 335 -15.67 1.84 -72.38
C ASN C 335 -16.35 0.67 -71.68
N ILE C 336 -17.58 0.40 -72.08
CA ILE C 336 -18.39 -0.61 -71.40
C ILE C 336 -18.04 -1.99 -71.97
N LYS C 337 -17.98 -2.98 -71.09
CA LYS C 337 -17.57 -4.32 -71.47
C LYS C 337 -18.16 -5.29 -70.47
N PHE C 338 -18.41 -6.52 -70.92
CA PHE C 338 -19.22 -7.47 -70.16
C PHE C 338 -18.51 -8.81 -70.08
N ASP C 339 -18.60 -9.44 -68.91
CA ASP C 339 -18.08 -10.78 -68.72
C ASP C 339 -18.99 -11.82 -69.38
N GLN C 340 -18.51 -13.06 -69.41
CA GLN C 340 -19.29 -14.17 -69.95
C GLN C 340 -20.53 -14.49 -69.11
N ASN C 341 -20.62 -13.96 -67.89
CA ASN C 341 -21.81 -14.12 -67.07
C ASN C 341 -22.87 -13.07 -67.34
N GLY C 342 -22.54 -12.05 -68.12
CA GLY C 342 -23.45 -10.94 -68.36
C GLY C 342 -23.31 -9.77 -67.43
N LYS C 343 -22.23 -9.70 -66.66
CA LYS C 343 -21.97 -8.61 -65.74
C LYS C 343 -20.78 -7.80 -66.22
N ARG C 344 -20.84 -6.48 -66.02
CA ARG C 344 -19.85 -5.59 -66.59
C ARG C 344 -18.47 -5.76 -65.97
N ILE C 345 -17.46 -5.33 -66.72
CA ILE C 345 -16.10 -5.15 -66.23
C ILE C 345 -15.60 -3.81 -66.76
N ASN C 346 -14.44 -3.39 -66.26
CA ASN C 346 -13.79 -2.12 -66.60
C ASN C 346 -14.62 -0.90 -66.18
N TYR C 347 -15.71 -1.10 -65.44
CA TYR C 347 -16.58 0.00 -65.06
C TYR C 347 -15.87 0.90 -64.06
N THR C 348 -15.64 2.14 -64.45
CA THR C 348 -14.85 3.10 -63.69
C THR C 348 -15.76 4.19 -63.15
N ILE C 349 -15.66 4.46 -61.84
CA ILE C 349 -16.62 5.29 -61.13
C ILE C 349 -15.88 6.40 -60.41
N ASN C 350 -16.39 7.63 -60.54
CA ASN C 350 -15.79 8.81 -59.92
C ASN C 350 -16.39 9.05 -58.53
N ILE C 351 -15.57 9.60 -57.65
CA ILE C 351 -15.98 9.94 -56.28
C ILE C 351 -15.97 11.47 -56.14
N MET C 352 -17.13 12.03 -55.82
CA MET C 352 -17.35 13.47 -55.79
C MET C 352 -17.55 13.95 -54.35
N GLU C 353 -16.84 15.00 -53.97
CA GLU C 353 -16.98 15.58 -52.64
C GLU C 353 -17.66 16.94 -52.77
N LEU C 354 -18.74 17.13 -52.01
CA LEU C 354 -19.57 18.32 -52.10
C LEU C 354 -18.90 19.49 -51.37
N LYS C 355 -17.88 20.05 -52.01
CA LYS C 355 -17.44 21.38 -51.64
C LYS C 355 -18.53 22.41 -51.94
N THR C 356 -18.50 23.52 -51.21
CA THR C 356 -19.56 24.52 -51.31
C THR C 356 -19.59 25.19 -52.68
N ASN C 357 -18.50 25.13 -53.44
CA ASN C 357 -18.53 25.60 -54.82
C ASN C 357 -19.23 24.63 -55.76
N GLY C 358 -19.46 23.39 -55.33
CA GLY C 358 -20.08 22.39 -56.16
C GLY C 358 -19.41 21.05 -56.04
N PRO C 359 -20.11 19.98 -56.41
CA PRO C 359 -19.55 18.63 -56.29
C PRO C 359 -18.36 18.45 -57.24
N ARG C 360 -17.22 18.09 -56.68
CA ARG C 360 -15.98 18.01 -57.44
C ARG C 360 -15.28 16.68 -57.19
N LYS C 361 -14.59 16.22 -58.22
CA LYS C 361 -13.99 14.88 -58.24
C LYS C 361 -12.78 14.81 -57.32
N ILE C 362 -12.90 14.07 -56.22
CA ILE C 362 -11.74 13.80 -55.37
C ILE C 362 -11.00 12.53 -55.79
N GLY C 363 -11.61 11.69 -56.61
CA GLY C 363 -10.91 10.53 -57.14
C GLY C 363 -11.80 9.75 -58.07
N TYR C 364 -11.25 8.63 -58.53
CA TYR C 364 -12.01 7.65 -59.30
C TYR C 364 -11.58 6.24 -58.90
N TRP C 365 -12.47 5.28 -59.18
CA TRP C 365 -12.30 3.91 -58.73
C TRP C 365 -12.65 2.94 -59.86
N SER C 366 -11.91 1.84 -59.93
CA SER C 366 -12.26 0.71 -60.77
C SER C 366 -11.81 -0.56 -60.06
N GLU C 367 -12.03 -1.70 -60.71
CA GLU C 367 -11.62 -2.97 -60.12
C GLU C 367 -10.11 -3.09 -59.98
N VAL C 368 -9.34 -2.33 -60.76
CA VAL C 368 -7.89 -2.38 -60.67
C VAL C 368 -7.36 -1.02 -60.24
N ASP C 369 -8.08 0.04 -60.60
CA ASP C 369 -7.77 1.39 -60.10
C ASP C 369 -8.50 1.59 -58.77
N LYS C 370 -7.96 0.96 -57.74
CA LYS C 370 -8.63 0.89 -56.44
C LYS C 370 -8.57 2.25 -55.74
N MET C 371 -9.58 3.09 -56.01
CA MET C 371 -9.71 4.41 -55.38
C MET C 371 -8.49 5.29 -55.68
N VAL C 372 -8.27 5.52 -56.98
CA VAL C 372 -7.21 6.43 -57.40
C VAL C 372 -7.69 7.87 -57.18
N LEU C 373 -6.98 8.60 -56.33
CA LEU C 373 -7.38 9.96 -56.00
C LEU C 373 -7.15 10.91 -57.16
N THR C 374 -7.96 11.98 -57.20
CA THR C 374 -7.81 13.06 -58.16
C THR C 374 -7.93 14.42 -57.47
N GLU C 375 -7.46 14.52 -56.23
CA GLU C 375 -7.56 15.73 -55.43
C GLU C 375 -6.54 16.80 -55.82
N ASP C 376 -5.89 16.67 -56.99
CA ASP C 376 -4.94 17.67 -57.42
C ASP C 376 -5.62 18.99 -57.81
N ASP C 377 -6.93 18.98 -58.00
CA ASP C 377 -7.68 20.23 -58.14
C ASP C 377 -7.68 20.97 -56.81
N THR C 378 -7.56 22.29 -56.88
CA THR C 378 -7.17 23.10 -55.73
C THR C 378 -8.35 23.79 -55.06
N SER C 379 -9.58 23.45 -55.42
CA SER C 379 -10.74 24.01 -54.76
C SER C 379 -10.77 23.59 -53.29
N GLY C 380 -10.61 24.56 -52.40
CA GLY C 380 -10.48 24.32 -50.97
C GLY C 380 -9.12 24.68 -50.40
N LEU C 381 -8.13 24.97 -51.23
CA LEU C 381 -6.84 25.44 -50.78
C LEU C 381 -6.94 26.84 -50.18
N GLU C 382 -5.78 27.40 -49.83
CA GLU C 382 -5.65 28.67 -49.13
C GLU C 382 -6.24 28.60 -47.72
N GLN C 383 -6.04 27.45 -47.06
CA GLN C 383 -6.24 27.32 -45.62
C GLN C 383 -7.67 27.64 -45.16
N LYS C 384 -8.61 26.75 -45.48
CA LYS C 384 -9.90 26.78 -44.79
C LYS C 384 -9.71 26.77 -43.28
N THR C 385 -10.66 27.37 -42.57
CA THR C 385 -10.51 27.65 -41.14
C THR C 385 -10.41 26.37 -40.32
N VAL C 386 -9.33 26.26 -39.56
CA VAL C 386 -9.19 25.23 -38.52
C VAL C 386 -9.92 25.70 -37.27
N VAL C 387 -10.94 24.95 -36.85
CA VAL C 387 -11.79 25.34 -35.74
C VAL C 387 -11.26 24.74 -34.45
N VAL C 388 -10.90 25.61 -33.50
CA VAL C 388 -10.17 25.23 -32.30
C VAL C 388 -11.15 25.26 -31.13
N THR C 389 -11.10 24.23 -30.30
CA THR C 389 -12.01 24.07 -29.17
C THR C 389 -11.23 23.99 -27.85
N THR C 390 -11.76 24.66 -26.83
CA THR C 390 -11.08 24.87 -25.56
C THR C 390 -12.07 25.38 -24.52
N ILE C 391 -11.59 25.83 -23.35
CA ILE C 391 -12.45 26.10 -22.21
C ILE C 391 -12.01 27.40 -21.56
N LEU C 392 -12.93 28.05 -20.85
CA LEU C 392 -12.73 29.35 -20.23
C LEU C 392 -12.75 29.22 -18.71
N GLU C 393 -11.57 29.05 -18.11
CA GLU C 393 -11.37 29.31 -16.70
C GLU C 393 -10.04 30.03 -16.52
N SER C 394 -10.04 31.05 -15.68
CA SER C 394 -8.86 31.88 -15.50
C SER C 394 -7.72 31.04 -14.91
N PRO C 395 -6.46 31.32 -15.29
CA PRO C 395 -5.98 32.31 -16.27
C PRO C 395 -5.77 31.70 -17.65
N TYR C 396 -5.96 30.38 -17.79
CA TYR C 396 -5.46 29.68 -18.96
C TYR C 396 -6.04 30.26 -20.25
N VAL C 397 -7.35 30.45 -20.28
CA VAL C 397 -8.01 31.25 -21.31
C VAL C 397 -9.02 32.15 -20.62
N MET C 398 -9.06 33.42 -21.01
CA MET C 398 -10.04 34.37 -20.50
C MET C 398 -10.53 35.24 -21.64
N MET C 399 -11.63 35.94 -21.39
CA MET C 399 -12.11 36.96 -22.30
C MET C 399 -11.10 38.10 -22.39
N LYS C 400 -11.07 38.75 -23.56
CA LYS C 400 -10.42 40.04 -23.66
C LYS C 400 -11.18 41.07 -22.82
N LYS C 401 -10.44 42.04 -22.28
CA LYS C 401 -11.05 43.11 -21.50
C LYS C 401 -12.11 43.89 -22.26
N ASN C 402 -12.16 43.75 -23.58
CA ASN C 402 -13.17 44.41 -24.41
C ASN C 402 -14.05 43.40 -25.14
N HIS C 403 -14.23 42.21 -24.56
CA HIS C 403 -14.79 41.09 -25.32
C HIS C 403 -16.22 41.37 -25.79
N GLU C 404 -16.97 42.21 -25.08
CA GLU C 404 -18.31 42.54 -25.54
C GLU C 404 -18.30 43.30 -26.86
N MET C 405 -17.16 43.87 -27.24
CA MET C 405 -17.02 44.61 -28.50
C MET C 405 -16.22 43.84 -29.54
N LEU C 406 -15.86 42.58 -29.27
CA LEU C 406 -14.88 41.87 -30.07
C LEU C 406 -15.39 40.48 -30.40
N GLU C 407 -14.71 39.84 -31.35
CA GLU C 407 -15.07 38.50 -31.80
C GLU C 407 -13.83 37.85 -32.40
N GLY C 408 -13.86 36.53 -32.52
CA GLY C 408 -12.71 35.78 -32.98
C GLY C 408 -11.70 35.53 -31.88
N ASN C 409 -10.53 35.01 -32.28
CA ASN C 409 -9.50 34.69 -31.30
C ASN C 409 -9.00 35.94 -30.59
N GLU C 410 -9.09 37.09 -31.25
CA GLU C 410 -8.80 38.38 -30.62
C GLU C 410 -9.69 38.67 -29.42
N ARG C 411 -10.78 37.94 -29.25
CA ARG C 411 -11.66 38.07 -28.10
C ARG C 411 -11.16 37.34 -26.85
N TYR C 412 -9.94 36.80 -26.86
CA TYR C 412 -9.51 35.94 -25.77
C TYR C 412 -8.14 36.35 -25.26
N GLU C 413 -7.86 35.93 -24.03
CA GLU C 413 -6.61 36.18 -23.33
C GLU C 413 -6.21 34.91 -22.61
N GLY C 414 -4.95 34.82 -22.22
CA GLY C 414 -4.46 33.70 -21.44
C GLY C 414 -3.29 32.99 -22.11
N TYR C 415 -2.68 32.12 -21.32
CA TYR C 415 -1.49 31.39 -21.77
C TYR C 415 -1.81 30.52 -22.97
N CYS C 416 -2.92 29.78 -22.94
CA CYS C 416 -3.27 28.93 -24.07
C CYS C 416 -3.60 29.75 -25.31
N VAL C 417 -4.05 30.99 -25.16
CA VAL C 417 -4.27 31.85 -26.32
C VAL C 417 -2.95 32.21 -26.99
N ASP C 418 -1.96 32.62 -26.21
CA ASP C 418 -0.62 32.86 -26.75
C ASP C 418 -0.03 31.59 -27.36
N LEU C 419 -0.26 30.45 -26.70
CA LEU C 419 0.24 29.17 -27.21
C LEU C 419 -0.34 28.85 -28.58
N ALA C 420 -1.66 29.02 -28.74
CA ALA C 420 -2.28 28.85 -30.05
C ALA C 420 -1.76 29.87 -31.06
N ALA C 421 -1.62 31.12 -30.64
CA ALA C 421 -1.12 32.16 -31.53
C ALA C 421 0.28 31.89 -32.04
N GLU C 422 1.12 31.26 -31.23
CA GLU C 422 2.42 30.81 -31.72
C GLU C 422 2.34 29.54 -32.55
N ILE C 423 1.62 28.53 -32.06
CA ILE C 423 1.59 27.22 -32.73
C ILE C 423 0.98 27.34 -34.13
N ALA C 424 -0.22 27.91 -34.21
CA ALA C 424 -0.91 28.00 -35.50
C ALA C 424 -0.15 28.88 -36.48
N LYS C 425 0.50 29.93 -35.99
CA LYS C 425 1.37 30.73 -36.86
C LYS C 425 2.54 29.90 -37.38
N HIS C 426 3.23 29.19 -36.48
CA HIS C 426 4.33 28.33 -36.92
C HIS C 426 3.82 27.18 -37.78
N CYS C 427 2.68 26.58 -37.41
CA CYS C 427 2.08 25.56 -38.25
C CYS C 427 1.39 26.16 -39.47
N GLY C 428 1.31 27.48 -39.55
CA GLY C 428 0.83 28.14 -40.75
C GLY C 428 -0.62 27.91 -41.11
N PHE C 429 -1.49 27.70 -40.12
CA PHE C 429 -2.90 27.48 -40.39
C PHE C 429 -3.74 28.54 -39.68
N LYS C 430 -4.75 29.04 -40.38
CA LYS C 430 -5.71 29.96 -39.79
C LYS C 430 -6.61 29.22 -38.81
N TYR C 431 -6.88 29.83 -37.68
CA TYR C 431 -7.57 29.14 -36.59
C TYR C 431 -8.65 30.05 -36.01
N LYS C 432 -9.64 29.40 -35.37
CA LYS C 432 -10.81 30.07 -34.83
C LYS C 432 -11.17 29.41 -33.50
N LEU C 433 -11.04 30.16 -32.41
CA LEU C 433 -11.29 29.61 -31.08
C LEU C 433 -12.78 29.37 -30.86
N THR C 434 -13.11 28.31 -30.14
CA THR C 434 -14.47 28.00 -29.73
C THR C 434 -14.46 27.47 -28.32
N ILE C 435 -15.53 27.75 -27.57
CA ILE C 435 -15.68 27.32 -26.19
C ILE C 435 -16.93 26.46 -26.09
N VAL C 436 -16.76 25.24 -25.57
CA VAL C 436 -17.90 24.35 -25.38
C VAL C 436 -18.85 24.95 -24.35
N GLY C 437 -20.14 24.92 -24.66
CA GLY C 437 -21.10 25.63 -23.84
C GLY C 437 -21.34 25.00 -22.48
N ASP C 438 -21.16 23.69 -22.38
CA ASP C 438 -21.35 23.00 -21.11
C ASP C 438 -20.21 23.22 -20.12
N GLY C 439 -19.07 23.77 -20.57
CA GLY C 439 -18.00 24.10 -19.66
C GLY C 439 -17.35 22.94 -18.94
N LYS C 440 -17.42 21.73 -19.50
CA LYS C 440 -16.94 20.54 -18.83
C LYS C 440 -15.75 19.96 -19.59
N TYR C 441 -14.86 19.31 -18.85
CA TYR C 441 -13.62 18.77 -19.41
C TYR C 441 -13.80 17.35 -19.92
N GLY C 442 -14.79 17.15 -20.80
CA GLY C 442 -14.91 15.90 -21.52
C GLY C 442 -15.31 14.70 -20.69
N ALA C 443 -16.32 14.85 -19.83
CA ALA C 443 -16.86 13.73 -19.09
C ALA C 443 -17.90 13.00 -19.94
N ARG C 444 -18.41 11.89 -19.40
CA ARG C 444 -19.42 11.11 -20.11
C ARG C 444 -20.31 10.40 -19.10
N ASP C 445 -21.50 10.02 -19.56
CA ASP C 445 -22.35 9.11 -18.79
C ASP C 445 -21.63 7.78 -18.59
N ALA C 446 -22.21 6.92 -17.76
CA ALA C 446 -21.46 5.85 -17.11
C ALA C 446 -20.98 4.80 -18.11
N ASP C 447 -19.86 5.11 -18.78
CA ASP C 447 -19.26 4.31 -19.85
C ASP C 447 -20.27 3.95 -20.94
N THR C 448 -21.34 4.74 -21.05
CA THR C 448 -22.22 4.63 -22.21
C THR C 448 -21.71 5.40 -23.41
N LYS C 449 -20.62 6.14 -23.25
CA LYS C 449 -20.02 6.98 -24.29
C LYS C 449 -20.97 8.04 -24.82
N ILE C 450 -21.93 8.47 -23.99
CA ILE C 450 -22.63 9.73 -24.23
C ILE C 450 -21.76 10.83 -23.66
N TRP C 451 -20.81 11.31 -24.47
CA TRP C 451 -19.84 12.28 -24.01
C TRP C 451 -20.47 13.66 -23.85
N ASN C 452 -19.87 14.44 -22.95
CA ASN C 452 -20.10 15.87 -22.85
C ASN C 452 -18.76 16.59 -22.96
N GLY C 453 -18.81 17.91 -22.98
CA GLY C 453 -17.62 18.71 -22.85
C GLY C 453 -16.72 18.68 -24.08
N MET C 454 -15.60 19.39 -23.94
CA MET C 454 -14.75 19.74 -25.07
C MET C 454 -14.18 18.50 -25.76
N VAL C 455 -13.78 17.48 -24.99
CA VAL C 455 -13.34 16.21 -25.58
C VAL C 455 -14.41 15.64 -26.50
N GLY C 456 -15.68 15.79 -26.13
CA GLY C 456 -16.76 15.32 -26.98
C GLY C 456 -16.73 15.90 -28.38
N GLU C 457 -16.34 17.17 -28.51
CA GLU C 457 -16.27 17.80 -29.82
C GLU C 457 -15.18 17.17 -30.69
N LEU C 458 -14.06 16.77 -30.09
CA LEU C 458 -13.02 16.07 -30.84
C LEU C 458 -13.46 14.68 -31.26
N VAL C 459 -14.16 13.97 -30.37
CA VAL C 459 -14.69 12.65 -30.70
C VAL C 459 -15.73 12.73 -31.81
N TYR C 460 -16.52 13.80 -31.84
CA TYR C 460 -17.57 13.96 -32.81
C TYR C 460 -17.19 14.88 -33.97
N GLY C 461 -15.90 15.18 -34.12
CA GLY C 461 -15.43 15.96 -35.24
C GLY C 461 -15.94 17.38 -35.29
N LYS C 462 -16.46 17.87 -34.16
CA LYS C 462 -17.02 19.22 -34.14
C LYS C 462 -15.94 20.30 -34.20
N ALA C 463 -14.71 19.96 -33.83
CA ALA C 463 -13.61 20.90 -33.91
C ALA C 463 -12.32 20.13 -34.20
N ASP C 464 -11.34 20.86 -34.75
CA ASP C 464 -10.17 20.21 -35.35
C ASP C 464 -9.00 20.02 -34.38
N ILE C 465 -8.84 20.89 -33.38
CA ILE C 465 -7.69 20.81 -32.48
C ILE C 465 -8.05 21.43 -31.15
N ALA C 466 -7.45 20.90 -30.07
CA ALA C 466 -7.69 21.38 -28.73
C ALA C 466 -6.38 21.91 -28.14
N ILE C 467 -6.36 23.20 -27.85
CA ILE C 467 -5.29 23.83 -27.07
C ILE C 467 -5.96 24.37 -25.81
N ALA C 468 -5.69 23.76 -24.67
CA ALA C 468 -6.53 23.94 -23.50
C ALA C 468 -5.80 23.40 -22.28
N PRO C 469 -6.23 23.82 -21.06
CA PRO C 469 -5.75 23.20 -19.81
C PRO C 469 -6.38 21.84 -19.52
N LEU C 470 -6.20 20.89 -20.44
CA LEU C 470 -6.91 19.61 -20.41
C LEU C 470 -5.90 18.51 -20.16
N THR C 471 -6.11 17.74 -19.10
CA THR C 471 -5.12 16.76 -18.67
C THR C 471 -5.09 15.57 -19.62
N ILE C 472 -3.88 15.08 -19.92
CA ILE C 472 -3.72 13.87 -20.71
C ILE C 472 -3.96 12.66 -19.83
N THR C 473 -4.85 11.77 -20.28
CA THR C 473 -5.13 10.53 -19.57
C THR C 473 -5.36 9.40 -20.58
N LEU C 474 -5.12 8.17 -20.10
CA LEU C 474 -5.41 6.98 -20.92
C LEU C 474 -6.89 6.89 -21.29
N VAL C 475 -7.77 7.17 -20.33
CA VAL C 475 -9.21 7.07 -20.58
C VAL C 475 -9.68 8.13 -21.58
N ARG C 476 -8.93 9.22 -21.75
CA ARG C 476 -9.19 10.14 -22.84
C ARG C 476 -8.54 9.68 -24.14
N GLU C 477 -7.29 9.22 -24.08
CA GLU C 477 -6.59 8.74 -25.27
C GLU C 477 -7.29 7.56 -25.94
N GLU C 478 -8.21 6.89 -25.23
CA GLU C 478 -8.98 5.80 -25.82
C GLU C 478 -9.62 6.21 -27.14
N VAL C 479 -10.17 7.42 -27.22
CA VAL C 479 -10.99 7.82 -28.36
C VAL C 479 -10.36 8.94 -29.18
N ILE C 480 -9.38 9.67 -28.65
CA ILE C 480 -8.73 10.76 -29.36
C ILE C 480 -7.24 10.73 -29.04
N ASP C 481 -6.47 11.56 -29.73
CA ASP C 481 -5.03 11.64 -29.56
C ASP C 481 -4.68 12.97 -28.90
N PHE C 482 -3.97 12.90 -27.77
CA PHE C 482 -3.30 14.05 -27.20
C PHE C 482 -1.85 14.12 -27.67
N SER C 483 -1.32 15.33 -27.71
CA SER C 483 0.08 15.56 -28.07
C SER C 483 0.96 15.19 -26.89
N LYS C 484 2.26 15.47 -27.03
CA LYS C 484 3.14 15.48 -25.85
C LYS C 484 2.66 16.53 -24.87
N PRO C 485 2.80 16.30 -23.56
CA PRO C 485 2.60 17.38 -22.60
C PRO C 485 3.71 18.41 -22.74
N PHE C 486 3.43 19.63 -22.32
CA PHE C 486 4.36 20.72 -22.57
C PHE C 486 5.07 21.20 -21.29
N MET C 487 4.43 21.09 -20.13
CA MET C 487 5.02 21.53 -18.87
C MET C 487 4.43 20.69 -17.74
N SER C 488 5.22 20.44 -16.70
CA SER C 488 4.74 19.64 -15.58
C SER C 488 3.74 20.42 -14.73
N LEU C 489 2.69 19.71 -14.27
CA LEU C 489 1.68 20.26 -13.38
C LEU C 489 0.82 19.12 -12.87
N GLY C 490 0.42 19.18 -11.60
CA GLY C 490 -0.14 17.97 -11.01
C GLY C 490 -1.06 18.20 -9.83
N ILE C 491 -1.67 17.08 -9.40
CA ILE C 491 -2.67 17.08 -8.34
C ILE C 491 -2.11 17.72 -7.08
N SER C 492 -2.90 18.61 -6.47
CA SER C 492 -2.46 19.38 -5.32
C SER C 492 -3.68 19.75 -4.48
N ILE C 493 -3.43 20.09 -3.22
CA ILE C 493 -4.46 20.35 -2.23
C ILE C 493 -4.55 21.86 -2.02
N MET C 494 -5.77 22.39 -2.07
CA MET C 494 -6.02 23.80 -1.79
C MET C 494 -6.75 23.96 -0.47
N ILE C 495 -6.23 24.85 0.39
CA ILE C 495 -6.86 25.24 1.64
C ILE C 495 -6.88 26.75 1.68
N LYS C 496 -7.81 27.31 2.48
CA LYS C 496 -7.64 28.67 2.96
C LYS C 496 -6.33 28.80 3.72
N LYS C 497 -5.57 29.85 3.41
CA LYS C 497 -4.28 30.04 4.06
C LYS C 497 -4.47 30.45 5.52
N PRO C 498 -3.86 29.75 6.48
CA PRO C 498 -4.00 30.16 7.88
C PRO C 498 -3.38 31.53 8.12
N GLN C 499 -4.03 32.29 9.01
CA GLN C 499 -3.66 33.67 9.23
C GLN C 499 -2.39 33.78 10.08
N LYS C 500 -1.60 34.81 9.80
CA LYS C 500 -0.49 35.21 10.66
C LYS C 500 -0.90 36.45 11.46
N SER C 501 -0.73 36.38 12.78
CA SER C 501 -1.01 37.52 13.62
C SER C 501 0.08 38.58 13.49
N LYS C 502 -0.30 39.83 13.72
CA LYS C 502 0.65 40.92 13.72
C LYS C 502 1.63 40.78 14.89
N PRO C 503 2.93 40.82 14.64
CA PRO C 503 3.90 40.91 15.76
C PRO C 503 3.87 42.30 16.38
N GLY C 504 2.80 42.55 17.16
CA GLY C 504 2.41 43.89 17.50
C GLY C 504 3.27 44.54 18.57
N VAL C 505 2.85 45.75 18.95
CA VAL C 505 3.64 46.64 19.78
C VAL C 505 3.96 46.03 21.14
N PHE C 506 3.04 45.25 21.70
CA PHE C 506 3.25 44.66 23.02
C PHE C 506 3.22 43.14 23.00
N SER C 507 3.50 42.52 21.84
CA SER C 507 3.56 41.06 21.80
C SER C 507 4.74 40.50 22.59
N PHE C 508 5.68 41.34 23.03
CA PHE C 508 6.69 40.88 23.97
C PHE C 508 6.07 40.59 25.35
N LEU C 509 4.99 41.29 25.70
CA LEU C 509 4.24 40.96 26.90
C LEU C 509 3.33 39.75 26.73
N ASP C 510 3.05 39.37 25.49
CA ASP C 510 2.10 38.31 25.14
C ASP C 510 2.33 36.98 25.88
N PRO C 511 3.58 36.58 26.17
CA PRO C 511 3.77 35.35 26.96
C PRO C 511 3.03 35.34 28.30
N LEU C 512 2.85 36.48 28.94
CA LEU C 512 2.13 36.56 30.20
C LEU C 512 0.76 37.19 29.99
N ALA C 513 -0.23 36.63 30.66
CA ALA C 513 -1.61 37.08 30.49
C ALA C 513 -1.78 38.54 30.88
N TYR C 514 -2.75 39.19 30.23
CA TYR C 514 -3.06 40.59 30.52
C TYR C 514 -3.37 40.81 31.99
N GLU C 515 -4.17 39.91 32.58
CA GLU C 515 -4.51 40.01 33.99
C GLU C 515 -3.29 39.95 34.90
N ILE C 516 -2.21 39.31 34.47
CA ILE C 516 -0.98 39.30 35.25
C ILE C 516 -0.37 40.69 35.30
N TRP C 517 -0.06 41.24 34.12
CA TRP C 517 0.51 42.59 34.04
C TRP C 517 -0.39 43.62 34.71
N MET C 518 -1.71 43.43 34.63
CA MET C 518 -2.65 44.28 35.36
C MET C 518 -2.47 44.15 36.87
N CYS C 519 -2.66 42.96 37.42
CA CYS C 519 -2.79 42.83 38.88
C CYS C 519 -1.45 42.93 39.61
N ILE C 520 -0.33 42.79 38.90
CA ILE C 520 0.98 43.18 39.42
C ILE C 520 0.96 44.57 40.03
N VAL C 521 0.18 45.49 39.44
CA VAL C 521 0.14 46.87 39.92
C VAL C 521 -0.25 46.94 41.40
N PHE C 522 -1.28 46.21 41.81
CA PHE C 522 -1.71 46.30 43.21
C PHE C 522 -0.70 45.67 44.16
N ALA C 523 -0.14 44.52 43.80
CA ALA C 523 0.88 43.90 44.65
C ALA C 523 2.12 44.79 44.76
N TYR C 524 2.53 45.37 43.62
CA TYR C 524 3.61 46.34 43.64
C TYR C 524 3.28 47.53 44.54
N ILE C 525 2.13 48.18 44.33
CA ILE C 525 1.75 49.32 45.15
C ILE C 525 1.79 48.97 46.63
N GLY C 526 1.25 47.80 46.98
CA GLY C 526 1.27 47.33 48.36
C GLY C 526 2.66 47.25 48.94
N VAL C 527 3.53 46.43 48.36
CA VAL C 527 4.87 46.30 48.95
C VAL C 527 5.61 47.63 48.86
N SER C 528 5.34 48.38 47.79
CA SER C 528 5.90 49.71 47.56
C SER C 528 5.67 50.65 48.72
N VAL C 529 4.46 50.62 49.31
CA VAL C 529 4.19 51.53 50.42
C VAL C 529 4.36 50.84 51.78
N VAL C 530 4.17 49.51 51.84
CA VAL C 530 3.88 48.88 53.14
C VAL C 530 4.97 49.16 54.17
N LEU C 531 6.23 49.28 53.74
CA LEU C 531 7.31 49.64 54.66
C LEU C 531 7.04 50.94 55.41
N PHE C 532 6.34 51.88 54.75
CA PHE C 532 6.04 53.17 55.38
C PHE C 532 5.22 53.03 56.65
N LEU C 533 4.45 51.95 56.77
CA LEU C 533 3.94 51.51 58.06
C LEU C 533 4.89 50.54 58.76
N VAL C 534 5.18 49.40 58.14
CA VAL C 534 5.54 48.20 58.90
C VAL C 534 6.99 48.20 59.36
N SER C 535 7.75 49.26 59.08
CA SER C 535 9.08 49.38 59.67
C SER C 535 9.43 50.76 60.19
N ARG C 536 8.70 51.82 59.82
CA ARG C 536 9.02 53.14 60.34
C ARG C 536 8.55 53.35 61.77
N PHE C 537 7.56 52.59 62.23
CA PHE C 537 6.91 52.91 63.48
C PHE C 537 7.79 52.53 64.67
N SER C 538 7.89 53.44 65.63
CA SER C 538 8.75 53.33 66.80
C SER C 538 10.18 52.91 66.42
N PRO C 539 10.86 53.68 65.57
CA PRO C 539 12.14 53.22 65.03
C PRO C 539 13.29 53.32 66.01
N TYR C 540 13.18 54.15 67.03
CA TYR C 540 14.21 54.30 68.05
C TYR C 540 14.42 53.01 68.84
N SER C 556 15.23 58.38 67.86
CA SER C 556 14.43 59.44 67.27
C SER C 556 13.45 58.87 66.24
N GLU C 557 12.41 59.65 65.92
CA GLU C 557 11.48 59.26 64.87
C GLU C 557 12.15 59.15 63.51
N SER C 558 13.27 59.85 63.30
CA SER C 558 14.06 59.79 62.08
C SER C 558 14.86 58.50 61.93
N THR C 559 14.81 57.59 62.90
CA THR C 559 15.80 56.52 62.98
C THR C 559 15.71 55.55 61.81
N ASN C 560 14.55 55.45 61.15
CA ASN C 560 14.39 54.54 60.01
C ASN C 560 14.39 55.35 58.73
N GLU C 561 15.30 55.00 57.82
CA GLU C 561 15.48 55.77 56.59
C GLU C 561 14.40 55.47 55.56
N PHE C 562 13.90 54.24 55.49
CA PHE C 562 13.03 53.80 54.39
C PHE C 562 11.60 54.30 54.61
N GLY C 563 11.43 55.59 54.36
CA GLY C 563 10.10 56.17 54.22
C GLY C 563 9.44 55.76 52.92
N ILE C 564 8.46 56.58 52.53
CA ILE C 564 7.65 56.31 51.34
C ILE C 564 8.54 56.08 50.13
N PHE C 565 9.27 57.12 49.73
CA PHE C 565 9.85 57.22 48.40
C PHE C 565 10.97 56.20 48.19
N ASN C 566 11.64 55.77 49.27
CA ASN C 566 12.62 54.70 49.13
C ASN C 566 12.03 53.31 49.31
N SER C 567 10.90 53.18 50.00
CA SER C 567 10.18 51.91 49.93
C SER C 567 9.69 51.68 48.51
N LEU C 568 9.15 52.72 47.89
CA LEU C 568 8.79 52.72 46.48
C LEU C 568 9.97 52.25 45.63
N TRP C 569 11.11 52.92 45.79
CA TRP C 569 12.29 52.58 45.00
C TRP C 569 12.70 51.13 45.21
N PHE C 570 12.75 50.68 46.46
CA PHE C 570 13.15 49.30 46.75
C PHE C 570 12.20 48.30 46.13
N SER C 571 10.90 48.57 46.19
CA SER C 571 9.93 47.71 45.51
C SER C 571 10.14 47.67 44.00
N LEU C 572 10.63 48.77 43.42
CA LEU C 572 10.90 48.72 41.98
C LEU C 572 12.17 47.94 41.68
N GLY C 573 13.24 48.21 42.43
CA GLY C 573 14.48 47.47 42.24
C GLY C 573 14.30 45.98 42.47
N ALA C 574 13.44 45.61 43.42
CA ALA C 574 13.01 44.24 43.58
C ALA C 574 12.27 43.72 42.35
N PHE C 575 11.27 44.47 41.86
CA PHE C 575 10.49 43.93 40.77
C PHE C 575 11.23 43.96 39.44
N MET C 576 12.43 44.54 39.40
CA MET C 576 13.13 44.74 38.15
C MET C 576 14.56 44.22 38.22
N GLN C 577 15.00 43.74 39.39
CA GLN C 577 16.23 42.97 39.57
C GLN C 577 17.47 43.74 39.13
N GLN C 578 17.50 45.03 39.42
CA GLN C 578 18.75 45.77 39.22
C GLN C 578 19.08 46.65 40.43
N GLY C 579 18.07 47.27 41.03
CA GLY C 579 18.30 48.36 41.96
C GLY C 579 18.81 47.86 43.29
N CYS C 580 20.00 48.28 43.70
CA CYS C 580 20.53 47.99 45.01
C CYS C 580 21.62 49.00 45.36
N ASP C 581 21.33 49.87 46.33
CA ASP C 581 22.36 50.71 46.92
C ASP C 581 22.31 50.63 48.43
N ILE C 582 21.09 50.60 48.98
CA ILE C 582 20.82 50.51 50.41
C ILE C 582 19.67 49.54 50.62
N SER C 583 19.53 49.06 51.86
CA SER C 583 18.48 48.10 52.19
C SER C 583 18.03 48.37 53.62
N PRO C 584 16.76 48.07 53.94
CA PRO C 584 16.28 48.23 55.32
C PRO C 584 16.85 47.15 56.23
N ARG C 585 17.55 47.58 57.28
CA ARG C 585 18.19 46.65 58.21
C ARG C 585 17.21 46.10 59.25
N SER C 586 16.02 46.68 59.35
CA SER C 586 15.03 46.22 60.32
C SER C 586 14.55 44.81 59.99
N LEU C 587 14.36 44.00 61.04
CA LEU C 587 13.75 42.68 60.89
C LEU C 587 12.38 42.78 60.24
N SER C 588 11.52 43.66 60.76
CA SER C 588 10.15 43.78 60.27
C SER C 588 10.08 44.36 58.87
N GLY C 589 11.16 44.97 58.39
CA GLY C 589 11.30 45.25 56.96
C GLY C 589 11.78 44.05 56.17
N ARG C 590 12.93 43.49 56.57
CA ARG C 590 13.53 42.38 55.85
C ARG C 590 12.58 41.20 55.65
N ILE C 591 11.69 40.96 56.61
CA ILE C 591 10.71 39.88 56.48
C ILE C 591 9.83 40.04 55.23
N VAL C 592 9.34 41.25 54.96
CA VAL C 592 8.54 41.44 53.74
C VAL C 592 9.42 41.68 52.50
N GLY C 593 10.58 42.32 52.68
CA GLY C 593 11.50 42.47 51.56
C GLY C 593 11.93 41.15 50.96
N GLY C 594 12.25 40.16 51.79
CA GLY C 594 12.66 38.87 51.27
C GLY C 594 11.54 38.11 50.56
N VAL C 595 10.33 38.17 51.09
CA VAL C 595 9.20 37.50 50.44
C VAL C 595 8.84 38.18 49.11
N TRP C 596 8.91 39.51 49.05
CA TRP C 596 8.76 40.20 47.77
C TRP C 596 9.91 39.89 46.80
N TRP C 597 11.13 39.74 47.32
CA TRP C 597 12.26 39.26 46.53
C TRP C 597 12.11 37.82 46.05
N PHE C 598 11.24 37.05 46.71
CA PHE C 598 10.78 35.77 46.18
C PHE C 598 9.75 35.96 45.07
N PHE C 599 8.73 36.77 45.36
CA PHE C 599 7.64 37.02 44.42
C PHE C 599 8.19 37.43 43.06
N THR C 600 9.16 38.36 43.06
CA THR C 600 9.79 38.76 41.80
C THR C 600 10.54 37.59 41.18
N LEU C 601 11.29 36.84 41.98
CA LEU C 601 12.11 35.76 41.45
C LEU C 601 11.24 34.80 40.64
N ILE C 602 10.11 34.40 41.23
CA ILE C 602 9.19 33.51 40.52
C ILE C 602 8.63 34.20 39.27
N ILE C 603 7.86 35.27 39.49
CA ILE C 603 6.99 35.80 38.44
C ILE C 603 7.77 36.40 37.27
N ILE C 604 8.91 37.02 37.55
CA ILE C 604 9.75 37.54 36.46
C ILE C 604 10.49 36.42 35.73
N SER C 605 11.11 35.49 36.47
CA SER C 605 11.89 34.46 35.80
C SER C 605 11.02 33.58 34.91
N SER C 606 9.77 33.35 35.31
CA SER C 606 8.83 32.59 34.49
C SER C 606 8.53 33.25 33.14
N TYR C 607 8.81 34.54 32.97
CA TYR C 607 8.77 35.14 31.65
C TYR C 607 9.70 34.42 30.67
N THR C 608 10.94 34.14 31.09
CA THR C 608 11.89 33.45 30.21
C THR C 608 11.37 32.09 29.76
N ALA C 609 10.62 31.41 30.62
CA ALA C 609 10.13 30.09 30.27
C ALA C 609 8.96 30.19 29.29
N ASN C 610 7.99 31.04 29.56
CA ASN C 610 6.88 31.16 28.62
C ASN C 610 7.32 31.83 27.32
N LEU C 611 8.30 32.74 27.38
CA LEU C 611 8.89 33.25 26.14
C LEU C 611 9.61 32.16 25.36
N ALA C 612 10.21 31.18 26.05
CA ALA C 612 10.71 29.99 25.36
C ALA C 612 9.58 29.17 24.77
N ALA C 613 8.48 28.99 25.51
CA ALA C 613 7.30 28.32 25.00
C ALA C 613 6.68 29.04 23.80
N PHE C 614 6.96 30.33 23.64
CA PHE C 614 6.65 31.01 22.38
C PHE C 614 7.67 30.69 21.30
N LEU C 615 8.93 31.13 21.48
CA LEU C 615 9.87 31.13 20.37
C LEU C 615 10.33 29.74 19.95
N THR C 616 10.11 28.71 20.75
CA THR C 616 10.46 27.36 20.33
C THR C 616 9.46 26.75 19.36
N VAL C 617 8.26 27.33 19.20
CA VAL C 617 7.23 26.69 18.39
C VAL C 617 6.35 27.72 17.69
N GLU C 618 6.38 27.69 16.36
CA GLU C 618 5.39 28.38 15.53
C GLU C 618 4.35 27.42 14.97
N ARG C 619 4.79 26.25 14.49
CA ARG C 619 3.91 25.25 13.90
C ARG C 619 3.06 24.55 14.95
N MET C 620 1.80 24.97 15.12
CA MET C 620 0.90 24.20 15.96
C MET C 620 0.47 22.90 15.29
N VAL C 621 -0.30 23.00 14.20
CA VAL C 621 -0.44 21.88 13.28
C VAL C 621 -0.35 22.35 11.83
N SER C 622 -0.73 23.61 11.58
CA SER C 622 -0.89 24.14 10.22
C SER C 622 -1.66 23.16 9.34
N PRO C 623 -2.97 22.97 9.59
CA PRO C 623 -3.72 21.80 9.09
C PRO C 623 -2.94 20.61 8.55
N ILE C 624 -3.54 19.90 7.60
CA ILE C 624 -3.13 18.54 7.25
C ILE C 624 -2.38 18.55 5.92
N GLU C 625 -1.19 17.96 5.92
CA GLU C 625 -0.43 17.72 4.70
C GLU C 625 -0.76 16.33 4.15
N SER C 626 -0.51 16.17 2.84
CA SER C 626 -0.70 14.93 2.10
C SER C 626 -2.13 14.41 2.16
N ALA C 627 -3.07 15.19 2.69
CA ALA C 627 -4.46 14.78 2.89
C ALA C 627 -4.57 13.50 3.72
N GLU C 628 -3.55 13.20 4.53
CA GLU C 628 -3.56 11.98 5.33
C GLU C 628 -4.72 12.00 6.33
N ASP C 629 -4.70 12.97 7.25
CA ASP C 629 -5.78 13.06 8.23
C ASP C 629 -7.10 13.48 7.59
N LEU C 630 -7.03 14.19 6.46
CA LEU C 630 -8.25 14.53 5.73
C LEU C 630 -8.95 13.28 5.24
N SER C 631 -8.20 12.37 4.61
CA SER C 631 -8.75 11.08 4.22
C SER C 631 -9.36 10.32 5.38
N LYS C 632 -8.89 10.58 6.60
CA LYS C 632 -9.33 9.86 7.79
C LYS C 632 -10.27 10.68 8.68
N GLN C 633 -10.83 11.77 8.16
CA GLN C 633 -11.75 12.58 8.97
C GLN C 633 -12.91 13.07 8.10
N THR C 634 -14.04 13.27 8.77
CA THR C 634 -15.14 14.07 8.24
C THR C 634 -15.09 15.51 8.75
N GLU C 635 -14.19 15.82 9.68
CA GLU C 635 -14.11 17.16 10.25
C GLU C 635 -13.78 18.22 9.21
N ILE C 636 -13.16 17.85 8.09
CA ILE C 636 -12.99 18.72 6.95
C ILE C 636 -13.52 18.01 5.72
N ALA C 637 -14.45 18.67 5.02
CA ALA C 637 -14.93 18.11 3.75
C ALA C 637 -13.95 18.44 2.64
N TYR C 638 -14.01 17.64 1.57
CA TYR C 638 -13.15 17.89 0.42
C TYR C 638 -13.76 17.28 -0.82
N GLY C 639 -13.34 17.79 -1.98
CA GLY C 639 -13.82 17.30 -3.25
C GLY C 639 -12.85 17.66 -4.35
N THR C 640 -13.01 17.00 -5.50
CA THR C 640 -12.34 17.41 -6.71
C THR C 640 -13.24 18.31 -7.54
N LEU C 641 -12.70 18.81 -8.65
CA LEU C 641 -13.55 19.36 -9.69
C LEU C 641 -14.49 18.28 -10.23
N ASP C 642 -15.72 18.68 -10.52
CA ASP C 642 -16.64 17.76 -11.18
C ASP C 642 -16.23 17.54 -12.63
N SER C 643 -16.57 16.36 -13.15
CA SER C 643 -16.39 16.04 -14.57
C SER C 643 -14.95 16.25 -15.02
N GLY C 644 -14.00 15.74 -14.23
CA GLY C 644 -12.60 16.04 -14.46
C GLY C 644 -11.71 14.83 -14.22
N SER C 645 -10.49 14.92 -14.76
CA SER C 645 -9.56 13.79 -14.73
C SER C 645 -9.02 13.51 -13.34
N THR C 646 -9.05 14.48 -12.43
CA THR C 646 -8.79 14.17 -11.02
C THR C 646 -9.92 13.34 -10.43
N LYS C 647 -11.16 13.73 -10.69
CA LYS C 647 -12.32 12.97 -10.23
C LYS C 647 -12.24 11.52 -10.71
N GLU C 648 -11.93 11.34 -11.99
CA GLU C 648 -11.74 10.01 -12.56
C GLU C 648 -10.53 9.30 -11.96
N PHE C 649 -9.45 10.04 -11.68
CA PHE C 649 -8.28 9.44 -11.04
C PHE C 649 -8.62 8.89 -9.67
N PHE C 650 -9.39 9.63 -8.87
CA PHE C 650 -9.84 9.10 -7.59
C PHE C 650 -10.85 7.97 -7.78
N ARG C 651 -11.66 8.05 -8.83
CA ARG C 651 -12.54 6.95 -9.21
C ARG C 651 -11.78 5.65 -9.46
N ARG C 652 -10.56 5.74 -9.99
CA ARG C 652 -9.86 4.52 -10.40
C ARG C 652 -8.59 4.23 -9.62
N SER C 653 -7.78 5.24 -9.31
CA SER C 653 -6.47 4.99 -8.69
C SER C 653 -6.66 4.36 -7.31
N LYS C 654 -6.10 3.16 -7.14
CA LYS C 654 -6.34 2.33 -5.97
C LYS C 654 -5.39 2.59 -4.81
N ILE C 655 -4.49 3.57 -4.94
CA ILE C 655 -3.57 3.89 -3.85
C ILE C 655 -4.39 4.30 -2.62
N ALA C 656 -3.93 3.85 -1.44
CA ALA C 656 -4.78 3.81 -0.25
C ALA C 656 -5.39 5.16 0.07
N VAL C 657 -4.57 6.22 0.05
CA VAL C 657 -5.09 7.55 0.39
C VAL C 657 -6.10 8.02 -0.67
N PHE C 658 -5.79 7.84 -1.95
CA PHE C 658 -6.72 8.23 -3.00
C PHE C 658 -8.02 7.43 -2.93
N ASP C 659 -7.90 6.10 -2.82
CA ASP C 659 -9.08 5.25 -2.75
C ASP C 659 -9.94 5.55 -1.53
N LYS C 660 -9.30 5.83 -0.39
CA LYS C 660 -10.04 6.22 0.81
C LYS C 660 -10.75 7.56 0.64
N MET C 661 -10.07 8.56 0.08
CA MET C 661 -10.72 9.85 -0.18
C MET C 661 -11.88 9.71 -1.15
N TRP C 662 -11.74 8.87 -2.17
CA TRP C 662 -12.86 8.52 -3.04
C TRP C 662 -14.00 7.86 -2.27
N THR C 663 -13.67 6.92 -1.39
CA THR C 663 -14.68 6.26 -0.56
C THR C 663 -15.45 7.26 0.28
N TYR C 664 -14.77 8.29 0.79
CA TYR C 664 -15.49 9.41 1.39
C TYR C 664 -16.39 10.08 0.36
N MET C 665 -15.80 10.57 -0.75
CA MET C 665 -16.58 11.34 -1.71
C MET C 665 -17.75 10.54 -2.27
N ARG C 666 -17.54 9.24 -2.51
CA ARG C 666 -18.61 8.37 -2.96
C ARG C 666 -19.72 8.20 -1.91
N SER C 667 -19.51 8.69 -0.69
CA SER C 667 -20.54 8.63 0.34
C SER C 667 -20.75 9.96 1.05
N ALA C 668 -20.26 11.06 0.49
CA ALA C 668 -20.34 12.37 1.12
C ALA C 668 -21.34 13.24 0.39
N GLU C 669 -22.24 13.88 1.14
CA GLU C 669 -23.19 14.83 0.60
C GLU C 669 -23.39 15.93 1.64
N PRO C 670 -23.77 17.15 1.22
CA PRO C 670 -24.08 17.62 -0.14
C PRO C 670 -22.87 17.60 -1.07
N SER C 671 -23.12 17.45 -2.37
CA SER C 671 -22.13 17.03 -3.35
C SER C 671 -20.80 17.77 -3.19
N VAL C 672 -19.75 17.01 -2.91
CA VAL C 672 -18.44 17.62 -2.65
C VAL C 672 -17.80 18.10 -3.94
N PHE C 673 -18.20 17.53 -5.08
CA PHE C 673 -17.62 17.91 -6.36
C PHE C 673 -18.16 19.27 -6.78
N VAL C 674 -17.29 20.06 -7.42
CA VAL C 674 -17.61 21.42 -7.82
C VAL C 674 -17.63 21.48 -9.35
N ARG C 675 -18.70 22.05 -9.90
CA ARG C 675 -18.84 22.10 -11.35
C ARG C 675 -17.81 23.00 -12.01
N THR C 676 -17.26 23.98 -11.27
CA THR C 676 -16.22 24.84 -11.78
C THR C 676 -15.16 25.05 -10.70
N THR C 677 -13.94 25.36 -11.16
CA THR C 677 -12.88 25.74 -10.23
C THR C 677 -13.25 26.98 -9.43
N ALA C 678 -13.98 27.91 -10.05
CA ALA C 678 -14.51 29.06 -9.32
C ALA C 678 -15.41 28.62 -8.17
N GLU C 679 -16.30 27.66 -8.43
CA GLU C 679 -17.10 27.08 -7.36
C GLU C 679 -16.24 26.42 -6.29
N GLY C 680 -15.17 25.73 -6.70
CA GLY C 680 -14.23 25.17 -5.75
C GLY C 680 -13.62 26.19 -4.81
N VAL C 681 -12.96 27.20 -5.38
CA VAL C 681 -12.34 28.27 -4.61
C VAL C 681 -13.37 28.98 -3.73
N ALA C 682 -14.56 29.25 -4.27
CA ALA C 682 -15.63 29.86 -3.48
C ALA C 682 -16.02 29.01 -2.27
N ARG C 683 -16.18 27.70 -2.47
CA ARG C 683 -16.54 26.84 -1.36
C ARG C 683 -15.43 26.71 -0.33
N VAL C 684 -14.17 26.70 -0.80
CA VAL C 684 -13.02 26.77 0.12
C VAL C 684 -13.08 28.03 0.98
N ARG C 685 -13.25 29.18 0.35
CA ARG C 685 -13.24 30.45 1.08
C ARG C 685 -14.43 30.55 2.03
N LYS C 686 -15.65 30.35 1.52
CA LYS C 686 -16.84 30.46 2.35
C LYS C 686 -16.85 29.46 3.50
N SER C 687 -16.17 28.32 3.34
CA SER C 687 -16.10 27.33 4.42
C SER C 687 -14.92 27.57 5.35
N LYS C 688 -14.18 28.66 5.18
CA LYS C 688 -13.06 29.02 6.05
C LYS C 688 -12.01 27.91 6.12
N GLY C 689 -11.80 27.20 5.01
CA GLY C 689 -10.88 26.09 4.97
C GLY C 689 -11.42 24.78 5.47
N LYS C 690 -12.67 24.73 5.94
CA LYS C 690 -13.31 23.45 6.25
C LYS C 690 -13.70 22.68 4.99
N TYR C 691 -13.61 23.30 3.82
CA TYR C 691 -13.67 22.60 2.55
C TYR C 691 -12.30 22.69 1.90
N ALA C 692 -11.71 21.54 1.58
CA ALA C 692 -10.44 21.48 0.89
C ALA C 692 -10.63 20.98 -0.53
N TYR C 693 -9.80 21.47 -1.45
CA TYR C 693 -10.09 21.39 -2.86
C TYR C 693 -8.88 20.84 -3.59
N LEU C 694 -9.12 19.95 -4.55
CA LEU C 694 -8.08 19.26 -5.29
C LEU C 694 -8.07 19.83 -6.70
N LEU C 695 -6.88 20.17 -7.19
CA LEU C 695 -6.73 20.63 -8.57
C LEU C 695 -5.26 20.57 -8.97
N GLU C 696 -5.02 20.87 -10.24
CA GLU C 696 -3.66 20.92 -10.78
C GLU C 696 -2.84 22.04 -10.15
N SER C 697 -1.56 21.74 -9.91
CA SER C 697 -0.71 22.59 -9.09
C SER C 697 -0.49 23.98 -9.68
N THR C 698 -0.43 24.11 -11.00
CA THR C 698 -0.35 25.45 -11.60
C THR C 698 -1.66 26.21 -11.44
N MET C 699 -2.79 25.49 -11.49
CA MET C 699 -4.07 26.12 -11.20
C MET C 699 -4.14 26.55 -9.74
N ASN C 700 -3.74 25.66 -8.83
CA ASN C 700 -3.70 25.99 -7.42
C ASN C 700 -2.83 27.22 -7.15
N GLU C 701 -1.60 27.20 -7.65
CA GLU C 701 -0.68 28.29 -7.37
C GLU C 701 -1.05 29.59 -8.08
N TYR C 702 -1.84 29.54 -9.16
CA TYR C 702 -2.41 30.79 -9.64
C TYR C 702 -3.47 31.34 -8.69
N ILE C 703 -3.99 30.52 -7.78
CA ILE C 703 -4.86 31.05 -6.74
C ILE C 703 -4.06 31.49 -5.52
N GLU C 704 -3.01 30.76 -5.20
CA GLU C 704 -2.14 31.13 -4.08
C GLU C 704 -1.34 32.39 -4.39
N GLN C 705 -0.69 32.42 -5.55
CA GLN C 705 0.25 33.49 -5.89
C GLN C 705 -0.43 34.73 -6.47
N ARG C 706 -1.74 34.88 -6.30
CA ARG C 706 -2.49 35.94 -6.92
C ARG C 706 -3.57 36.42 -5.96
N LYS C 707 -4.05 37.64 -6.19
CA LYS C 707 -4.99 38.26 -5.26
C LYS C 707 -6.25 37.42 -5.14
N PRO C 708 -6.84 37.34 -3.92
CA PRO C 708 -6.40 37.97 -2.67
C PRO C 708 -5.34 37.19 -1.90
N CYS C 709 -4.76 36.14 -2.49
CA CYS C 709 -3.66 35.38 -1.89
C CYS C 709 -4.01 34.73 -0.55
N ASP C 710 -5.30 34.51 -0.28
CA ASP C 710 -5.71 33.97 1.02
C ASP C 710 -5.84 32.46 1.01
N THR C 711 -5.27 31.78 0.02
CA THR C 711 -5.24 30.33 -0.05
C THR C 711 -3.84 29.84 -0.36
N MET C 712 -3.56 28.59 0.01
CA MET C 712 -2.19 28.08 -0.01
C MET C 712 -2.15 26.67 -0.56
N LYS C 713 -1.17 26.43 -1.44
CA LYS C 713 -0.82 25.09 -1.91
C LYS C 713 -0.05 24.35 -0.82
N VAL C 714 -0.63 23.28 -0.29
CA VAL C 714 0.03 22.45 0.71
C VAL C 714 0.47 21.14 0.06
N GLY C 715 1.73 20.76 0.29
CA GLY C 715 2.31 19.58 -0.31
C GLY C 715 2.74 19.79 -1.75
N GLY C 716 3.29 18.72 -2.33
CA GLY C 716 3.75 18.72 -3.69
C GLY C 716 2.74 18.11 -4.65
N ASN C 717 3.22 17.80 -5.85
CA ASN C 717 2.39 17.10 -6.82
C ASN C 717 2.13 15.67 -6.36
N LEU C 718 0.85 15.30 -6.29
CA LEU C 718 0.46 13.94 -5.98
C LEU C 718 0.56 13.01 -7.18
N ASP C 719 0.82 13.54 -8.37
CA ASP C 719 0.84 12.76 -9.59
C ASP C 719 1.78 13.40 -10.60
N SER C 720 2.14 12.63 -11.63
CA SER C 720 2.99 13.10 -12.70
C SER C 720 2.28 13.65 -13.92
N LYS C 721 0.94 13.70 -13.94
CA LYS C 721 0.29 13.95 -15.22
C LYS C 721 0.41 15.41 -15.66
N GLY C 722 -0.31 15.79 -16.71
CA GLY C 722 -0.26 17.18 -17.16
C GLY C 722 -1.20 17.41 -18.33
N TYR C 723 -1.25 18.67 -18.75
CA TYR C 723 -2.04 19.06 -19.91
C TYR C 723 -1.29 18.81 -21.22
N GLY C 724 -2.05 18.73 -22.31
CA GLY C 724 -1.47 18.61 -23.63
C GLY C 724 -2.40 19.13 -24.70
N ILE C 725 -1.83 19.33 -25.89
CA ILE C 725 -2.64 19.59 -27.08
C ILE C 725 -3.27 18.28 -27.54
N ALA C 726 -4.47 18.36 -28.12
CA ALA C 726 -5.15 17.15 -28.56
C ALA C 726 -5.84 17.38 -29.89
N THR C 727 -6.02 16.29 -30.62
CA THR C 727 -6.53 16.23 -31.98
C THR C 727 -7.42 15.00 -32.12
N PRO C 728 -8.41 15.05 -33.00
CA PRO C 728 -9.16 13.82 -33.32
C PRO C 728 -8.22 12.72 -33.77
N LYS C 729 -8.53 11.48 -33.39
CA LYS C 729 -7.60 10.38 -33.61
C LYS C 729 -7.35 10.19 -35.10
N GLY C 730 -6.06 10.13 -35.46
CA GLY C 730 -5.64 9.99 -36.84
C GLY C 730 -5.59 11.27 -37.64
N SER C 731 -5.94 12.42 -37.06
CA SER C 731 -5.84 13.68 -37.78
C SER C 731 -4.39 14.05 -38.02
N SER C 732 -4.12 14.60 -39.21
CA SER C 732 -2.76 14.93 -39.61
C SER C 732 -2.16 16.09 -38.83
N LEU C 733 -2.97 16.84 -38.07
CA LEU C 733 -2.45 17.94 -37.27
C LEU C 733 -1.46 17.46 -36.21
N GLY C 734 -1.56 16.21 -35.79
CA GLY C 734 -0.80 15.68 -34.68
C GLY C 734 0.69 15.96 -34.70
N THR C 735 1.41 15.28 -35.60
CA THR C 735 2.87 15.38 -35.62
C THR C 735 3.40 16.80 -35.85
N PRO C 736 2.89 17.60 -36.80
CA PRO C 736 3.48 18.94 -36.97
C PRO C 736 3.25 19.86 -35.79
N VAL C 737 2.06 19.78 -35.17
CA VAL C 737 1.81 20.52 -33.93
C VAL C 737 2.74 20.06 -32.83
N ASN C 738 2.98 18.75 -32.72
CA ASN C 738 3.92 18.26 -31.72
C ASN C 738 5.34 18.76 -31.97
N LEU C 739 5.78 18.74 -33.23
CA LEU C 739 7.07 19.34 -33.60
C LEU C 739 7.14 20.82 -33.21
N ALA C 740 6.05 21.55 -33.43
CA ALA C 740 6.01 22.96 -33.06
C ALA C 740 6.11 23.15 -31.55
N VAL C 741 5.36 22.35 -30.78
CA VAL C 741 5.43 22.43 -29.32
C VAL C 741 6.83 22.08 -28.83
N LEU C 742 7.45 21.06 -29.41
CA LEU C 742 8.85 20.76 -29.07
C LEU C 742 9.77 21.92 -29.38
N LYS C 743 9.58 22.57 -30.53
CA LYS C 743 10.39 23.75 -30.84
C LYS C 743 10.17 24.85 -29.80
N LEU C 744 8.92 25.08 -29.40
CA LEU C 744 8.64 26.08 -28.37
C LEU C 744 9.34 25.73 -27.07
N SER C 745 9.40 24.44 -26.74
CA SER C 745 10.13 24.02 -25.55
C SER C 745 11.61 24.33 -25.70
N GLU C 746 12.16 24.05 -26.88
CA GLU C 746 13.56 24.32 -27.13
C GLU C 746 13.85 25.81 -27.23
N GLN C 747 12.89 26.61 -27.71
CA GLN C 747 13.07 28.05 -27.84
C GLN C 747 12.76 28.83 -26.57
N GLY C 748 12.39 28.18 -25.48
CA GLY C 748 12.08 28.87 -24.25
C GLY C 748 10.78 29.65 -24.24
N VAL C 749 9.98 29.56 -25.32
CA VAL C 749 8.75 30.33 -25.40
C VAL C 749 7.78 29.92 -24.30
N LEU C 750 7.73 28.63 -23.98
CA LEU C 750 6.79 28.13 -22.98
C LEU C 750 7.01 28.75 -21.61
N ASP C 751 8.24 28.64 -21.08
CA ASP C 751 8.52 29.23 -19.77
C ASP C 751 8.39 30.76 -19.77
N LYS C 752 8.76 31.42 -20.86
CA LYS C 752 8.53 32.85 -20.96
C LYS C 752 7.05 33.21 -20.82
N LEU C 753 6.20 32.55 -21.60
CA LEU C 753 4.77 32.77 -21.50
C LEU C 753 4.23 32.42 -20.11
N LYS C 754 4.75 31.34 -19.50
CA LYS C 754 4.35 31.01 -18.14
C LYS C 754 4.72 32.13 -17.17
N ASN C 755 5.92 32.69 -17.29
CA ASN C 755 6.28 33.85 -16.49
C ASN C 755 5.32 35.01 -16.77
N LYS C 756 5.01 35.23 -18.04
CA LYS C 756 4.04 36.24 -18.46
C LYS C 756 2.62 35.95 -17.97
N TRP C 757 2.36 34.79 -17.36
CA TRP C 757 1.02 34.50 -16.86
C TRP C 757 0.96 34.02 -15.42
N TRP C 758 2.09 33.90 -14.73
CA TRP C 758 2.05 33.63 -13.30
C TRP C 758 2.93 34.58 -12.48
N TYR C 759 4.01 35.07 -13.06
CA TYR C 759 5.00 35.71 -12.21
C TYR C 759 5.41 37.10 -12.68
N ASP C 760 5.47 37.34 -13.99
CA ASP C 760 5.59 38.72 -14.45
C ASP C 760 4.37 39.54 -14.04
N LYS C 761 3.19 38.93 -14.10
CA LYS C 761 1.98 39.52 -13.50
C LYS C 761 1.94 39.16 -12.02
N GLY C 762 2.89 39.73 -11.29
CA GLY C 762 3.04 39.48 -9.86
C GLY C 762 2.36 40.52 -8.99
N GLU C 763 1.06 40.74 -9.19
CA GLU C 763 0.35 41.79 -8.47
C GLU C 763 -0.13 41.32 -7.10
N CYS C 764 0.52 40.32 -6.52
CA CYS C 764 0.17 39.86 -5.18
C CYS C 764 1.41 39.36 -4.46
N GLY C 765 1.31 39.34 -3.12
CA GLY C 765 2.41 38.86 -2.31
C GLY C 765 2.64 37.36 -2.48
N ALA C 766 3.86 36.95 -2.13
CA ALA C 766 4.29 35.58 -2.38
C ALA C 766 5.22 35.11 -1.26
N LYS C 767 5.33 33.78 -1.15
CA LYS C 767 6.31 33.09 -0.30
C LYS C 767 6.36 33.63 1.12
N ASP C 768 5.19 33.84 1.71
CA ASP C 768 5.11 34.22 3.12
C ASP C 768 5.23 32.98 4.01
N SER C 769 6.29 32.20 3.81
CA SER C 769 6.51 30.99 4.58
C SER C 769 6.84 31.32 6.04
N GLY C 770 6.73 30.29 6.88
CA GLY C 770 7.06 30.42 8.28
C GLY C 770 8.53 30.68 8.52
N SER C 771 8.85 31.04 9.76
CA SER C 771 10.17 31.53 10.13
C SER C 771 10.86 30.63 11.17
N LYS C 772 10.49 29.35 11.20
CA LYS C 772 11.20 28.40 12.04
C LYS C 772 12.58 28.04 11.50
N GLU C 773 12.88 28.39 10.25
CA GLU C 773 14.21 28.24 9.69
C GLU C 773 14.60 29.55 9.01
N LYS C 774 15.91 29.78 8.90
CA LYS C 774 16.44 31.11 8.62
C LYS C 774 15.94 32.10 9.66
N THR C 775 15.93 31.67 10.92
CA THR C 775 15.22 32.38 11.98
C THR C 775 15.75 33.79 12.15
N SER C 776 14.88 34.78 11.91
CA SER C 776 15.27 36.16 12.02
C SER C 776 15.47 36.55 13.48
N ALA C 777 16.16 37.68 13.68
CA ALA C 777 16.28 38.28 14.99
C ALA C 777 14.93 38.81 15.48
N LEU C 778 14.90 39.35 16.70
CA LEU C 778 13.69 39.98 17.23
C LEU C 778 13.23 41.10 16.30
N SER C 779 11.92 41.17 16.10
CA SER C 779 11.34 42.14 15.18
C SER C 779 11.30 43.54 15.80
N LEU C 780 11.69 44.53 15.00
CA LEU C 780 11.64 45.92 15.44
C LEU C 780 10.20 46.38 15.72
N SER C 781 9.21 45.71 15.12
CA SER C 781 7.82 46.06 15.38
C SER C 781 7.42 45.82 16.83
N ASN C 782 8.09 44.90 17.51
CA ASN C 782 7.67 44.49 18.85
C ASN C 782 8.25 45.36 19.96
N VAL C 783 9.47 45.88 19.79
CA VAL C 783 10.10 46.70 20.82
C VAL C 783 9.47 48.07 20.98
N ALA C 784 8.47 48.40 20.15
CA ALA C 784 7.88 49.73 20.16
C ALA C 784 7.28 50.11 21.52
N GLY C 785 6.64 49.16 22.19
CA GLY C 785 6.08 49.45 23.51
C GLY C 785 7.12 49.69 24.59
N VAL C 786 8.28 49.04 24.48
CA VAL C 786 9.38 49.34 25.40
C VAL C 786 9.84 50.77 25.23
N PHE C 787 9.99 51.23 24.00
CA PHE C 787 10.42 52.60 23.79
C PHE C 787 9.33 53.61 24.11
N TYR C 788 8.06 53.25 23.89
CA TYR C 788 6.94 54.01 24.45
C TYR C 788 7.10 54.25 25.94
N ILE C 789 7.43 53.19 26.68
CA ILE C 789 7.64 53.31 28.13
C ILE C 789 8.86 54.19 28.42
N LEU C 790 9.97 53.93 27.72
CA LEU C 790 11.20 54.69 27.93
C LEU C 790 10.97 56.18 27.71
N VAL C 791 10.46 56.54 26.54
CA VAL C 791 10.30 57.95 26.18
C VAL C 791 9.20 58.63 27.01
N GLY C 792 8.13 57.91 27.38
CA GLY C 792 7.18 58.45 28.34
C GLY C 792 7.80 58.75 29.70
N GLY C 793 8.64 57.84 30.19
CA GLY C 793 9.37 58.10 31.43
C GLY C 793 10.30 59.30 31.34
N LEU C 794 11.08 59.39 30.26
CA LEU C 794 11.91 60.56 30.06
C LEU C 794 11.08 61.84 30.00
N GLY C 795 9.92 61.78 29.33
CA GLY C 795 9.07 62.95 29.23
C GLY C 795 8.51 63.39 30.58
N LEU C 796 8.14 62.42 31.42
CA LEU C 796 7.68 62.72 32.77
C LEU C 796 8.80 63.29 33.63
N ALA C 797 10.03 62.82 33.42
CA ALA C 797 11.10 63.07 34.38
C ALA C 797 11.38 64.56 34.52
N MET C 798 11.62 65.24 33.39
CA MET C 798 11.93 66.66 33.41
C MET C 798 10.74 67.51 33.84
N LEU C 799 9.51 67.09 33.51
CA LEU C 799 8.33 67.79 34.02
C LEU C 799 8.28 67.78 35.55
N VAL C 800 8.40 66.59 36.14
CA VAL C 800 8.43 66.49 37.59
C VAL C 800 9.62 67.24 38.18
N ALA C 801 10.76 67.25 37.49
CA ALA C 801 11.91 68.03 37.95
C ALA C 801 11.64 69.53 37.98
N LEU C 802 11.02 70.05 36.92
CA LEU C 802 10.65 71.47 36.89
C LEU C 802 9.67 71.83 38.00
N ILE C 803 8.61 71.04 38.15
CA ILE C 803 7.62 71.36 39.18
C ILE C 803 8.20 71.22 40.59
N GLU C 804 9.09 70.26 40.80
CA GLU C 804 9.83 70.18 42.06
C GLU C 804 10.68 71.43 42.29
N PHE C 805 11.44 71.83 41.26
CA PHE C 805 12.29 73.01 41.35
C PHE C 805 11.49 74.28 41.63
N CYS C 806 10.33 74.43 40.98
CA CYS C 806 9.47 75.58 41.25
C CYS C 806 8.89 75.52 42.65
N TYR C 807 8.47 74.34 43.11
CA TYR C 807 7.95 74.23 44.47
C TYR C 807 9.06 74.43 45.51
N LYS C 808 10.25 73.89 45.27
CA LYS C 808 11.40 74.22 46.09
C LYS C 808 11.77 75.69 46.05
N SER C 809 11.40 76.40 44.98
CA SER C 809 11.55 77.85 44.96
C SER C 809 10.49 78.57 45.78
N ARG C 810 9.47 77.84 46.28
CA ARG C 810 8.31 78.45 46.90
C ARG C 810 7.87 77.69 48.14
N ALA C 811 8.82 77.14 48.88
CA ALA C 811 8.50 76.38 50.09
C ALA C 811 9.56 76.61 51.18
N ASN D 1 -70.96 -33.50 -52.89
CA ASN D 1 -70.14 -32.84 -53.90
C ASN D 1 -68.68 -32.77 -53.46
N SER D 2 -67.79 -32.52 -54.42
CA SER D 2 -66.37 -32.34 -54.14
C SER D 2 -65.90 -30.99 -54.70
N ILE D 3 -64.90 -30.43 -54.05
CA ILE D 3 -64.22 -29.23 -54.52
C ILE D 3 -62.87 -29.62 -55.07
N GLN D 4 -62.62 -29.30 -56.34
CA GLN D 4 -61.32 -29.54 -56.94
C GLN D 4 -60.31 -28.53 -56.39
N ILE D 5 -59.16 -29.04 -55.94
CA ILE D 5 -58.11 -28.21 -55.36
C ILE D 5 -56.80 -28.54 -56.04
N GLY D 6 -55.92 -27.53 -56.12
CA GLY D 6 -54.59 -27.71 -56.65
C GLY D 6 -53.57 -28.05 -55.57
N GLY D 7 -52.50 -28.71 -55.99
CA GLY D 7 -51.33 -28.88 -55.14
C GLY D 7 -49.99 -28.72 -55.84
N LEU D 8 -49.05 -28.08 -55.17
CA LEU D 8 -47.64 -28.08 -55.56
C LEU D 8 -46.79 -28.54 -54.38
N PHE D 9 -45.76 -29.32 -54.68
CA PHE D 9 -44.84 -29.80 -53.65
C PHE D 9 -43.40 -29.68 -54.13
N PRO D 10 -42.50 -29.20 -53.28
CA PRO D 10 -41.08 -29.22 -53.62
C PRO D 10 -40.58 -30.63 -53.84
N ARG D 11 -39.67 -30.77 -54.81
CA ARG D 11 -38.97 -32.04 -55.01
C ARG D 11 -38.06 -32.31 -53.82
N GLY D 12 -38.28 -33.43 -53.15
CA GLY D 12 -37.58 -33.75 -51.91
C GLY D 12 -38.34 -33.41 -50.65
N ALA D 13 -39.47 -32.70 -50.76
CA ALA D 13 -40.35 -32.48 -49.61
C ALA D 13 -41.28 -33.67 -49.43
N ASP D 14 -40.72 -34.88 -49.37
CA ASP D 14 -41.51 -36.09 -49.40
C ASP D 14 -42.28 -36.32 -48.10
N GLN D 15 -41.71 -35.90 -46.97
CA GLN D 15 -42.44 -35.96 -45.71
C GLN D 15 -43.67 -35.08 -45.73
N GLU D 16 -43.57 -33.87 -46.29
CA GLU D 16 -44.73 -33.01 -46.39
C GLU D 16 -45.79 -33.59 -47.35
N TYR D 17 -45.36 -34.11 -48.50
CA TYR D 17 -46.29 -34.78 -49.41
C TYR D 17 -47.03 -35.94 -48.73
N SER D 18 -46.30 -36.72 -47.93
CA SER D 18 -46.93 -37.77 -47.13
C SER D 18 -47.92 -37.19 -46.14
N ALA D 19 -47.49 -36.21 -45.34
CA ALA D 19 -48.38 -35.64 -44.34
C ALA D 19 -49.62 -35.02 -44.98
N PHE D 20 -49.48 -34.44 -46.17
CA PHE D 20 -50.62 -33.96 -46.95
C PHE D 20 -51.61 -35.08 -47.25
N ARG D 21 -51.12 -36.20 -47.79
CA ARG D 21 -52.04 -37.30 -48.09
C ARG D 21 -52.68 -37.86 -46.82
N VAL D 22 -51.89 -38.01 -45.75
CA VAL D 22 -52.42 -38.44 -44.46
C VAL D 22 -53.50 -37.49 -43.95
N GLY D 23 -53.28 -36.18 -44.09
CA GLY D 23 -54.30 -35.21 -43.75
C GLY D 23 -55.57 -35.35 -44.57
N MET D 24 -55.43 -35.53 -45.87
CA MET D 24 -56.59 -35.77 -46.73
C MET D 24 -57.36 -37.00 -46.29
N VAL D 25 -56.65 -38.09 -46.00
CA VAL D 25 -57.27 -39.32 -45.51
C VAL D 25 -57.99 -39.10 -44.18
N GLN D 26 -57.39 -38.33 -43.27
CA GLN D 26 -58.03 -38.07 -41.99
C GLN D 26 -59.26 -37.18 -42.11
N PHE D 27 -59.12 -36.03 -42.78
CA PHE D 27 -60.13 -34.99 -42.68
C PHE D 27 -61.15 -35.00 -43.82
N SER D 28 -60.99 -35.86 -44.82
CA SER D 28 -62.08 -36.10 -45.75
C SER D 28 -63.28 -36.65 -44.98
N THR D 29 -64.48 -36.29 -45.44
CA THR D 29 -65.68 -36.51 -44.64
C THR D 29 -66.82 -36.96 -45.53
N SER D 30 -67.86 -37.51 -44.88
CA SER D 30 -68.94 -38.16 -45.61
C SER D 30 -69.73 -37.18 -46.47
N GLU D 31 -69.88 -35.94 -46.02
CA GLU D 31 -70.77 -35.01 -46.71
C GLU D 31 -70.11 -34.27 -47.86
N PHE D 32 -68.79 -34.10 -47.82
CA PHE D 32 -68.11 -33.39 -48.89
C PHE D 32 -66.66 -33.86 -48.96
N ARG D 33 -66.05 -33.65 -50.12
CA ARG D 33 -64.73 -34.21 -50.41
C ARG D 33 -63.86 -33.16 -51.08
N LEU D 34 -62.56 -33.46 -51.12
CA LEU D 34 -61.59 -32.78 -51.96
C LEU D 34 -61.34 -33.63 -53.22
N THR D 35 -61.08 -32.95 -54.33
CA THR D 35 -60.52 -33.57 -55.53
C THR D 35 -59.17 -32.92 -55.82
N PRO D 36 -58.11 -33.41 -55.18
CA PRO D 36 -56.78 -32.81 -55.39
C PRO D 36 -56.25 -33.12 -56.78
N HIS D 37 -55.80 -32.09 -57.48
CA HIS D 37 -54.93 -32.23 -58.63
C HIS D 37 -53.55 -31.74 -58.21
N ILE D 38 -52.54 -32.59 -58.40
CA ILE D 38 -51.26 -32.42 -57.73
C ILE D 38 -50.14 -32.39 -58.76
N ASP D 39 -49.13 -31.55 -58.51
CA ASP D 39 -47.88 -31.55 -59.25
C ASP D 39 -46.72 -31.62 -58.27
N ASN D 40 -45.65 -32.31 -58.68
CA ASN D 40 -44.44 -32.41 -57.88
C ASN D 40 -43.23 -31.83 -58.63
N LEU D 41 -43.47 -30.79 -59.41
CA LEU D 41 -42.42 -30.15 -60.19
C LEU D 41 -41.58 -29.20 -59.33
N GLU D 42 -40.57 -28.60 -59.96
CA GLU D 42 -39.62 -27.73 -59.29
C GLU D 42 -40.33 -26.58 -58.59
N VAL D 43 -39.69 -26.09 -57.52
CA VAL D 43 -40.19 -24.93 -56.78
C VAL D 43 -39.14 -23.85 -56.60
N ALA D 44 -37.84 -24.16 -56.70
CA ALA D 44 -36.76 -23.20 -56.47
C ALA D 44 -36.53 -22.26 -57.65
N ASN D 45 -37.50 -22.15 -58.57
CA ASN D 45 -37.35 -21.33 -59.76
C ASN D 45 -38.73 -21.04 -60.30
N SER D 46 -38.99 -19.77 -60.64
CA SER D 46 -40.37 -19.32 -60.87
C SER D 46 -41.06 -20.10 -61.99
N PHE D 47 -40.32 -20.51 -63.02
CA PHE D 47 -40.94 -21.05 -64.22
C PHE D 47 -41.87 -22.22 -63.91
N ALA D 48 -41.35 -23.21 -63.17
CA ALA D 48 -42.12 -24.40 -62.85
C ALA D 48 -43.39 -24.04 -62.07
N VAL D 49 -43.27 -23.15 -61.08
CA VAL D 49 -44.43 -22.74 -60.31
C VAL D 49 -45.45 -22.04 -61.20
N THR D 50 -44.97 -21.20 -62.12
CA THR D 50 -45.88 -20.45 -62.98
C THR D 50 -46.63 -21.37 -63.92
N ASN D 51 -45.92 -22.31 -64.53
CA ASN D 51 -46.54 -23.27 -65.44
C ASN D 51 -47.54 -24.17 -64.71
N ALA D 52 -47.19 -24.61 -63.50
CA ALA D 52 -48.13 -25.38 -62.68
C ALA D 52 -49.35 -24.56 -62.30
N PHE D 53 -49.15 -23.30 -61.89
CA PHE D 53 -50.27 -22.43 -61.59
C PHE D 53 -51.22 -22.33 -62.78
N CYS D 54 -50.67 -22.05 -63.97
CA CYS D 54 -51.51 -21.98 -65.17
C CYS D 54 -52.24 -23.31 -65.45
N SER D 55 -51.53 -24.43 -65.34
CA SER D 55 -52.18 -25.73 -65.55
C SER D 55 -53.36 -25.92 -64.59
N GLN D 56 -53.11 -25.74 -63.30
CA GLN D 56 -54.13 -26.02 -62.29
C GLN D 56 -55.23 -24.95 -62.27
N PHE D 57 -54.89 -23.71 -62.60
CA PHE D 57 -55.89 -22.66 -62.80
C PHE D 57 -56.78 -22.95 -64.02
N SER D 58 -56.19 -23.47 -65.10
CA SER D 58 -56.99 -23.85 -66.25
C SER D 58 -57.87 -25.04 -65.92
N ARG D 59 -57.41 -25.91 -65.02
CA ARG D 59 -58.25 -26.93 -64.44
C ARG D 59 -59.33 -26.37 -63.53
N GLY D 60 -59.24 -25.08 -63.18
CA GLY D 60 -60.28 -24.42 -62.42
C GLY D 60 -60.29 -24.72 -60.94
N VAL D 61 -59.17 -25.17 -60.37
CA VAL D 61 -59.13 -25.49 -58.95
C VAL D 61 -59.44 -24.24 -58.13
N TYR D 62 -60.31 -24.40 -57.14
CA TYR D 62 -60.80 -23.25 -56.36
C TYR D 62 -59.91 -22.90 -55.19
N ALA D 63 -58.97 -23.77 -54.83
CA ALA D 63 -57.91 -23.42 -53.90
C ALA D 63 -56.69 -24.26 -54.25
N ILE D 64 -55.52 -23.80 -53.79
CA ILE D 64 -54.28 -24.54 -53.99
C ILE D 64 -53.54 -24.62 -52.67
N PHE D 65 -52.93 -25.77 -52.41
CA PHE D 65 -51.88 -25.91 -51.40
C PHE D 65 -50.53 -25.97 -52.10
N GLY D 66 -49.54 -25.28 -51.54
CA GLY D 66 -48.22 -25.36 -52.14
C GLY D 66 -47.16 -24.66 -51.31
N PHE D 67 -46.01 -24.47 -51.95
CA PHE D 67 -44.81 -23.99 -51.30
C PHE D 67 -44.13 -22.97 -52.20
N TYR D 68 -43.20 -22.22 -51.63
CA TYR D 68 -42.42 -21.29 -52.43
C TYR D 68 -41.13 -20.95 -51.69
N ASP D 69 -40.26 -20.26 -52.40
CA ASP D 69 -38.98 -19.78 -51.90
C ASP D 69 -38.88 -18.30 -52.26
N LYS D 70 -37.97 -17.59 -51.59
CA LYS D 70 -37.86 -16.15 -51.82
C LYS D 70 -37.65 -15.84 -53.29
N LYS D 71 -37.04 -16.78 -54.03
CA LYS D 71 -36.89 -16.61 -55.47
C LYS D 71 -38.24 -16.66 -56.18
N SER D 72 -39.10 -17.59 -55.77
CA SER D 72 -40.38 -17.80 -56.44
C SER D 72 -41.53 -17.07 -55.77
N VAL D 73 -41.37 -16.62 -54.52
CA VAL D 73 -42.51 -16.17 -53.72
C VAL D 73 -43.26 -15.03 -54.40
N ASN D 74 -42.53 -14.05 -54.94
CA ASN D 74 -43.19 -12.91 -55.56
C ASN D 74 -44.11 -13.33 -56.70
N THR D 75 -43.71 -14.34 -57.46
CA THR D 75 -44.51 -14.84 -58.57
C THR D 75 -45.88 -15.31 -58.09
N ILE D 76 -45.89 -16.10 -57.01
CA ILE D 76 -47.14 -16.56 -56.42
C ILE D 76 -47.93 -15.39 -55.87
N THR D 77 -47.30 -14.58 -55.01
CA THR D 77 -48.07 -13.57 -54.30
C THR D 77 -48.68 -12.56 -55.26
N SER D 78 -47.99 -12.22 -56.35
CA SER D 78 -48.58 -11.34 -57.35
C SER D 78 -49.68 -12.04 -58.14
N PHE D 79 -49.49 -13.32 -58.50
CA PHE D 79 -50.55 -14.01 -59.21
C PHE D 79 -51.83 -14.05 -58.39
N CYS D 80 -51.74 -14.54 -57.16
CA CYS D 80 -52.94 -14.57 -56.33
C CYS D 80 -53.47 -13.17 -56.02
N GLY D 81 -52.57 -12.21 -55.79
CA GLY D 81 -52.97 -10.83 -55.60
C GLY D 81 -53.79 -10.24 -56.75
N THR D 82 -53.61 -10.75 -57.96
CA THR D 82 -54.48 -10.35 -59.06
C THR D 82 -55.67 -11.28 -59.28
N LEU D 83 -55.44 -12.58 -59.38
CA LEU D 83 -56.42 -13.50 -59.95
C LEU D 83 -57.44 -14.00 -58.92
N HIS D 84 -57.30 -13.60 -57.65
CA HIS D 84 -58.26 -13.89 -56.59
C HIS D 84 -58.31 -15.37 -56.22
N VAL D 85 -57.60 -16.22 -56.95
CA VAL D 85 -57.42 -17.61 -56.52
C VAL D 85 -56.46 -17.65 -55.34
N SER D 86 -56.93 -18.18 -54.21
CA SER D 86 -56.16 -18.11 -52.98
C SER D 86 -54.97 -19.08 -53.00
N PHE D 87 -54.04 -18.86 -52.08
CA PHE D 87 -52.87 -19.69 -51.88
C PHE D 87 -52.61 -19.87 -50.39
N ILE D 88 -52.26 -21.09 -50.00
CA ILE D 88 -51.97 -21.42 -48.62
C ILE D 88 -50.60 -22.07 -48.57
N THR D 89 -49.83 -21.79 -47.52
CA THR D 89 -48.43 -22.20 -47.52
C THR D 89 -47.95 -22.40 -46.09
N PRO D 90 -47.04 -23.36 -45.88
CA PRO D 90 -46.26 -23.41 -44.64
C PRO D 90 -44.94 -22.66 -44.72
N SER D 91 -44.59 -22.10 -45.87
CA SER D 91 -43.34 -21.38 -46.04
C SER D 91 -43.30 -20.15 -45.13
N PHE D 92 -42.14 -19.49 -45.13
CA PHE D 92 -41.89 -18.37 -44.24
C PHE D 92 -42.88 -17.23 -44.52
N PRO D 93 -43.23 -16.46 -43.49
CA PRO D 93 -44.07 -15.27 -43.72
C PRO D 93 -43.28 -14.17 -44.41
N THR D 94 -43.85 -13.61 -45.47
CA THR D 94 -43.23 -12.49 -46.17
C THR D 94 -43.43 -11.19 -45.38
N ASP D 95 -42.84 -10.11 -45.89
CA ASP D 95 -43.12 -8.77 -45.37
C ASP D 95 -44.48 -8.23 -45.78
N GLY D 96 -45.16 -8.91 -46.70
CA GLY D 96 -46.33 -8.34 -47.34
C GLY D 96 -47.65 -8.87 -46.84
N THR D 97 -48.71 -8.10 -47.07
CA THR D 97 -50.03 -8.45 -46.60
C THR D 97 -50.98 -8.59 -47.78
N HIS D 98 -50.54 -9.32 -48.81
CA HIS D 98 -51.41 -9.58 -49.95
C HIS D 98 -52.68 -10.28 -49.48
N PRO D 99 -53.84 -9.95 -50.06
CA PRO D 99 -55.01 -10.81 -49.90
C PRO D 99 -54.76 -12.18 -50.49
N PHE D 100 -55.71 -13.09 -50.22
CA PHE D 100 -55.78 -14.42 -50.81
C PHE D 100 -54.63 -15.33 -50.39
N VAL D 101 -53.72 -14.89 -49.52
CA VAL D 101 -52.59 -15.72 -49.10
C VAL D 101 -52.75 -16.02 -47.62
N ILE D 102 -52.74 -17.32 -47.28
CA ILE D 102 -52.77 -17.79 -45.90
C ILE D 102 -51.39 -18.25 -45.48
N GLN D 103 -50.53 -17.33 -45.06
CA GLN D 103 -49.17 -17.68 -44.67
C GLN D 103 -49.21 -18.30 -43.27
N MET D 104 -49.47 -19.61 -43.25
CA MET D 104 -49.80 -20.30 -42.00
C MET D 104 -48.66 -20.25 -41.00
N ARG D 105 -47.42 -20.46 -41.45
CA ARG D 105 -46.31 -20.61 -40.51
C ARG D 105 -46.18 -19.37 -39.64
N PRO D 106 -46.41 -19.50 -38.33
CA PRO D 106 -46.63 -18.33 -37.49
C PRO D 106 -45.38 -17.46 -37.35
N ASP D 107 -45.61 -16.21 -36.95
CA ASP D 107 -44.54 -15.25 -36.71
C ASP D 107 -43.54 -15.77 -35.69
N LEU D 108 -42.27 -15.81 -36.09
CA LEU D 108 -41.17 -16.24 -35.24
C LEU D 108 -40.37 -15.09 -34.65
N LYS D 109 -40.53 -13.88 -35.20
CA LYS D 109 -39.70 -12.75 -34.80
C LYS D 109 -40.00 -12.30 -33.38
N GLY D 110 -41.29 -12.16 -33.05
CA GLY D 110 -41.67 -11.69 -31.72
C GLY D 110 -41.13 -12.55 -30.60
N ALA D 111 -41.28 -13.87 -30.72
CA ALA D 111 -40.72 -14.76 -29.72
C ALA D 111 -39.20 -14.70 -29.70
N LEU D 112 -38.56 -14.63 -30.88
CA LEU D 112 -37.11 -14.56 -30.91
C LEU D 112 -36.62 -13.35 -30.12
N LEU D 113 -37.16 -12.17 -30.43
CA LEU D 113 -36.80 -10.96 -29.71
C LEU D 113 -37.09 -11.08 -28.22
N SER D 114 -38.24 -11.66 -27.85
CA SER D 114 -38.58 -11.77 -26.44
C SER D 114 -37.64 -12.71 -25.69
N LEU D 115 -37.12 -13.72 -26.37
CA LEU D 115 -36.11 -14.58 -25.74
C LEU D 115 -34.78 -13.85 -25.63
N ILE D 116 -34.41 -13.09 -26.65
CA ILE D 116 -33.20 -12.27 -26.56
C ILE D 116 -33.28 -11.32 -25.37
N GLU D 117 -34.45 -10.71 -25.19
CA GLU D 117 -34.73 -9.93 -23.98
C GLU D 117 -34.58 -10.75 -22.71
N TYR D 118 -35.09 -11.99 -22.71
CA TYR D 118 -35.02 -12.80 -21.49
C TYR D 118 -33.59 -13.16 -21.14
N TYR D 119 -32.78 -13.56 -22.11
CA TYR D 119 -31.35 -13.70 -21.83
C TYR D 119 -30.66 -12.37 -21.61
N GLN D 120 -31.33 -11.26 -21.91
CA GLN D 120 -30.75 -9.91 -21.74
C GLN D 120 -29.44 -9.79 -22.50
N TRP D 121 -29.41 -10.33 -23.71
CA TRP D 121 -28.18 -10.35 -24.49
C TRP D 121 -27.87 -8.95 -25.02
N ASP D 122 -26.58 -8.73 -25.28
CA ASP D 122 -26.11 -7.40 -25.65
C ASP D 122 -25.27 -7.44 -26.93
N LYS D 123 -24.46 -8.50 -27.07
CA LYS D 123 -23.49 -8.56 -28.16
C LYS D 123 -23.34 -10.02 -28.60
N PHE D 124 -23.77 -10.31 -29.82
CA PHE D 124 -23.74 -11.65 -30.35
C PHE D 124 -23.66 -11.59 -31.87
N ALA D 125 -23.22 -12.70 -32.47
CA ALA D 125 -23.17 -12.86 -33.92
C ALA D 125 -24.40 -13.63 -34.37
N TYR D 126 -25.17 -13.03 -35.28
CA TYR D 126 -26.35 -13.66 -35.86
C TYR D 126 -26.00 -14.13 -37.26
N LEU D 127 -26.20 -15.41 -37.53
CA LEU D 127 -26.12 -15.89 -38.90
C LEU D 127 -27.50 -15.86 -39.56
N TYR D 128 -27.51 -15.98 -40.89
CA TYR D 128 -28.77 -16.10 -41.61
C TYR D 128 -28.57 -16.89 -42.89
N ASP D 129 -29.63 -17.57 -43.32
CA ASP D 129 -29.78 -17.99 -44.70
C ASP D 129 -30.61 -16.93 -45.42
N SER D 130 -30.06 -16.39 -46.52
CA SER D 130 -30.76 -15.33 -47.24
C SER D 130 -32.13 -15.79 -47.73
N ASP D 131 -32.27 -17.05 -48.09
CA ASP D 131 -33.37 -17.43 -48.96
C ASP D 131 -34.68 -17.66 -48.21
N ARG D 132 -34.67 -17.65 -46.88
CA ARG D 132 -35.92 -17.57 -46.14
C ARG D 132 -36.47 -16.16 -46.03
N GLY D 133 -35.86 -15.19 -46.72
CA GLY D 133 -36.24 -13.80 -46.56
C GLY D 133 -35.57 -13.15 -45.37
N LEU D 134 -35.01 -11.96 -45.58
CA LEU D 134 -34.22 -11.25 -44.57
C LEU D 134 -35.10 -10.54 -43.52
N SER D 135 -36.39 -10.85 -43.53
CA SER D 135 -37.36 -10.24 -42.62
C SER D 135 -36.93 -10.37 -41.17
N THR D 136 -36.37 -11.51 -40.80
CA THR D 136 -35.80 -11.66 -39.46
C THR D 136 -34.52 -10.84 -39.31
N LEU D 137 -33.61 -10.92 -40.29
CA LEU D 137 -32.38 -10.14 -40.18
C LEU D 137 -32.66 -8.65 -40.07
N GLN D 138 -33.67 -8.16 -40.79
CA GLN D 138 -34.17 -6.80 -40.59
C GLN D 138 -34.73 -6.60 -39.18
N ALA D 139 -35.73 -7.39 -38.81
CA ALA D 139 -36.44 -7.14 -37.56
C ALA D 139 -35.57 -7.33 -36.32
N VAL D 140 -34.45 -8.03 -36.43
CA VAL D 140 -33.47 -8.02 -35.35
C VAL D 140 -32.41 -6.93 -35.50
N LEU D 141 -32.11 -6.49 -36.73
CA LEU D 141 -31.21 -5.34 -36.88
C LEU D 141 -31.89 -4.04 -36.49
N ASP D 142 -33.16 -3.87 -36.90
CA ASP D 142 -33.93 -2.69 -36.50
C ASP D 142 -33.83 -2.41 -35.01
N SER D 143 -34.31 -3.35 -34.19
CA SER D 143 -34.26 -3.18 -32.73
C SER D 143 -32.86 -3.28 -32.14
N ALA D 144 -31.81 -3.50 -32.93
CA ALA D 144 -30.47 -3.21 -32.44
C ALA D 144 -30.26 -1.72 -32.18
N ALA D 145 -31.10 -0.87 -32.75
CA ALA D 145 -31.29 0.49 -32.24
C ALA D 145 -31.99 0.47 -30.89
N GLU D 146 -33.32 0.29 -30.91
CA GLU D 146 -34.15 0.52 -29.73
C GLU D 146 -33.71 -0.30 -28.53
N LYS D 147 -33.12 -1.47 -28.76
CA LYS D 147 -32.63 -2.32 -27.68
C LYS D 147 -31.11 -2.31 -27.57
N LYS D 148 -30.44 -1.43 -28.32
CA LYS D 148 -29.00 -1.20 -28.24
C LYS D 148 -28.19 -2.49 -28.24
N TRP D 149 -28.57 -3.42 -29.11
CA TRP D 149 -27.77 -4.62 -29.30
C TRP D 149 -26.54 -4.31 -30.15
N GLN D 150 -25.56 -5.21 -30.09
CA GLN D 150 -24.27 -5.04 -30.74
C GLN D 150 -24.07 -6.13 -31.78
N VAL D 151 -25.10 -6.31 -32.62
CA VAL D 151 -25.17 -7.45 -33.52
C VAL D 151 -24.03 -7.45 -34.55
N THR D 152 -23.61 -8.65 -34.93
CA THR D 152 -22.91 -8.90 -36.18
C THR D 152 -23.75 -9.90 -36.98
N ALA D 153 -23.85 -9.69 -38.29
CA ALA D 153 -24.54 -10.62 -39.17
C ALA D 153 -23.62 -11.13 -40.27
N ILE D 154 -23.66 -12.45 -40.51
CA ILE D 154 -22.88 -13.07 -41.56
C ILE D 154 -23.77 -14.06 -42.30
N ASN D 155 -23.76 -14.01 -43.63
CA ASN D 155 -24.49 -14.97 -44.45
C ASN D 155 -23.86 -16.36 -44.34
N VAL D 156 -24.71 -17.38 -44.27
CA VAL D 156 -24.23 -18.76 -44.29
C VAL D 156 -25.01 -19.56 -45.34
N GLY D 157 -26.04 -18.94 -45.91
CA GLY D 157 -26.87 -19.65 -46.87
C GLY D 157 -26.18 -19.97 -48.18
N ASN D 158 -25.40 -19.03 -48.70
CA ASN D 158 -24.93 -19.09 -50.08
C ASN D 158 -23.55 -19.72 -50.22
N ILE D 159 -22.95 -20.21 -49.14
CA ILE D 159 -21.65 -20.85 -49.23
C ILE D 159 -21.77 -22.15 -50.03
N ASN D 160 -20.89 -22.31 -51.03
CA ASN D 160 -21.00 -23.44 -51.94
C ASN D 160 -20.66 -24.77 -51.26
N ASN D 161 -21.34 -25.82 -51.72
CA ASN D 161 -21.15 -27.15 -51.16
C ASN D 161 -19.78 -27.74 -51.47
N ASP D 162 -19.12 -27.28 -52.53
CA ASP D 162 -17.84 -27.88 -52.93
C ASP D 162 -16.76 -27.64 -51.88
N LYS D 163 -16.88 -26.57 -51.09
CA LYS D 163 -15.85 -26.21 -50.14
C LYS D 163 -16.47 -25.90 -48.76
N LYS D 164 -17.56 -26.58 -48.43
CA LYS D 164 -18.29 -26.23 -47.22
C LYS D 164 -17.65 -26.84 -45.98
N ASP D 165 -16.32 -26.74 -45.87
CA ASP D 165 -15.64 -27.11 -44.63
C ASP D 165 -14.71 -25.99 -44.18
N GLU D 166 -13.81 -25.60 -45.07
CA GLU D 166 -12.84 -24.53 -44.82
C GLU D 166 -13.48 -23.16 -44.70
N THR D 167 -14.56 -22.92 -45.44
CA THR D 167 -15.35 -21.71 -45.27
C THR D 167 -15.91 -21.59 -43.85
N TYR D 168 -16.46 -22.67 -43.32
CA TYR D 168 -17.05 -22.59 -41.98
C TYR D 168 -15.98 -22.46 -40.89
N ARG D 169 -14.80 -23.05 -41.10
CA ARG D 169 -13.65 -22.70 -40.26
C ARG D 169 -13.36 -21.22 -40.30
N SER D 170 -13.10 -20.67 -41.49
CA SER D 170 -12.76 -19.25 -41.59
C SER D 170 -13.82 -18.36 -40.94
N LEU D 171 -15.10 -18.69 -41.19
CA LEU D 171 -16.21 -17.99 -40.56
C LEU D 171 -16.10 -17.98 -39.04
N PHE D 172 -16.12 -19.16 -38.41
CA PHE D 172 -16.09 -19.12 -36.95
C PHE D 172 -14.75 -18.60 -36.41
N GLN D 173 -13.65 -18.80 -37.13
CA GLN D 173 -12.35 -18.29 -36.68
C GLN D 173 -12.33 -16.77 -36.64
N ASP D 174 -13.11 -16.12 -37.50
CA ASP D 174 -13.25 -14.67 -37.37
C ASP D 174 -14.15 -14.30 -36.20
N LEU D 175 -15.14 -15.11 -35.86
CA LEU D 175 -15.89 -14.91 -34.63
C LEU D 175 -15.00 -15.14 -33.40
N GLU D 176 -14.00 -16.01 -33.55
CA GLU D 176 -12.97 -16.19 -32.54
C GLU D 176 -12.08 -14.96 -32.44
N LEU D 177 -11.85 -14.27 -33.56
CA LEU D 177 -11.17 -12.99 -33.49
C LEU D 177 -12.00 -11.97 -32.71
N LYS D 178 -13.33 -12.07 -32.81
CA LYS D 178 -14.23 -11.34 -31.92
C LYS D 178 -14.40 -12.02 -30.57
N LYS D 179 -13.85 -13.22 -30.39
CA LYS D 179 -14.00 -14.00 -29.15
C LYS D 179 -15.49 -14.17 -28.80
N GLU D 180 -16.31 -14.38 -29.83
CA GLU D 180 -17.75 -14.45 -29.63
C GLU D 180 -18.13 -15.74 -28.91
N ARG D 181 -19.14 -15.64 -28.04
CA ARG D 181 -19.63 -16.81 -27.31
C ARG D 181 -21.15 -16.91 -27.31
N ARG D 182 -21.87 -15.87 -27.73
CA ARG D 182 -23.30 -15.94 -27.92
C ARG D 182 -23.58 -15.91 -29.41
N VAL D 183 -24.42 -16.83 -29.89
CA VAL D 183 -24.67 -17.00 -31.31
C VAL D 183 -26.14 -17.31 -31.51
N ILE D 184 -26.66 -16.95 -32.68
CA ILE D 184 -27.96 -17.39 -33.15
C ILE D 184 -27.78 -17.94 -34.56
N LEU D 185 -28.43 -19.06 -34.84
CA LEU D 185 -28.54 -19.57 -36.21
C LEU D 185 -29.98 -19.38 -36.68
N ASP D 186 -30.12 -18.98 -37.95
CA ASP D 186 -31.45 -18.71 -38.51
C ASP D 186 -31.43 -19.32 -39.91
N CYS D 187 -31.79 -20.59 -39.98
CA CYS D 187 -31.72 -21.36 -41.20
C CYS D 187 -32.52 -22.63 -41.02
N GLU D 188 -32.87 -23.26 -42.13
CA GLU D 188 -33.61 -24.50 -42.06
C GLU D 188 -32.67 -25.67 -41.78
N ARG D 189 -33.27 -26.81 -41.42
CA ARG D 189 -32.53 -27.93 -40.86
C ARG D 189 -31.36 -28.36 -41.74
N ASP D 190 -31.54 -28.34 -43.07
CA ASP D 190 -30.46 -28.75 -43.96
C ASP D 190 -29.18 -27.98 -43.70
N LYS D 191 -29.28 -26.68 -43.42
CA LYS D 191 -28.13 -25.88 -43.00
C LYS D 191 -27.76 -26.13 -41.54
N VAL D 192 -28.77 -26.22 -40.67
CA VAL D 192 -28.55 -26.39 -39.23
C VAL D 192 -27.67 -27.60 -38.95
N ASN D 193 -28.07 -28.77 -39.44
CA ASN D 193 -27.35 -30.00 -39.14
C ASN D 193 -25.90 -29.92 -39.59
N ASP D 194 -25.67 -29.41 -40.79
CA ASP D 194 -24.32 -29.27 -41.33
C ASP D 194 -23.47 -28.34 -40.46
N ILE D 195 -23.99 -27.15 -40.14
CA ILE D 195 -23.18 -26.22 -39.38
C ILE D 195 -22.99 -26.67 -37.94
N VAL D 196 -23.96 -27.36 -37.34
CA VAL D 196 -23.81 -27.89 -36.00
C VAL D 196 -22.76 -29.00 -35.94
N ASP D 197 -22.79 -29.90 -36.94
CA ASP D 197 -21.72 -30.87 -37.11
C ASP D 197 -20.36 -30.20 -37.21
N GLN D 198 -20.26 -29.15 -38.02
CA GLN D 198 -18.98 -28.46 -38.10
C GLN D 198 -18.60 -27.84 -36.76
N VAL D 199 -19.58 -27.30 -36.03
CA VAL D 199 -19.32 -26.71 -34.71
C VAL D 199 -18.69 -27.74 -33.78
N ILE D 200 -19.28 -28.93 -33.71
CA ILE D 200 -18.72 -29.96 -32.83
C ILE D 200 -17.36 -30.42 -33.35
N THR D 201 -17.21 -30.51 -34.68
CA THR D 201 -15.93 -30.96 -35.23
C THR D 201 -14.83 -29.94 -35.01
N ILE D 202 -15.14 -28.64 -35.13
CA ILE D 202 -14.14 -27.61 -34.85
C ILE D 202 -13.98 -27.31 -33.37
N GLY D 203 -14.77 -27.95 -32.51
CA GLY D 203 -14.49 -27.88 -31.09
C GLY D 203 -14.93 -26.62 -30.37
N LYS D 204 -16.02 -26.00 -30.80
CA LYS D 204 -16.47 -24.76 -30.16
C LYS D 204 -17.88 -24.92 -29.60
N HIS D 205 -18.10 -26.02 -28.87
CA HIS D 205 -19.41 -26.25 -28.24
C HIS D 205 -19.26 -26.71 -26.79
N VAL D 206 -18.12 -26.44 -26.15
CA VAL D 206 -18.03 -26.52 -24.70
C VAL D 206 -18.94 -25.48 -24.06
N LYS D 207 -19.21 -25.67 -22.77
CA LYS D 207 -19.98 -24.69 -22.00
C LYS D 207 -19.33 -23.32 -22.09
N GLY D 208 -20.17 -22.30 -22.24
CA GLY D 208 -19.72 -20.94 -22.53
C GLY D 208 -20.29 -20.44 -23.83
N TYR D 209 -20.27 -21.29 -24.86
CA TYR D 209 -21.03 -21.00 -26.06
C TYR D 209 -22.52 -21.22 -25.80
N HIS D 210 -23.35 -20.44 -26.49
CA HIS D 210 -24.79 -20.48 -26.23
C HIS D 210 -25.53 -20.22 -27.53
N TYR D 211 -26.24 -21.23 -28.03
CA TYR D 211 -26.79 -21.21 -29.38
C TYR D 211 -28.31 -21.10 -29.29
N ILE D 212 -28.88 -20.19 -30.07
CA ILE D 212 -30.33 -20.11 -30.25
C ILE D 212 -30.64 -20.58 -31.66
N ILE D 213 -31.49 -21.60 -31.77
CA ILE D 213 -31.93 -22.12 -33.07
C ILE D 213 -33.28 -21.49 -33.37
N ALA D 214 -33.26 -20.40 -34.13
CA ALA D 214 -34.47 -19.63 -34.42
C ALA D 214 -35.23 -20.22 -35.61
N ASN D 215 -35.68 -21.46 -35.44
CA ASN D 215 -36.63 -22.05 -36.36
C ASN D 215 -37.63 -22.90 -35.59
N LEU D 216 -38.76 -23.18 -36.23
CA LEU D 216 -39.83 -23.94 -35.61
C LEU D 216 -39.58 -25.44 -35.61
N GLY D 217 -38.33 -25.87 -35.85
CA GLY D 217 -38.00 -27.26 -36.02
C GLY D 217 -36.93 -27.69 -35.04
N PHE D 218 -37.10 -27.27 -33.78
CA PHE D 218 -36.03 -27.35 -32.79
C PHE D 218 -35.58 -28.79 -32.56
N THR D 219 -36.50 -29.65 -32.15
CA THR D 219 -36.19 -31.07 -31.96
C THR D 219 -36.05 -31.82 -33.27
N ASP D 220 -36.52 -31.25 -34.38
CA ASP D 220 -36.34 -31.90 -35.68
C ASP D 220 -34.88 -31.98 -36.09
N GLY D 221 -34.08 -30.98 -35.70
CA GLY D 221 -32.66 -31.02 -35.95
C GLY D 221 -31.96 -32.12 -35.16
N ASP D 222 -30.74 -32.42 -35.58
CA ASP D 222 -29.93 -33.43 -34.88
C ASP D 222 -29.38 -32.85 -33.60
N LEU D 223 -30.28 -32.35 -32.74
CA LEU D 223 -29.89 -31.59 -31.56
C LEU D 223 -29.13 -32.45 -30.55
N LEU D 224 -29.38 -33.76 -30.55
CA LEU D 224 -28.94 -34.68 -29.51
C LEU D 224 -27.46 -35.04 -29.61
N LYS D 225 -26.66 -34.27 -30.36
CA LYS D 225 -25.22 -34.43 -30.32
C LYS D 225 -24.45 -33.15 -30.00
N ILE D 226 -25.14 -32.02 -29.76
CA ILE D 226 -24.57 -30.95 -28.96
C ILE D 226 -25.07 -31.01 -27.52
N GLN D 227 -26.09 -31.84 -27.25
CA GLN D 227 -26.67 -32.02 -25.92
C GLN D 227 -25.65 -32.11 -24.80
N PHE D 228 -24.62 -32.94 -24.98
CA PHE D 228 -23.70 -33.26 -23.89
C PHE D 228 -22.51 -32.31 -23.80
N GLY D 229 -22.40 -31.34 -24.69
CA GLY D 229 -21.25 -30.45 -24.70
C GLY D 229 -21.24 -29.40 -23.61
N GLY D 230 -22.35 -29.23 -22.89
CA GLY D 230 -22.47 -28.18 -21.90
C GLY D 230 -22.73 -26.79 -22.44
N ALA D 231 -22.52 -26.55 -23.74
CA ALA D 231 -22.99 -25.32 -24.36
C ALA D 231 -24.51 -25.26 -24.31
N GLU D 232 -25.03 -24.22 -23.65
CA GLU D 232 -26.47 -24.05 -23.58
C GLU D 232 -27.05 -23.90 -24.98
N VAL D 233 -28.27 -24.41 -25.15
CA VAL D 233 -28.98 -24.36 -26.42
C VAL D 233 -30.44 -24.05 -26.12
N SER D 234 -31.09 -23.34 -27.04
CA SER D 234 -32.50 -23.06 -26.89
C SER D 234 -33.08 -22.74 -28.26
N GLY D 235 -34.40 -22.80 -28.34
CA GLY D 235 -35.09 -22.61 -29.60
C GLY D 235 -36.57 -22.42 -29.38
N PHE D 236 -37.35 -22.60 -30.44
CA PHE D 236 -38.77 -22.29 -30.41
C PHE D 236 -39.51 -23.38 -31.16
N GLN D 237 -40.54 -23.93 -30.52
CA GLN D 237 -41.24 -25.10 -31.05
C GLN D 237 -42.73 -24.84 -31.06
N ILE D 238 -43.37 -25.11 -32.19
CA ILE D 238 -44.80 -24.98 -32.34
C ILE D 238 -45.43 -26.34 -32.12
N VAL D 239 -44.65 -27.39 -32.38
CA VAL D 239 -45.11 -28.76 -32.15
C VAL D 239 -45.12 -29.04 -30.65
N ASP D 240 -46.16 -29.75 -30.18
CA ASP D 240 -46.26 -30.16 -28.78
C ASP D 240 -46.78 -31.60 -28.77
N TYR D 241 -45.89 -32.56 -28.53
CA TYR D 241 -46.27 -33.97 -28.46
C TYR D 241 -47.19 -34.26 -27.28
N ASP D 242 -47.28 -33.35 -26.30
CA ASP D 242 -48.09 -33.59 -25.11
C ASP D 242 -49.58 -33.44 -25.36
N ASP D 243 -49.97 -32.88 -26.49
CA ASP D 243 -51.37 -32.52 -26.71
C ASP D 243 -52.22 -33.76 -26.99
N SER D 244 -53.51 -33.63 -26.70
CA SER D 244 -54.54 -34.65 -26.88
C SER D 244 -54.44 -35.46 -28.16
N LEU D 245 -55.04 -34.96 -29.25
CA LEU D 245 -54.99 -35.65 -30.52
C LEU D 245 -53.59 -35.70 -31.12
N VAL D 246 -52.74 -34.72 -30.81
CA VAL D 246 -51.41 -34.67 -31.41
C VAL D 246 -50.63 -35.95 -31.09
N SER D 247 -50.57 -36.32 -29.81
CA SER D 247 -49.87 -37.52 -29.38
C SER D 247 -50.38 -38.76 -30.09
N LYS D 248 -51.69 -38.93 -30.17
CA LYS D 248 -52.28 -40.10 -30.84
C LYS D 248 -52.00 -40.10 -32.33
N PHE D 249 -51.97 -38.92 -32.96
CA PHE D 249 -51.53 -38.83 -34.35
C PHE D 249 -50.07 -39.22 -34.52
N ILE D 250 -49.20 -38.75 -33.63
CA ILE D 250 -47.78 -39.07 -33.75
C ILE D 250 -47.56 -40.57 -33.54
N GLU D 251 -48.34 -41.18 -32.66
CA GLU D 251 -48.39 -42.64 -32.62
C GLU D 251 -48.80 -43.18 -33.98
N ARG D 252 -49.99 -42.78 -34.44
CA ARG D 252 -50.55 -43.23 -35.72
C ARG D 252 -49.55 -43.02 -36.86
N TRP D 253 -49.13 -41.76 -37.06
CA TRP D 253 -48.08 -41.40 -38.01
C TRP D 253 -46.91 -42.39 -37.94
N SER D 254 -46.32 -42.55 -36.75
CA SER D 254 -45.18 -43.44 -36.60
C SER D 254 -45.51 -44.89 -36.92
N THR D 255 -46.78 -45.28 -36.89
CA THR D 255 -47.19 -46.61 -37.31
C THR D 255 -47.61 -46.69 -38.78
N LEU D 256 -47.76 -45.56 -39.47
CA LEU D 256 -48.15 -45.59 -40.88
C LEU D 256 -47.03 -46.20 -41.72
N GLU D 257 -47.42 -46.70 -42.89
CA GLU D 257 -46.55 -47.56 -43.69
C GLU D 257 -45.31 -46.80 -44.15
N GLU D 258 -44.14 -47.38 -43.88
CA GLU D 258 -42.88 -46.68 -44.14
C GLU D 258 -42.62 -46.49 -45.63
N LYS D 259 -42.96 -47.47 -46.45
CA LYS D 259 -42.72 -47.36 -47.89
C LYS D 259 -43.87 -46.72 -48.64
N GLU D 260 -45.06 -46.65 -48.04
CA GLU D 260 -46.11 -45.81 -48.61
C GLU D 260 -45.78 -44.33 -48.43
N TYR D 261 -45.12 -44.00 -47.32
CA TYR D 261 -44.81 -42.62 -46.97
C TYR D 261 -43.38 -42.58 -46.44
N PRO D 262 -42.39 -42.39 -47.32
CA PRO D 262 -40.99 -42.52 -46.90
C PRO D 262 -40.65 -41.55 -45.78
N GLY D 263 -40.00 -42.08 -44.75
CA GLY D 263 -39.64 -41.30 -43.58
C GLY D 263 -40.76 -41.03 -42.60
N ALA D 264 -42.00 -41.34 -42.96
CA ALA D 264 -43.13 -41.04 -42.08
C ALA D 264 -43.19 -41.97 -40.87
N HIS D 265 -42.55 -43.13 -40.92
CA HIS D 265 -42.62 -44.10 -39.84
C HIS D 265 -41.69 -43.74 -38.68
N THR D 266 -41.71 -42.48 -38.25
CA THR D 266 -40.76 -41.95 -37.28
C THR D 266 -41.45 -40.88 -36.46
N ALA D 267 -40.84 -40.54 -35.32
CA ALA D 267 -41.34 -39.45 -34.49
C ALA D 267 -40.83 -38.08 -34.93
N THR D 268 -39.86 -38.03 -35.84
CA THR D 268 -39.28 -36.77 -36.30
C THR D 268 -40.19 -36.09 -37.33
N ILE D 269 -41.41 -35.77 -36.89
CA ILE D 269 -42.31 -34.98 -37.72
C ILE D 269 -41.80 -33.55 -37.82
N LYS D 270 -41.69 -33.05 -39.05
CA LYS D 270 -41.35 -31.64 -39.27
C LYS D 270 -42.55 -30.76 -38.96
N TYR D 271 -42.28 -29.60 -38.37
CA TYR D 271 -43.33 -28.60 -38.18
C TYR D 271 -43.99 -28.24 -39.50
N THR D 272 -43.23 -28.24 -40.60
CA THR D 272 -43.82 -28.06 -41.92
C THR D 272 -44.85 -29.14 -42.23
N SER D 273 -44.53 -30.40 -41.94
CA SER D 273 -45.52 -31.48 -42.11
C SER D 273 -46.74 -31.26 -41.25
N ALA D 274 -46.54 -30.90 -39.97
CA ALA D 274 -47.66 -30.67 -39.06
C ALA D 274 -48.55 -29.54 -39.56
N LEU D 275 -47.93 -28.46 -40.02
CA LEU D 275 -48.69 -27.35 -40.61
C LEU D 275 -49.38 -27.77 -41.89
N THR D 276 -48.79 -28.67 -42.68
CA THR D 276 -49.46 -29.17 -43.88
C THR D 276 -50.72 -29.96 -43.54
N TYR D 277 -50.61 -30.82 -42.52
CA TYR D 277 -51.78 -31.55 -42.03
C TYR D 277 -52.84 -30.59 -41.49
N ASP D 278 -52.43 -29.62 -40.67
CA ASP D 278 -53.36 -28.59 -40.23
C ASP D 278 -53.93 -27.80 -41.40
N ALA D 279 -53.16 -27.58 -42.46
CA ALA D 279 -53.65 -26.87 -43.64
C ALA D 279 -54.75 -27.65 -44.34
N VAL D 280 -54.61 -28.97 -44.41
CA VAL D 280 -55.69 -29.82 -44.91
C VAL D 280 -56.91 -29.71 -44.01
N GLN D 281 -56.69 -29.71 -42.69
CA GLN D 281 -57.80 -29.52 -41.76
C GLN D 281 -58.48 -28.18 -41.98
N VAL D 282 -57.70 -27.12 -42.22
CA VAL D 282 -58.25 -25.80 -42.50
C VAL D 282 -59.10 -25.83 -43.75
N MET D 283 -58.56 -26.36 -44.83
CA MET D 283 -59.24 -26.35 -46.11
C MET D 283 -60.55 -27.14 -46.07
N THR D 284 -60.51 -28.33 -45.45
CA THR D 284 -61.74 -29.09 -45.25
C THR D 284 -62.72 -28.38 -44.31
N GLU D 285 -62.24 -27.77 -43.23
CA GLU D 285 -63.13 -27.05 -42.33
C GLU D 285 -63.75 -25.82 -43.00
N ALA D 286 -62.96 -25.11 -43.81
CA ALA D 286 -63.50 -24.06 -44.67
C ALA D 286 -64.61 -24.56 -45.57
N PHE D 287 -64.42 -25.72 -46.21
CA PHE D 287 -65.51 -26.24 -47.04
C PHE D 287 -66.72 -26.68 -46.21
N ARG D 288 -66.46 -27.20 -45.00
CA ARG D 288 -67.53 -27.41 -44.04
C ARG D 288 -68.32 -26.14 -43.78
N ASN D 289 -67.63 -25.01 -43.59
CA ASN D 289 -68.33 -23.75 -43.40
C ASN D 289 -69.02 -23.28 -44.67
N LEU D 290 -68.44 -23.54 -45.84
CA LEU D 290 -69.12 -23.29 -47.11
C LEU D 290 -70.48 -23.97 -47.12
N ARG D 291 -70.51 -25.26 -46.79
CA ARG D 291 -71.78 -25.98 -46.82
C ARG D 291 -72.71 -25.51 -45.72
N LYS D 292 -72.18 -25.29 -44.51
CA LYS D 292 -72.96 -24.68 -43.45
C LYS D 292 -73.55 -23.34 -43.89
N GLN D 293 -72.77 -22.53 -44.58
CA GLN D 293 -73.20 -21.23 -45.05
C GLN D 293 -73.72 -21.25 -46.48
N ARG D 294 -73.82 -22.45 -47.08
CA ARG D 294 -74.40 -22.62 -48.41
C ARG D 294 -73.61 -21.84 -49.47
N ILE D 295 -72.29 -21.75 -49.31
CA ILE D 295 -71.46 -21.02 -50.26
C ILE D 295 -71.25 -21.88 -51.51
N GLU D 296 -71.01 -21.21 -52.63
CA GLU D 296 -70.92 -21.87 -53.93
C GLU D 296 -69.54 -21.72 -54.55
N ILE D 297 -69.15 -22.74 -55.32
CA ILE D 297 -67.93 -22.72 -56.12
C ILE D 297 -68.23 -22.67 -57.61
N SER D 298 -69.36 -22.09 -58.02
CA SER D 298 -69.99 -22.39 -59.29
C SER D 298 -69.23 -21.88 -60.51
N ARG D 299 -67.96 -21.49 -60.34
CA ARG D 299 -67.14 -21.17 -61.50
C ARG D 299 -66.93 -22.41 -62.36
N ARG D 300 -66.97 -22.22 -63.67
CA ARG D 300 -66.81 -23.32 -64.61
C ARG D 300 -65.47 -24.03 -64.43
N GLY D 301 -65.46 -25.34 -64.68
CA GLY D 301 -64.24 -26.11 -64.54
C GLY D 301 -63.24 -25.82 -65.65
N ASN D 302 -63.72 -25.67 -66.88
CA ASN D 302 -62.88 -25.21 -67.99
C ASN D 302 -62.70 -23.70 -67.83
N ALA D 303 -61.77 -23.33 -66.96
CA ALA D 303 -61.73 -21.99 -66.38
C ALA D 303 -61.11 -20.95 -67.29
N GLY D 304 -60.63 -21.32 -68.48
CA GLY D 304 -59.98 -20.37 -69.35
C GLY D 304 -58.49 -20.18 -69.09
N ASP D 305 -57.91 -19.28 -69.87
CA ASP D 305 -56.47 -19.05 -69.89
C ASP D 305 -55.99 -18.31 -68.65
N CYS D 306 -54.79 -18.65 -68.18
CA CYS D 306 -54.21 -17.88 -67.09
C CYS D 306 -53.65 -16.55 -67.57
N LEU D 307 -53.18 -16.52 -68.82
CA LEU D 307 -52.50 -15.36 -69.40
C LEU D 307 -53.48 -14.41 -70.10
N ALA D 308 -54.74 -14.41 -69.69
CA ALA D 308 -55.74 -13.56 -70.32
C ALA D 308 -55.33 -12.09 -70.22
N ASN D 309 -55.63 -11.33 -71.26
CA ASN D 309 -55.30 -9.91 -71.32
C ASN D 309 -56.59 -9.10 -71.45
N PRO D 310 -56.92 -8.23 -70.49
CA PRO D 310 -56.34 -8.09 -69.15
C PRO D 310 -56.67 -9.27 -68.24
N ALA D 311 -56.34 -9.15 -66.95
CA ALA D 311 -56.66 -10.20 -65.99
C ALA D 311 -58.18 -10.43 -65.93
N VAL D 312 -58.55 -11.66 -65.56
CA VAL D 312 -59.95 -12.04 -65.47
C VAL D 312 -60.19 -12.84 -64.18
N PRO D 313 -60.26 -12.18 -63.02
CA PRO D 313 -60.58 -12.90 -61.78
C PRO D 313 -62.03 -13.37 -61.72
N TRP D 314 -62.43 -13.95 -60.60
CA TRP D 314 -63.79 -14.40 -60.41
C TRP D 314 -64.25 -14.03 -59.01
N GLY D 315 -65.57 -13.92 -58.85
CA GLY D 315 -66.12 -13.27 -57.66
C GLY D 315 -66.01 -14.09 -56.40
N GLN D 316 -66.49 -15.34 -56.43
CA GLN D 316 -66.67 -16.10 -55.20
C GLN D 316 -65.36 -16.58 -54.60
N GLY D 317 -64.25 -16.44 -55.31
CA GLY D 317 -62.94 -16.65 -54.70
C GLY D 317 -62.68 -15.74 -53.52
N VAL D 318 -63.35 -14.58 -53.49
CA VAL D 318 -63.33 -13.72 -52.30
C VAL D 318 -64.05 -14.40 -51.14
N GLU D 319 -65.17 -15.09 -51.41
CA GLU D 319 -65.84 -15.85 -50.35
C GLU D 319 -65.01 -17.04 -49.89
N ILE D 320 -64.25 -17.66 -50.79
CA ILE D 320 -63.26 -18.65 -50.37
C ILE D 320 -62.21 -18.03 -49.46
N GLU D 321 -61.69 -16.85 -49.83
CA GLU D 321 -60.71 -16.18 -49.00
C GLU D 321 -61.26 -15.87 -47.61
N ARG D 322 -62.49 -15.35 -47.56
CA ARG D 322 -63.23 -15.22 -46.30
C ARG D 322 -63.23 -16.51 -45.50
N ALA D 323 -63.65 -17.61 -46.13
CA ALA D 323 -63.77 -18.87 -45.40
C ALA D 323 -62.41 -19.33 -44.88
N LEU D 324 -61.36 -19.20 -45.68
CA LEU D 324 -60.02 -19.54 -45.24
C LEU D 324 -59.60 -18.72 -44.02
N LYS D 325 -59.81 -17.40 -44.08
CA LYS D 325 -59.37 -16.55 -43.00
C LYS D 325 -60.25 -16.65 -41.75
N GLN D 326 -61.47 -17.16 -41.89
CA GLN D 326 -62.38 -17.31 -40.75
C GLN D 326 -62.18 -18.60 -39.97
N VAL D 327 -61.31 -19.50 -40.43
CA VAL D 327 -61.15 -20.80 -39.76
C VAL D 327 -60.64 -20.62 -38.34
N GLN D 328 -61.27 -21.33 -37.40
CA GLN D 328 -60.84 -21.34 -36.01
C GLN D 328 -61.04 -22.76 -35.47
N VAL D 329 -59.95 -23.54 -35.45
CA VAL D 329 -59.99 -24.93 -35.00
C VAL D 329 -58.68 -25.24 -34.28
N GLU D 330 -58.69 -26.34 -33.54
CA GLU D 330 -57.45 -26.91 -33.01
C GLU D 330 -56.67 -27.61 -34.12
N GLY D 331 -55.35 -27.60 -33.97
CA GLY D 331 -54.49 -28.38 -34.83
C GLY D 331 -53.22 -28.81 -34.12
N LEU D 332 -52.34 -29.48 -34.87
CA LEU D 332 -51.04 -29.88 -34.34
C LEU D 332 -50.23 -28.69 -33.87
N SER D 333 -50.46 -27.51 -34.45
CA SER D 333 -49.79 -26.28 -34.08
C SER D 333 -50.58 -25.47 -33.05
N GLY D 334 -51.30 -26.13 -32.14
CA GLY D 334 -52.16 -25.46 -31.19
C GLY D 334 -53.43 -24.97 -31.87
N ASN D 335 -54.04 -23.96 -31.25
CA ASN D 335 -55.19 -23.33 -31.89
C ASN D 335 -54.72 -22.56 -33.11
N ILE D 336 -55.41 -22.74 -34.23
CA ILE D 336 -55.01 -22.18 -35.51
C ILE D 336 -56.06 -21.18 -35.96
N LYS D 337 -55.61 -19.95 -36.23
CA LYS D 337 -56.48 -18.85 -36.66
C LYS D 337 -55.67 -17.92 -37.54
N PHE D 338 -56.38 -17.14 -38.36
CA PHE D 338 -55.74 -16.17 -39.22
C PHE D 338 -56.49 -14.85 -39.15
N ASP D 339 -55.75 -13.76 -39.40
CA ASP D 339 -56.32 -12.43 -39.52
C ASP D 339 -56.75 -12.17 -40.97
N GLN D 340 -57.26 -10.96 -41.22
CA GLN D 340 -57.66 -10.58 -42.56
C GLN D 340 -56.48 -10.47 -43.52
N ASN D 341 -55.26 -10.35 -43.00
CA ASN D 341 -54.07 -10.46 -43.85
C ASN D 341 -53.63 -11.90 -44.08
N GLY D 342 -54.15 -12.83 -43.27
CA GLY D 342 -53.74 -14.21 -43.36
C GLY D 342 -52.54 -14.60 -42.52
N LYS D 343 -52.13 -13.76 -41.57
CA LYS D 343 -51.17 -14.15 -40.56
C LYS D 343 -51.90 -14.73 -39.35
N ARG D 344 -51.20 -15.59 -38.62
CA ARG D 344 -51.84 -16.26 -37.49
C ARG D 344 -51.98 -15.34 -36.29
N ILE D 345 -53.03 -15.59 -35.51
CA ILE D 345 -53.34 -14.88 -34.28
C ILE D 345 -53.90 -15.89 -33.28
N ASN D 346 -53.95 -15.49 -32.02
CA ASN D 346 -54.52 -16.27 -30.91
C ASN D 346 -53.73 -17.56 -30.67
N TYR D 347 -52.58 -17.72 -31.31
CA TYR D 347 -51.81 -18.95 -31.23
C TYR D 347 -50.79 -18.87 -30.09
N THR D 348 -49.86 -19.83 -30.05
CA THR D 348 -48.88 -19.90 -28.98
C THR D 348 -47.61 -20.53 -29.53
N ILE D 349 -46.47 -20.14 -28.96
CA ILE D 349 -45.17 -20.74 -29.28
C ILE D 349 -44.55 -21.21 -27.97
N ASN D 350 -43.96 -22.40 -27.99
CA ASN D 350 -43.28 -22.95 -26.84
C ASN D 350 -41.79 -22.58 -26.89
N ILE D 351 -41.27 -22.05 -25.79
CA ILE D 351 -39.85 -21.83 -25.64
C ILE D 351 -39.20 -23.12 -25.13
N MET D 352 -38.09 -23.50 -25.74
CA MET D 352 -37.46 -24.79 -25.52
C MET D 352 -36.03 -24.59 -25.04
N GLU D 353 -35.56 -25.54 -24.24
CA GLU D 353 -34.19 -25.53 -23.76
C GLU D 353 -33.68 -26.97 -23.86
N LEU D 354 -32.35 -27.12 -23.84
CA LEU D 354 -31.72 -28.43 -23.91
C LEU D 354 -30.89 -28.67 -22.67
N LYS D 355 -31.26 -29.69 -21.91
CA LYS D 355 -30.51 -30.17 -20.76
C LYS D 355 -29.63 -31.34 -21.20
N THR D 356 -28.67 -31.68 -20.34
CA THR D 356 -27.76 -32.79 -20.65
C THR D 356 -28.51 -34.09 -20.91
N ASN D 357 -29.70 -34.25 -20.33
CA ASN D 357 -30.49 -35.45 -20.52
C ASN D 357 -31.45 -35.38 -21.70
N GLY D 358 -31.67 -34.19 -22.28
CA GLY D 358 -32.54 -34.06 -23.42
C GLY D 358 -33.37 -32.80 -23.43
N PRO D 359 -34.14 -32.60 -24.49
CA PRO D 359 -34.89 -31.35 -24.66
C PRO D 359 -36.12 -31.29 -23.77
N ARG D 360 -36.45 -30.07 -23.34
CA ARG D 360 -37.61 -29.84 -22.50
C ARG D 360 -38.22 -28.49 -22.81
N LYS D 361 -39.49 -28.33 -22.47
CA LYS D 361 -40.12 -27.02 -22.42
C LYS D 361 -39.61 -26.23 -21.22
N ILE D 362 -39.61 -24.91 -21.34
CA ILE D 362 -39.42 -24.04 -20.18
C ILE D 362 -40.49 -22.95 -20.12
N GLY D 363 -41.34 -22.87 -21.13
CA GLY D 363 -42.35 -21.84 -21.13
C GLY D 363 -43.13 -21.82 -22.44
N TYR D 364 -43.99 -20.82 -22.55
CA TYR D 364 -44.74 -20.57 -23.77
C TYR D 364 -44.86 -19.06 -24.01
N TRP D 365 -45.07 -18.71 -25.28
CA TRP D 365 -45.11 -17.32 -25.73
C TRP D 365 -46.35 -17.09 -26.58
N SER D 366 -46.84 -15.85 -26.57
CA SER D 366 -47.98 -15.47 -27.39
C SER D 366 -47.81 -14.02 -27.83
N GLU D 367 -48.72 -13.55 -28.69
CA GLU D 367 -48.67 -12.16 -29.11
C GLU D 367 -49.22 -11.23 -28.04
N VAL D 368 -50.26 -11.64 -27.32
CA VAL D 368 -50.83 -10.81 -26.28
C VAL D 368 -49.94 -10.78 -25.05
N ASP D 369 -49.41 -11.94 -24.66
CA ASP D 369 -48.48 -12.04 -23.53
C ASP D 369 -47.14 -12.53 -24.04
N LYS D 370 -46.08 -11.77 -23.75
CA LYS D 370 -44.71 -12.20 -24.00
C LYS D 370 -44.34 -13.39 -23.12
N MET D 371 -43.11 -13.88 -23.28
CA MET D 371 -42.63 -15.12 -22.67
C MET D 371 -43.09 -15.29 -21.23
N VAL D 372 -43.78 -16.40 -20.98
CA VAL D 372 -44.13 -16.86 -19.64
C VAL D 372 -43.34 -18.13 -19.37
N LEU D 373 -42.69 -18.21 -18.21
CA LEU D 373 -41.82 -19.32 -17.89
C LEU D 373 -42.39 -20.10 -16.71
N THR D 374 -42.12 -21.41 -16.72
CA THR D 374 -42.77 -22.35 -15.81
C THR D 374 -42.11 -22.44 -14.44
N GLU D 375 -40.92 -21.84 -14.27
CA GLU D 375 -40.16 -21.86 -13.02
C GLU D 375 -39.74 -23.27 -12.61
N ASP D 376 -39.77 -24.24 -13.52
CA ASP D 376 -39.46 -25.62 -13.20
C ASP D 376 -37.95 -25.88 -13.12
N ASP D 377 -37.11 -24.91 -13.47
CA ASP D 377 -35.68 -25.14 -13.54
C ASP D 377 -35.11 -25.52 -12.17
N THR D 378 -34.52 -26.71 -12.10
CA THR D 378 -33.99 -27.26 -10.85
C THR D 378 -32.67 -26.62 -10.43
N SER D 379 -31.98 -25.93 -11.34
CA SER D 379 -30.69 -25.33 -11.03
C SER D 379 -30.77 -24.19 -10.01
N GLY D 380 -31.96 -23.74 -9.64
CA GLY D 380 -32.10 -22.79 -8.56
C GLY D 380 -31.97 -23.35 -7.17
N LEU D 381 -31.70 -24.66 -7.04
CA LEU D 381 -31.71 -25.32 -5.73
C LEU D 381 -30.39 -25.10 -4.98
N GLU D 382 -29.26 -25.19 -5.68
CA GLU D 382 -27.97 -25.33 -5.00
C GLU D 382 -27.54 -24.05 -4.30
N GLN D 383 -27.67 -22.90 -4.95
CA GLN D 383 -27.06 -21.66 -4.46
C GLN D 383 -27.86 -20.95 -3.37
N LYS D 384 -28.29 -21.68 -2.34
CA LYS D 384 -28.97 -21.05 -1.21
C LYS D 384 -28.00 -20.16 -0.44
N THR D 385 -28.49 -18.99 -0.03
CA THR D 385 -27.73 -18.13 0.88
C THR D 385 -27.68 -18.74 2.27
N VAL D 386 -26.57 -18.49 2.97
CA VAL D 386 -26.51 -18.74 4.41
C VAL D 386 -27.30 -17.66 5.13
N VAL D 387 -28.14 -18.07 6.08
CA VAL D 387 -28.80 -17.13 6.98
C VAL D 387 -27.86 -16.82 8.15
N VAL D 388 -27.48 -15.55 8.27
CA VAL D 388 -26.51 -15.11 9.27
C VAL D 388 -27.28 -14.42 10.41
N THR D 389 -27.08 -14.91 11.63
CA THR D 389 -27.53 -14.20 12.82
C THR D 389 -26.48 -13.19 13.27
N THR D 390 -26.93 -12.01 13.68
CA THR D 390 -26.02 -10.98 14.16
C THR D 390 -26.77 -10.07 15.13
N ILE D 391 -26.01 -9.22 15.82
CA ILE D 391 -26.54 -8.35 16.86
C ILE D 391 -26.09 -6.92 16.57
N LEU D 392 -26.99 -5.97 16.79
CA LEU D 392 -26.80 -4.57 16.42
C LEU D 392 -25.95 -3.86 17.48
N GLU D 393 -24.66 -3.68 17.19
CA GLU D 393 -23.83 -2.81 18.00
C GLU D 393 -22.67 -2.30 17.16
N SER D 394 -22.26 -1.06 17.44
CA SER D 394 -21.14 -0.43 16.77
C SER D 394 -19.81 -0.96 17.31
N PRO D 395 -18.76 -0.98 16.47
CA PRO D 395 -18.72 -0.69 15.04
C PRO D 395 -18.90 -1.95 14.20
N TYR D 396 -19.52 -2.99 14.76
CA TYR D 396 -19.59 -4.28 14.09
C TYR D 396 -20.80 -4.37 13.15
N VAL D 397 -22.00 -4.07 13.67
CA VAL D 397 -23.22 -4.03 12.86
C VAL D 397 -24.03 -2.83 13.32
N MET D 398 -24.30 -1.90 12.41
CA MET D 398 -24.92 -0.62 12.76
C MET D 398 -26.10 -0.35 11.84
N MET D 399 -27.17 0.20 12.43
CA MET D 399 -28.37 0.59 11.70
C MET D 399 -28.17 1.95 11.03
N LYS D 400 -27.41 1.92 9.95
CA LYS D 400 -27.32 3.09 9.07
C LYS D 400 -28.68 3.38 8.46
N LYS D 401 -28.93 4.67 8.17
CA LYS D 401 -30.17 5.09 7.53
C LYS D 401 -30.47 4.31 6.25
N ASN D 402 -29.45 3.73 5.61
CA ASN D 402 -29.58 2.82 4.49
C ASN D 402 -30.69 1.78 4.68
N HIS D 403 -30.96 1.40 5.94
CA HIS D 403 -32.03 0.43 6.22
C HIS D 403 -33.40 0.94 5.77
N GLU D 404 -33.57 2.24 5.57
CA GLU D 404 -34.82 2.76 5.03
C GLU D 404 -34.85 2.68 3.51
N MET D 405 -33.76 3.10 2.86
CA MET D 405 -33.76 3.16 1.41
C MET D 405 -33.40 1.83 0.77
N LEU D 406 -32.48 1.08 1.35
CA LEU D 406 -31.86 -0.07 0.71
C LEU D 406 -32.46 -1.37 1.25
N GLU D 407 -32.01 -2.48 0.65
CA GLU D 407 -32.40 -3.81 1.09
C GLU D 407 -31.20 -4.74 0.95
N GLY D 408 -31.19 -5.81 1.74
CA GLY D 408 -30.04 -6.67 1.83
C GLY D 408 -29.07 -6.22 2.91
N ASN D 409 -27.86 -6.80 2.87
CA ASN D 409 -26.86 -6.47 3.88
C ASN D 409 -26.42 -5.02 3.79
N GLU D 410 -26.60 -4.36 2.64
CA GLU D 410 -26.28 -2.95 2.51
C GLU D 410 -27.13 -2.07 3.41
N ARG D 411 -28.23 -2.61 3.96
CA ARG D 411 -28.96 -1.91 5.01
C ARG D 411 -28.12 -1.66 6.25
N TYR D 412 -27.02 -2.38 6.41
CA TYR D 412 -26.22 -2.33 7.62
C TYR D 412 -24.79 -1.94 7.28
N GLU D 413 -24.09 -1.44 8.28
CA GLU D 413 -22.68 -1.07 8.15
C GLU D 413 -21.92 -1.61 9.35
N GLY D 414 -20.63 -1.89 9.15
CA GLY D 414 -19.81 -2.24 10.28
C GLY D 414 -18.72 -3.28 10.05
N TYR D 415 -17.94 -3.51 11.12
CA TYR D 415 -16.82 -4.43 11.05
C TYR D 415 -17.26 -5.85 10.71
N CYS D 416 -18.29 -6.36 11.40
CA CYS D 416 -18.79 -7.69 11.08
C CYS D 416 -19.47 -7.76 9.73
N VAL D 417 -20.21 -6.71 9.33
CA VAL D 417 -20.83 -6.70 8.00
C VAL D 417 -19.79 -6.87 6.90
N ASP D 418 -18.68 -6.13 7.02
CA ASP D 418 -17.60 -6.27 6.06
C ASP D 418 -16.92 -7.63 6.16
N LEU D 419 -16.46 -8.01 7.36
CA LEU D 419 -15.74 -9.27 7.46
C LEU D 419 -16.60 -10.45 7.00
N ALA D 420 -17.92 -10.39 7.26
CA ALA D 420 -18.88 -11.35 6.73
C ALA D 420 -18.89 -11.37 5.22
N ALA D 421 -18.86 -10.19 4.58
CA ALA D 421 -18.74 -10.15 3.12
C ALA D 421 -17.41 -10.73 2.64
N GLU D 422 -16.33 -10.43 3.35
CA GLU D 422 -15.00 -10.96 2.98
C GLU D 422 -14.96 -12.48 3.08
N ILE D 423 -15.53 -13.04 4.14
CA ILE D 423 -15.63 -14.49 4.29
C ILE D 423 -16.49 -15.09 3.19
N ALA D 424 -17.68 -14.55 2.97
CA ALA D 424 -18.54 -15.07 1.91
C ALA D 424 -17.87 -15.00 0.54
N LYS D 425 -17.16 -13.91 0.26
CA LYS D 425 -16.45 -13.75 -1.01
C LYS D 425 -15.27 -14.70 -1.16
N HIS D 426 -14.57 -15.04 -0.06
CA HIS D 426 -13.61 -16.14 -0.15
C HIS D 426 -14.31 -17.47 -0.39
N CYS D 427 -15.35 -17.77 0.38
CA CYS D 427 -15.98 -19.09 0.32
C CYS D 427 -16.87 -19.26 -0.90
N GLY D 428 -17.42 -18.18 -1.43
CA GLY D 428 -18.29 -18.23 -2.59
C GLY D 428 -19.77 -18.40 -2.31
N PHE D 429 -20.18 -18.56 -1.05
CA PHE D 429 -21.61 -18.60 -0.75
C PHE D 429 -22.16 -17.19 -0.58
N LYS D 430 -23.45 -17.04 -0.84
CA LYS D 430 -24.15 -15.81 -0.50
C LYS D 430 -24.49 -15.79 0.99
N TYR D 431 -24.54 -14.58 1.55
CA TYR D 431 -24.87 -14.40 2.95
C TYR D 431 -25.94 -13.33 3.09
N LYS D 432 -26.76 -13.48 4.14
CA LYS D 432 -27.77 -12.48 4.49
C LYS D 432 -27.76 -12.28 5.99
N LEU D 433 -27.53 -11.05 6.43
CA LEU D 433 -27.65 -10.70 7.84
C LEU D 433 -29.11 -10.81 8.31
N THR D 434 -29.28 -11.35 9.52
CA THR D 434 -30.55 -11.37 10.22
C THR D 434 -30.29 -10.98 11.67
N ILE D 435 -31.18 -10.16 12.22
CA ILE D 435 -31.03 -9.65 13.58
C ILE D 435 -31.65 -10.62 14.56
N VAL D 436 -30.91 -10.91 15.64
CA VAL D 436 -31.38 -11.82 16.68
C VAL D 436 -32.70 -11.30 17.25
N GLY D 437 -33.66 -12.22 17.42
CA GLY D 437 -35.01 -11.81 17.79
C GLY D 437 -35.10 -11.24 19.20
N ASP D 438 -34.37 -11.82 20.15
CA ASP D 438 -34.46 -11.41 21.54
C ASP D 438 -33.43 -10.36 21.94
N GLY D 439 -32.54 -9.98 21.04
CA GLY D 439 -31.54 -8.98 21.36
C GLY D 439 -30.47 -9.43 22.32
N LYS D 440 -30.31 -10.73 22.52
CA LYS D 440 -29.32 -11.27 23.44
C LYS D 440 -28.18 -11.92 22.65
N TYR D 441 -26.98 -11.91 23.26
CA TYR D 441 -25.85 -12.61 22.65
C TYR D 441 -26.05 -14.12 22.70
N GLY D 442 -26.41 -14.64 23.87
CA GLY D 442 -26.88 -16.01 23.96
C GLY D 442 -26.27 -16.84 25.07
N ALA D 443 -27.13 -17.50 25.85
CA ALA D 443 -26.71 -18.45 26.86
C ALA D 443 -27.85 -19.41 27.14
N ARG D 444 -27.51 -20.55 27.73
CA ARG D 444 -28.54 -21.50 28.17
C ARG D 444 -29.22 -20.96 29.43
N ASP D 445 -30.55 -20.88 29.39
CA ASP D 445 -31.32 -20.50 30.57
C ASP D 445 -31.01 -21.45 31.72
N ALA D 446 -30.71 -20.88 32.89
CA ALA D 446 -30.42 -21.71 34.05
C ALA D 446 -31.61 -22.59 34.45
N ASP D 447 -32.82 -22.17 34.12
CA ASP D 447 -34.01 -22.98 34.43
C ASP D 447 -34.26 -24.06 33.38
N THR D 448 -34.54 -23.63 32.15
CA THR D 448 -34.98 -24.55 31.10
C THR D 448 -33.84 -25.17 30.30
N LYS D 449 -32.60 -24.70 30.49
CA LYS D 449 -31.44 -25.08 29.68
C LYS D 449 -31.59 -24.67 28.22
N ILE D 450 -32.65 -23.94 27.87
CA ILE D 450 -32.80 -23.45 26.51
C ILE D 450 -31.79 -22.35 26.24
N TRP D 451 -31.03 -22.49 25.15
CA TRP D 451 -30.10 -21.45 24.74
C TRP D 451 -30.88 -20.29 24.13
N ASN D 452 -30.74 -19.10 24.72
CA ASN D 452 -31.32 -17.90 24.15
C ASN D 452 -30.30 -17.22 23.23
N GLY D 453 -30.69 -16.06 22.70
CA GLY D 453 -29.80 -15.23 21.91
C GLY D 453 -29.38 -15.87 20.59
N MET D 454 -28.33 -15.26 20.00
CA MET D 454 -27.74 -15.78 18.78
C MET D 454 -27.32 -17.23 18.89
N VAL D 455 -26.84 -17.64 20.08
CA VAL D 455 -26.51 -19.04 20.30
C VAL D 455 -27.75 -19.92 20.15
N GLY D 456 -28.87 -19.48 20.73
CA GLY D 456 -30.15 -20.14 20.46
C GLY D 456 -30.52 -20.15 19.00
N GLU D 457 -30.27 -19.06 18.29
CA GLU D 457 -30.57 -18.99 16.86
C GLU D 457 -29.78 -20.02 16.06
N LEU D 458 -28.55 -20.31 16.48
CA LEU D 458 -27.80 -21.40 15.86
C LEU D 458 -28.28 -22.78 16.33
N VAL D 459 -28.44 -22.97 17.64
CA VAL D 459 -28.75 -24.29 18.18
C VAL D 459 -30.10 -24.79 17.68
N TYR D 460 -31.09 -23.89 17.59
CA TYR D 460 -32.42 -24.26 17.15
C TYR D 460 -32.67 -23.97 15.68
N GLY D 461 -31.60 -23.89 14.88
CA GLY D 461 -31.74 -23.83 13.44
C GLY D 461 -32.31 -22.54 12.89
N LYS D 462 -32.39 -21.48 13.70
CA LYS D 462 -32.92 -20.22 13.21
C LYS D 462 -31.94 -19.51 12.28
N ALA D 463 -30.65 -19.85 12.33
CA ALA D 463 -29.65 -19.27 11.47
C ALA D 463 -28.61 -20.31 11.10
N ASP D 464 -27.89 -20.04 10.01
CA ASP D 464 -26.89 -20.96 9.48
C ASP D 464 -25.49 -20.68 9.98
N ILE D 465 -25.18 -19.43 10.32
CA ILE D 465 -23.86 -19.05 10.81
C ILE D 465 -24.01 -17.79 11.65
N ALA D 466 -23.12 -17.63 12.63
CA ALA D 466 -23.08 -16.44 13.46
C ALA D 466 -21.86 -15.61 13.11
N ILE D 467 -22.08 -14.33 12.82
CA ILE D 467 -21.00 -13.38 12.56
C ILE D 467 -21.31 -12.09 13.29
N ALA D 468 -20.71 -11.92 14.46
CA ALA D 468 -21.02 -10.83 15.38
C ALA D 468 -19.92 -10.76 16.44
N PRO D 469 -19.89 -9.72 17.28
CA PRO D 469 -19.00 -9.79 18.46
C PRO D 469 -19.54 -10.67 19.56
N LEU D 470 -20.04 -11.86 19.19
CA LEU D 470 -20.39 -12.90 20.16
C LEU D 470 -19.11 -13.54 20.68
N THR D 471 -18.80 -13.30 21.95
CA THR D 471 -17.50 -13.67 22.50
C THR D 471 -17.37 -15.20 22.60
N ILE D 472 -16.15 -15.69 22.32
CA ILE D 472 -15.85 -17.08 22.60
C ILE D 472 -15.94 -17.35 24.10
N THR D 473 -16.69 -18.39 24.44
CA THR D 473 -16.63 -18.99 25.76
C THR D 473 -16.67 -20.51 25.60
N LEU D 474 -16.01 -21.21 26.51
CA LEU D 474 -15.94 -22.66 26.44
C LEU D 474 -17.33 -23.29 26.53
N VAL D 475 -18.15 -22.79 27.45
CA VAL D 475 -19.51 -23.29 27.64
C VAL D 475 -20.39 -23.09 26.41
N ARG D 476 -20.16 -22.02 25.63
CA ARG D 476 -20.86 -21.90 24.35
C ARG D 476 -20.35 -22.91 23.33
N GLU D 477 -19.04 -23.12 23.24
CA GLU D 477 -18.53 -24.09 22.29
C GLU D 477 -18.97 -25.52 22.61
N GLU D 478 -19.58 -25.74 23.77
CA GLU D 478 -20.21 -27.03 24.03
C GLU D 478 -21.33 -27.33 23.03
N VAL D 479 -21.96 -26.30 22.47
CA VAL D 479 -23.09 -26.48 21.59
C VAL D 479 -22.87 -25.88 20.20
N ILE D 480 -21.82 -25.07 20.01
CA ILE D 480 -21.46 -24.52 18.71
C ILE D 480 -19.95 -24.65 18.54
N ASP D 481 -19.49 -24.44 17.32
CA ASP D 481 -18.06 -24.43 17.01
C ASP D 481 -17.64 -23.01 16.72
N PHE D 482 -16.62 -22.52 17.44
CA PHE D 482 -15.97 -21.28 17.08
C PHE D 482 -14.75 -21.54 16.21
N SER D 483 -14.53 -20.63 15.25
CA SER D 483 -13.37 -20.68 14.39
C SER D 483 -12.13 -20.20 15.15
N LYS D 484 -11.00 -20.18 14.45
CA LYS D 484 -9.84 -19.45 14.93
C LYS D 484 -10.22 -17.99 15.12
N PRO D 485 -9.63 -17.28 16.07
CA PRO D 485 -10.03 -15.90 16.31
C PRO D 485 -9.45 -14.95 15.28
N PHE D 486 -10.19 -13.87 15.02
CA PHE D 486 -9.63 -12.83 14.15
C PHE D 486 -8.91 -11.74 14.93
N MET D 487 -9.10 -11.66 16.25
CA MET D 487 -8.27 -10.81 17.09
C MET D 487 -8.53 -11.15 18.55
N SER D 488 -7.57 -10.73 19.39
CA SER D 488 -7.69 -10.91 20.84
C SER D 488 -8.20 -9.63 21.49
N LEU D 489 -8.86 -9.81 22.63
CA LEU D 489 -9.36 -8.70 23.45
C LEU D 489 -9.68 -9.25 24.83
N GLY D 490 -9.93 -8.33 25.76
CA GLY D 490 -10.18 -8.74 27.13
C GLY D 490 -11.22 -7.86 27.79
N ILE D 491 -11.61 -8.29 29.01
CA ILE D 491 -12.55 -7.54 29.82
C ILE D 491 -11.91 -6.24 30.29
N SER D 492 -12.72 -5.19 30.38
CA SER D 492 -12.19 -3.86 30.65
C SER D 492 -13.27 -3.05 31.37
N ILE D 493 -12.86 -1.89 31.88
CA ILE D 493 -13.73 -1.02 32.65
C ILE D 493 -13.83 0.34 31.94
N MET D 494 -15.05 0.88 31.89
CA MET D 494 -15.29 2.20 31.34
C MET D 494 -15.80 3.11 32.45
N ILE D 495 -15.21 4.31 32.55
CA ILE D 495 -15.65 5.34 33.48
C ILE D 495 -15.63 6.68 32.75
N LYS D 496 -16.27 7.67 33.35
CA LYS D 496 -16.06 9.05 32.94
C LYS D 496 -14.60 9.45 33.13
N LYS D 497 -14.03 10.09 32.11
CA LYS D 497 -12.60 10.33 32.07
C LYS D 497 -12.16 11.35 33.11
N PRO D 498 -10.90 11.30 33.54
CA PRO D 498 -10.38 12.34 34.45
C PRO D 498 -10.32 13.70 33.77
N GLN D 499 -10.54 14.73 34.58
CA GLN D 499 -10.52 16.11 34.11
C GLN D 499 -9.10 16.69 34.14
N LYS D 500 -8.95 17.87 33.56
CA LYS D 500 -7.76 18.70 33.68
C LYS D 500 -8.11 19.91 34.52
N SER D 501 -7.38 20.15 35.61
CA SER D 501 -7.73 21.23 36.52
C SER D 501 -6.50 21.72 37.26
N LYS D 502 -6.64 22.93 37.82
CA LYS D 502 -5.62 23.74 38.49
C LYS D 502 -4.69 22.93 39.38
N PRO D 503 -3.37 22.96 39.11
CA PRO D 503 -2.39 22.39 40.03
C PRO D 503 -2.42 23.06 41.40
N GLY D 504 -1.65 22.49 42.32
CA GLY D 504 -1.67 22.95 43.69
C GLY D 504 -1.11 24.36 43.85
N VAL D 505 -1.38 24.95 45.01
CA VAL D 505 -0.94 26.31 45.30
C VAL D 505 0.58 26.40 45.32
N PHE D 506 1.25 25.36 45.80
CA PHE D 506 2.71 25.33 45.87
C PHE D 506 3.37 24.93 44.56
N SER D 507 2.59 24.72 43.49
CA SER D 507 3.09 24.11 42.26
C SER D 507 4.26 24.88 41.64
N PHE D 508 4.42 26.16 41.95
CA PHE D 508 5.56 26.91 41.43
C PHE D 508 6.93 26.38 41.88
N LEU D 509 7.01 25.56 42.92
CA LEU D 509 8.26 24.85 43.20
C LEU D 509 8.46 23.58 42.38
N ASP D 510 7.47 23.15 41.60
CA ASP D 510 7.50 21.81 41.00
C ASP D 510 8.76 21.49 40.19
N PRO D 511 9.34 22.40 39.40
CA PRO D 511 10.52 22.00 38.59
C PRO D 511 11.68 21.45 39.42
N LEU D 512 11.80 21.84 40.68
CA LEU D 512 12.82 21.30 41.57
C LEU D 512 12.18 20.30 42.52
N ALA D 513 12.76 19.10 42.62
CA ALA D 513 12.24 18.05 43.49
C ALA D 513 12.11 18.54 44.92
N TYR D 514 10.99 18.19 45.55
CA TYR D 514 10.62 18.80 46.84
C TYR D 514 11.68 18.54 47.91
N GLU D 515 12.33 17.37 47.87
CA GLU D 515 13.35 17.06 48.86
C GLU D 515 14.62 17.90 48.63
N ILE D 516 14.94 18.18 47.37
CA ILE D 516 16.06 19.08 47.07
C ILE D 516 15.72 20.52 47.44
N TRP D 517 14.47 20.93 47.22
CA TRP D 517 14.03 22.23 47.72
C TRP D 517 14.17 22.32 49.23
N MET D 518 13.70 21.31 49.96
CA MET D 518 13.88 21.28 51.41
C MET D 518 15.35 21.33 51.82
N CYS D 519 16.23 20.67 51.08
CA CYS D 519 17.67 20.79 51.33
C CYS D 519 18.21 22.19 51.03
N ILE D 520 17.62 22.89 50.07
CA ILE D 520 17.96 24.30 49.88
C ILE D 520 17.43 25.16 51.01
N VAL D 521 16.28 24.80 51.57
CA VAL D 521 15.73 25.57 52.69
C VAL D 521 16.73 25.63 53.83
N PHE D 522 17.45 24.54 54.09
CA PHE D 522 18.51 24.60 55.09
C PHE D 522 19.82 25.17 54.54
N ALA D 523 20.03 25.11 53.21
CA ALA D 523 21.32 25.50 52.66
C ALA D 523 21.69 26.95 52.99
N TYR D 524 20.73 27.88 52.88
CA TYR D 524 21.04 29.27 53.24
C TYR D 524 21.29 29.45 54.73
N ILE D 525 20.94 28.47 55.56
CA ILE D 525 21.37 28.48 56.95
C ILE D 525 22.79 27.95 57.09
N GLY D 526 23.06 26.77 56.53
CA GLY D 526 24.34 26.12 56.79
C GLY D 526 25.53 26.83 56.21
N VAL D 527 25.32 27.75 55.27
CA VAL D 527 26.42 28.57 54.76
C VAL D 527 26.50 29.90 55.49
N SER D 528 25.35 30.49 55.83
CA SER D 528 25.30 31.78 56.53
C SER D 528 26.12 31.77 57.81
N VAL D 529 26.02 30.70 58.60
CA VAL D 529 26.76 30.59 59.85
C VAL D 529 28.25 30.73 59.65
N VAL D 530 28.77 30.30 58.49
CA VAL D 530 30.20 30.41 58.22
C VAL D 530 30.67 31.86 58.15
N LEU D 531 29.81 32.78 57.70
CA LEU D 531 30.17 34.20 57.75
C LEU D 531 30.30 34.69 59.19
N PHE D 532 29.41 34.27 60.08
CA PHE D 532 29.53 34.67 61.48
C PHE D 532 30.74 34.04 62.14
N LEU D 533 31.08 32.81 61.75
CA LEU D 533 32.34 32.21 62.19
C LEU D 533 33.53 33.03 61.72
N VAL D 534 33.51 33.47 60.45
CA VAL D 534 34.54 34.34 59.91
C VAL D 534 34.54 35.73 60.55
N SER D 535 33.50 36.08 61.31
CA SER D 535 33.39 37.42 61.89
C SER D 535 34.44 37.58 62.98
N ARG D 536 35.63 38.03 62.55
CA ARG D 536 36.75 38.33 63.43
C ARG D 536 37.28 37.15 64.22
N PHE D 537 37.95 36.22 63.55
CA PHE D 537 38.87 35.33 64.22
C PHE D 537 39.93 36.16 64.97
N SER D 538 40.62 35.51 65.91
CA SER D 538 41.54 36.22 66.78
C SER D 538 42.65 36.89 65.98
N PRO D 539 42.84 38.21 66.13
CA PRO D 539 44.05 38.86 65.60
C PRO D 539 45.26 38.63 66.48
N TYR D 540 46.35 39.34 66.20
CA TYR D 540 47.56 39.28 67.02
C TYR D 540 47.25 39.41 68.51
N SER D 556 34.63 49.08 72.41
CA SER D 556 35.62 48.03 72.21
C SER D 556 35.95 47.87 70.73
N GLU D 557 37.11 47.28 70.44
CA GLU D 557 37.57 47.11 69.06
C GLU D 557 36.81 45.95 68.42
N SER D 558 35.50 46.14 68.17
CA SER D 558 34.70 45.06 67.62
C SER D 558 33.63 45.55 66.64
N THR D 559 33.78 46.75 66.08
CA THR D 559 32.76 47.28 65.19
C THR D 559 32.74 46.50 63.88
N ASN D 560 31.55 46.06 63.47
CA ASN D 560 31.37 45.39 62.21
C ASN D 560 29.96 45.68 61.69
N GLU D 561 29.80 45.54 60.37
CA GLU D 561 28.53 45.86 59.74
C GLU D 561 27.49 44.75 59.91
N PHE D 562 27.88 43.57 60.39
CA PHE D 562 27.00 42.41 60.44
C PHE D 562 26.67 42.03 61.88
N GLY D 563 25.38 41.99 62.19
CA GLY D 563 24.89 41.13 63.25
C GLY D 563 24.63 39.72 62.72
N ILE D 564 24.37 38.80 63.64
CA ILE D 564 24.07 37.43 63.24
C ILE D 564 22.82 37.40 62.35
N PHE D 565 21.83 38.22 62.67
CA PHE D 565 20.68 38.34 61.78
C PHE D 565 21.09 38.92 60.44
N ASN D 566 21.94 39.94 60.44
CA ASN D 566 22.51 40.41 59.18
C ASN D 566 23.30 39.31 58.49
N SER D 567 24.03 38.50 59.26
CA SER D 567 24.83 37.42 58.70
C SER D 567 23.97 36.34 58.06
N LEU D 568 22.69 36.27 58.42
CA LEU D 568 21.73 35.51 57.62
C LEU D 568 21.25 36.30 56.41
N TRP D 569 20.79 37.53 56.63
CA TRP D 569 19.99 38.26 55.64
C TRP D 569 20.64 38.34 54.26
N PHE D 570 21.95 38.60 54.19
CA PHE D 570 22.58 38.74 52.89
C PHE D 570 22.43 37.48 52.05
N SER D 571 22.37 36.31 52.69
CA SER D 571 22.37 35.06 51.93
C SER D 571 21.10 34.90 51.10
N LEU D 572 19.99 35.46 51.58
CA LEU D 572 18.76 35.46 50.80
C LEU D 572 18.95 36.28 49.51
N GLY D 573 19.61 37.42 49.62
CA GLY D 573 19.92 38.28 48.49
C GLY D 573 21.00 37.71 47.60
N ALA D 574 20.87 36.43 47.26
CA ALA D 574 21.63 35.84 46.17
C ALA D 574 20.81 34.76 45.48
N PHE D 575 20.05 33.98 46.26
CA PHE D 575 18.97 33.20 45.68
C PHE D 575 17.94 34.11 45.04
N MET D 576 17.63 35.22 45.71
CA MET D 576 16.96 36.35 45.09
C MET D 576 18.02 37.21 44.39
N GLN D 577 17.90 37.38 43.07
CA GLN D 577 18.95 38.05 42.31
C GLN D 577 18.94 39.56 42.54
N GLN D 578 19.10 39.99 43.79
CA GLN D 578 19.29 41.39 44.10
C GLN D 578 20.54 41.54 44.96
N GLY D 579 21.19 42.69 44.84
CA GLY D 579 22.51 42.88 45.40
C GLY D 579 22.58 42.80 46.91
N CYS D 580 23.56 42.04 47.41
CA CYS D 580 23.88 42.08 48.84
C CYS D 580 24.28 43.49 49.23
N ASP D 581 23.66 44.01 50.30
CA ASP D 581 23.91 45.38 50.72
C ASP D 581 25.28 45.58 51.36
N ILE D 582 26.06 44.53 51.56
CA ILE D 582 27.37 44.65 52.19
C ILE D 582 28.29 43.62 51.55
N SER D 583 29.59 43.96 51.45
CA SER D 583 30.58 42.96 51.10
C SER D 583 31.14 42.29 52.35
N PRO D 584 31.70 41.09 52.22
CA PRO D 584 32.32 40.45 53.39
C PRO D 584 33.49 41.22 53.98
N ARG D 585 34.11 42.12 53.21
CA ARG D 585 35.17 43.00 53.73
C ARG D 585 36.26 42.23 54.46
N SER D 586 36.59 41.03 53.99
CA SER D 586 37.44 40.15 54.76
C SER D 586 38.37 39.38 53.84
N LEU D 587 39.61 39.18 54.30
CA LEU D 587 40.59 38.41 53.53
C LEU D 587 40.20 36.94 53.50
N SER D 588 39.81 36.47 52.31
CA SER D 588 39.37 35.11 52.02
C SER D 588 38.07 34.74 52.72
N GLY D 589 37.58 35.59 53.63
CA GLY D 589 36.22 35.47 54.11
C GLY D 589 35.22 36.00 53.11
N ARG D 590 35.69 36.89 52.24
CA ARG D 590 35.15 37.23 50.93
C ARG D 590 34.53 36.04 50.19
N ILE D 591 35.12 34.85 50.34
CA ILE D 591 34.62 33.61 49.73
C ILE D 591 33.13 33.38 49.99
N VAL D 592 32.61 33.81 51.15
CA VAL D 592 31.23 33.55 51.54
C VAL D 592 30.21 34.38 50.74
N GLY D 593 30.67 35.34 49.94
CA GLY D 593 29.85 35.78 48.83
C GLY D 593 30.00 34.97 47.55
N GLY D 594 31.21 34.94 46.98
CA GLY D 594 31.39 34.48 45.62
C GLY D 594 30.88 33.07 45.36
N VAL D 595 31.22 32.12 46.24
CA VAL D 595 30.79 30.75 46.04
C VAL D 595 29.28 30.61 46.26
N TRP D 596 28.71 31.35 47.20
CA TRP D 596 27.25 31.31 47.33
C TRP D 596 26.56 31.89 46.10
N TRP D 597 27.17 32.89 45.45
CA TRP D 597 26.67 33.32 44.15
C TRP D 597 26.79 32.21 43.12
N PHE D 598 27.92 31.51 43.07
CA PHE D 598 28.10 30.44 42.09
C PHE D 598 27.02 29.38 42.25
N PHE D 599 26.72 29.04 43.50
CA PHE D 599 25.58 28.17 43.82
C PHE D 599 24.28 28.74 43.28
N THR D 600 23.90 29.95 43.71
CA THR D 600 22.56 30.42 43.41
C THR D 600 22.38 30.69 41.92
N LEU D 601 23.45 31.12 41.25
CA LEU D 601 23.51 31.19 39.79
C LEU D 601 23.14 29.84 39.18
N ILE D 602 23.87 28.79 39.53
CA ILE D 602 23.68 27.54 38.80
C ILE D 602 22.32 26.96 39.11
N ILE D 603 21.90 27.10 40.38
CA ILE D 603 20.59 26.52 40.81
C ILE D 603 19.48 27.12 39.95
N ILE D 604 19.33 28.45 39.97
CA ILE D 604 18.21 29.09 39.23
C ILE D 604 18.38 28.77 37.73
N SER D 605 19.61 28.77 37.22
CA SER D 605 19.87 28.50 35.79
C SER D 605 19.26 27.13 35.41
N SER D 606 19.38 26.15 36.32
CA SER D 606 18.81 24.80 36.06
C SER D 606 17.35 24.75 36.49
N TYR D 607 17.01 25.38 37.62
CA TYR D 607 15.62 25.34 38.15
C TYR D 607 14.66 25.95 37.12
N THR D 608 15.04 27.09 36.52
CA THR D 608 14.20 27.73 35.49
C THR D 608 13.59 26.65 34.63
N ALA D 609 14.42 25.81 34.01
CA ALA D 609 13.92 24.70 33.15
C ALA D 609 12.55 25.04 32.58
N ASN D 610 11.48 24.56 33.22
CA ASN D 610 10.11 24.77 32.69
C ASN D 610 9.28 25.58 33.71
N LEU D 611 9.74 26.79 34.03
CA LEU D 611 9.05 27.64 35.03
C LEU D 611 7.68 28.07 34.49
N ALA D 612 7.29 27.57 33.31
CA ALA D 612 5.97 27.89 32.76
C ALA D 612 5.22 26.67 32.26
N ALA D 613 5.93 25.61 31.85
CA ALA D 613 5.29 24.35 31.52
C ALA D 613 4.75 23.62 32.75
N PHE D 614 5.55 23.53 33.80
CA PHE D 614 5.09 22.90 35.05
C PHE D 614 3.84 23.56 35.60
N LEU D 615 3.74 24.89 35.49
CA LEU D 615 2.57 25.62 35.97
C LEU D 615 1.30 25.33 35.19
N THR D 616 1.37 24.58 34.08
CA THR D 616 0.18 24.28 33.28
C THR D 616 0.09 22.81 32.91
N VAL D 617 0.23 21.90 33.89
CA VAL D 617 0.09 20.48 33.59
C VAL D 617 -1.32 19.97 33.89
N GLU D 618 -2.00 20.59 34.86
CA GLU D 618 -3.39 20.30 35.25
C GLU D 618 -3.65 18.85 35.68
N ARG D 619 -2.62 18.00 35.66
CA ARG D 619 -2.68 16.66 36.26
C ARG D 619 -3.81 15.78 35.71
N MET D 620 -3.97 14.60 36.29
CA MET D 620 -5.13 13.75 36.07
C MET D 620 -5.48 13.06 37.38
N VAL D 621 -6.77 12.98 37.69
CA VAL D 621 -7.18 12.37 38.95
C VAL D 621 -6.99 10.86 38.91
N SER D 622 -7.41 10.20 37.83
CA SER D 622 -7.30 8.76 37.59
C SER D 622 -7.45 7.95 38.88
N PRO D 623 -8.63 7.99 39.52
CA PRO D 623 -8.73 7.43 40.88
C PRO D 623 -8.67 5.92 40.95
N ILE D 624 -8.90 5.20 39.85
CA ILE D 624 -8.87 3.74 39.84
C ILE D 624 -8.13 3.26 38.61
N GLU D 625 -7.27 2.25 38.80
CA GLU D 625 -6.63 1.60 37.66
C GLU D 625 -6.52 0.10 37.83
N SER D 626 -6.65 -0.40 39.06
CA SER D 626 -6.41 -1.82 39.32
C SER D 626 -7.65 -2.69 39.15
N ALA D 627 -8.85 -2.09 39.12
CA ALA D 627 -10.12 -2.80 39.19
C ALA D 627 -10.31 -3.48 40.54
N GLU D 628 -9.28 -3.45 41.39
CA GLU D 628 -9.43 -3.86 42.78
C GLU D 628 -9.97 -2.71 43.61
N ASP D 629 -9.73 -1.48 43.17
CA ASP D 629 -10.41 -0.32 43.70
C ASP D 629 -11.92 -0.50 43.72
N LEU D 630 -12.47 -1.15 42.69
CA LEU D 630 -13.89 -1.46 42.68
C LEU D 630 -14.25 -2.60 43.63
N SER D 631 -13.25 -3.17 44.32
CA SER D 631 -13.47 -4.10 45.41
C SER D 631 -13.00 -3.54 46.74
N LYS D 632 -12.15 -2.51 46.72
CA LYS D 632 -11.89 -1.73 47.92
C LYS D 632 -13.16 -1.06 48.41
N GLN D 633 -14.01 -0.61 47.48
CA GLN D 633 -15.19 0.17 47.79
C GLN D 633 -16.27 -0.11 46.76
N THR D 634 -17.51 0.25 47.11
CA THR D 634 -18.64 0.15 46.21
C THR D 634 -19.38 1.48 46.11
N GLU D 635 -18.68 2.58 46.37
CA GLU D 635 -19.26 3.90 46.11
C GLU D 635 -19.50 4.10 44.62
N ILE D 636 -18.54 3.70 43.79
CA ILE D 636 -18.75 3.58 42.34
C ILE D 636 -19.43 2.26 42.06
N ALA D 637 -20.67 2.31 41.57
CA ALA D 637 -21.35 1.10 41.14
C ALA D 637 -20.72 0.56 39.86
N TYR D 638 -21.05 -0.69 39.54
CA TYR D 638 -20.54 -1.29 38.32
C TYR D 638 -21.39 -2.50 37.95
N GLY D 639 -21.29 -2.90 36.69
CA GLY D 639 -22.06 -4.02 36.18
C GLY D 639 -21.55 -4.52 34.84
N THR D 640 -21.77 -5.81 34.57
CA THR D 640 -21.46 -6.38 33.28
C THR D 640 -22.65 -6.26 32.34
N LEU D 641 -22.41 -6.52 31.05
CA LEU D 641 -23.53 -6.80 30.16
C LEU D 641 -24.17 -8.11 30.61
N ASP D 642 -25.50 -8.13 30.65
CA ASP D 642 -26.20 -9.22 31.28
C ASP D 642 -26.02 -10.53 30.51
N SER D 643 -25.85 -11.63 31.26
CA SER D 643 -25.93 -12.99 30.73
C SER D 643 -24.93 -13.23 29.60
N GLY D 644 -23.65 -13.08 29.92
CA GLY D 644 -22.64 -13.44 28.94
C GLY D 644 -21.22 -13.63 29.45
N SER D 645 -20.26 -13.27 28.61
CA SER D 645 -18.86 -13.62 28.86
C SER D 645 -18.32 -12.96 30.12
N THR D 646 -18.59 -11.66 30.30
CA THR D 646 -18.14 -10.96 31.49
C THR D 646 -18.87 -11.43 32.74
N LYS D 647 -20.20 -11.52 32.68
CA LYS D 647 -20.98 -11.96 33.84
C LYS D 647 -20.59 -13.37 34.27
N GLU D 648 -20.45 -14.29 33.31
CA GLU D 648 -20.03 -15.64 33.63
C GLU D 648 -18.58 -15.72 34.12
N PHE D 649 -17.69 -14.91 33.53
CA PHE D 649 -16.34 -14.78 34.07
C PHE D 649 -16.34 -14.34 35.53
N PHE D 650 -17.10 -13.30 35.87
CA PHE D 650 -17.20 -12.87 37.26
C PHE D 650 -17.80 -13.93 38.15
N ARG D 651 -18.76 -14.70 37.63
CA ARG D 651 -19.26 -15.85 38.37
C ARG D 651 -18.16 -16.87 38.65
N ARG D 652 -17.39 -17.23 37.61
CA ARG D 652 -16.40 -18.29 37.76
C ARG D 652 -15.07 -17.81 38.35
N SER D 653 -14.68 -16.56 38.09
CA SER D 653 -13.38 -16.08 38.56
C SER D 653 -13.40 -15.89 40.07
N LYS D 654 -12.49 -16.55 40.76
CA LYS D 654 -12.53 -16.67 42.22
C LYS D 654 -11.56 -15.76 42.96
N ILE D 655 -10.71 -15.00 42.25
CA ILE D 655 -9.87 -14.02 42.94
C ILE D 655 -10.76 -13.03 43.67
N ALA D 656 -10.37 -12.68 44.90
CA ALA D 656 -11.28 -12.01 45.83
C ALA D 656 -11.84 -10.72 45.25
N VAL D 657 -11.04 -9.99 44.48
CA VAL D 657 -11.55 -8.84 43.72
C VAL D 657 -12.76 -9.24 42.87
N PHE D 658 -12.58 -10.22 41.99
CA PHE D 658 -13.65 -10.63 41.08
C PHE D 658 -14.83 -11.25 41.81
N ASP D 659 -14.57 -12.08 42.82
CA ASP D 659 -15.64 -12.72 43.57
C ASP D 659 -16.46 -11.71 44.37
N LYS D 660 -15.81 -10.72 44.97
CA LYS D 660 -16.53 -9.64 45.65
C LYS D 660 -17.31 -8.77 44.67
N MET D 661 -16.72 -8.44 43.52
CA MET D 661 -17.45 -7.68 42.51
C MET D 661 -18.67 -8.42 42.01
N TRP D 662 -18.54 -9.73 41.76
CA TRP D 662 -19.70 -10.57 41.43
C TRP D 662 -20.74 -10.59 42.54
N THR D 663 -20.30 -10.71 43.80
CA THR D 663 -21.21 -10.66 44.94
C THR D 663 -21.97 -9.34 45.01
N TYR D 664 -21.32 -8.22 44.71
CA TYR D 664 -22.02 -6.95 44.58
C TYR D 664 -23.01 -6.98 43.41
N MET D 665 -22.53 -7.28 42.20
CA MET D 665 -23.37 -7.16 41.02
C MET D 665 -24.59 -8.08 41.11
N ARG D 666 -24.42 -9.28 41.67
CA ARG D 666 -25.52 -10.20 41.88
C ARG D 666 -26.45 -9.76 43.00
N SER D 667 -26.10 -8.71 43.75
CA SER D 667 -26.92 -8.25 44.86
C SER D 667 -27.30 -6.78 44.80
N ALA D 668 -26.58 -5.96 44.05
CA ALA D 668 -26.90 -4.53 43.99
C ALA D 668 -28.17 -4.28 43.17
N GLU D 669 -28.90 -3.24 43.57
CA GLU D 669 -30.10 -2.81 42.87
C GLU D 669 -30.11 -1.29 42.83
N PRO D 670 -30.70 -0.67 41.79
CA PRO D 670 -31.38 -1.27 40.63
C PRO D 670 -30.41 -2.04 39.73
N SER D 671 -30.88 -3.12 39.10
CA SER D 671 -30.04 -4.11 38.43
C SER D 671 -28.92 -3.47 37.62
N VAL D 672 -27.68 -3.80 37.99
CA VAL D 672 -26.53 -3.14 37.42
C VAL D 672 -26.26 -3.59 35.99
N PHE D 673 -26.83 -4.72 35.58
CA PHE D 673 -26.51 -5.28 34.28
C PHE D 673 -27.27 -4.57 33.18
N VAL D 674 -26.69 -4.58 31.98
CA VAL D 674 -27.25 -3.88 30.83
C VAL D 674 -27.33 -4.85 29.66
N ARG D 675 -28.27 -4.59 28.75
CA ARG D 675 -28.46 -5.45 27.60
C ARG D 675 -27.59 -5.06 26.40
N THR D 676 -27.09 -3.83 26.36
CA THR D 676 -26.25 -3.37 25.26
C THR D 676 -25.11 -2.51 25.80
N THR D 677 -24.06 -2.38 24.99
CA THR D 677 -22.98 -1.47 25.34
C THR D 677 -23.46 -0.02 25.33
N ALA D 678 -24.37 0.31 24.41
CA ALA D 678 -25.01 1.63 24.41
C ALA D 678 -25.71 1.94 25.73
N GLU D 679 -26.38 0.93 26.31
CA GLU D 679 -27.00 1.11 27.62
C GLU D 679 -25.97 1.27 28.73
N GLY D 680 -24.92 0.45 28.73
CA GLY D 680 -23.86 0.64 29.70
C GLY D 680 -23.22 2.03 29.64
N VAL D 681 -22.91 2.48 28.43
CA VAL D 681 -22.42 3.84 28.20
C VAL D 681 -23.38 4.88 28.75
N ALA D 682 -24.66 4.75 28.43
CA ALA D 682 -25.67 5.66 28.97
C ALA D 682 -25.69 5.65 30.49
N ARG D 683 -25.62 4.47 31.11
CA ARG D 683 -25.63 4.40 32.58
C ARG D 683 -24.39 5.04 33.19
N VAL D 684 -23.22 4.85 32.55
CA VAL D 684 -22.02 5.55 32.99
C VAL D 684 -22.19 7.06 32.91
N ARG D 685 -22.64 7.56 31.76
CA ARG D 685 -22.73 9.00 31.55
C ARG D 685 -23.78 9.64 32.47
N LYS D 686 -24.95 9.04 32.56
CA LYS D 686 -25.95 9.48 33.54
C LYS D 686 -25.38 9.52 34.96
N SER D 687 -24.53 8.55 35.31
CA SER D 687 -24.00 8.45 36.66
C SER D 687 -22.78 9.32 36.91
N LYS D 688 -22.34 10.08 35.90
CA LYS D 688 -21.15 10.94 36.04
C LYS D 688 -19.92 10.13 36.44
N GLY D 689 -19.87 8.87 36.03
CA GLY D 689 -18.81 7.97 36.42
C GLY D 689 -19.00 7.25 37.74
N LYS D 690 -20.12 7.50 38.44
CA LYS D 690 -20.46 6.69 39.60
C LYS D 690 -20.81 5.25 39.23
N TYR D 691 -21.03 4.97 37.95
CA TYR D 691 -21.19 3.61 37.44
C TYR D 691 -20.05 3.33 36.48
N ALA D 692 -19.32 2.24 36.74
CA ALA D 692 -18.30 1.75 35.81
C ALA D 692 -18.88 0.60 35.00
N TYR D 693 -18.93 0.76 33.68
CA TYR D 693 -19.42 -0.29 32.81
C TYR D 693 -18.30 -1.27 32.52
N LEU D 694 -18.62 -2.56 32.58
CA LEU D 694 -17.67 -3.64 32.34
C LEU D 694 -17.99 -4.25 30.99
N LEU D 695 -17.01 -4.21 30.08
CA LEU D 695 -17.30 -4.47 28.67
C LEU D 695 -16.01 -4.90 27.97
N GLU D 696 -16.19 -5.37 26.73
CA GLU D 696 -15.06 -5.71 25.88
C GLU D 696 -14.20 -4.50 25.57
N SER D 697 -12.88 -4.71 25.61
CA SER D 697 -11.92 -3.63 25.33
C SER D 697 -12.11 -2.99 23.97
N THR D 698 -12.51 -3.76 22.96
CA THR D 698 -12.81 -3.19 21.65
C THR D 698 -13.94 -2.19 21.71
N MET D 699 -15.01 -2.52 22.43
CA MET D 699 -16.09 -1.56 22.63
C MET D 699 -15.59 -0.34 23.39
N ASN D 700 -14.87 -0.57 24.48
CA ASN D 700 -14.42 0.53 25.34
C ASN D 700 -13.58 1.52 24.56
N GLU D 701 -12.55 1.04 23.86
CA GLU D 701 -11.68 1.91 23.08
C GLU D 701 -12.29 2.35 21.76
N TYR D 702 -13.41 1.77 21.33
CA TYR D 702 -14.23 2.43 20.31
C TYR D 702 -14.93 3.66 20.89
N ILE D 703 -15.70 3.45 21.96
CA ILE D 703 -16.55 4.52 22.51
C ILE D 703 -15.71 5.71 22.93
N GLU D 704 -14.56 5.45 23.55
CA GLU D 704 -13.67 6.53 23.98
C GLU D 704 -13.28 7.44 22.83
N GLN D 705 -13.21 6.92 21.61
CA GLN D 705 -12.92 7.74 20.44
C GLN D 705 -14.14 8.45 19.87
N ARG D 706 -15.34 8.22 20.41
CA ARG D 706 -16.57 8.78 19.87
C ARG D 706 -17.01 9.94 20.76
N LYS D 707 -17.25 11.10 20.14
CA LYS D 707 -17.65 12.28 20.88
C LYS D 707 -18.98 12.04 21.58
N PRO D 708 -19.19 12.61 22.79
CA PRO D 708 -18.40 13.66 23.44
C PRO D 708 -17.10 13.19 24.08
N CYS D 709 -16.76 11.90 23.95
CA CYS D 709 -15.50 11.35 24.45
C CYS D 709 -15.31 11.60 25.94
N ASP D 710 -16.41 11.60 26.70
CA ASP D 710 -16.37 11.83 28.13
C ASP D 710 -16.17 10.56 28.93
N THR D 711 -16.05 9.41 28.27
CA THR D 711 -15.89 8.12 28.92
C THR D 711 -14.65 7.42 28.36
N MET D 712 -13.93 6.71 29.21
CA MET D 712 -12.56 6.34 28.92
C MET D 712 -12.27 4.96 29.50
N LYS D 713 -11.36 4.25 28.83
CA LYS D 713 -10.84 2.99 29.35
C LYS D 713 -9.93 3.23 30.56
N VAL D 714 -10.13 2.45 31.61
CA VAL D 714 -9.22 2.43 32.75
C VAL D 714 -8.79 0.99 33.02
N GLY D 715 -7.53 0.84 33.41
CA GLY D 715 -6.96 -0.46 33.68
C GLY D 715 -6.65 -1.25 32.42
N GLY D 716 -5.94 -2.36 32.62
CA GLY D 716 -5.64 -3.28 31.53
C GLY D 716 -6.70 -4.35 31.38
N ASN D 717 -6.60 -5.08 30.26
CA ASN D 717 -7.51 -6.18 29.99
C ASN D 717 -7.17 -7.36 30.89
N LEU D 718 -8.21 -8.06 31.34
CA LEU D 718 -8.05 -9.05 32.39
C LEU D 718 -7.53 -10.40 31.92
N ASP D 719 -7.75 -10.76 30.65
CA ASP D 719 -7.49 -12.14 30.23
C ASP D 719 -7.20 -12.21 28.74
N SER D 720 -6.50 -13.27 28.34
CA SER D 720 -6.25 -13.58 26.92
C SER D 720 -7.45 -14.22 26.23
N LYS D 721 -8.42 -13.41 25.83
CA LYS D 721 -9.67 -13.87 25.24
C LYS D 721 -9.73 -13.38 23.79
N GLY D 722 -10.85 -13.65 23.12
CA GLY D 722 -11.00 -13.21 21.74
C GLY D 722 -12.37 -13.59 21.21
N TYR D 723 -12.62 -13.17 19.97
CA TYR D 723 -13.83 -13.54 19.25
C TYR D 723 -13.59 -14.77 18.39
N GLY D 724 -14.68 -15.36 17.91
CA GLY D 724 -14.59 -16.37 16.88
C GLY D 724 -15.86 -16.43 16.07
N ILE D 725 -15.70 -16.67 14.77
CA ILE D 725 -16.85 -16.98 13.93
C ILE D 725 -17.41 -18.33 14.37
N ALA D 726 -18.74 -18.45 14.38
CA ALA D 726 -19.34 -19.65 14.94
C ALA D 726 -20.48 -20.14 14.06
N THR D 727 -20.68 -21.45 14.09
CA THR D 727 -21.64 -22.18 13.28
C THR D 727 -22.33 -23.19 14.18
N PRO D 728 -23.50 -23.69 13.78
CA PRO D 728 -24.02 -24.90 14.43
C PRO D 728 -22.95 -25.99 14.47
N LYS D 729 -22.95 -26.76 15.55
CA LYS D 729 -21.88 -27.74 15.74
C LYS D 729 -21.93 -28.78 14.63
N GLY D 730 -20.81 -28.93 13.92
CA GLY D 730 -20.74 -29.80 12.76
C GLY D 730 -21.24 -29.20 11.47
N SER D 731 -21.61 -27.92 11.45
CA SER D 731 -21.98 -27.27 10.20
C SER D 731 -20.79 -27.22 9.25
N SER D 732 -21.07 -27.38 7.96
CA SER D 732 -20.01 -27.44 6.95
C SER D 732 -19.24 -26.13 6.80
N LEU D 733 -19.76 -25.02 7.33
CA LEU D 733 -19.10 -23.73 7.17
C LEU D 733 -17.84 -23.58 8.01
N GLY D 734 -17.71 -24.34 9.10
CA GLY D 734 -16.64 -24.09 10.05
C GLY D 734 -15.24 -24.24 9.46
N THR D 735 -15.04 -25.30 8.66
CA THR D 735 -13.72 -25.53 8.07
C THR D 735 -13.34 -24.49 7.01
N PRO D 736 -14.18 -24.14 6.04
CA PRO D 736 -13.75 -23.07 5.12
C PRO D 736 -13.60 -21.73 5.80
N VAL D 737 -14.42 -21.41 6.79
CA VAL D 737 -14.22 -20.22 7.60
C VAL D 737 -12.83 -20.21 8.23
N ASN D 738 -12.47 -21.31 8.92
CA ASN D 738 -11.17 -21.40 9.56
C ASN D 738 -10.03 -21.29 8.55
N LEU D 739 -10.14 -22.00 7.42
CA LEU D 739 -9.11 -21.86 6.38
C LEU D 739 -9.03 -20.44 5.84
N ALA D 740 -10.17 -19.74 5.77
CA ALA D 740 -10.20 -18.35 5.33
C ALA D 740 -9.44 -17.45 6.29
N VAL D 741 -9.63 -17.67 7.59
CA VAL D 741 -9.05 -16.78 8.60
C VAL D 741 -7.53 -16.70 8.45
N LEU D 742 -6.86 -17.85 8.30
CA LEU D 742 -5.41 -17.84 8.16
C LEU D 742 -4.93 -17.26 6.83
N LYS D 743 -5.81 -17.12 5.84
CA LYS D 743 -5.47 -16.35 4.66
C LYS D 743 -5.62 -14.87 4.92
N LEU D 744 -6.74 -14.49 5.52
CA LEU D 744 -7.00 -13.09 5.85
C LEU D 744 -5.92 -12.50 6.76
N SER D 745 -5.37 -13.32 7.66
CA SER D 745 -4.41 -12.80 8.62
C SER D 745 -3.11 -12.36 7.95
N GLU D 746 -2.52 -13.21 7.11
CA GLU D 746 -1.29 -12.82 6.44
C GLU D 746 -1.52 -11.71 5.42
N GLN D 747 -2.75 -11.56 4.91
CA GLN D 747 -3.07 -10.46 4.01
C GLN D 747 -3.24 -9.13 4.74
N GLY D 748 -3.29 -9.14 6.06
CA GLY D 748 -3.49 -7.92 6.83
C GLY D 748 -4.90 -7.39 6.81
N VAL D 749 -5.87 -8.17 6.31
CA VAL D 749 -7.24 -7.69 6.23
C VAL D 749 -7.84 -7.52 7.62
N LEU D 750 -7.48 -8.41 8.54
CA LEU D 750 -8.13 -8.43 9.85
C LEU D 750 -7.84 -7.16 10.64
N ASP D 751 -6.58 -6.70 10.63
CA ASP D 751 -6.24 -5.40 11.19
C ASP D 751 -6.64 -4.22 10.31
N LYS D 752 -6.61 -4.38 8.98
CA LYS D 752 -7.06 -3.30 8.10
C LYS D 752 -8.51 -2.92 8.35
N LEU D 753 -9.38 -3.92 8.52
CA LEU D 753 -10.76 -3.65 8.94
C LEU D 753 -10.83 -2.97 10.30
N LYS D 754 -9.96 -3.37 11.23
CA LYS D 754 -9.98 -2.72 12.53
C LYS D 754 -9.59 -1.26 12.42
N ASN D 755 -8.57 -0.96 11.61
CA ASN D 755 -8.23 0.42 11.30
C ASN D 755 -9.42 1.17 10.72
N LYS D 756 -10.08 0.56 9.74
CA LYS D 756 -11.24 1.17 9.09
C LYS D 756 -12.40 1.44 10.05
N TRP D 757 -12.54 0.63 11.10
CA TRP D 757 -13.73 0.74 11.95
C TRP D 757 -13.47 1.28 13.35
N TRP D 758 -12.22 1.45 13.77
CA TRP D 758 -11.91 2.16 15.01
C TRP D 758 -11.11 3.42 14.72
N TYR D 759 -9.93 3.30 14.10
CA TYR D 759 -8.99 4.41 14.03
C TYR D 759 -9.40 5.45 13.00
N ASP D 760 -9.95 5.00 11.86
CA ASP D 760 -10.49 5.92 10.88
C ASP D 760 -11.81 6.54 11.30
N LYS D 761 -12.37 6.11 12.43
CA LYS D 761 -13.58 6.71 12.99
C LYS D 761 -13.33 7.13 14.44
N GLY D 762 -12.24 7.87 14.63
CA GLY D 762 -11.93 8.46 15.92
C GLY D 762 -11.52 9.91 15.78
N GLU D 763 -12.00 10.77 16.68
CA GLU D 763 -11.78 12.21 16.57
C GLU D 763 -11.34 12.83 17.88
N CYS D 764 -10.77 12.06 18.79
CA CYS D 764 -10.44 12.56 20.13
C CYS D 764 -9.04 12.09 20.52
N GLY D 765 -8.50 12.74 21.55
CA GLY D 765 -7.27 12.33 22.19
C GLY D 765 -5.99 12.77 21.52
N ALA D 766 -5.14 11.79 21.18
CA ALA D 766 -3.81 12.11 20.65
C ALA D 766 -3.88 13.00 19.42
N LYS D 767 -4.89 12.80 18.56
CA LYS D 767 -5.07 13.66 17.39
C LYS D 767 -5.68 15.02 17.69
N ASP D 768 -6.27 15.27 18.86
CA ASP D 768 -6.79 16.61 19.12
C ASP D 768 -5.87 17.48 19.97
N SER D 769 -5.02 16.88 20.81
CA SER D 769 -4.24 17.67 21.77
C SER D 769 -2.99 16.94 22.23
N GLY D 770 -2.61 15.88 21.52
CA GLY D 770 -1.48 15.06 21.97
C GLY D 770 -0.15 15.78 21.88
N SER D 771 0.07 16.52 20.79
CA SER D 771 1.31 17.25 20.59
C SER D 771 1.26 18.57 21.36
N LYS D 772 2.19 18.75 22.29
CA LYS D 772 2.31 20.02 23.00
C LYS D 772 2.74 21.11 22.02
N GLU D 773 2.11 22.28 22.13
CA GLU D 773 2.19 23.28 21.07
C GLU D 773 2.36 24.65 21.70
N LYS D 774 2.20 25.68 20.86
CA LYS D 774 2.18 27.08 21.29
C LYS D 774 1.17 27.31 22.39
N THR D 775 1.65 27.68 23.58
CA THR D 775 0.76 28.01 24.68
C THR D 775 0.03 29.32 24.41
N SER D 776 -1.26 29.36 24.76
CA SER D 776 -2.04 30.58 24.68
C SER D 776 -1.76 31.48 25.89
N ALA D 777 -0.49 31.82 26.09
CA ALA D 777 0.00 32.58 27.23
C ALA D 777 -0.19 31.86 28.56
N LEU D 778 0.65 32.19 29.54
CA LEU D 778 0.44 31.70 30.89
C LEU D 778 -0.65 32.51 31.59
N SER D 779 -1.62 31.83 32.17
CA SER D 779 -2.67 32.51 32.89
C SER D 779 -2.20 32.91 34.28
N LEU D 780 -2.88 33.89 34.86
CA LEU D 780 -2.62 34.28 36.25
C LEU D 780 -2.97 33.15 37.21
N SER D 781 -4.14 32.53 37.00
CA SER D 781 -4.66 31.56 37.97
C SER D 781 -3.70 30.41 38.21
N ASN D 782 -2.91 30.03 37.20
CA ASN D 782 -1.99 28.90 37.33
C ASN D 782 -0.89 29.12 38.35
N VAL D 783 -0.60 30.37 38.71
CA VAL D 783 0.47 30.67 39.66
C VAL D 783 -0.04 31.67 40.69
N ALA D 784 -1.33 31.97 40.63
CA ALA D 784 -1.92 32.98 41.51
C ALA D 784 -1.75 32.66 42.99
N GLY D 785 -1.54 31.39 43.34
CA GLY D 785 -1.26 31.00 44.71
C GLY D 785 -0.03 31.65 45.32
N VAL D 786 0.91 32.09 44.49
CA VAL D 786 2.04 32.90 44.97
C VAL D 786 1.57 34.14 45.71
N PHE D 787 0.47 34.75 45.26
CA PHE D 787 -0.06 35.92 45.96
C PHE D 787 -0.51 35.62 47.38
N TYR D 788 -0.87 34.36 47.68
CA TYR D 788 -1.28 34.03 49.05
C TYR D 788 -0.12 34.11 50.04
N ILE D 789 1.07 33.66 49.66
CA ILE D 789 2.22 33.75 50.55
C ILE D 789 2.67 35.20 50.78
N LEU D 790 2.45 36.08 49.80
CA LEU D 790 2.76 37.49 50.00
C LEU D 790 1.76 38.16 50.95
N VAL D 791 0.46 37.97 50.72
CA VAL D 791 -0.54 38.54 51.62
C VAL D 791 -0.37 37.98 53.04
N GLY D 792 -0.04 36.69 53.15
CA GLY D 792 0.29 36.12 54.45
C GLY D 792 1.52 36.75 55.10
N GLY D 793 2.58 36.96 54.32
CA GLY D 793 3.75 37.65 54.83
C GLY D 793 3.45 39.05 55.30
N LEU D 794 2.63 39.78 54.56
CA LEU D 794 2.22 41.13 54.96
C LEU D 794 1.38 41.11 56.24
N GLY D 795 0.46 40.16 56.36
CA GLY D 795 -0.29 40.01 57.61
C GLY D 795 0.60 39.65 58.79
N LEU D 796 1.59 38.77 58.55
CA LEU D 796 2.58 38.47 59.57
C LEU D 796 3.37 39.72 59.98
N ALA D 797 3.86 40.47 59.00
CA ALA D 797 4.57 41.71 59.29
C ALA D 797 3.70 42.68 60.09
N MET D 798 2.42 42.81 59.73
CA MET D 798 1.49 43.64 60.49
C MET D 798 1.36 43.18 61.94
N LEU D 799 1.29 41.87 62.17
CA LEU D 799 1.29 41.37 63.54
C LEU D 799 2.61 41.65 64.25
N VAL D 800 3.73 41.44 63.55
CA VAL D 800 5.04 41.73 64.14
C VAL D 800 5.11 43.19 64.56
N ALA D 801 4.59 44.09 63.72
CA ALA D 801 4.53 45.51 64.08
C ALA D 801 3.71 45.74 65.34
N LEU D 802 2.53 45.10 65.43
CA LEU D 802 1.67 45.28 66.60
C LEU D 802 2.36 44.78 67.87
N ILE D 803 2.98 43.60 67.80
CA ILE D 803 3.60 43.02 68.99
C ILE D 803 4.88 43.75 69.36
N GLU D 804 5.67 44.19 68.38
CA GLU D 804 6.88 44.93 68.70
C GLU D 804 6.53 46.29 69.28
N PHE D 805 5.46 46.92 68.78
CA PHE D 805 4.94 48.14 69.39
C PHE D 805 4.62 47.92 70.86
N CYS D 806 3.77 46.93 71.16
CA CYS D 806 3.34 46.77 72.55
C CYS D 806 4.45 46.24 73.46
N TYR D 807 5.43 45.53 72.90
CA TYR D 807 6.65 45.24 73.66
C TYR D 807 7.42 46.50 74.00
N LYS D 808 7.63 47.37 73.00
CA LYS D 808 8.32 48.64 73.24
C LYS D 808 7.49 49.59 74.07
N SER D 809 6.19 49.35 74.22
CA SER D 809 5.37 50.17 75.11
C SER D 809 5.64 49.88 76.58
N ARG D 810 6.35 48.80 76.89
CA ARG D 810 6.67 48.46 78.28
C ARG D 810 7.77 49.38 78.81
N LEU E 1 51.41 44.71 51.75
CA LEU E 1 52.86 44.77 51.58
C LEU E 1 53.58 44.23 52.81
N PHE E 2 54.51 43.32 52.59
CA PHE E 2 55.25 42.69 53.67
C PHE E 2 56.58 42.19 53.13
N ASP E 3 57.49 41.86 54.05
CA ASP E 3 58.84 41.40 53.70
C ASP E 3 59.55 42.40 52.80
N ARG E 4 59.44 43.68 53.16
CA ARG E 4 59.91 44.78 52.32
C ARG E 4 61.37 44.63 51.90
N GLY E 5 62.22 44.06 52.77
CA GLY E 5 63.63 43.98 52.46
C GLY E 5 64.02 42.93 51.45
N VAL E 6 63.31 41.79 51.42
CA VAL E 6 63.70 40.68 50.56
C VAL E 6 63.09 40.74 49.17
N GLN E 7 62.17 41.67 48.92
CA GLN E 7 61.35 41.62 47.70
C GLN E 7 62.17 41.75 46.43
N MET E 8 63.34 42.39 46.49
CA MET E 8 64.22 42.44 45.31
C MET E 8 64.71 41.04 44.91
N LEU E 9 65.06 40.22 45.89
CA LEU E 9 65.41 38.83 45.61
C LEU E 9 64.19 38.06 45.11
N LEU E 10 63.06 38.17 45.82
CA LEU E 10 61.89 37.39 45.45
C LEU E 10 61.40 37.74 44.04
N THR E 11 61.43 39.03 43.69
CA THR E 11 61.05 39.45 42.34
C THR E 11 62.04 38.98 41.28
N THR E 12 63.35 39.10 41.54
CA THR E 12 64.32 38.68 40.52
C THR E 12 64.30 37.17 40.31
N VAL E 13 64.11 36.40 41.38
CA VAL E 13 63.99 34.94 41.21
C VAL E 13 62.66 34.58 40.58
N GLY E 14 61.57 35.27 40.93
CA GLY E 14 60.29 34.97 40.28
C GLY E 14 60.33 35.27 38.79
N ALA E 15 60.94 36.40 38.41
CA ALA E 15 61.10 36.74 37.01
C ALA E 15 61.95 35.72 36.27
N PHE E 16 63.08 35.30 36.85
CA PHE E 16 63.89 34.26 36.21
C PHE E 16 63.17 32.91 36.13
N ALA E 17 62.36 32.58 37.13
CA ALA E 17 61.52 31.37 37.08
C ALA E 17 60.50 31.45 35.95
N ALA E 18 59.79 32.58 35.85
CA ALA E 18 58.87 32.78 34.74
C ALA E 18 59.56 32.70 33.38
N PHE E 19 60.75 33.31 33.25
CA PHE E 19 61.49 33.23 31.99
C PHE E 19 61.89 31.79 31.66
N SER E 20 62.34 31.03 32.67
CA SER E 20 62.66 29.62 32.47
C SER E 20 61.45 28.81 32.02
N LEU E 21 60.32 28.95 32.72
CA LEU E 21 59.10 28.25 32.31
C LEU E 21 58.63 28.68 30.92
N MET E 22 58.69 29.98 30.62
CA MET E 22 58.28 30.48 29.31
C MET E 22 59.12 29.87 28.19
N THR E 23 60.45 29.87 28.36
CA THR E 23 61.32 29.33 27.33
C THR E 23 61.29 27.79 27.27
N ILE E 24 60.97 27.12 28.36
CA ILE E 24 60.69 25.68 28.31
C ILE E 24 59.41 25.40 27.52
N ALA E 25 58.34 26.17 27.78
CA ALA E 25 57.11 26.02 27.02
C ALA E 25 57.31 26.29 25.52
N VAL E 26 57.96 27.41 25.19
CA VAL E 26 58.24 27.72 23.79
C VAL E 26 59.19 26.72 23.16
N GLY E 27 60.12 26.16 23.92
CA GLY E 27 61.12 25.27 23.36
C GLY E 27 60.74 23.81 23.29
N THR E 28 59.77 23.40 24.11
CA THR E 28 59.40 21.99 24.16
C THR E 28 58.71 21.58 22.86
N ASP E 29 59.08 20.41 22.34
CA ASP E 29 58.56 19.95 21.07
C ASP E 29 57.20 19.27 21.19
N TYR E 30 56.70 19.05 22.40
CA TYR E 30 55.37 18.53 22.61
C TYR E 30 54.60 19.39 23.59
N TRP E 31 53.30 19.54 23.35
CA TRP E 31 52.40 20.19 24.30
C TRP E 31 51.25 19.32 24.74
N LEU E 32 50.60 18.61 23.81
CA LEU E 32 49.35 17.94 24.11
C LEU E 32 49.27 16.63 23.32
N TYR E 33 48.20 15.88 23.58
CA TYR E 33 47.93 14.61 22.91
C TYR E 33 46.77 14.80 21.94
N SER E 34 46.96 14.35 20.71
CA SER E 34 45.94 14.59 19.68
C SER E 34 46.01 13.45 18.66
N ARG E 35 45.32 13.63 17.53
CA ARG E 35 45.39 12.73 16.40
C ARG E 35 45.68 13.52 15.12
N GLY E 36 46.48 12.92 14.24
CA GLY E 36 47.10 13.64 13.15
C GLY E 36 48.24 12.87 12.50
N VAL E 37 49.37 13.54 12.27
CA VAL E 37 50.50 12.94 11.56
C VAL E 37 51.80 13.24 12.28
N CYS E 38 52.78 12.35 12.11
CA CYS E 38 54.10 12.52 12.71
C CYS E 38 54.92 13.61 12.03
N LYS E 39 54.62 13.92 10.77
CA LYS E 39 55.49 14.75 9.95
C LYS E 39 54.62 15.44 8.92
N THR E 40 55.20 16.43 8.24
CA THR E 40 54.47 17.13 7.20
C THR E 40 54.41 16.30 5.93
N LYS E 41 53.96 15.05 6.04
CA LYS E 41 53.83 14.10 4.94
C LYS E 41 55.02 14.13 3.98
N LYS E 50 52.22 6.82 10.07
CA LYS E 50 52.70 8.07 10.63
C LYS E 50 52.22 9.27 9.81
N LYS E 51 52.06 9.04 8.52
CA LYS E 51 51.71 10.11 7.59
C LYS E 51 50.61 9.65 6.64
N ASN E 52 50.35 8.34 6.62
CA ASN E 52 49.42 7.79 5.65
C ASN E 52 47.96 8.09 5.99
N GLU E 53 47.46 7.62 7.13
CA GLU E 53 46.07 7.87 7.49
C GLU E 53 45.95 8.75 8.72
N GLU E 54 46.46 8.27 9.86
CA GLU E 54 46.48 9.07 11.08
C GLU E 54 47.47 8.44 12.05
N VAL E 55 47.85 9.22 13.07
CA VAL E 55 48.65 8.72 14.18
C VAL E 55 48.32 9.55 15.41
N MET E 56 48.55 8.95 16.58
CA MET E 56 48.51 9.69 17.84
C MET E 56 49.60 10.77 17.84
N THR E 57 49.18 12.01 18.02
CA THR E 57 49.99 13.17 17.66
C THR E 57 50.41 13.93 18.92
N HIS E 58 51.66 14.37 18.93
CA HIS E 58 52.38 14.77 20.14
C HIS E 58 53.15 16.06 19.86
N SER E 59 52.51 16.96 19.10
CA SER E 59 53.12 18.19 18.63
C SER E 59 53.30 19.20 19.77
N GLY E 60 54.22 20.14 19.55
CA GLY E 60 54.46 21.28 20.42
C GLY E 60 53.85 22.56 19.88
N LEU E 61 54.55 23.67 20.08
CA LEU E 61 54.09 24.97 19.60
C LEU E 61 54.41 25.18 18.12
N TRP E 62 55.70 25.26 17.79
CA TRP E 62 56.13 25.43 16.41
C TRP E 62 56.39 24.10 15.70
N ARG E 63 56.24 22.98 16.39
CA ARG E 63 56.69 21.70 15.89
C ARG E 63 55.54 20.69 15.89
N THR E 64 55.44 19.93 14.81
CA THR E 64 54.47 18.85 14.69
C THR E 64 55.18 17.51 14.89
N CYS E 65 54.58 16.63 15.68
CA CYS E 65 55.27 15.41 16.10
C CYS E 65 54.21 14.45 16.62
N CYS E 66 54.62 13.22 16.96
CA CYS E 66 53.67 12.17 17.30
C CYS E 66 54.19 11.30 18.43
N LEU E 67 53.27 10.53 19.02
CA LEU E 67 53.57 9.58 20.07
C LEU E 67 53.00 8.21 19.72
N GLU E 68 53.70 7.15 20.14
CA GLU E 68 53.41 5.75 19.83
C GLU E 68 53.21 5.48 18.34
N GLY E 69 53.80 6.28 17.47
CA GLY E 69 53.82 5.95 16.05
C GLY E 69 54.85 4.88 15.75
N ASN E 70 54.97 4.56 14.46
CA ASN E 70 56.02 3.63 14.04
C ASN E 70 57.41 4.23 14.20
N PHE E 71 57.51 5.55 14.40
CA PHE E 71 58.71 6.19 14.89
C PHE E 71 58.31 7.32 15.83
N LYS E 72 59.20 7.66 16.75
CA LYS E 72 58.93 8.68 17.75
C LYS E 72 60.12 9.63 17.86
N GLY E 73 59.81 10.90 18.11
CA GLY E 73 60.82 11.91 18.33
C GLY E 73 61.43 12.51 17.08
N LEU E 74 61.09 12.01 15.89
CA LEU E 74 61.51 12.62 14.64
C LEU E 74 60.54 13.75 14.27
N CYS E 75 60.42 14.71 15.19
CA CYS E 75 59.47 15.80 15.04
C CYS E 75 59.94 16.75 13.94
N LYS E 76 59.06 17.66 13.51
CA LYS E 76 59.41 18.64 12.49
C LYS E 76 58.89 20.02 12.85
N GLN E 77 59.68 21.05 12.53
CA GLN E 77 59.19 22.43 12.56
C GLN E 77 58.05 22.61 11.56
N ILE E 78 56.97 23.26 12.00
CA ILE E 78 55.80 23.43 11.15
C ILE E 78 56.10 24.42 10.04
N ASP E 79 55.29 24.36 8.99
CA ASP E 79 55.39 25.27 7.85
C ASP E 79 53.99 25.61 7.36
N HIS E 80 53.90 26.70 6.59
CA HIS E 80 52.62 27.21 6.15
C HIS E 80 51.89 26.20 5.27
N PHE E 81 50.57 26.16 5.41
CA PHE E 81 49.73 25.19 4.73
C PHE E 81 48.50 25.89 4.17
N PRO E 82 47.97 25.40 3.04
CA PRO E 82 46.80 26.03 2.43
C PRO E 82 45.51 25.54 3.07
N GLU E 83 44.39 25.99 2.49
CA GLU E 83 43.06 25.59 2.93
C GLU E 83 42.24 25.15 1.72
N ASP E 84 41.24 24.33 1.98
CA ASP E 84 40.39 23.75 0.95
C ASP E 84 39.00 24.35 1.01
N ALA E 85 38.43 24.64 -0.16
CA ALA E 85 37.07 25.15 -0.32
C ALA E 85 36.89 26.50 0.36
N ASP E 86 37.66 27.46 -0.14
CA ASP E 86 37.49 28.88 0.17
C ASP E 86 37.71 29.22 1.64
N TYR E 87 36.97 30.22 2.13
CA TYR E 87 37.01 30.77 3.48
C TYR E 87 38.41 31.21 3.91
N GLU E 88 39.35 31.25 2.97
CA GLU E 88 40.69 31.75 3.28
C GLU E 88 40.79 33.26 3.05
N ALA E 89 39.89 33.82 2.25
CA ALA E 89 39.91 35.26 1.98
C ALA E 89 39.62 36.09 3.21
N ASP E 90 39.02 35.51 4.25
CA ASP E 90 38.72 36.24 5.46
C ASP E 90 39.99 36.56 6.22
N THR E 91 40.09 37.82 6.68
CA THR E 91 41.31 38.30 7.33
C THR E 91 41.61 37.53 8.61
N ALA E 92 40.59 37.12 9.35
CA ALA E 92 40.79 36.32 10.55
C ALA E 92 41.45 34.97 10.23
N GLU E 93 40.94 34.28 9.20
CA GLU E 93 41.55 33.02 8.79
C GLU E 93 42.96 33.21 8.25
N TYR E 94 43.15 34.19 7.37
CA TYR E 94 44.47 34.46 6.81
C TYR E 94 45.49 34.76 7.90
N PHE E 95 45.15 35.68 8.80
CA PHE E 95 46.04 36.01 9.91
C PHE E 95 46.27 34.83 10.84
N LEU E 96 45.23 34.03 11.09
CA LEU E 96 45.41 32.82 11.89
C LEU E 96 46.43 31.87 11.28
N ARG E 97 46.38 31.70 9.95
CA ARG E 97 47.39 30.88 9.28
C ARG E 97 48.77 31.51 9.33
N ALA E 98 48.86 32.81 9.06
CA ALA E 98 50.14 33.52 9.13
C ALA E 98 50.79 33.44 10.51
N VAL E 99 49.99 33.53 11.57
CA VAL E 99 50.50 33.30 12.92
C VAL E 99 50.88 31.83 13.12
N ARG E 100 50.00 30.90 12.75
CA ARG E 100 50.26 29.49 13.03
C ARG E 100 51.54 29.00 12.34
N ALA E 101 51.92 29.62 11.21
CA ALA E 101 53.19 29.24 10.58
C ALA E 101 54.38 29.58 11.47
N SER E 102 54.28 30.65 12.25
CA SER E 102 55.32 31.00 13.22
C SER E 102 54.73 31.88 14.32
N SER E 103 54.40 31.29 15.46
CA SER E 103 53.64 31.99 16.49
C SER E 103 54.50 33.10 17.09
N ILE E 104 54.13 34.35 16.80
CA ILE E 104 54.94 35.50 17.22
C ILE E 104 54.76 35.79 18.70
N PHE E 105 53.53 35.72 19.20
CA PHE E 105 53.23 36.22 20.54
C PHE E 105 53.98 35.53 21.69
N PRO E 106 54.15 34.21 21.72
CA PRO E 106 54.99 33.62 22.78
C PRO E 106 56.44 34.09 22.80
N ILE E 107 57.09 34.22 21.64
CA ILE E 107 58.47 34.70 21.65
C ILE E 107 58.54 36.21 21.91
N LEU E 108 57.54 36.98 21.45
CA LEU E 108 57.42 38.37 21.90
C LEU E 108 57.27 38.47 23.42
N SER E 109 56.52 37.54 24.02
CA SER E 109 56.42 37.46 25.48
C SER E 109 57.76 37.14 26.14
N VAL E 110 58.52 36.21 25.54
CA VAL E 110 59.90 35.96 25.98
C VAL E 110 60.73 37.24 25.94
N ILE E 111 60.63 37.99 24.84
CA ILE E 111 61.39 39.24 24.70
C ILE E 111 60.95 40.28 25.73
N LEU E 112 59.64 40.42 25.94
CA LEU E 112 59.14 41.33 26.97
C LEU E 112 59.62 40.95 28.37
N LEU E 113 59.60 39.67 28.70
CA LEU E 113 60.07 39.23 30.02
C LEU E 113 61.57 39.40 30.19
N PHE E 114 62.34 39.19 29.12
CA PHE E 114 63.75 39.59 29.15
C PHE E 114 63.92 41.09 29.32
N MET E 115 63.12 41.91 28.64
CA MET E 115 63.23 43.34 28.84
C MET E 115 62.83 43.74 30.26
N GLY E 116 61.91 43.01 30.89
CA GLY E 116 61.69 43.17 32.32
C GLY E 116 62.91 42.80 33.15
N GLY E 117 63.65 41.79 32.73
CA GLY E 117 64.96 41.51 33.32
C GLY E 117 65.92 42.67 33.22
N LEU E 118 65.98 43.30 32.05
CA LEU E 118 66.80 44.50 31.88
C LEU E 118 66.30 45.67 32.73
N CYS E 119 64.99 45.84 32.83
CA CYS E 119 64.42 46.88 33.67
C CYS E 119 64.75 46.68 35.15
N ILE E 120 64.65 45.45 35.64
CA ILE E 120 65.03 45.22 37.03
C ILE E 120 66.55 45.29 37.19
N ALA E 121 67.31 44.90 36.18
CA ALA E 121 68.76 45.16 36.18
C ALA E 121 69.07 46.65 36.19
N ALA E 122 68.20 47.47 35.58
CA ALA E 122 68.30 48.92 35.64
C ALA E 122 68.02 49.49 37.04
N SER E 123 67.66 48.67 38.02
CA SER E 123 67.77 49.09 39.41
C SER E 123 69.21 49.43 39.79
N GLU E 124 70.18 48.78 39.16
CA GLU E 124 71.59 48.95 39.53
C GLU E 124 72.40 49.68 38.48
N PHE E 125 72.30 49.28 37.21
CA PHE E 125 73.03 49.97 36.15
C PHE E 125 72.37 51.33 35.87
N TYR E 126 73.15 52.39 36.03
CA TYR E 126 72.65 53.77 35.88
C TYR E 126 71.39 53.96 36.72
N LYS E 127 71.50 53.54 37.99
CA LYS E 127 70.40 53.24 38.90
C LYS E 127 69.19 54.17 38.87
N THR E 128 68.04 53.60 38.58
CA THR E 128 66.70 54.19 38.80
C THR E 128 66.64 55.67 38.41
N ARG E 129 66.96 55.94 37.15
CA ARG E 129 66.63 57.25 36.60
C ARG E 129 65.13 57.36 36.35
N HIS E 130 64.50 58.30 37.06
CA HIS E 130 63.04 58.48 37.13
C HIS E 130 62.33 57.16 37.42
N ASN E 131 61.04 57.09 37.14
CA ASN E 131 60.19 55.96 37.51
C ASN E 131 60.28 54.81 36.53
N ILE E 132 61.43 54.68 35.85
CA ILE E 132 61.64 53.66 34.82
C ILE E 132 61.29 52.26 35.33
N ILE E 133 61.52 52.00 36.62
CA ILE E 133 61.28 50.68 37.18
C ILE E 133 59.82 50.24 37.10
N LEU E 134 58.90 51.17 36.80
CA LEU E 134 57.53 50.79 36.48
C LEU E 134 57.46 49.88 35.26
N SER E 135 58.39 50.04 34.33
CA SER E 135 58.27 49.43 33.00
C SER E 135 58.20 47.90 33.05
N ALA E 136 58.87 47.28 34.01
CA ALA E 136 58.79 45.83 34.17
C ALA E 136 57.35 45.35 34.32
N GLY E 137 56.56 46.02 35.16
CA GLY E 137 55.16 45.61 35.31
C GLY E 137 54.37 45.72 34.02
N ILE E 138 54.62 46.78 33.25
CA ILE E 138 54.00 46.92 31.93
C ILE E 138 54.43 45.78 31.03
N PHE E 139 55.74 45.48 31.01
CA PHE E 139 56.24 44.37 30.21
C PHE E 139 55.64 43.03 30.64
N PHE E 140 55.41 42.85 31.94
CA PHE E 140 54.83 41.60 32.42
C PHE E 140 53.36 41.46 32.07
N VAL E 141 52.59 42.55 32.14
CA VAL E 141 51.21 42.52 31.63
C VAL E 141 51.17 42.28 30.13
N SER E 142 52.03 42.96 29.37
CA SER E 142 52.06 42.74 27.92
C SER E 142 52.47 41.31 27.56
N ALA E 143 53.41 40.74 28.30
CA ALA E 143 53.72 39.32 28.18
C ALA E 143 52.51 38.44 28.49
N GLY E 144 51.77 38.78 29.54
CA GLY E 144 50.53 38.09 29.84
C GLY E 144 49.54 38.09 28.68
N LEU E 145 49.29 39.27 28.10
CA LEU E 145 48.41 39.36 26.94
C LEU E 145 48.96 38.58 25.74
N SER E 146 50.27 38.63 25.53
CA SER E 146 50.87 37.87 24.42
C SER E 146 50.71 36.37 24.61
N ASN E 147 50.82 35.88 25.85
CA ASN E 147 50.54 34.49 26.13
C ASN E 147 49.07 34.16 25.92
N ILE E 148 48.16 34.98 26.45
CA ILE E 148 46.75 34.62 26.38
C ILE E 148 46.26 34.64 24.93
N ILE E 149 46.68 35.61 24.13
CA ILE E 149 46.37 35.61 22.70
C ILE E 149 47.01 34.42 21.99
N GLY E 150 48.24 34.05 22.37
CA GLY E 150 48.83 32.83 21.83
C GLY E 150 48.01 31.59 22.10
N ILE E 151 47.55 31.44 23.34
CA ILE E 151 46.69 30.31 23.70
C ILE E 151 45.38 30.35 22.91
N ILE E 152 44.77 31.53 22.82
CA ILE E 152 43.49 31.66 22.11
C ILE E 152 43.64 31.25 20.65
N VAL E 153 44.65 31.77 19.95
CA VAL E 153 44.86 31.37 18.56
C VAL E 153 45.23 29.90 18.44
N TYR E 154 46.05 29.38 19.35
CA TYR E 154 46.46 27.98 19.29
C TYR E 154 45.27 27.04 19.42
N ILE E 155 44.45 27.24 20.45
CA ILE E 155 43.25 26.41 20.62
C ILE E 155 42.28 26.61 19.47
N SER E 156 41.95 27.87 19.15
CA SER E 156 40.95 28.13 18.13
C SER E 156 41.35 27.59 16.76
N ALA E 157 42.65 27.47 16.48
CA ALA E 157 43.12 26.71 15.33
C ALA E 157 43.00 25.20 15.55
N ASN E 158 43.79 24.66 16.47
CA ASN E 158 44.01 23.22 16.50
C ASN E 158 42.80 22.44 17.03
N ALA E 159 41.90 23.09 17.78
CA ALA E 159 40.71 22.39 18.26
C ALA E 159 39.66 22.20 17.18
N GLY E 160 39.83 22.81 16.01
CA GLY E 160 38.87 22.69 14.93
C GLY E 160 38.74 21.27 14.40
N LYS E 169 33.62 16.26 18.72
CA LYS E 169 34.62 16.78 19.63
C LYS E 169 36.03 16.51 19.12
N ASN E 170 37.01 17.24 19.64
CA ASN E 170 38.39 17.09 19.19
C ASN E 170 39.00 15.76 19.61
N SER E 171 38.55 15.18 20.72
CA SER E 171 39.09 13.95 21.28
C SER E 171 40.57 14.09 21.66
N TYR E 172 41.03 15.30 21.92
CA TYR E 172 42.42 15.53 22.31
C TYR E 172 42.61 15.34 23.81
N SER E 173 43.87 15.38 24.23
CA SER E 173 44.24 15.45 25.63
C SER E 173 45.43 16.37 25.76
N TYR E 174 45.55 17.02 26.92
CA TYR E 174 46.51 18.10 27.11
C TYR E 174 47.59 17.70 28.10
N GLY E 175 48.85 17.87 27.71
CA GLY E 175 49.96 17.54 28.56
C GLY E 175 50.43 18.72 29.40
N TRP E 176 51.33 18.42 30.33
CA TRP E 176 51.84 19.45 31.23
C TRP E 176 52.57 20.56 30.48
N SER E 177 53.28 20.23 29.42
CA SER E 177 53.95 21.27 28.62
C SER E 177 52.97 22.18 27.87
N PHE E 178 51.75 21.70 27.59
CA PHE E 178 50.67 22.61 27.19
C PHE E 178 50.29 23.54 28.34
N TYR E 179 50.02 22.98 29.52
CA TYR E 179 49.61 23.77 30.67
C TYR E 179 50.68 24.76 31.14
N PHE E 180 51.96 24.50 30.83
CA PHE E 180 52.99 25.49 31.12
C PHE E 180 52.79 26.79 30.35
N GLY E 181 52.10 26.73 29.20
CA GLY E 181 51.70 27.96 28.53
C GLY E 181 50.76 28.81 29.35
N ALA E 182 49.86 28.18 30.10
CA ALA E 182 48.98 28.89 31.02
C ALA E 182 49.72 29.29 32.30
N LEU E 183 50.45 28.35 32.89
CA LEU E 183 51.13 28.61 34.15
C LEU E 183 52.16 29.74 34.02
N SER E 184 52.82 29.85 32.86
CA SER E 184 53.70 30.99 32.60
C SER E 184 52.94 32.31 32.53
N PHE E 185 51.67 32.28 32.15
CA PHE E 185 50.82 33.46 32.28
C PHE E 185 50.47 33.76 33.73
N ILE E 186 50.04 32.74 34.48
CA ILE E 186 49.65 32.95 35.87
C ILE E 186 50.82 33.50 36.67
N ILE E 187 51.98 32.88 36.51
CA ILE E 187 53.20 33.32 37.18
C ILE E 187 53.70 34.65 36.66
N ALA E 188 53.62 34.91 35.35
CA ALA E 188 53.99 36.23 34.86
C ALA E 188 53.15 37.34 35.47
N GLU E 189 51.86 37.08 35.71
CA GLU E 189 51.05 38.08 36.42
C GLU E 189 51.33 38.16 37.91
N MET E 190 51.70 37.05 38.55
CA MET E 190 52.20 37.15 39.92
C MET E 190 53.52 37.93 40.00
N VAL E 191 54.42 37.75 39.04
CA VAL E 191 55.60 38.60 38.95
C VAL E 191 55.25 40.04 38.61
N GLY E 192 54.19 40.26 37.84
CA GLY E 192 53.63 41.61 37.71
C GLY E 192 53.22 42.24 39.03
N VAL E 193 52.48 41.49 39.84
CA VAL E 193 52.10 41.94 41.18
C VAL E 193 53.34 42.25 42.02
N LEU E 194 54.33 41.37 41.99
CA LEU E 194 55.59 41.63 42.71
C LEU E 194 56.31 42.87 42.17
N ALA E 195 56.32 43.05 40.85
CA ALA E 195 56.95 44.23 40.24
C ALA E 195 56.24 45.53 40.63
N VAL E 196 54.92 45.51 40.72
CA VAL E 196 54.19 46.66 41.24
C VAL E 196 54.50 46.89 42.72
N HIS E 197 54.50 45.83 43.52
CA HIS E 197 54.85 45.97 44.93
C HIS E 197 56.27 46.48 45.13
N MET E 198 57.17 46.23 44.17
CA MET E 198 58.46 46.91 44.15
C MET E 198 58.35 48.37 43.74
N PHE E 199 57.86 48.63 42.53
CA PHE E 199 57.77 49.99 41.97
C PHE E 199 57.09 50.97 42.91
N ILE E 200 55.95 50.60 43.48
CA ILE E 200 55.10 51.52 44.22
C ILE E 200 55.84 52.13 45.40
N ASP E 201 56.81 51.42 45.97
CA ASP E 201 57.68 52.00 46.98
C ASP E 201 59.02 52.50 46.43
N ARG E 202 59.63 51.78 45.48
CA ARG E 202 60.92 52.20 44.95
C ARG E 202 60.88 53.58 44.30
N HIS E 203 59.82 53.88 43.54
CA HIS E 203 59.68 55.20 42.94
C HIS E 203 59.37 56.28 43.98
N LYS E 204 58.68 55.93 45.06
CA LYS E 204 58.52 56.88 46.16
C LYS E 204 59.84 57.14 46.88
N GLN E 205 60.64 56.10 47.09
CA GLN E 205 61.97 56.26 47.66
C GLN E 205 62.87 57.10 46.75
N LEU E 206 62.69 57.01 45.44
CA LEU E 206 63.44 57.85 44.52
C LEU E 206 62.95 59.30 44.56
N THR E 207 61.63 59.51 44.55
CA THR E 207 61.05 60.82 44.29
C THR E 207 60.36 61.42 45.50
N GLY E 208 60.36 60.75 46.64
CA GLY E 208 59.72 61.28 47.84
C GLY E 208 58.22 61.15 47.82
N LEU F 1 39.83 68.15 29.61
CA LEU F 1 39.11 69.19 28.90
C LEU F 1 39.77 70.55 29.12
N PHE F 2 39.90 71.32 28.05
CA PHE F 2 40.60 72.60 28.11
C PHE F 2 39.73 73.66 28.78
N ASP F 3 40.36 74.81 29.04
CA ASP F 3 39.77 75.85 29.86
C ASP F 3 38.61 76.55 29.16
N ARG F 4 37.88 77.34 29.94
CA ARG F 4 36.71 78.09 29.47
C ARG F 4 37.04 79.08 28.36
N GLY F 5 38.32 79.45 28.21
CA GLY F 5 38.75 80.26 27.09
C GLY F 5 38.56 79.63 25.73
N VAL F 6 38.35 78.32 25.66
CA VAL F 6 38.08 77.67 24.38
C VAL F 6 36.80 76.84 24.41
N GLN F 7 36.22 76.66 25.61
CA GLN F 7 35.05 75.79 25.73
C GLN F 7 33.87 76.30 24.91
N MET F 8 33.66 77.61 24.88
CA MET F 8 32.58 78.17 24.05
C MET F 8 32.87 78.06 22.56
N LEU F 9 34.13 78.27 22.17
CA LEU F 9 34.53 78.04 20.78
C LEU F 9 34.25 76.60 20.36
N LEU F 10 34.71 75.64 21.15
CA LEU F 10 34.47 74.22 20.87
C LEU F 10 32.98 73.89 20.83
N THR F 11 32.21 74.45 21.77
CA THR F 11 30.78 74.17 21.81
C THR F 11 30.06 74.71 20.58
N THR F 12 30.34 75.95 20.20
CA THR F 12 29.67 76.55 19.05
C THR F 12 30.12 75.91 17.73
N VAL F 13 31.40 75.55 17.60
CA VAL F 13 31.83 74.82 16.40
C VAL F 13 31.26 73.40 16.36
N GLY F 14 31.12 72.74 17.51
CA GLY F 14 30.41 71.46 17.53
C GLY F 14 28.96 71.58 17.11
N ALA F 15 28.26 72.58 17.64
CA ALA F 15 26.88 72.85 17.22
C ALA F 15 26.77 73.16 15.73
N PHE F 16 27.70 73.97 15.21
CA PHE F 16 27.75 74.20 13.76
C PHE F 16 27.94 72.91 12.96
N ALA F 17 28.88 72.06 13.38
CA ALA F 17 29.13 70.81 12.66
C ALA F 17 27.93 69.87 12.71
N ALA F 18 27.36 69.70 13.91
CA ALA F 18 26.15 68.90 14.08
C ALA F 18 25.00 69.41 13.24
N PHE F 19 24.72 70.72 13.29
CA PHE F 19 23.64 71.29 12.48
C PHE F 19 23.89 71.12 10.99
N SER F 20 25.14 71.32 10.54
CA SER F 20 25.48 71.14 9.13
C SER F 20 25.23 69.72 8.66
N LEU F 21 25.79 68.74 9.36
CA LEU F 21 25.64 67.35 8.94
C LEU F 21 24.25 66.79 9.21
N MET F 22 23.50 67.33 10.16
CA MET F 22 22.11 66.91 10.32
C MET F 22 21.21 67.48 9.24
N THR F 23 21.42 68.73 8.84
CA THR F 23 20.69 69.28 7.71
C THR F 23 21.03 68.55 6.41
N ILE F 24 22.30 68.17 6.24
CA ILE F 24 22.66 67.23 5.18
C ILE F 24 21.85 65.94 5.29
N ALA F 25 21.92 65.27 6.44
CA ALA F 25 21.30 63.95 6.58
C ALA F 25 19.81 64.01 6.30
N VAL F 26 19.10 64.95 6.94
CA VAL F 26 17.65 65.02 6.81
C VAL F 26 17.26 65.50 5.42
N GLY F 27 17.97 66.49 4.88
CA GLY F 27 17.60 67.03 3.59
C GLY F 27 18.04 66.17 2.43
N THR F 28 18.98 65.25 2.67
CA THR F 28 19.52 64.43 1.60
C THR F 28 18.43 63.54 1.01
N ASP F 29 18.52 63.30 -0.30
CA ASP F 29 17.52 62.51 -1.00
C ASP F 29 17.47 61.06 -0.49
N TYR F 30 18.53 60.58 0.14
CA TYR F 30 18.62 59.17 0.47
C TYR F 30 19.11 58.97 1.89
N TRP F 31 18.61 57.91 2.52
CA TRP F 31 19.22 57.35 3.72
C TRP F 31 19.75 55.95 3.51
N LEU F 32 19.30 55.23 2.48
CA LEU F 32 19.83 53.90 2.22
C LEU F 32 19.80 53.63 0.72
N TYR F 33 20.71 52.78 0.27
CA TYR F 33 20.63 52.13 -1.02
C TYR F 33 19.72 50.90 -0.96
N SER F 34 18.97 50.68 -2.03
CA SER F 34 18.06 49.53 -2.09
C SER F 34 17.74 49.24 -3.56
N ARG F 35 16.81 48.31 -3.79
CA ARG F 35 16.23 48.07 -5.09
C ARG F 35 14.71 48.03 -5.00
N GLY F 36 14.05 48.57 -6.01
CA GLY F 36 12.62 48.80 -5.99
C GLY F 36 12.18 49.66 -7.15
N VAL F 37 11.28 50.61 -6.91
CA VAL F 37 10.87 51.56 -7.93
C VAL F 37 10.89 52.97 -7.33
N CYS F 38 11.37 53.93 -8.12
CA CYS F 38 11.46 55.33 -7.70
C CYS F 38 10.32 56.17 -8.23
N LYS F 39 10.05 56.11 -9.53
CA LYS F 39 9.06 56.95 -10.19
C LYS F 39 7.85 56.11 -10.57
N THR F 40 6.67 56.56 -10.20
CA THR F 40 5.45 55.78 -10.39
C THR F 40 4.32 56.73 -10.79
N LYS F 41 3.27 56.15 -11.37
CA LYS F 41 2.14 56.91 -11.90
C LYS F 41 2.58 58.01 -12.86
N LYS F 50 7.34 49.58 -16.70
CA LYS F 50 8.44 49.13 -15.87
C LYS F 50 7.99 48.11 -14.84
N LYS F 51 6.71 47.75 -14.90
CA LYS F 51 6.14 46.80 -13.94
C LYS F 51 6.75 45.41 -14.06
N ASN F 52 7.38 45.11 -15.20
CA ASN F 52 8.08 43.85 -15.41
C ASN F 52 9.54 43.92 -14.98
N GLU F 53 9.97 45.03 -14.38
CA GLU F 53 11.37 45.29 -14.12
C GLU F 53 11.49 45.94 -12.74
N GLU F 54 12.72 46.01 -12.23
CA GLU F 54 13.01 46.67 -10.97
C GLU F 54 14.18 47.63 -11.18
N VAL F 55 14.27 48.61 -10.29
CA VAL F 55 15.23 49.70 -10.41
C VAL F 55 16.10 49.74 -9.16
N MET F 56 17.39 50.01 -9.36
CA MET F 56 18.30 50.31 -8.26
C MET F 56 17.81 51.57 -7.56
N THR F 57 17.43 51.44 -6.29
CA THR F 57 16.60 52.44 -5.62
C THR F 57 17.41 53.15 -4.55
N HIS F 58 17.09 54.42 -4.35
CA HIS F 58 17.96 55.40 -3.70
C HIS F 58 17.04 56.41 -3.01
N SER F 59 16.58 56.04 -1.82
CA SER F 59 15.47 56.71 -1.16
C SER F 59 15.83 57.08 0.27
N GLY F 60 15.05 58.00 0.83
CA GLY F 60 15.30 58.52 2.16
C GLY F 60 14.04 58.85 2.93
N LEU F 61 14.18 59.67 3.98
CA LEU F 61 13.06 59.94 4.88
C LEU F 61 11.90 60.62 4.15
N TRP F 62 12.15 61.80 3.58
CA TRP F 62 11.08 62.58 2.97
C TRP F 62 10.62 62.00 1.64
N ARG F 63 11.53 61.41 0.87
CA ARG F 63 11.29 61.21 -0.55
C ARG F 63 11.92 59.90 -0.99
N THR F 64 11.43 59.40 -2.13
CA THR F 64 11.96 58.20 -2.77
C THR F 64 12.55 58.58 -4.11
N CYS F 65 13.65 57.92 -4.48
CA CYS F 65 14.40 58.27 -5.67
C CYS F 65 15.24 57.07 -6.07
N CYS F 66 15.95 57.20 -7.19
CA CYS F 66 16.74 56.10 -7.72
C CYS F 66 17.90 56.65 -8.53
N LEU F 67 18.99 55.89 -8.58
CA LEU F 67 20.15 56.22 -9.39
C LEU F 67 20.99 54.97 -9.61
N GLU F 68 21.89 55.06 -10.59
CA GLU F 68 22.69 53.94 -11.08
C GLU F 68 21.84 52.85 -11.71
N GLY F 69 20.54 53.09 -11.84
CA GLY F 69 19.70 52.20 -12.62
C GLY F 69 19.65 52.63 -14.08
N ASN F 70 18.52 52.38 -14.74
CA ASN F 70 18.37 52.83 -16.12
C ASN F 70 18.27 54.36 -16.22
N PHE F 71 17.92 55.03 -15.13
CA PHE F 71 17.90 56.49 -15.08
C PHE F 71 18.19 56.96 -13.67
N LYS F 72 18.56 58.22 -13.54
CA LYS F 72 19.01 58.79 -12.28
C LYS F 72 18.27 60.09 -11.94
N GLY F 73 17.96 60.26 -10.67
CA GLY F 73 17.48 61.52 -10.14
C GLY F 73 16.01 61.83 -10.32
N LEU F 74 15.20 60.86 -10.76
CA LEU F 74 13.76 61.04 -10.85
C LEU F 74 13.10 60.78 -9.49
N CYS F 75 13.35 61.69 -8.56
CA CYS F 75 12.86 61.56 -7.20
C CYS F 75 11.35 61.82 -7.15
N LYS F 76 10.74 61.35 -6.06
CA LYS F 76 9.28 61.40 -5.93
C LYS F 76 8.93 61.51 -4.46
N GLN F 77 7.71 61.99 -4.21
CA GLN F 77 7.13 61.95 -2.87
C GLN F 77 7.13 60.52 -2.34
N ILE F 78 7.26 60.39 -1.01
CA ILE F 78 7.41 59.08 -0.40
C ILE F 78 6.17 58.22 -0.69
N ASP F 79 6.42 56.91 -0.85
CA ASP F 79 5.35 55.97 -1.19
C ASP F 79 4.40 55.71 -0.01
N HIS F 80 4.77 56.13 1.19
CA HIS F 80 3.97 55.84 2.39
C HIS F 80 2.69 56.68 2.35
N PHE F 81 1.59 56.05 1.92
CA PHE F 81 0.31 56.75 1.80
C PHE F 81 -0.32 56.97 3.17
N PRO F 82 -1.05 58.06 3.34
CA PRO F 82 -1.59 58.44 4.66
C PRO F 82 -2.91 57.73 4.96
N GLU F 83 -3.43 57.99 6.16
CA GLU F 83 -4.75 57.56 6.59
C GLU F 83 -5.59 58.76 6.98
N ASP F 84 -6.89 58.68 6.73
CA ASP F 84 -7.80 59.79 6.95
C ASP F 84 -8.35 59.83 8.37
N ALA F 85 -8.61 61.05 8.85
CA ALA F 85 -9.26 61.34 10.13
C ALA F 85 -8.59 60.65 11.32
N ASP F 86 -7.30 60.34 11.17
CA ASP F 86 -6.51 59.55 12.11
C ASP F 86 -7.08 58.16 12.37
N TYR F 87 -8.14 57.76 11.66
CA TYR F 87 -8.70 56.41 11.69
C TYR F 87 -8.70 55.80 13.10
N GLU F 88 -9.16 56.62 14.05
CA GLU F 88 -9.12 56.32 15.48
C GLU F 88 -9.85 55.03 15.84
N ALA F 89 -10.76 54.57 14.98
CA ALA F 89 -11.42 53.28 15.19
C ALA F 89 -10.44 52.12 15.18
N ASP F 90 -9.32 52.24 14.50
CA ASP F 90 -8.27 51.24 14.51
C ASP F 90 -6.99 51.78 15.12
N THR F 91 -7.14 52.64 16.13
CA THR F 91 -6.03 53.42 16.69
C THR F 91 -4.84 52.58 17.12
N ALA F 92 -5.03 51.30 17.44
CA ALA F 92 -3.89 50.46 17.76
C ALA F 92 -2.91 50.35 16.59
N GLU F 93 -3.40 50.49 15.36
CA GLU F 93 -2.57 50.50 14.17
C GLU F 93 -1.96 51.86 13.88
N TYR F 94 -2.33 52.89 14.64
CA TYR F 94 -2.09 54.27 14.24
C TYR F 94 -0.61 54.60 14.08
N PHE F 95 0.21 54.19 15.06
CA PHE F 95 1.53 54.79 15.24
C PHE F 95 2.44 54.59 14.03
N LEU F 96 2.67 53.34 13.63
CA LEU F 96 3.62 53.07 12.55
C LEU F 96 3.15 53.63 11.21
N ARG F 97 1.83 53.71 11.00
CA ARG F 97 1.31 54.37 9.80
C ARG F 97 1.54 55.88 9.84
N ALA F 98 0.99 56.54 10.86
CA ALA F 98 0.93 58.00 10.91
C ALA F 98 2.27 58.65 11.21
N VAL F 99 3.07 58.08 12.13
CA VAL F 99 4.34 58.71 12.47
C VAL F 99 5.29 58.67 11.28
N ARG F 100 5.24 57.60 10.50
CA ARG F 100 6.06 57.56 9.30
C ARG F 100 5.42 58.37 8.17
N ALA F 101 4.10 58.58 8.23
CA ALA F 101 3.46 59.48 7.28
C ALA F 101 3.65 60.94 7.70
N SER F 102 3.37 61.25 8.97
CA SER F 102 3.59 62.58 9.52
C SER F 102 5.07 62.71 9.88
N SER F 103 5.86 63.09 8.88
CA SER F 103 7.32 63.11 9.00
C SER F 103 7.79 64.40 9.66
N ILE F 104 6.92 65.01 10.47
CA ILE F 104 7.24 66.30 11.07
C ILE F 104 8.45 66.20 12.00
N PHE F 105 8.59 65.08 12.70
CA PHE F 105 9.45 65.04 13.88
C PHE F 105 10.93 65.29 13.59
N PRO F 106 11.56 64.73 12.55
CA PRO F 106 12.98 65.03 12.32
C PRO F 106 13.28 66.39 11.73
N ILE F 107 12.42 66.91 10.86
CA ILE F 107 12.60 68.29 10.40
C ILE F 107 12.37 69.28 11.54
N LEU F 108 11.42 68.97 12.43
CA LEU F 108 11.26 69.75 13.65
C LEU F 108 12.49 69.66 14.55
N SER F 109 13.11 68.48 14.63
CA SER F 109 14.40 68.33 15.30
C SER F 109 15.47 69.23 14.69
N VAL F 110 15.54 69.29 13.37
CA VAL F 110 16.46 70.20 12.67
C VAL F 110 16.17 71.66 13.03
N ILE F 111 14.89 72.05 13.02
CA ILE F 111 14.52 73.42 13.35
C ILE F 111 14.84 73.74 14.81
N LEU F 112 14.66 72.79 15.72
CA LEU F 112 15.06 72.97 17.11
C LEU F 112 16.58 73.01 17.29
N LEU F 113 17.32 72.31 16.44
CA LEU F 113 18.78 72.42 16.47
C LEU F 113 19.26 73.77 15.94
N PHE F 114 18.57 74.31 14.94
CA PHE F 114 18.79 75.70 14.53
C PHE F 114 18.51 76.68 15.67
N MET F 115 17.34 76.54 16.30
CA MET F 115 17.01 77.40 17.43
C MET F 115 18.03 77.25 18.56
N GLY F 116 18.48 76.04 18.85
CA GLY F 116 19.56 75.84 19.80
C GLY F 116 20.87 76.51 19.39
N GLY F 117 21.19 76.47 18.10
CA GLY F 117 22.35 77.18 17.60
C GLY F 117 22.28 78.68 17.82
N LEU F 118 21.07 79.24 17.73
CA LEU F 118 20.86 80.64 18.12
C LEU F 118 20.88 80.83 19.63
N CYS F 119 20.33 79.86 20.36
CA CYS F 119 20.26 79.90 21.82
C CYS F 119 21.64 79.88 22.47
N ILE F 120 22.55 79.05 21.96
CA ILE F 120 23.93 79.06 22.44
C ILE F 120 24.65 80.33 22.05
N ALA F 121 24.39 80.87 20.86
CA ALA F 121 24.98 82.16 20.50
C ALA F 121 24.54 83.26 21.46
N ALA F 122 23.28 83.21 21.92
CA ALA F 122 22.80 84.10 22.98
C ALA F 122 23.45 83.87 24.34
N SER F 123 24.44 82.97 24.45
CA SER F 123 25.30 82.97 25.62
C SER F 123 26.39 84.03 25.58
N GLU F 124 26.64 84.63 24.42
CA GLU F 124 27.64 85.69 24.31
C GLU F 124 27.07 86.98 23.71
N PHE F 125 25.76 87.03 23.47
CA PHE F 125 25.06 88.25 23.17
C PHE F 125 23.78 88.28 24.00
N TYR F 126 23.50 89.43 24.61
CA TYR F 126 22.51 89.52 25.69
C TYR F 126 22.85 88.50 26.78
N LYS F 127 24.15 88.41 27.08
CA LYS F 127 24.69 87.33 27.89
C LYS F 127 24.38 87.54 29.37
N THR F 128 24.94 86.65 30.19
CA THR F 128 24.96 86.71 31.65
C THR F 128 23.60 86.37 32.25
N ARG F 129 22.56 86.26 31.41
CA ARG F 129 21.28 85.77 31.89
C ARG F 129 21.33 84.28 32.22
N HIS F 130 22.15 83.53 31.48
CA HIS F 130 22.63 82.17 31.74
C HIS F 130 21.53 81.11 31.78
N ASN F 131 20.25 81.50 31.67
CA ASN F 131 19.20 80.50 31.56
C ASN F 131 18.98 80.09 30.11
N ILE F 132 19.37 80.96 29.18
CA ILE F 132 19.41 80.65 27.75
C ILE F 132 20.20 79.38 27.49
N ILE F 133 21.21 79.09 28.32
CA ILE F 133 22.03 77.89 28.12
C ILE F 133 21.28 76.65 28.60
N LEU F 134 20.59 76.74 29.73
CA LEU F 134 19.78 75.61 30.20
C LEU F 134 18.68 75.27 29.20
N SER F 135 17.99 76.30 28.69
CA SER F 135 16.99 76.06 27.64
C SER F 135 17.62 75.50 26.36
N ALA F 136 18.82 75.95 26.01
CA ALA F 136 19.53 75.33 24.89
C ALA F 136 19.78 73.84 25.14
N GLY F 137 20.25 73.50 26.34
CA GLY F 137 20.40 72.10 26.72
C GLY F 137 19.14 71.29 26.53
N ILE F 138 18.01 71.83 27.00
CA ILE F 138 16.70 71.21 26.81
C ILE F 138 16.44 70.98 25.31
N PHE F 139 16.62 72.01 24.49
CA PHE F 139 16.34 71.89 23.07
C PHE F 139 17.21 70.83 22.41
N PHE F 140 18.52 70.85 22.70
CA PHE F 140 19.44 69.87 22.13
C PHE F 140 19.07 68.45 22.53
N VAL F 141 18.70 68.22 23.79
CA VAL F 141 18.32 66.88 24.22
C VAL F 141 17.04 66.44 23.52
N SER F 142 16.00 67.29 23.52
CA SER F 142 14.76 66.92 22.85
C SER F 142 14.97 66.61 21.37
N ALA F 143 15.81 67.42 20.70
CA ALA F 143 16.18 67.15 19.32
C ALA F 143 16.88 65.81 19.15
N GLY F 144 17.73 65.43 20.12
CA GLY F 144 18.38 64.14 20.01
C GLY F 144 17.40 62.98 20.24
N LEU F 145 16.47 63.16 21.18
CA LEU F 145 15.46 62.16 21.47
C LEU F 145 14.46 61.98 20.34
N SER F 146 14.32 62.98 19.46
CA SER F 146 13.49 62.80 18.26
C SER F 146 14.13 61.83 17.26
N ASN F 147 15.44 61.94 17.04
CA ASN F 147 16.09 61.20 15.96
C ASN F 147 16.02 59.69 16.16
N ILE F 148 16.14 59.23 17.41
CA ILE F 148 16.15 57.78 17.64
C ILE F 148 14.82 57.13 17.27
N ILE F 149 13.70 57.67 17.77
CA ILE F 149 12.39 57.16 17.36
C ILE F 149 12.15 57.36 15.87
N GLY F 150 12.70 58.44 15.29
CA GLY F 150 12.68 58.56 13.83
C GLY F 150 13.32 57.39 13.13
N ILE F 151 14.53 57.02 13.55
CA ILE F 151 15.24 55.88 12.95
C ILE F 151 14.49 54.58 13.20
N ILE F 152 13.91 54.43 14.39
CA ILE F 152 13.09 53.25 14.71
C ILE F 152 11.94 53.10 13.72
N VAL F 153 11.11 54.13 13.58
CA VAL F 153 9.97 54.04 12.67
C VAL F 153 10.43 53.91 11.23
N TYR F 154 11.55 54.53 10.86
CA TYR F 154 12.07 54.44 9.51
C TYR F 154 12.45 53.01 9.15
N ILE F 155 13.29 52.38 9.98
CA ILE F 155 13.72 51.01 9.70
C ILE F 155 12.55 50.04 9.80
N SER F 156 11.62 50.27 10.73
CA SER F 156 10.42 49.43 10.81
C SER F 156 9.59 49.51 9.53
N ALA F 157 9.34 50.72 9.03
CA ALA F 157 8.59 50.88 7.79
C ALA F 157 9.32 50.30 6.59
N ASN F 158 10.65 50.45 6.54
CA ASN F 158 11.41 49.87 5.44
C ASN F 158 11.36 48.34 5.47
N ALA F 159 11.46 47.75 6.66
CA ALA F 159 11.24 46.31 6.78
C ALA F 159 9.80 45.94 6.49
N GLY F 160 8.85 46.75 6.94
CA GLY F 160 7.45 46.55 6.64
C GLY F 160 7.08 46.90 5.21
N LYS F 169 15.43 41.06 3.58
CA LYS F 169 15.87 42.35 3.08
C LYS F 169 15.97 42.34 1.55
N ASN F 170 15.65 43.48 0.93
CA ASN F 170 15.97 43.69 -0.48
C ASN F 170 17.40 44.17 -0.69
N SER F 171 18.37 43.48 -0.08
CA SER F 171 19.80 43.81 -0.16
C SER F 171 20.10 45.25 0.27
N TYR F 172 19.18 45.90 0.97
CA TYR F 172 19.35 47.31 1.28
C TYR F 172 20.49 47.51 2.28
N SER F 173 21.15 48.66 2.18
CA SER F 173 22.23 49.01 3.08
C SER F 173 22.27 50.52 3.25
N TYR F 174 22.85 50.95 4.37
CA TYR F 174 22.86 52.37 4.72
C TYR F 174 23.55 53.21 3.66
N GLY F 175 22.98 54.37 3.37
CA GLY F 175 23.62 55.31 2.48
C GLY F 175 24.75 56.06 3.14
N TRP F 176 25.59 56.67 2.30
CA TRP F 176 26.68 57.50 2.79
C TRP F 176 26.17 58.66 3.64
N SER F 177 25.01 59.21 3.30
CA SER F 177 24.30 60.13 4.19
C SER F 177 24.15 59.58 5.60
N PHE F 178 23.62 58.37 5.71
CA PHE F 178 23.40 57.78 7.03
C PHE F 178 24.70 57.41 7.73
N TYR F 179 25.73 57.02 6.98
CA TYR F 179 27.06 56.91 7.58
C TYR F 179 27.58 58.24 8.12
N PHE F 180 27.33 59.35 7.41
CA PHE F 180 27.62 60.66 8.00
C PHE F 180 26.80 60.93 9.26
N GLY F 181 25.55 60.48 9.27
CA GLY F 181 24.71 60.54 10.45
C GLY F 181 25.34 59.85 11.65
N ALA F 182 25.68 58.58 11.47
CA ALA F 182 26.39 57.84 12.52
C ALA F 182 27.69 58.53 12.91
N LEU F 183 28.42 59.07 11.93
CA LEU F 183 29.68 59.76 12.20
C LEU F 183 29.49 61.03 13.04
N SER F 184 28.33 61.68 12.96
CA SER F 184 28.22 63.03 13.49
C SER F 184 27.24 63.20 14.64
N PHE F 185 26.17 62.41 14.70
CA PHE F 185 25.17 62.55 15.75
C PHE F 185 25.74 62.30 17.15
N ILE F 186 26.90 61.61 17.22
CA ILE F 186 27.67 61.50 18.46
C ILE F 186 27.98 62.85 19.09
N ILE F 187 28.30 63.85 18.26
CA ILE F 187 28.53 65.20 18.76
C ILE F 187 27.22 65.86 19.18
N ALA F 188 26.21 65.80 18.32
CA ALA F 188 24.96 66.55 18.53
C ALA F 188 24.36 66.26 19.92
N GLU F 189 24.27 64.99 20.28
CA GLU F 189 23.72 64.60 21.58
C GLU F 189 24.57 65.06 22.77
N MET F 190 25.85 65.34 22.57
CA MET F 190 26.69 65.86 23.65
C MET F 190 26.71 67.38 23.75
N VAL F 191 26.17 68.11 22.77
CA VAL F 191 26.19 69.57 22.83
C VAL F 191 25.52 70.08 24.11
N GLY F 192 24.42 69.42 24.52
CA GLY F 192 23.73 69.82 25.74
C GLY F 192 24.59 69.76 27.00
N VAL F 193 25.35 68.69 27.16
CA VAL F 193 26.25 68.61 28.32
C VAL F 193 27.46 69.53 28.13
N LEU F 194 27.97 69.67 26.91
CA LEU F 194 29.02 70.65 26.68
C LEU F 194 28.58 72.05 27.10
N ALA F 195 27.31 72.38 26.89
CA ALA F 195 26.75 73.63 27.42
C ALA F 195 26.63 73.61 28.94
N VAL F 196 26.09 72.53 29.51
CA VAL F 196 25.89 72.47 30.95
C VAL F 196 27.21 72.55 31.71
N HIS F 197 28.32 72.10 31.10
CA HIS F 197 29.63 72.32 31.70
C HIS F 197 29.91 73.78 32.03
N MET F 198 29.37 74.71 31.23
CA MET F 198 29.51 76.14 31.49
C MET F 198 28.34 76.71 32.29
N PHE F 199 27.14 76.18 32.09
CA PHE F 199 26.00 76.58 32.92
C PHE F 199 26.23 76.29 34.40
N ILE F 200 26.80 75.13 34.73
CA ILE F 200 27.07 74.78 36.12
C ILE F 200 28.21 75.61 36.71
N ASP F 201 28.75 76.54 35.93
CA ASP F 201 29.58 77.60 36.48
C ASP F 201 28.86 78.94 36.54
N ARG F 202 28.33 79.41 35.41
CA ARG F 202 27.66 80.72 35.39
C ARG F 202 26.46 80.77 36.33
N HIS F 203 25.72 79.67 36.46
CA HIS F 203 24.61 79.65 37.42
C HIS F 203 25.09 79.44 38.85
N LYS F 204 26.24 78.78 39.04
CA LYS F 204 26.84 78.67 40.36
C LYS F 204 27.16 80.05 40.94
N GLN F 205 27.56 81.00 40.09
CA GLN F 205 27.77 82.37 40.53
C GLN F 205 26.48 83.04 41.00
N LEU F 206 25.31 82.54 40.58
CA LEU F 206 24.06 82.99 41.17
C LEU F 206 23.77 82.27 42.48
N THR F 207 23.90 80.94 42.49
CA THR F 207 23.51 80.18 43.67
C THR F 207 24.53 80.28 44.79
N GLY F 208 25.80 80.47 44.46
CA GLY F 208 26.87 80.45 45.44
C GLY F 208 27.09 79.09 46.08
N LEU G 1 4.34 66.02 53.94
CA LEU G 1 3.18 66.77 53.44
C LEU G 1 2.84 67.92 54.36
N PHE G 2 2.69 69.11 53.79
CA PHE G 2 2.32 70.31 54.53
C PHE G 2 0.81 70.45 54.53
N ASP G 3 0.32 71.61 54.99
CA ASP G 3 -1.12 71.90 55.10
C ASP G 3 -1.81 70.92 56.04
N ARG G 4 -1.22 70.78 57.24
CA ARG G 4 -1.76 69.89 58.26
C ARG G 4 -3.19 70.24 58.67
N GLY G 5 -3.57 71.51 58.51
CA GLY G 5 -4.95 71.90 58.78
C GLY G 5 -5.98 71.27 57.86
N VAL G 6 -5.64 71.09 56.58
CA VAL G 6 -6.56 70.47 55.64
C VAL G 6 -6.41 68.95 55.58
N GLN G 7 -5.25 68.41 55.96
CA GLN G 7 -4.97 66.99 55.80
C GLN G 7 -5.97 66.11 56.55
N MET G 8 -6.48 66.58 57.69
CA MET G 8 -7.54 65.85 58.40
C MET G 8 -8.80 65.72 57.56
N LEU G 9 -9.21 66.80 56.91
CA LEU G 9 -10.34 66.72 55.98
C LEU G 9 -10.03 65.83 54.78
N LEU G 10 -8.85 66.00 54.20
CA LEU G 10 -8.50 65.24 52.99
C LEU G 10 -8.46 63.74 53.27
N THR G 11 -7.89 63.34 54.40
CA THR G 11 -7.88 61.93 54.79
C THR G 11 -9.28 61.42 55.13
N THR G 12 -10.07 62.18 55.89
CA THR G 12 -11.41 61.69 56.23
C THR G 12 -12.31 61.58 55.01
N VAL G 13 -12.24 62.54 54.08
CA VAL G 13 -13.02 62.45 52.85
C VAL G 13 -12.54 61.31 51.95
N GLY G 14 -11.22 61.10 51.86
CA GLY G 14 -10.74 59.94 51.13
C GLY G 14 -11.21 58.62 51.72
N ALA G 15 -11.11 58.49 53.05
CA ALA G 15 -11.59 57.29 53.73
C ALA G 15 -13.09 57.08 53.53
N PHE G 16 -13.89 58.12 53.66
CA PHE G 16 -15.33 58.00 53.42
C PHE G 16 -15.64 57.65 51.96
N ALA G 17 -14.90 58.22 51.00
CA ALA G 17 -15.08 57.83 49.61
C ALA G 17 -14.76 56.36 49.39
N ALA G 18 -13.64 55.89 49.95
CA ALA G 18 -13.30 54.47 49.88
C ALA G 18 -14.39 53.59 50.51
N PHE G 19 -14.89 53.99 51.68
CA PHE G 19 -15.94 53.24 52.36
C PHE G 19 -17.22 53.18 51.54
N SER G 20 -17.63 54.32 50.97
CA SER G 20 -18.83 54.35 50.14
C SER G 20 -18.67 53.49 48.89
N LEU G 21 -17.56 53.63 48.17
CA LEU G 21 -17.31 52.81 46.99
C LEU G 21 -17.28 51.32 47.33
N MET G 22 -16.57 50.94 48.39
CA MET G 22 -16.48 49.53 48.78
C MET G 22 -17.84 48.97 49.19
N THR G 23 -18.61 49.71 49.99
CA THR G 23 -19.90 49.23 50.44
C THR G 23 -20.92 49.16 49.30
N ILE G 24 -20.89 50.12 48.37
CA ILE G 24 -21.70 49.99 47.16
C ILE G 24 -21.30 48.78 46.33
N ALA G 25 -20.00 48.54 46.17
CA ALA G 25 -19.55 47.38 45.41
C ALA G 25 -19.98 46.06 46.04
N VAL G 26 -19.77 45.91 47.35
CA VAL G 26 -20.17 44.69 48.04
C VAL G 26 -21.68 44.54 48.11
N GLY G 27 -22.41 45.65 48.26
CA GLY G 27 -23.87 45.56 48.20
C GLY G 27 -24.37 45.21 46.81
N THR G 28 -23.74 45.78 45.78
CA THR G 28 -24.15 45.50 44.42
C THR G 28 -24.00 44.02 44.10
N ASP G 29 -25.03 43.44 43.49
CA ASP G 29 -25.07 42.03 43.13
C ASP G 29 -24.39 41.73 41.79
N TYR G 30 -23.46 42.57 41.34
CA TYR G 30 -22.69 42.35 40.13
C TYR G 30 -21.41 43.16 40.21
N TRP G 31 -20.34 42.65 39.58
CA TRP G 31 -19.06 43.35 39.63
C TRP G 31 -18.50 43.69 38.26
N LEU G 32 -18.34 42.70 37.38
CA LEU G 32 -17.72 42.96 36.09
C LEU G 32 -18.33 42.08 35.00
N TYR G 33 -18.20 42.54 33.76
CA TYR G 33 -18.85 41.90 32.62
C TYR G 33 -18.24 40.55 32.30
N SER G 34 -19.05 39.71 31.66
CA SER G 34 -18.67 38.38 31.19
C SER G 34 -19.83 37.89 30.33
N ARG G 35 -19.73 36.66 29.83
CA ARG G 35 -20.82 36.05 29.09
C ARG G 35 -21.21 34.73 29.72
N GLY G 36 -22.50 34.43 29.67
CA GLY G 36 -23.06 33.28 30.36
C GLY G 36 -24.57 33.38 30.45
N VAL G 37 -25.10 33.30 31.68
CA VAL G 37 -26.54 33.34 31.90
C VAL G 37 -26.85 34.33 33.02
N CYS G 38 -28.10 34.78 33.05
CA CYS G 38 -28.59 35.57 34.18
C CYS G 38 -28.89 34.68 35.37
N LYS G 39 -29.83 33.76 35.20
CA LYS G 39 -30.17 32.74 36.19
C LYS G 39 -30.42 31.44 35.44
N THR G 40 -29.89 30.35 35.98
CA THR G 40 -29.92 29.09 35.23
C THR G 40 -31.35 28.59 35.05
N LYS G 41 -31.73 28.42 33.79
CA LYS G 41 -33.04 27.87 33.40
C LYS G 41 -34.21 28.42 34.23
N LYS G 50 -31.69 34.50 27.72
CA LYS G 50 -30.62 34.95 28.61
C LYS G 50 -30.49 34.05 29.82
N LYS G 51 -31.43 33.11 29.96
CA LYS G 51 -31.38 32.19 31.09
C LYS G 51 -30.50 30.97 30.83
N ASN G 52 -30.38 30.52 29.57
CA ASN G 52 -29.58 29.34 29.28
C ASN G 52 -28.62 29.57 28.12
N GLU G 53 -29.04 30.32 27.10
CA GLU G 53 -28.30 30.34 25.85
C GLU G 53 -27.20 31.40 25.83
N GLU G 54 -27.58 32.68 25.91
CA GLU G 54 -26.62 33.74 25.62
C GLU G 54 -27.06 35.04 26.27
N VAL G 55 -26.23 35.57 27.16
CA VAL G 55 -26.34 36.95 27.63
C VAL G 55 -24.97 37.34 28.15
N MET G 56 -24.71 38.64 28.24
CA MET G 56 -23.58 39.12 29.03
C MET G 56 -23.88 38.91 30.51
N THR G 57 -23.19 37.96 31.13
CA THR G 57 -23.22 37.84 32.58
C THR G 57 -22.40 38.94 33.22
N HIS G 58 -23.05 39.79 34.00
CA HIS G 58 -22.34 40.74 34.85
C HIS G 58 -21.95 40.01 36.13
N SER G 59 -20.81 39.32 36.06
CA SER G 59 -20.35 38.46 37.15
C SER G 59 -20.11 39.25 38.43
N GLY G 60 -19.99 38.50 39.52
CA GLY G 60 -19.63 39.07 40.82
C GLY G 60 -19.27 37.96 41.78
N LEU G 61 -18.61 38.35 42.87
CA LEU G 61 -18.09 37.38 43.81
C LEU G 61 -19.21 36.82 44.69
N TRP G 62 -19.89 37.70 45.44
CA TRP G 62 -20.95 37.25 46.34
C TRP G 62 -22.24 36.97 45.58
N ARG G 63 -22.60 37.87 44.67
CA ARG G 63 -23.80 37.69 43.85
C ARG G 63 -23.46 38.05 42.40
N THR G 64 -24.24 37.48 41.48
CA THR G 64 -23.98 37.63 40.06
C THR G 64 -25.28 37.92 39.32
N CYS G 65 -25.15 38.60 38.19
CA CYS G 65 -26.29 39.04 37.41
C CYS G 65 -25.96 39.09 35.92
N CYS G 66 -26.62 39.96 35.17
CA CYS G 66 -26.41 40.04 33.73
C CYS G 66 -26.78 41.43 33.25
N LEU G 67 -26.34 41.74 32.02
CA LEU G 67 -26.66 43.02 31.39
C LEU G 67 -26.93 42.84 29.90
N GLU G 68 -27.83 43.67 29.36
CA GLU G 68 -28.29 43.65 27.97
C GLU G 68 -28.73 42.28 27.48
N GLY G 69 -29.55 41.56 28.27
CA GLY G 69 -30.24 40.40 27.80
C GLY G 69 -31.64 40.73 27.31
N ASN G 70 -32.38 39.68 26.93
CA ASN G 70 -33.80 39.87 26.66
C ASN G 70 -34.58 40.14 27.95
N PHE G 71 -34.00 39.80 29.10
CA PHE G 71 -34.51 40.22 30.39
C PHE G 71 -33.32 40.59 31.27
N LYS G 72 -33.59 41.41 32.29
CA LYS G 72 -32.53 41.93 33.15
C LYS G 72 -33.02 41.97 34.60
N GLY G 73 -32.07 41.95 35.53
CA GLY G 73 -32.34 41.97 36.94
C GLY G 73 -32.63 40.62 37.56
N LEU G 74 -32.60 39.53 36.78
CA LEU G 74 -32.73 38.18 37.31
C LEU G 74 -31.37 37.68 37.82
N CYS G 75 -30.88 38.34 38.86
CA CYS G 75 -29.56 38.08 39.38
C CYS G 75 -29.55 36.82 40.23
N LYS G 76 -28.35 36.38 40.59
CA LYS G 76 -28.17 35.10 41.26
C LYS G 76 -27.13 35.23 42.36
N GLN G 77 -27.25 34.40 43.39
CA GLN G 77 -26.27 34.30 44.47
C GLN G 77 -25.47 33.00 44.29
N ILE G 78 -24.18 33.08 44.66
CA ILE G 78 -23.24 32.01 44.33
C ILE G 78 -23.68 30.69 44.93
N ASP G 79 -23.41 29.61 44.20
CA ASP G 79 -23.67 28.24 44.65
C ASP G 79 -22.65 27.31 44.00
N HIS G 80 -22.85 26.01 44.17
CA HIS G 80 -21.90 25.02 43.66
C HIS G 80 -22.66 23.86 43.04
N PHE G 81 -21.96 23.07 42.24
CA PHE G 81 -22.56 21.98 41.48
C PHE G 81 -21.54 20.85 41.35
N PRO G 82 -22.00 19.60 41.20
CA PRO G 82 -21.08 18.48 41.08
C PRO G 82 -20.47 18.36 39.70
N GLU G 83 -19.40 17.56 39.62
CA GLU G 83 -18.66 17.36 38.39
C GLU G 83 -18.30 15.87 38.25
N ASP G 84 -17.87 15.51 37.04
CA ASP G 84 -17.60 14.12 36.73
C ASP G 84 -16.41 13.59 37.54
N ALA G 85 -16.53 12.36 38.02
CA ALA G 85 -15.53 11.72 38.88
C ALA G 85 -15.26 12.53 40.14
N ASP G 86 -16.22 13.35 40.55
CA ASP G 86 -16.18 14.11 41.80
C ASP G 86 -15.00 15.07 41.86
N TYR G 87 -13.90 14.62 42.48
CA TYR G 87 -12.70 15.40 42.82
C TYR G 87 -13.06 16.70 43.54
N GLU G 88 -14.28 16.79 44.05
CA GLU G 88 -14.70 17.98 44.79
C GLU G 88 -13.98 18.10 46.13
N ALA G 89 -13.61 16.98 46.73
CA ALA G 89 -13.00 16.94 48.05
C ALA G 89 -11.48 17.04 48.03
N ASP G 90 -10.88 17.25 46.86
CA ASP G 90 -9.43 17.31 46.77
C ASP G 90 -8.88 18.49 47.56
N THR G 91 -7.62 18.34 47.99
CA THR G 91 -6.99 19.34 48.86
C THR G 91 -6.95 20.72 48.20
N ALA G 92 -6.77 20.76 46.88
CA ALA G 92 -6.82 22.02 46.15
C ALA G 92 -8.26 22.40 45.78
N GLU G 93 -9.02 21.43 45.25
CA GLU G 93 -10.37 21.75 44.77
C GLU G 93 -11.31 22.13 45.92
N TYR G 94 -11.30 21.37 47.01
CA TYR G 94 -12.16 21.71 48.14
C TYR G 94 -11.76 23.03 48.78
N PHE G 95 -10.46 23.30 48.88
CA PHE G 95 -9.98 24.62 49.32
C PHE G 95 -10.50 25.74 48.43
N LEU G 96 -10.32 25.61 47.12
CA LEU G 96 -10.81 26.62 46.18
C LEU G 96 -12.32 26.81 46.27
N ARG G 97 -13.07 25.72 46.37
CA ARG G 97 -14.53 25.83 46.47
C ARG G 97 -14.97 26.50 47.76
N ALA G 98 -14.38 26.09 48.89
CA ALA G 98 -14.69 26.69 50.18
C ALA G 98 -14.31 28.17 50.24
N VAL G 99 -13.24 28.58 49.58
CA VAL G 99 -12.94 30.01 49.49
C VAL G 99 -13.93 30.72 48.58
N ARG G 100 -14.17 30.18 47.39
CA ARG G 100 -14.96 30.88 46.38
C ARG G 100 -16.44 30.95 46.77
N ALA G 101 -16.94 30.00 47.54
CA ALA G 101 -18.37 29.94 47.85
C ALA G 101 -18.75 30.85 49.00
N SER G 102 -17.99 31.91 49.25
CA SER G 102 -18.28 32.80 50.35
C SER G 102 -17.88 34.22 49.98
N SER G 103 -18.58 35.18 50.60
CA SER G 103 -18.28 36.60 50.44
C SER G 103 -17.22 37.11 51.41
N ILE G 104 -16.39 36.21 51.95
CA ILE G 104 -15.60 36.51 53.14
C ILE G 104 -14.74 37.77 52.94
N PHE G 105 -13.86 37.75 51.95
CA PHE G 105 -12.79 38.76 51.89
C PHE G 105 -13.30 40.18 51.59
N PRO G 106 -14.16 40.41 50.59
CA PRO G 106 -14.75 41.76 50.47
C PRO G 106 -15.53 42.25 51.67
N ILE G 107 -16.35 41.41 52.29
CA ILE G 107 -17.15 41.91 53.42
C ILE G 107 -16.28 42.13 54.65
N LEU G 108 -15.23 41.33 54.85
CA LEU G 108 -14.22 41.64 55.85
C LEU G 108 -13.51 42.96 55.56
N SER G 109 -13.18 43.22 54.30
CA SER G 109 -12.60 44.52 53.93
C SER G 109 -13.55 45.67 54.24
N VAL G 110 -14.84 45.49 53.95
CA VAL G 110 -15.86 46.46 54.36
C VAL G 110 -15.84 46.68 55.86
N ILE G 111 -15.85 45.60 56.64
CA ILE G 111 -15.91 45.73 58.10
C ILE G 111 -14.66 46.42 58.64
N LEU G 112 -13.49 46.07 58.12
CA LEU G 112 -12.24 46.73 58.52
C LEU G 112 -12.24 48.21 58.16
N LEU G 113 -12.67 48.57 56.95
CA LEU G 113 -12.68 49.97 56.55
C LEU G 113 -13.71 50.79 57.33
N PHE G 114 -14.89 50.21 57.59
CA PHE G 114 -15.85 50.86 58.47
C PHE G 114 -15.31 51.06 59.88
N MET G 115 -14.63 50.05 60.44
CA MET G 115 -13.99 50.28 61.74
C MET G 115 -12.85 51.28 61.67
N GLY G 116 -12.20 51.40 60.52
CA GLY G 116 -11.32 52.55 60.27
C GLY G 116 -12.03 53.89 60.33
N GLY G 117 -13.26 53.93 59.82
CA GLY G 117 -14.08 55.13 59.98
C GLY G 117 -14.48 55.41 61.41
N LEU G 118 -14.85 54.37 62.15
CA LEU G 118 -15.13 54.51 63.58
C LEU G 118 -13.89 54.90 64.37
N CYS G 119 -12.71 54.46 63.93
CA CYS G 119 -11.46 54.85 64.57
C CYS G 119 -11.19 56.34 64.43
N ILE G 120 -11.25 56.88 63.21
CA ILE G 120 -10.90 58.27 63.00
C ILE G 120 -11.90 59.22 63.67
N ALA G 121 -13.11 58.74 63.99
CA ALA G 121 -14.00 59.51 64.85
C ALA G 121 -13.42 59.77 66.23
N ALA G 122 -12.47 58.96 66.69
CA ALA G 122 -11.70 59.23 67.90
C ALA G 122 -10.76 60.43 67.78
N SER G 123 -10.70 61.08 66.61
CA SER G 123 -10.13 62.43 66.56
C SER G 123 -10.95 63.44 67.36
N GLU G 124 -12.24 63.20 67.53
CA GLU G 124 -13.11 64.14 68.22
C GLU G 124 -13.65 63.59 69.53
N PHE G 125 -14.09 62.33 69.56
CA PHE G 125 -14.39 61.67 70.83
C PHE G 125 -13.11 61.08 71.42
N TYR G 126 -13.05 61.06 72.75
CA TYR G 126 -11.87 60.57 73.48
C TYR G 126 -10.61 61.30 72.98
N LYS G 127 -10.74 62.60 72.77
CA LYS G 127 -9.73 63.40 72.10
C LYS G 127 -8.46 63.50 72.95
N THR G 128 -7.37 63.88 72.29
CA THR G 128 -6.04 64.08 72.88
C THR G 128 -5.41 62.75 73.27
N ARG G 129 -5.98 61.63 72.83
CA ARG G 129 -5.36 60.32 73.02
C ARG G 129 -4.23 60.08 72.01
N HIS G 130 -3.94 61.07 71.15
CA HIS G 130 -2.78 61.11 70.27
C HIS G 130 -2.54 59.84 69.45
N ASN G 131 -1.55 59.04 69.81
CA ASN G 131 -1.07 57.93 68.97
C ASN G 131 -2.11 56.84 68.74
N ILE G 132 -3.28 56.92 69.39
CA ILE G 132 -4.35 55.95 69.14
C ILE G 132 -4.73 55.89 67.66
N ILE G 133 -4.50 56.98 66.91
CA ILE G 133 -4.71 56.99 65.47
C ILE G 133 -3.83 55.97 64.72
N LEU G 134 -2.84 55.38 65.39
CA LEU G 134 -2.17 54.18 64.92
C LEU G 134 -3.10 53.11 64.37
N SER G 135 -4.23 52.89 65.05
CA SER G 135 -5.18 51.87 64.63
C SER G 135 -5.80 52.14 63.26
N ALA G 136 -5.89 53.42 62.86
CA ALA G 136 -6.41 53.73 61.54
C ALA G 136 -5.52 53.16 60.43
N GLY G 137 -4.21 53.33 60.53
CA GLY G 137 -3.30 52.74 59.56
C GLY G 137 -3.42 51.24 59.45
N ILE G 138 -3.54 50.57 60.61
CA ILE G 138 -3.81 49.13 60.63
C ILE G 138 -5.09 48.80 59.88
N PHE G 139 -6.17 49.52 60.15
CA PHE G 139 -7.43 49.26 59.45
C PHE G 139 -7.32 49.48 57.95
N PHE G 140 -6.63 50.54 57.52
CA PHE G 140 -6.43 50.80 56.10
C PHE G 140 -5.64 49.69 55.42
N VAL G 141 -4.53 49.28 56.02
CA VAL G 141 -3.72 48.23 55.40
C VAL G 141 -4.45 46.89 55.40
N SER G 142 -5.09 46.52 56.51
CA SER G 142 -5.77 45.23 56.55
C SER G 142 -6.99 45.18 55.63
N ALA G 143 -7.73 46.29 55.51
CA ALA G 143 -8.77 46.40 54.49
C ALA G 143 -8.19 46.27 53.09
N GLY G 144 -7.05 46.91 52.84
CA GLY G 144 -6.41 46.76 51.53
C GLY G 144 -6.06 45.32 51.21
N LEU G 145 -5.39 44.64 52.15
CA LEU G 145 -5.08 43.22 51.98
C LEU G 145 -6.33 42.39 51.73
N SER G 146 -7.39 42.60 52.51
CA SER G 146 -8.64 41.86 52.30
C SER G 146 -9.25 42.13 50.94
N ASN G 147 -9.18 43.38 50.48
CA ASN G 147 -9.69 43.73 49.17
C ASN G 147 -8.89 43.03 48.06
N ILE G 148 -7.56 43.15 48.11
CA ILE G 148 -6.75 42.59 47.04
C ILE G 148 -6.87 41.06 47.02
N ILE G 149 -6.86 40.40 48.18
CA ILE G 149 -7.03 38.95 48.20
C ILE G 149 -8.41 38.54 47.67
N GLY G 150 -9.43 39.34 47.98
CA GLY G 150 -10.75 39.11 47.39
C GLY G 150 -10.77 39.21 45.88
N ILE G 151 -10.15 40.27 45.35
CA ILE G 151 -10.06 40.44 43.90
C ILE G 151 -9.24 39.32 43.27
N ILE G 152 -8.15 38.90 43.93
CA ILE G 152 -7.34 37.80 43.41
C ILE G 152 -8.15 36.52 43.29
N VAL G 153 -8.85 36.12 44.37
CA VAL G 153 -9.64 34.89 44.30
C VAL G 153 -10.81 35.02 43.34
N TYR G 154 -11.41 36.21 43.27
CA TYR G 154 -12.49 36.47 42.32
C TYR G 154 -12.01 36.26 40.88
N ILE G 155 -10.99 37.01 40.45
CA ILE G 155 -10.50 36.89 39.09
C ILE G 155 -9.98 35.48 38.82
N SER G 156 -9.26 34.89 39.78
CA SER G 156 -8.72 33.55 39.61
C SER G 156 -9.81 32.52 39.32
N ALA G 157 -10.95 32.62 39.98
CA ALA G 157 -12.06 31.75 39.60
C ALA G 157 -12.73 32.20 38.30
N ASN G 158 -12.97 33.50 38.15
CA ASN G 158 -13.84 33.98 37.07
C ASN G 158 -13.16 33.91 35.71
N ALA G 159 -11.82 33.96 35.67
CA ALA G 159 -11.11 34.05 34.39
C ALA G 159 -11.19 32.77 33.58
N GLY G 160 -11.71 31.68 34.13
CA GLY G 160 -11.89 30.46 33.38
C GLY G 160 -13.09 30.48 32.47
N LYS G 169 -12.73 31.24 26.06
CA LYS G 169 -12.79 32.06 27.27
C LYS G 169 -14.12 32.81 27.35
N ASN G 170 -14.59 33.07 28.56
CA ASN G 170 -15.91 33.64 28.77
C ASN G 170 -15.98 35.14 28.49
N SER G 171 -14.96 35.69 27.84
CA SER G 171 -14.92 37.08 27.39
C SER G 171 -15.33 38.04 28.51
N TYR G 172 -14.59 37.98 29.61
CA TYR G 172 -14.83 38.86 30.73
C TYR G 172 -14.42 40.29 30.40
N SER G 173 -15.06 41.25 31.09
CA SER G 173 -14.71 42.65 30.97
C SER G 173 -15.05 43.35 32.27
N TYR G 174 -14.30 44.40 32.58
CA TYR G 174 -14.35 45.03 33.90
C TYR G 174 -15.50 46.02 33.99
N GLY G 175 -16.17 46.04 35.15
CA GLY G 175 -17.38 46.81 35.32
C GLY G 175 -17.27 47.83 36.44
N TRP G 176 -18.34 48.62 36.59
CA TRP G 176 -18.29 49.81 37.43
C TRP G 176 -17.98 49.49 38.89
N SER G 177 -18.74 48.57 39.48
CA SER G 177 -18.53 48.21 40.89
C SER G 177 -17.21 47.49 41.10
N PHE G 178 -16.71 46.78 40.07
CA PHE G 178 -15.32 46.36 40.08
C PHE G 178 -14.37 47.55 40.16
N TYR G 179 -14.57 48.56 39.31
CA TYR G 179 -13.69 49.72 39.37
C TYR G 179 -13.74 50.40 40.73
N PHE G 180 -14.92 50.46 41.34
CA PHE G 180 -15.04 50.94 42.72
C PHE G 180 -14.19 50.12 43.68
N GLY G 181 -14.36 48.79 43.67
CA GLY G 181 -13.62 47.95 44.59
C GLY G 181 -12.12 48.05 44.39
N ALA G 182 -11.67 48.01 43.14
CA ALA G 182 -10.24 48.09 42.87
C ALA G 182 -9.68 49.46 43.25
N LEU G 183 -10.38 50.54 42.88
CA LEU G 183 -9.90 51.88 43.19
C LEU G 183 -9.81 52.08 44.69
N SER G 184 -10.70 51.44 45.46
CA SER G 184 -10.69 51.58 46.91
C SER G 184 -9.36 51.16 47.52
N PHE G 185 -8.64 50.23 46.88
CA PHE G 185 -7.31 49.87 47.36
C PHE G 185 -6.33 51.02 47.25
N ILE G 186 -6.24 51.65 46.08
CA ILE G 186 -5.32 52.78 45.91
C ILE G 186 -5.72 53.94 46.80
N ILE G 187 -7.02 54.19 46.92
CA ILE G 187 -7.50 55.22 47.85
C ILE G 187 -7.06 54.88 49.27
N ALA G 188 -7.22 53.62 49.68
CA ALA G 188 -6.82 53.19 51.01
C ALA G 188 -5.33 53.36 51.24
N GLU G 189 -4.50 53.20 50.20
CA GLU G 189 -3.07 53.45 50.35
C GLU G 189 -2.76 54.94 50.50
N MET G 190 -3.39 55.80 49.70
CA MET G 190 -3.15 57.23 49.84
C MET G 190 -3.65 57.77 51.19
N VAL G 191 -4.84 57.33 51.60
CA VAL G 191 -5.34 57.61 52.93
C VAL G 191 -4.41 57.06 54.00
N GLY G 192 -3.87 55.85 53.82
CA GLY G 192 -2.88 55.34 54.76
C GLY G 192 -1.65 56.22 54.88
N VAL G 193 -1.14 56.72 53.76
CA VAL G 193 0.00 57.64 53.78
C VAL G 193 -0.32 58.90 54.56
N LEU G 194 -1.53 59.44 54.38
CA LEU G 194 -1.93 60.58 55.19
C LEU G 194 -2.14 60.21 56.67
N ALA G 195 -2.68 59.02 56.93
CA ALA G 195 -2.88 58.56 58.30
C ALA G 195 -1.55 58.37 59.02
N VAL G 196 -0.52 57.93 58.30
CA VAL G 196 0.83 57.86 58.86
C VAL G 196 1.39 59.25 59.13
N HIS G 197 1.13 60.22 58.23
CA HIS G 197 1.51 61.59 58.56
C HIS G 197 0.80 62.11 59.81
N MET G 198 -0.49 61.80 59.94
CA MET G 198 -1.25 62.13 61.16
C MET G 198 -0.64 61.47 62.41
N PHE G 199 -0.35 60.17 62.31
CA PHE G 199 0.25 59.46 63.44
C PHE G 199 1.58 60.09 63.83
N ILE G 200 2.47 60.31 62.86
CA ILE G 200 3.79 60.79 63.21
C ILE G 200 3.73 62.24 63.69
N ASP G 201 2.71 63.00 63.29
CA ASP G 201 2.42 64.28 63.95
C ASP G 201 2.05 64.08 65.41
N ARG G 202 1.15 63.15 65.70
CA ARG G 202 0.81 62.83 67.09
C ARG G 202 2.03 62.34 67.88
N HIS G 203 2.92 61.59 67.23
CA HIS G 203 4.17 61.18 67.87
C HIS G 203 5.07 62.36 68.20
N LYS G 204 5.27 63.27 67.24
CA LYS G 204 6.06 64.47 67.50
C LYS G 204 5.42 65.34 68.58
N GLN G 205 4.08 65.33 68.67
CA GLN G 205 3.41 66.03 69.76
C GLN G 205 3.67 65.36 71.12
N LEU G 206 3.60 64.03 71.16
CA LEU G 206 3.87 63.32 72.41
C LEU G 206 5.32 63.49 72.87
N THR G 207 6.26 63.43 71.93
CA THR G 207 7.67 63.65 72.26
C THR G 207 8.04 65.12 72.32
N GLY G 208 7.20 66.01 71.81
CA GLY G 208 7.47 67.43 71.86
C GLY G 208 8.62 67.85 70.95
N LEU H 1 16.51 38.90 72.76
CA LEU H 1 15.90 38.29 73.93
C LEU H 1 16.23 39.07 75.19
N PHE H 2 15.38 38.96 76.20
CA PHE H 2 15.58 39.64 77.47
C PHE H 2 16.53 38.85 78.35
N ASP H 3 16.78 39.36 79.57
CA ASP H 3 17.63 38.70 80.55
C ASP H 3 19.03 38.46 79.99
N ARG H 4 19.66 39.53 79.50
CA ARG H 4 21.00 39.45 78.92
C ARG H 4 21.99 38.97 79.97
N GLY H 5 22.50 37.75 79.80
CA GLY H 5 23.48 37.19 80.71
C GLY H 5 23.20 35.74 81.08
N VAL H 6 21.91 35.40 81.18
CA VAL H 6 21.50 34.06 81.60
C VAL H 6 21.49 33.06 80.44
N GLN H 7 21.77 33.50 79.22
CA GLN H 7 21.53 32.71 78.03
C GLN H 7 22.32 31.40 77.99
N MET H 8 23.32 31.24 78.85
CA MET H 8 24.01 29.95 78.94
C MET H 8 23.07 28.83 79.38
N LEU H 9 22.09 29.15 80.24
CA LEU H 9 21.10 28.16 80.64
C LEU H 9 20.29 27.69 79.43
N LEU H 10 19.65 28.63 78.73
CA LEU H 10 18.86 28.28 77.55
C LEU H 10 19.73 27.65 76.46
N THR H 11 20.97 28.12 76.31
CA THR H 11 21.88 27.54 75.34
C THR H 11 22.16 26.07 75.65
N THR H 12 22.53 25.78 76.89
CA THR H 12 22.89 24.41 77.26
C THR H 12 21.68 23.47 77.23
N VAL H 13 20.50 23.94 77.68
CA VAL H 13 19.32 23.10 77.55
C VAL H 13 18.88 22.92 76.10
N GLY H 14 19.07 23.93 75.24
CA GLY H 14 18.84 23.75 73.82
C GLY H 14 19.79 22.75 73.18
N ALA H 15 21.06 22.80 73.58
CA ALA H 15 22.04 21.82 73.11
C ALA H 15 21.70 20.41 73.58
N PHE H 16 21.27 20.27 74.83
CA PHE H 16 20.75 18.99 75.31
C PHE H 16 19.56 18.49 74.50
N ALA H 17 18.60 19.37 74.20
CA ALA H 17 17.45 18.98 73.39
C ALA H 17 17.85 18.56 71.98
N ALA H 18 18.70 19.36 71.33
CA ALA H 18 19.21 19.03 70.01
C ALA H 18 19.96 17.70 70.00
N PHE H 19 20.86 17.50 70.96
CA PHE H 19 21.59 16.23 71.05
C PHE H 19 20.65 15.05 71.29
N SER H 20 19.65 15.22 72.16
CA SER H 20 18.65 14.17 72.38
C SER H 20 17.93 13.80 71.10
N LEU H 21 17.37 14.79 70.40
CA LEU H 21 16.62 14.52 69.18
C LEU H 21 17.50 14.02 68.04
N MET H 22 18.76 14.46 67.96
CA MET H 22 19.66 13.96 66.93
C MET H 22 20.10 12.52 67.22
N THR H 23 20.34 12.19 68.48
CA THR H 23 20.63 10.80 68.84
C THR H 23 19.43 9.89 68.64
N ILE H 24 18.21 10.39 68.86
CA ILE H 24 17.01 9.70 68.40
C ILE H 24 17.04 9.50 66.88
N ALA H 25 17.29 10.57 66.13
CA ALA H 25 17.24 10.49 64.66
C ALA H 25 18.24 9.48 64.11
N VAL H 26 19.49 9.55 64.57
CA VAL H 26 20.52 8.63 64.10
C VAL H 26 20.31 7.23 64.65
N GLY H 27 19.88 7.12 65.92
CA GLY H 27 19.70 5.81 66.52
C GLY H 27 18.47 5.08 66.00
N THR H 28 17.47 5.82 65.54
CA THR H 28 16.28 5.18 64.99
C THR H 28 16.65 4.42 63.72
N ASP H 29 16.11 3.20 63.59
CA ASP H 29 16.40 2.39 62.41
C ASP H 29 15.95 3.08 61.13
N TYR H 30 14.72 3.58 61.11
CA TYR H 30 14.08 4.07 59.90
C TYR H 30 14.10 5.59 59.85
N TRP H 31 14.34 6.12 58.65
CA TRP H 31 14.05 7.53 58.36
C TRP H 31 12.82 7.73 57.50
N LEU H 32 12.37 6.69 56.79
CA LEU H 32 11.13 6.75 56.03
C LEU H 32 10.55 5.34 55.94
N TYR H 33 9.26 5.28 55.64
CA TYR H 33 8.54 4.01 55.48
C TYR H 33 8.28 3.73 54.00
N SER H 34 8.54 2.49 53.60
CA SER H 34 8.27 2.00 52.26
C SER H 34 8.25 0.48 52.34
N ARG H 35 7.90 -0.16 51.23
CA ARG H 35 7.85 -1.62 51.16
C ARG H 35 8.75 -2.13 50.04
N GLY H 36 9.38 -3.27 50.30
CA GLY H 36 10.32 -3.88 49.37
C GLY H 36 10.82 -5.22 49.89
N VAL H 37 12.09 -5.54 49.63
CA VAL H 37 12.71 -6.74 50.15
C VAL H 37 14.05 -6.38 50.77
N CYS H 38 14.31 -6.91 51.96
CA CYS H 38 15.56 -6.67 52.68
C CYS H 38 16.56 -7.81 52.55
N LYS H 39 16.20 -8.89 51.87
CA LYS H 39 17.09 -10.03 51.68
C LYS H 39 16.79 -10.65 50.33
N THR H 40 17.81 -11.30 49.75
CA THR H 40 17.68 -11.90 48.44
C THR H 40 16.69 -13.07 48.50
N LYS H 41 15.57 -12.92 47.81
CA LYS H 41 14.52 -13.95 47.73
C LYS H 41 14.18 -14.55 49.09
N LYS H 50 10.97 -13.55 47.14
CA LYS H 50 10.68 -12.21 46.69
C LYS H 50 9.73 -12.23 45.49
N LYS H 51 9.37 -13.43 45.05
CA LYS H 51 8.48 -13.57 43.90
C LYS H 51 7.04 -13.18 44.22
N ASN H 52 6.63 -13.26 45.48
CA ASN H 52 5.23 -13.08 45.83
C ASN H 52 5.01 -12.26 47.10
N GLU H 53 6.06 -11.88 47.82
CA GLU H 53 5.91 -11.18 49.09
C GLU H 53 6.88 -10.01 49.15
N GLU H 54 6.61 -9.09 50.08
CA GLU H 54 7.46 -7.93 50.28
C GLU H 54 7.45 -7.57 51.76
N VAL H 55 8.45 -6.77 52.16
CA VAL H 55 8.67 -6.41 53.55
C VAL H 55 8.70 -4.90 53.66
N MET H 56 8.15 -4.38 54.75
CA MET H 56 8.17 -2.94 54.98
C MET H 56 9.57 -2.47 55.29
N THR H 57 10.02 -1.43 54.60
CA THR H 57 11.33 -0.85 54.89
C THR H 57 11.29 -0.11 56.22
N HIS H 58 12.26 -0.40 57.08
CA HIS H 58 12.38 0.26 58.37
C HIS H 58 13.86 0.62 58.56
N SER H 59 14.45 1.24 57.54
CA SER H 59 15.88 1.43 57.45
C SER H 59 16.22 2.89 57.20
N GLY H 60 17.45 3.25 57.55
CA GLY H 60 17.95 4.61 57.36
C GLY H 60 19.41 4.67 56.96
N LEU H 61 20.02 5.84 57.14
CA LEU H 61 21.42 6.00 56.76
C LEU H 61 22.36 5.27 57.72
N TRP H 62 22.06 5.29 59.02
CA TRP H 62 22.97 4.69 59.99
C TRP H 62 22.98 3.17 59.89
N ARG H 63 21.79 2.57 59.74
CA ARG H 63 21.67 1.11 59.68
C ARG H 63 20.49 0.76 58.79
N THR H 64 20.48 -0.49 58.33
CA THR H 64 19.35 -1.01 57.56
C THR H 64 18.75 -2.20 58.30
N CYS H 65 17.43 -2.34 58.19
CA CYS H 65 16.70 -3.42 58.83
C CYS H 65 15.30 -3.44 58.22
N CYS H 66 14.50 -4.42 58.62
CA CYS H 66 13.17 -4.57 58.04
C CYS H 66 12.26 -5.28 59.02
N LEU H 67 10.96 -5.06 58.85
CA LEU H 67 9.95 -5.66 59.72
C LEU H 67 8.63 -5.74 58.98
N GLU H 68 7.71 -6.52 59.54
CA GLU H 68 6.36 -6.72 58.99
C GLU H 68 6.43 -7.23 57.54
N GLY H 69 6.94 -8.44 57.41
CA GLY H 69 6.97 -9.09 56.10
C GLY H 69 7.22 -10.57 56.24
N ASN H 70 7.51 -11.20 55.10
CA ASN H 70 7.76 -12.64 55.09
C ASN H 70 9.03 -13.00 55.84
N PHE H 71 9.94 -12.04 56.06
CA PHE H 71 11.03 -12.19 57.00
C PHE H 71 11.33 -10.82 57.60
N LYS H 72 11.85 -10.82 58.82
CA LYS H 72 11.95 -9.62 59.63
C LYS H 72 13.28 -9.61 60.36
N GLY H 73 13.72 -8.41 60.75
CA GLY H 73 14.88 -8.28 61.59
C GLY H 73 16.21 -8.42 60.89
N LEU H 74 16.29 -8.03 59.61
CA LEU H 74 17.56 -8.09 58.90
C LEU H 74 18.43 -6.89 59.25
N CYS H 75 18.60 -6.64 60.55
CA CYS H 75 19.44 -5.55 61.01
C CYS H 75 20.91 -5.91 60.76
N LYS H 76 21.69 -4.93 60.28
CA LYS H 76 23.10 -5.14 60.05
C LYS H 76 23.86 -3.83 60.16
N GLN H 77 25.14 -3.92 60.49
CA GLN H 77 26.09 -2.85 60.27
C GLN H 77 26.40 -2.80 58.76
N ILE H 78 25.47 -2.23 58.00
CA ILE H 78 25.39 -2.51 56.57
C ILE H 78 26.61 -2.03 55.82
N ASP H 79 27.03 -2.81 54.82
CA ASP H 79 28.04 -2.43 53.85
C ASP H 79 27.44 -2.57 52.46
N HIS H 80 27.95 -1.79 51.52
CA HIS H 80 27.39 -1.73 50.17
C HIS H 80 28.50 -1.89 49.14
N PHE H 81 28.09 -2.05 47.88
CA PHE H 81 28.97 -2.42 46.80
C PHE H 81 28.84 -1.46 45.64
N PRO H 82 29.89 -1.29 44.85
CA PRO H 82 29.80 -0.42 43.66
C PRO H 82 29.06 -1.09 42.52
N GLU H 83 28.75 -0.29 41.51
CA GLU H 83 28.13 -0.78 40.28
C GLU H 83 29.13 -1.60 39.46
N ASP H 84 28.61 -2.22 38.41
CA ASP H 84 29.45 -2.97 37.48
C ASP H 84 30.48 -2.08 36.79
N ALA H 85 31.57 -2.70 36.34
CA ALA H 85 32.72 -2.05 35.70
C ALA H 85 33.51 -1.15 36.64
N ASP H 86 33.02 -1.00 37.88
CA ASP H 86 33.76 -0.44 39.00
C ASP H 86 34.02 1.05 38.87
N TYR H 87 33.80 1.61 37.67
CA TYR H 87 33.83 3.07 37.43
C TYR H 87 34.95 3.78 38.19
N GLU H 88 36.11 3.11 38.31
CA GLU H 88 37.22 3.65 39.10
C GLU H 88 37.72 4.98 38.55
N ALA H 89 37.44 5.29 37.29
CA ALA H 89 37.71 6.61 36.75
C ALA H 89 36.93 7.72 37.45
N ASP H 90 35.79 7.39 38.06
CA ASP H 90 35.07 8.33 38.92
C ASP H 90 34.84 7.73 40.31
N THR H 91 35.94 7.34 40.94
CA THR H 91 35.92 6.64 42.23
C THR H 91 35.19 7.41 43.33
N ALA H 92 34.90 8.69 43.11
CA ALA H 92 34.00 9.43 44.00
C ALA H 92 32.67 8.73 44.22
N GLU H 93 32.14 8.07 43.19
CA GLU H 93 30.91 7.30 43.35
C GLU H 93 31.13 5.95 44.01
N TYR H 94 32.39 5.51 44.18
CA TYR H 94 32.69 4.42 45.10
C TYR H 94 32.69 4.92 46.55
N PHE H 95 33.38 6.05 46.78
CA PHE H 95 33.34 6.63 48.11
C PHE H 95 31.94 7.03 48.49
N LEU H 96 31.11 7.42 47.51
CA LEU H 96 29.68 7.58 47.74
C LEU H 96 29.07 6.36 48.42
N ARG H 97 29.50 5.17 47.98
CA ARG H 97 29.00 3.92 48.57
C ARG H 97 29.58 3.69 49.96
N ALA H 98 30.87 3.99 50.15
CA ALA H 98 31.47 3.91 51.47
C ALA H 98 30.87 4.90 52.47
N VAL H 99 30.32 6.01 51.98
CA VAL H 99 29.55 6.92 52.83
C VAL H 99 28.14 6.41 53.07
N ARG H 100 27.50 5.84 52.05
CA ARG H 100 26.15 5.31 52.23
C ARG H 100 26.15 4.09 53.15
N ALA H 101 27.26 3.36 53.21
CA ALA H 101 27.38 2.30 54.20
C ALA H 101 27.38 2.90 55.61
N SER H 102 27.28 2.02 56.61
CA SER H 102 27.39 2.43 58.01
C SER H 102 28.80 2.96 58.26
N SER H 103 28.92 4.28 58.40
CA SER H 103 30.21 4.94 58.25
C SER H 103 30.36 6.05 59.28
N ILE H 104 31.63 6.40 59.53
CA ILE H 104 31.96 7.40 60.55
C ILE H 104 31.47 8.78 60.13
N PHE H 105 31.55 9.11 58.84
CA PHE H 105 31.35 10.48 58.38
C PHE H 105 30.02 11.11 58.81
N PRO H 106 28.88 10.42 58.77
CA PRO H 106 27.66 11.03 59.33
C PRO H 106 27.64 11.04 60.86
N ILE H 107 27.91 9.90 61.50
CA ILE H 107 27.71 9.78 62.94
C ILE H 107 28.74 10.59 63.73
N LEU H 108 29.88 10.93 63.11
CA LEU H 108 30.83 11.86 63.72
C LEU H 108 30.18 13.19 64.10
N SER H 109 29.13 13.60 63.38
CA SER H 109 28.35 14.77 63.79
C SER H 109 27.81 14.60 65.21
N VAL H 110 27.28 13.42 65.54
CA VAL H 110 26.77 13.16 66.88
C VAL H 110 27.93 13.16 67.89
N ILE H 111 29.06 12.56 67.53
CA ILE H 111 30.22 12.54 68.43
C ILE H 111 30.76 13.95 68.66
N LEU H 112 30.82 14.77 67.60
CA LEU H 112 31.23 16.15 67.76
C LEU H 112 30.21 16.97 68.56
N LEU H 113 28.92 16.69 68.40
CA LEU H 113 27.90 17.36 69.21
C LEU H 113 28.00 16.98 70.69
N PHE H 114 28.34 15.72 70.98
CA PHE H 114 28.67 15.33 72.35
C PHE H 114 29.91 16.06 72.87
N MET H 115 30.98 16.09 72.08
CA MET H 115 32.19 16.78 72.51
C MET H 115 31.91 18.25 72.80
N GLY H 116 31.14 18.92 71.93
CA GLY H 116 30.70 20.28 72.23
C GLY H 116 29.84 20.39 73.48
N GLY H 117 28.94 19.43 73.68
CA GLY H 117 28.15 19.36 74.91
C GLY H 117 28.98 19.18 76.16
N LEU H 118 30.20 18.68 76.02
CA LEU H 118 31.15 18.71 77.12
C LEU H 118 31.91 20.03 77.19
N CYS H 119 32.33 20.56 76.05
CA CYS H 119 33.12 21.79 76.05
C CYS H 119 32.29 23.00 76.45
N ILE H 120 30.97 22.95 76.28
CA ILE H 120 30.10 24.08 76.58
C ILE H 120 30.01 24.36 78.07
N ALA H 121 30.64 23.54 78.91
CA ALA H 121 30.53 23.66 80.36
C ALA H 121 31.45 24.76 80.90
N ALA H 122 31.75 25.76 80.06
CA ALA H 122 32.72 26.79 80.37
C ALA H 122 32.34 27.64 81.58
N SER H 123 31.17 27.44 82.17
CA SER H 123 30.81 28.18 83.37
C SER H 123 31.54 27.68 84.62
N GLU H 124 31.94 26.41 84.64
CA GLU H 124 32.69 25.86 85.76
C GLU H 124 33.95 25.13 85.33
N PHE H 125 33.91 24.41 84.22
CA PHE H 125 35.09 23.72 83.73
C PHE H 125 36.09 24.71 83.12
N TYR H 126 37.23 24.85 83.77
CA TYR H 126 38.33 25.70 83.30
C TYR H 126 37.80 27.06 82.87
N LYS H 127 36.99 27.64 83.76
CA LYS H 127 35.99 28.64 83.40
C LYS H 127 36.61 29.95 82.93
N THR H 128 35.83 30.66 82.11
CA THR H 128 36.08 32.03 81.66
C THR H 128 37.32 32.17 80.78
N ARG H 129 37.93 31.05 80.37
CA ARG H 129 39.11 31.11 79.52
C ARG H 129 38.71 31.29 78.04
N HIS H 130 37.97 32.37 77.79
CA HIS H 130 37.69 32.89 76.45
C HIS H 130 37.46 31.83 75.36
N ASN H 131 38.56 31.32 74.77
CA ASN H 131 38.49 30.32 73.71
C ASN H 131 37.71 29.07 74.08
N ILE H 132 37.49 28.80 75.37
CA ILE H 132 36.73 27.61 75.76
C ILE H 132 35.33 27.63 75.15
N ILE H 133 34.59 28.73 75.35
CA ILE H 133 33.24 28.82 74.80
C ILE H 133 33.28 29.04 73.29
N LEU H 134 34.28 29.80 72.81
CA LEU H 134 34.53 29.93 71.38
C LEU H 134 34.67 28.58 70.71
N SER H 135 35.64 27.78 71.14
CA SER H 135 35.90 26.51 70.47
C SER H 135 34.74 25.54 70.60
N ALA H 136 34.01 25.57 71.71
CA ALA H 136 32.74 24.86 71.82
C ALA H 136 31.74 25.27 70.74
N GLY H 137 31.59 26.59 70.51
CA GLY H 137 30.77 27.06 69.41
C GLY H 137 31.25 26.59 68.05
N ILE H 138 32.56 26.66 67.82
CA ILE H 138 33.15 26.13 66.59
C ILE H 138 32.78 24.67 66.38
N PHE H 139 32.93 23.85 67.43
CA PHE H 139 32.62 22.43 67.32
C PHE H 139 31.14 22.19 67.05
N PHE H 140 30.26 22.96 67.69
CA PHE H 140 28.83 22.89 67.34
C PHE H 140 28.59 23.24 65.88
N VAL H 141 29.26 24.28 65.38
CA VAL H 141 29.13 24.64 63.97
C VAL H 141 29.70 23.56 63.06
N SER H 142 30.86 23.00 63.42
CA SER H 142 31.45 21.92 62.65
C SER H 142 30.54 20.70 62.55
N ALA H 143 29.82 20.39 63.63
CA ALA H 143 28.85 19.30 63.58
C ALA H 143 27.76 19.50 62.52
N GLY H 144 27.49 20.73 62.10
CA GLY H 144 26.52 20.95 61.05
C GLY H 144 27.01 20.72 59.62
N LEU H 145 28.32 20.51 59.44
CA LEU H 145 28.88 20.39 58.10
C LEU H 145 28.43 19.11 57.39
N SER H 146 28.45 17.98 58.09
CA SER H 146 28.20 16.69 57.46
C SER H 146 26.73 16.46 57.09
N ASN H 147 25.79 17.03 57.86
CA ASN H 147 24.39 16.62 57.75
C ASN H 147 23.79 16.90 56.38
N ILE H 148 24.10 18.06 55.79
CA ILE H 148 23.51 18.42 54.50
C ILE H 148 23.97 17.48 53.38
N ILE H 149 25.27 17.22 53.27
CA ILE H 149 25.75 16.25 52.29
C ILE H 149 25.27 14.84 52.61
N GLY H 150 25.16 14.49 53.90
CA GLY H 150 24.55 13.21 54.27
C GLY H 150 23.15 13.04 53.72
N ILE H 151 22.29 14.04 53.92
CA ILE H 151 20.93 13.97 53.39
C ILE H 151 20.91 13.95 51.87
N ILE H 152 21.80 14.72 51.23
CA ILE H 152 21.93 14.68 49.78
C ILE H 152 22.28 13.29 49.27
N VAL H 153 23.33 12.68 49.84
CA VAL H 153 23.74 11.36 49.38
C VAL H 153 22.69 10.31 49.73
N TYR H 154 21.98 10.49 50.84
CA TYR H 154 20.87 9.60 51.18
C TYR H 154 19.79 9.62 50.12
N ILE H 155 19.33 10.81 49.74
CA ILE H 155 18.31 10.90 48.68
C ILE H 155 18.86 10.36 47.36
N SER H 156 20.11 10.68 47.03
CA SER H 156 20.73 10.20 45.79
C SER H 156 20.74 8.68 45.71
N ALA H 157 21.18 8.02 46.79
CA ALA H 157 21.17 6.56 46.81
C ALA H 157 19.75 6.00 46.80
N ASN H 158 18.84 6.58 47.58
CA ASN H 158 17.48 6.06 47.62
C ASN H 158 16.78 6.23 46.29
N ALA H 159 17.16 7.23 45.50
CA ALA H 159 16.57 7.42 44.17
C ALA H 159 17.01 6.36 43.18
N GLY H 160 18.00 5.53 43.52
CA GLY H 160 18.48 4.50 42.62
C GLY H 160 17.43 3.49 42.19
N LYS H 169 3.99 7.01 39.88
CA LYS H 169 5.04 7.03 40.89
C LYS H 169 4.51 6.61 42.25
N ASN H 170 5.41 6.16 43.13
CA ASN H 170 5.00 5.68 44.45
C ASN H 170 4.71 6.81 45.44
N SER H 171 5.10 8.04 45.12
CA SER H 171 4.89 9.20 46.00
C SER H 171 5.38 8.93 47.42
N TYR H 172 6.55 8.31 47.52
CA TYR H 172 7.17 8.09 48.83
C TYR H 172 7.59 9.43 49.42
N SER H 173 7.71 9.45 50.75
CA SER H 173 8.10 10.66 51.46
C SER H 173 8.79 10.31 52.76
N TYR H 174 9.52 11.28 53.30
CA TYR H 174 10.19 11.12 54.58
C TYR H 174 9.17 10.88 55.70
N GLY H 175 9.60 10.14 56.72
CA GLY H 175 8.75 9.83 57.85
C GLY H 175 8.90 10.82 58.99
N TRP H 176 8.12 10.58 60.04
CA TRP H 176 8.09 11.46 61.20
C TRP H 176 9.45 11.51 61.91
N SER H 177 10.20 10.41 61.90
CA SER H 177 11.57 10.43 62.40
C SER H 177 12.45 11.46 61.68
N PHE H 178 12.22 11.69 60.39
CA PHE H 178 13.00 12.70 59.71
C PHE H 178 12.45 14.11 59.92
N TYR H 179 11.16 14.25 60.21
CA TYR H 179 10.67 15.52 60.72
C TYR H 179 11.28 15.86 62.08
N PHE H 180 11.48 14.84 62.93
CA PHE H 180 12.30 15.02 64.13
C PHE H 180 13.72 15.41 63.79
N GLY H 181 14.30 14.80 62.77
CA GLY H 181 15.61 15.20 62.29
C GLY H 181 15.74 16.68 61.98
N ALA H 182 14.84 17.14 61.12
CA ALA H 182 14.76 18.57 60.78
C ALA H 182 14.57 19.44 62.01
N LEU H 183 13.61 19.10 62.87
CA LEU H 183 13.38 19.86 64.09
C LEU H 183 14.64 19.91 64.95
N SER H 184 15.36 18.80 65.06
CA SER H 184 16.58 18.76 65.85
C SER H 184 17.65 19.66 65.27
N PHE H 185 17.81 19.63 63.94
CA PHE H 185 18.91 20.35 63.32
C PHE H 185 18.66 21.86 63.29
N ILE H 186 17.40 22.27 63.14
CA ILE H 186 17.02 23.68 63.30
C ILE H 186 17.44 24.23 64.65
N ILE H 187 17.25 23.44 65.71
CA ILE H 187 17.71 23.84 67.04
C ILE H 187 19.24 23.80 67.10
N ALA H 188 19.83 22.69 66.66
CA ALA H 188 21.26 22.47 66.82
C ALA H 188 22.08 23.59 66.22
N GLU H 189 21.80 23.97 64.97
CA GLU H 189 22.57 25.03 64.30
C GLU H 189 22.38 26.38 64.99
N MET H 190 21.14 26.71 65.39
CA MET H 190 20.90 27.98 66.06
C MET H 190 21.60 28.05 67.41
N VAL H 191 21.48 27.02 68.23
CA VAL H 191 22.18 27.01 69.51
C VAL H 191 23.69 27.05 69.30
N GLY H 192 24.18 26.32 68.30
CA GLY H 192 25.61 26.29 68.02
C GLY H 192 26.18 27.65 67.70
N VAL H 193 25.48 28.42 66.85
CA VAL H 193 25.95 29.79 66.60
C VAL H 193 25.63 30.74 67.75
N LEU H 194 24.56 30.50 68.52
CA LEU H 194 24.30 31.27 69.74
C LEU H 194 25.42 31.15 70.76
N ALA H 195 26.11 30.01 70.80
CA ALA H 195 27.32 29.90 71.63
C ALA H 195 28.43 30.82 71.15
N VAL H 196 28.66 30.90 69.84
CA VAL H 196 29.65 31.84 69.30
C VAL H 196 29.24 33.27 69.59
N HIS H 197 27.94 33.57 69.50
CA HIS H 197 27.42 34.88 69.88
C HIS H 197 27.70 35.21 71.35
N MET H 198 27.36 34.30 72.26
CA MET H 198 27.66 34.50 73.68
C MET H 198 29.15 34.67 73.93
N PHE H 199 29.99 33.95 73.19
CA PHE H 199 31.44 34.17 73.27
C PHE H 199 31.81 35.60 72.87
N ILE H 200 31.44 36.00 71.65
CA ILE H 200 31.89 37.28 71.13
C ILE H 200 31.25 38.47 71.83
N ASP H 201 30.11 38.27 72.50
CA ASP H 201 29.58 39.29 73.41
C ASP H 201 30.25 39.32 74.78
N ARG H 202 30.60 38.16 75.35
CA ARG H 202 31.36 38.17 76.59
C ARG H 202 32.77 38.72 76.41
N HIS H 203 33.43 38.37 75.31
CA HIS H 203 34.82 38.78 75.10
C HIS H 203 34.95 40.27 74.85
N LYS H 204 33.95 40.89 74.20
CA LYS H 204 33.89 42.34 74.10
C LYS H 204 33.96 43.03 75.47
N GLN H 205 33.49 42.36 76.52
CA GLN H 205 33.54 42.92 77.86
C GLN H 205 34.78 42.46 78.62
N LEU H 206 35.21 41.22 78.40
CA LEU H 206 36.36 40.65 79.12
C LEU H 206 37.63 41.46 78.89
N THR H 207 37.77 42.06 77.71
CA THR H 207 38.96 42.86 77.42
C THR H 207 39.01 44.17 78.20
N GLY H 208 37.94 44.53 78.90
CA GLY H 208 37.94 45.73 79.74
C GLY H 208 38.09 47.02 78.95
#